data_7L0N
#
_entry.id   7L0N
#
_cell.length_a   77.980
_cell.length_b   186.580
_cell.length_c   194.520
_cell.angle_alpha   90.000
_cell.angle_beta   96.400
_cell.angle_gamma   90.000
#
_symmetry.space_group_name_H-M   'P 1 21 1'
#
loop_
_entity.id
_entity.type
_entity.pdbx_description
1 polymer 'Monoclonal antibody S309 Fab light chain'
2 polymer 'Monoclonal antibody S309 Fab heavy chain'
3 polymer 'Monoclonal antibody S304 Fab light chain'
4 polymer 'Monoclonal antibody S304 Fab heavy chain'
5 polymer 'Angiotensin-converting enzyme 2'
6 polymer 'Spike protein S1'
7 branched alpha-D-mannopyranose-(1-6)-alpha-D-mannopyranose-(1-6)-beta-D-mannopyranose-(1-4)-2-acetamido-2-deoxy-beta-D-glucopyranose-(1-4)-[alpha-L-fucopyranose-(1-6)]2-acetamido-2-deoxy-beta-D-glucopyranose
8 branched alpha-D-mannopyranose-(1-6)-beta-D-mannopyranose-(1-4)-2-acetamido-2-deoxy-beta-D-glucopyranose-(1-4)-[alpha-L-fucopyranose-(1-6)]2-acetamido-2-deoxy-beta-D-glucopyranose
9 non-polymer 'CHLORIDE ION'
10 non-polymer 'SULFATE ION'
11 non-polymer 'SODIUM ION'
12 non-polymer 1-METHOXY-2-[2-(2-METHOXY-ETHOXY]-ETHANE
13 non-polymer 'TETRAETHYLENE GLYCOL'
14 non-polymer 'ZINC ION'
15 non-polymer 2-acetamido-2-deoxy-beta-D-glucopyranose
16 non-polymer 'TRIETHYLENE GLYCOL'
17 water water
#
loop_
_entity_poly.entity_id
_entity_poly.type
_entity_poly.pdbx_seq_one_letter_code
_entity_poly.pdbx_strand_id
1 'polypeptide(L)'
;EIVLTQSPGTLSLSPGERATLSCRASQTVSSTSLAWYQQKPGQAPRLLIYGASSRATGIPDRFSGSGSGTDFTLTISRLE
PEDFAVYYCQQHDTSLTFGGGTKVEIKRTVAAPSVFIFPPSDEQLKSGTASVVCLLNNFYPREAKVQWKVDNALQSGNSQ
ESVTEQDSKDSTYSLSSTLTLSKADYEKHKVYACEVTHQGLSSPVTKSFNRGEC
;
B,D
2 'polypeptide(L)'
;QVQLVQSGAEVKKPGASVKVSCKASGYPFTSYGISWVRQAPGQGLEWMGWISTYNGNTNYAQKFQGRVTMTTDTSTTTGY
MELRRLRSDDTAVYYCARDYTRGAWFGESLIGGFDNWGQGTLVTVSSASTKGPSVFPLAPSSKSTSGGTAALGCLVKDYF
PEPVTVSWNSGALTSGVHTFPAVLQSSGLYSLSSVVTVPSSSLGTQTYICNVNHKPSNTKVDKKVEPKSC
;
A,C
3 'polypeptide(L)'
;DIQMTQSPSSLSAAVGDRVTITCRASQSIGSYLNWYQQKPGKAPKLLIYAASSLQSGVPSRFSGSGSGTDFTLTISSLQP
EDFAIYYCQQSYVSPTYTFGPGTKVDIKRTVAAPSVFIFPPSDEQLKSGTASVVCLLNNFYPREAKVQWKVDNALQSGNS
QESVTEQDSKDSTYSLSSTLTLSKADYEKHKVYACEVTHQGLSSPVTKSFNRGEC
;
L,N
4 'polypeptide(L)'
;EVQLVESGGGLVQPGGSLRLSCAASGFTFSSYDMHWVRQTTGKGLEWVSTIGTAGDTYYPDSVKGRFTISREDAKNSLYL
QMNSLRAGDTAVYYCARGDSSGYYYYFDYWGQGTLLTVSSASTKGPSVFPLAPSSKSTSGGTAALGCLVKDYFPEPVTVS
WNSGALTSGVHTFPAVLQSSGLYSLSSVVTVPSSSLGTQTYICNVNHKPSNTKVDKKVEPKSC
;
H,M
5 'polypeptide(L)'
;STIEEQAKTFLDKFNHEAEDLFYQSSLASWNYNTNITEENVQNMNNAGDKWSAFLKEQSTLAQMYPLQEIQNLTVKLQLQ
ALQQNGSSVLSEDKSKRLNTILNTMSTIYSTGKVCNPDNPQECLLLEPGLNEIMANSLDYNERLWAWESWRSEVGKQLRP
LYEEYVVLKNEMARANHYEDYGDYWRGDYEVNGVDGYDYSRGQLIEDVEHTFEEIKPLYEHLHAYVRAKLMNAYPSYISP
IGCLPAHLLGDMWGRFWTNLYSLTVPFGQKPNIDVTDAMVDQAWDAQRIFKEAEKFFVSVGLPNMTQGFWENSMLTDPGN
VQKAVCHPTAWDLGKGDFRILMCTKVTMDDFLTAHHEMGHIQYDMAYAAQPFLLRNGANEGFHEAVGEIMSLSAATPKHL
KSIGLLSPDFQEDNETEINFLLKQALTIVGTLPFTYMLEKWRWMVFKGEIPKDQWMKKWWEMKREIVGVVEPVPHDETYC
DPASLFHVSNDYSFIRYYTRTLYQFQFQEALCQAAKHEGPLHKCDISNSTEAGQKLFNMLRLGKSEPWTLALENVVGAKN
MNVRPLLNYFEPLFTWLKDQNKNSFVGWSTDWSPYAD
;
E,F
6 'polypeptide(L)'
;RFPNITNLCPFGEVFNATRFASVYAWNRKRISNCVADYSVLYNSASFSTFKCYGVSPTKLNDLCFTNVYADSFVIRGDEV
RQIAPGQTGKIADYNYKLPDDFTGCVIAWNSKNLDSKVGGNYNYLYRLFRKSNLKPFERDISTEIYQAGSTPCNGVEGFN
CYFPLQSYGFQPTNGVGYQPYRVVVLSFELLHAPATVCGPKKST
;
R,S
#
loop_
_chem_comp.id
_chem_comp.type
_chem_comp.name
_chem_comp.formula
BMA D-saccharide, beta linking beta-D-mannopyranose 'C6 H12 O6'
CL non-polymer 'CHLORIDE ION' 'Cl -1'
FUC L-saccharide, alpha linking alpha-L-fucopyranose 'C6 H12 O5'
MAN D-saccharide, alpha linking alpha-D-mannopyranose 'C6 H12 O6'
NA non-polymer 'SODIUM ION' 'Na 1'
NAG D-saccharide, beta linking 2-acetamido-2-deoxy-beta-D-glucopyranose 'C8 H15 N O6'
PG4 non-polymer 'TETRAETHYLENE GLYCOL' 'C8 H18 O5'
PG5 non-polymer 1-METHOXY-2-[2-(2-METHOXY-ETHOXY]-ETHANE 'C8 H18 O4'
PGE non-polymer 'TRIETHYLENE GLYCOL' 'C6 H14 O4'
SO4 non-polymer 'SULFATE ION' 'O4 S -2'
ZN non-polymer 'ZINC ION' 'Zn 2'
#
# COMPACT_ATOMS: atom_id res chain seq x y z
N GLU A 1 22.85 35.98 -62.58
CA GLU A 1 24.24 36.48 -62.33
C GLU A 1 24.20 37.55 -61.24
N ILE A 2 25.10 37.39 -60.26
CA ILE A 2 25.29 38.38 -59.21
C ILE A 2 26.71 38.94 -59.35
N VAL A 3 26.84 40.26 -59.18
CA VAL A 3 28.14 40.92 -59.25
C VAL A 3 28.41 41.63 -57.92
N LEU A 4 29.58 41.35 -57.34
CA LEU A 4 30.02 41.98 -56.11
C LEU A 4 30.99 43.11 -56.47
N THR A 5 30.65 44.33 -56.07
CA THR A 5 31.44 45.51 -56.39
C THR A 5 32.13 46.02 -55.13
N GLN A 6 33.47 45.96 -55.15
CA GLN A 6 34.29 46.43 -54.06
C GLN A 6 34.89 47.79 -54.43
N SER A 7 34.50 48.81 -53.67
CA SER A 7 35.05 50.16 -53.83
C SER A 7 35.60 50.63 -52.49
N PRO A 8 36.70 51.42 -52.46
CA PRO A 8 37.32 51.96 -53.66
C PRO A 8 38.30 51.03 -54.41
N GLY A 9 38.53 49.83 -53.88
CA GLY A 9 39.33 48.83 -54.54
C GLY A 9 40.83 49.02 -54.31
N THR A 10 41.20 50.22 -53.86
CA THR A 10 42.56 50.55 -53.43
C THR A 10 42.48 51.59 -52.32
N LEU A 11 42.63 51.12 -51.07
CA LEU A 11 42.37 51.91 -49.89
C LEU A 11 43.69 52.26 -49.20
N SER A 12 43.89 53.56 -48.97
CA SER A 12 45.11 54.07 -48.35
C SER A 12 44.84 54.46 -46.91
N LEU A 13 45.48 53.74 -45.97
CA LEU A 13 45.31 53.97 -44.55
C LEU A 13 46.65 53.82 -43.83
N SER A 14 46.86 54.66 -42.81
CA SER A 14 48.04 54.61 -41.97
C SER A 14 47.95 53.39 -41.05
N PRO A 15 49.09 52.73 -40.71
CA PRO A 15 49.08 51.53 -39.87
C PRO A 15 48.55 51.79 -38.46
N GLY A 16 47.77 50.84 -37.96
CA GLY A 16 47.21 50.89 -36.61
C GLY A 16 45.80 51.50 -36.57
N GLU A 17 45.32 51.90 -37.76
CA GLU A 17 44.03 52.57 -37.88
C GLU A 17 42.97 51.57 -38.33
N ARG A 18 41.69 51.97 -38.21
CA ARG A 18 40.56 51.14 -38.58
C ARG A 18 40.41 51.10 -40.10
N ALA A 19 40.23 49.89 -40.63
CA ALA A 19 40.01 49.67 -42.05
C ALA A 19 38.60 49.14 -42.28
N THR A 20 37.81 49.87 -43.07
CA THR A 20 36.44 49.49 -43.38
C THR A 20 36.32 49.25 -44.89
N LEU A 21 36.40 47.98 -45.27
CA LEU A 21 36.30 47.58 -46.67
C LEU A 21 34.83 47.31 -47.01
N SER A 22 34.46 47.65 -48.25
CA SER A 22 33.08 47.54 -48.68
C SER A 22 32.92 46.50 -49.80
N CYS A 23 31.84 45.72 -49.71
CA CYS A 23 31.43 44.80 -50.76
C CYS A 23 29.93 44.99 -51.01
N ARG A 24 29.59 45.41 -52.23
CA ARG A 24 28.22 45.70 -52.60
C ARG A 24 27.77 44.76 -53.70
N ALA A 25 26.68 44.04 -53.45
CA ALA A 25 26.12 43.08 -54.39
C ALA A 25 25.09 43.77 -55.28
N SER A 26 24.87 43.19 -56.47
CA SER A 26 23.89 43.69 -57.43
C SER A 26 22.49 43.28 -57.01
N GLN A 27 22.42 42.18 -56.24
CA GLN A 27 21.17 41.54 -55.86
C GLN A 27 21.33 41.00 -54.44
N THR A 28 20.24 41.03 -53.67
CA THR A 28 20.25 40.63 -52.27
C THR A 28 20.89 39.25 -52.12
N VAL A 29 21.93 39.20 -51.27
CA VAL A 29 22.63 37.97 -50.94
C VAL A 29 22.36 37.65 -49.47
N SER A 30 21.89 36.42 -49.22
CA SER A 30 21.63 35.94 -47.88
C SER A 30 22.92 35.90 -47.09
N SER A 31 22.87 36.44 -45.86
CA SER A 31 24.04 36.64 -45.01
C SER A 31 24.82 35.34 -44.81
N THR A 32 24.15 34.21 -45.05
CA THR A 32 24.73 32.90 -44.75
C THR A 32 25.53 32.38 -45.94
N SER A 33 25.63 33.20 -47.00
CA SER A 33 26.27 32.75 -48.23
C SER A 33 27.25 33.80 -48.78
N LEU A 34 27.88 34.56 -47.87
CA LEU A 34 28.87 35.55 -48.28
C LEU A 34 30.10 35.48 -47.37
N ALA A 35 31.28 35.52 -47.98
CA ALA A 35 32.55 35.29 -47.30
C ALA A 35 33.57 36.37 -47.66
N TRP A 36 34.65 36.41 -46.89
CA TRP A 36 35.76 37.33 -47.09
C TRP A 36 37.07 36.55 -47.18
N TYR A 37 38.05 37.11 -47.91
CA TYR A 37 39.33 36.46 -48.13
C TYR A 37 40.46 37.48 -48.06
N GLN A 38 41.60 37.04 -47.52
CA GLN A 38 42.83 37.82 -47.51
C GLN A 38 43.81 37.19 -48.48
N GLN A 39 44.61 38.02 -49.15
CA GLN A 39 45.70 37.56 -49.99
C GLN A 39 46.86 38.55 -49.91
N LYS A 40 47.96 38.10 -49.26
CA LYS A 40 49.19 38.87 -49.21
C LYS A 40 49.94 38.66 -50.53
N PRO A 41 50.70 39.68 -51.01
CA PRO A 41 51.35 39.60 -52.33
C PRO A 41 52.12 38.30 -52.55
N GLY A 42 51.80 37.62 -53.66
CA GLY A 42 52.54 36.45 -54.11
C GLY A 42 52.19 35.18 -53.32
N GLN A 43 51.20 35.29 -52.43
CA GLN A 43 50.75 34.15 -51.65
C GLN A 43 49.37 33.71 -52.13
N ALA A 44 48.93 32.54 -51.64
CA ALA A 44 47.59 32.04 -51.90
C ALA A 44 46.59 32.80 -51.02
N PRO A 45 45.31 32.92 -51.43
CA PRO A 45 44.30 33.57 -50.58
C PRO A 45 43.93 32.68 -49.40
N ARG A 46 43.52 33.32 -48.30
CA ARG A 46 43.06 32.61 -47.11
C ARG A 46 41.69 33.16 -46.70
N LEU A 47 40.87 32.29 -46.10
CA LEU A 47 39.53 32.66 -45.66
C LEU A 47 39.62 33.42 -44.33
N LEU A 48 39.00 34.61 -44.30
CA LEU A 48 38.89 35.40 -43.09
C LEU A 48 37.54 35.16 -42.44
N ILE A 49 36.48 35.57 -43.15
CA ILE A 49 35.13 35.57 -42.63
C ILE A 49 34.25 34.73 -43.56
N TYR A 50 33.32 33.97 -42.97
CA TYR A 50 32.27 33.27 -43.68
C TYR A 50 30.94 33.54 -42.97
N GLY A 51 29.84 33.36 -43.69
CA GLY A 51 28.51 33.62 -43.15
C GLY A 51 28.40 35.07 -42.65
N ALA A 52 29.13 35.97 -43.32
CA ALA A 52 29.05 37.41 -43.14
C ALA A 52 29.75 37.86 -41.85
N SER A 53 29.71 37.03 -40.81
CA SER A 53 30.16 37.45 -39.49
C SER A 53 31.17 36.48 -38.89
N SER A 54 30.97 35.18 -39.14
CA SER A 54 31.73 34.13 -38.48
C SER A 54 33.17 34.11 -38.95
N ARG A 55 34.10 34.19 -37.99
CA ARG A 55 35.53 34.10 -38.24
C ARG A 55 35.89 32.66 -38.57
N ALA A 56 36.94 32.49 -39.38
CA ALA A 56 37.56 31.18 -39.58
C ALA A 56 38.41 30.83 -38.36
N THR A 57 39.12 29.70 -38.44
CA THR A 57 39.83 29.14 -37.30
C THR A 57 41.00 30.02 -36.88
N GLY A 58 42.02 30.12 -37.74
CA GLY A 58 43.25 30.81 -37.41
C GLY A 58 43.22 32.29 -37.82
N ILE A 59 42.25 33.02 -37.27
CA ILE A 59 42.03 34.42 -37.60
C ILE A 59 42.09 35.25 -36.33
N PRO A 60 42.86 36.37 -36.31
CA PRO A 60 42.97 37.23 -35.13
C PRO A 60 41.67 37.96 -34.76
N ASP A 61 41.78 38.81 -33.74
CA ASP A 61 40.65 39.56 -33.18
C ASP A 61 40.36 40.79 -34.03
N ARG A 62 41.32 41.16 -34.88
CA ARG A 62 41.29 42.40 -35.65
C ARG A 62 40.11 42.40 -36.61
N PHE A 63 39.80 41.22 -37.16
CA PHE A 63 38.87 41.09 -38.29
C PHE A 63 37.45 40.86 -37.79
N SER A 64 36.54 41.71 -38.25
CA SER A 64 35.12 41.65 -37.91
C SER A 64 34.28 41.69 -39.17
N GLY A 65 33.44 40.66 -39.34
CA GLY A 65 32.54 40.57 -40.48
C GLY A 65 31.19 41.22 -40.19
N SER A 66 30.68 41.98 -41.17
CA SER A 66 29.42 42.71 -41.03
C SER A 66 28.71 42.81 -42.36
N GLY A 67 27.52 43.42 -42.35
CA GLY A 67 26.75 43.68 -43.55
C GLY A 67 25.52 42.79 -43.66
N SER A 68 24.55 43.26 -44.47
CA SER A 68 23.31 42.53 -44.74
C SER A 68 22.68 43.06 -46.02
N GLY A 69 21.96 42.17 -46.72
CA GLY A 69 21.23 42.53 -47.93
C GLY A 69 22.14 42.59 -49.15
N THR A 70 22.62 43.80 -49.47
CA THR A 70 23.46 44.03 -50.63
C THR A 70 24.78 44.68 -50.22
N ASP A 71 24.76 45.42 -49.11
CA ASP A 71 25.93 46.18 -48.67
C ASP A 71 26.59 45.48 -47.47
N PHE A 72 27.73 44.84 -47.74
CA PHE A 72 28.50 44.13 -46.73
C PHE A 72 29.83 44.83 -46.49
N THR A 73 30.40 44.62 -45.30
CA THR A 73 31.65 45.27 -44.91
C THR A 73 32.56 44.27 -44.19
N LEU A 74 33.88 44.49 -44.34
CA LEU A 74 34.90 43.81 -43.57
C LEU A 74 35.63 44.85 -42.73
N THR A 75 35.67 44.62 -41.41
CA THR A 75 36.22 45.60 -40.48
C THR A 75 37.53 45.07 -39.89
N ILE A 76 38.60 45.86 -40.04
CA ILE A 76 39.86 45.61 -39.36
C ILE A 76 40.04 46.68 -38.28
N SER A 77 39.93 46.25 -37.02
CA SER A 77 39.94 47.15 -35.87
C SER A 77 41.28 47.88 -35.76
N ARG A 78 42.37 47.14 -35.99
CA ARG A 78 43.71 47.70 -35.98
C ARG A 78 44.53 47.05 -37.10
N LEU A 79 45.06 47.89 -37.98
CA LEU A 79 45.86 47.44 -39.11
C LEU A 79 47.28 47.13 -38.63
N GLU A 80 47.58 45.84 -38.52
CA GLU A 80 48.93 45.36 -38.22
C GLU A 80 49.74 45.31 -39.52
N PRO A 81 51.07 45.49 -39.47
CA PRO A 81 51.90 45.54 -40.68
C PRO A 81 51.71 44.41 -41.70
N GLU A 82 51.19 43.27 -41.23
CA GLU A 82 50.99 42.12 -42.10
C GLU A 82 49.61 42.19 -42.77
N ASP A 83 48.78 43.15 -42.33
CA ASP A 83 47.39 43.23 -42.74
C ASP A 83 47.27 43.91 -44.11
N PHE A 84 48.23 44.77 -44.45
CA PHE A 84 48.21 45.52 -45.70
C PHE A 84 48.34 44.56 -46.87
N ALA A 85 47.19 44.10 -47.39
CA ALA A 85 47.13 43.09 -48.44
C ALA A 85 45.93 43.37 -49.35
N VAL A 86 45.55 42.36 -50.13
CA VAL A 86 44.38 42.44 -51.00
C VAL A 86 43.27 41.58 -50.40
N TYR A 87 42.02 42.06 -50.50
CA TYR A 87 40.89 41.41 -49.88
C TYR A 87 39.75 41.24 -50.87
N TYR A 88 39.16 40.04 -50.89
CA TYR A 88 38.10 39.70 -51.82
C TYR A 88 36.86 39.24 -51.05
N CYS A 89 35.70 39.72 -51.47
CA CYS A 89 34.44 39.17 -51.00
C CYS A 89 33.94 38.13 -52.01
N GLN A 90 33.07 37.23 -51.54
CA GLN A 90 32.61 36.10 -52.33
C GLN A 90 31.21 35.71 -51.86
N GLN A 91 30.33 35.43 -52.83
CA GLN A 91 28.97 35.01 -52.53
C GLN A 91 28.67 33.67 -53.20
N HIS A 92 27.80 32.88 -52.57
CA HIS A 92 27.24 31.69 -53.17
C HIS A 92 25.74 31.62 -52.90
N ASP A 93 25.07 32.77 -53.06
CA ASP A 93 23.62 32.87 -53.01
C ASP A 93 23.05 32.31 -54.32
N THR A 94 23.58 32.82 -55.43
CA THR A 94 23.29 32.29 -56.76
C THR A 94 24.60 32.04 -57.49
N SER A 95 24.82 30.78 -57.88
CA SER A 95 26.07 30.29 -58.44
C SER A 95 27.21 30.58 -57.45
N LEU A 96 28.32 31.14 -57.96
CA LEU A 96 29.46 31.52 -57.14
C LEU A 96 30.28 32.58 -57.89
N THR A 97 30.46 33.73 -57.25
CA THR A 97 31.22 34.83 -57.81
C THR A 97 32.10 35.47 -56.74
N PHE A 98 33.23 36.02 -57.18
CA PHE A 98 34.12 36.79 -56.32
C PHE A 98 33.97 38.27 -56.65
N GLY A 99 34.39 39.12 -55.69
CA GLY A 99 34.49 40.55 -55.92
C GLY A 99 35.79 40.90 -56.66
N GLY A 100 35.95 42.19 -56.97
CA GLY A 100 37.09 42.67 -57.74
C GLY A 100 38.36 42.78 -56.91
N GLY A 101 38.20 42.74 -55.58
CA GLY A 101 39.32 42.85 -54.66
C GLY A 101 39.51 44.28 -54.16
N THR A 102 40.22 44.42 -53.04
CA THR A 102 40.56 45.71 -52.47
C THR A 102 41.94 45.64 -51.82
N LYS A 103 42.90 46.36 -52.42
CA LYS A 103 44.25 46.46 -51.91
C LYS A 103 44.28 47.51 -50.80
N VAL A 104 44.65 47.07 -49.59
CA VAL A 104 44.85 47.98 -48.47
C VAL A 104 46.32 48.40 -48.48
N GLU A 105 46.53 49.69 -48.77
CA GLU A 105 47.85 50.27 -48.99
C GLU A 105 48.26 51.05 -47.73
N ILE A 106 49.58 51.10 -47.47
CA ILE A 106 50.11 51.92 -46.40
C ILE A 106 50.14 53.36 -46.86
N LYS A 107 49.53 54.25 -46.08
CA LYS A 107 49.47 55.67 -46.41
C LYS A 107 50.70 56.38 -45.85
N ARG A 108 51.60 56.75 -46.77
CA ARG A 108 52.85 57.43 -46.44
C ARG A 108 52.66 58.93 -46.67
N THR A 109 53.69 59.71 -46.31
CA THR A 109 53.76 61.13 -46.63
C THR A 109 54.04 61.28 -48.11
N VAL A 110 53.87 62.51 -48.62
CA VAL A 110 54.12 62.82 -50.02
C VAL A 110 55.62 62.72 -50.27
N ALA A 111 55.98 61.91 -51.27
CA ALA A 111 57.38 61.66 -51.63
C ALA A 111 57.55 61.77 -53.14
N ALA A 112 58.47 62.63 -53.57
CA ALA A 112 58.74 62.87 -54.97
C ALA A 112 59.72 61.83 -55.50
N PRO A 113 59.57 61.36 -56.76
CA PRO A 113 60.50 60.39 -57.34
C PRO A 113 61.79 61.02 -57.85
N SER A 114 62.90 60.31 -57.63
CA SER A 114 64.16 60.63 -58.28
C SER A 114 64.18 59.98 -59.66
N VAL A 115 64.26 60.82 -60.70
CA VAL A 115 64.11 60.37 -62.07
C VAL A 115 65.49 60.10 -62.67
N PHE A 116 65.60 58.99 -63.39
CA PHE A 116 66.84 58.60 -64.06
C PHE A 116 66.53 58.09 -65.46
N ILE A 117 67.33 58.57 -66.44
CA ILE A 117 67.20 58.18 -67.83
C ILE A 117 68.35 57.24 -68.20
N PHE A 118 68.05 56.22 -69.01
CA PHE A 118 69.03 55.23 -69.40
C PHE A 118 69.02 55.05 -70.92
N PRO A 119 70.11 55.43 -71.62
CA PRO A 119 70.23 55.20 -73.06
C PRO A 119 70.32 53.71 -73.40
N PRO A 120 69.88 53.28 -74.60
CA PRO A 120 70.09 51.90 -75.05
C PRO A 120 71.58 51.59 -75.16
N SER A 121 71.97 50.41 -74.68
CA SER A 121 73.36 49.96 -74.70
C SER A 121 73.77 49.63 -76.14
N ASP A 122 75.08 49.76 -76.41
CA ASP A 122 75.64 49.55 -77.74
C ASP A 122 75.54 48.07 -78.11
N GLU A 123 75.48 47.21 -77.09
CA GLU A 123 75.32 45.77 -77.25
C GLU A 123 73.94 45.48 -77.84
N GLN A 124 72.93 46.23 -77.38
CA GLN A 124 71.56 46.04 -77.80
C GLN A 124 71.37 46.55 -79.22
N LEU A 125 72.11 47.62 -79.56
CA LEU A 125 72.01 48.24 -80.87
C LEU A 125 72.62 47.33 -81.93
N LYS A 126 73.56 46.48 -81.50
CA LYS A 126 74.14 45.45 -82.36
C LYS A 126 73.08 44.39 -82.68
N SER A 127 72.15 44.17 -81.74
CA SER A 127 71.09 43.19 -81.90
C SER A 127 69.87 43.82 -82.57
N GLY A 128 70.01 45.10 -82.95
CA GLY A 128 69.06 45.76 -83.85
C GLY A 128 67.76 46.17 -83.17
N THR A 129 67.80 46.35 -81.84
CA THR A 129 66.68 46.88 -81.08
C THR A 129 67.20 47.93 -80.11
N ALA A 130 66.34 48.89 -79.75
CA ALA A 130 66.71 49.94 -78.82
C ALA A 130 65.61 50.10 -77.77
N SER A 131 66.02 50.04 -76.50
CA SER A 131 65.10 50.17 -75.38
C SER A 131 65.65 51.20 -74.39
N VAL A 132 65.07 52.40 -74.43
CA VAL A 132 65.43 53.46 -73.51
C VAL A 132 64.53 53.38 -72.28
N VAL A 133 65.14 53.49 -71.10
CA VAL A 133 64.45 53.26 -69.84
C VAL A 133 64.41 54.56 -69.04
N CYS A 134 63.19 54.93 -68.62
CA CYS A 134 62.98 56.02 -67.67
C CYS A 134 62.62 55.42 -66.33
N LEU A 135 63.36 55.82 -65.28
CA LEU A 135 63.22 55.24 -63.96
C LEU A 135 62.71 56.29 -62.97
N LEU A 136 61.65 55.92 -62.25
CA LEU A 136 61.14 56.68 -61.12
C LEU A 136 61.47 55.92 -59.85
N ASN A 137 62.14 56.60 -58.91
CA ASN A 137 62.72 55.94 -57.76
C ASN A 137 62.16 56.53 -56.46
N ASN A 138 61.44 55.67 -55.72
CA ASN A 138 60.96 55.93 -54.37
C ASN A 138 60.07 57.18 -54.35
N PHE A 139 58.77 56.96 -54.55
CA PHE A 139 57.78 58.03 -54.59
C PHE A 139 56.47 57.58 -53.95
N TYR A 140 55.69 58.56 -53.48
CA TYR A 140 54.33 58.34 -53.00
C TYR A 140 53.51 59.60 -53.24
N PRO A 141 52.26 59.49 -53.75
CA PRO A 141 51.59 58.20 -54.00
C PRO A 141 51.96 57.55 -55.33
N ARG A 142 51.25 56.46 -55.65
CA ARG A 142 51.58 55.55 -56.73
C ARG A 142 51.39 56.22 -58.10
N GLU A 143 50.42 57.14 -58.17
CA GLU A 143 50.02 57.74 -59.44
C GLU A 143 51.09 58.72 -59.93
N ALA A 144 51.57 58.49 -61.16
CA ALA A 144 52.57 59.33 -61.79
C ALA A 144 52.33 59.36 -63.30
N LYS A 145 52.61 60.53 -63.90
CA LYS A 145 52.46 60.73 -65.33
C LYS A 145 53.84 60.72 -65.97
N VAL A 146 54.07 59.75 -66.87
CA VAL A 146 55.35 59.58 -67.54
C VAL A 146 55.12 59.65 -69.04
N GLN A 147 55.71 60.68 -69.67
CA GLN A 147 55.56 60.92 -71.09
C GLN A 147 56.91 60.80 -71.79
N TRP A 148 56.90 60.14 -72.96
CA TRP A 148 58.08 60.01 -73.79
C TRP A 148 58.04 61.05 -74.91
N LYS A 149 59.02 61.95 -74.90
CA LYS A 149 59.20 62.93 -75.96
C LYS A 149 60.45 62.56 -76.77
N VAL A 150 60.23 62.08 -78.00
CA VAL A 150 61.31 61.73 -78.90
C VAL A 150 61.42 62.84 -79.96
N ASP A 151 62.58 63.50 -79.96
CA ASP A 151 62.77 64.79 -80.60
C ASP A 151 61.84 65.80 -79.94
N ASN A 152 60.58 65.82 -80.38
CA ASN A 152 59.53 66.61 -79.74
C ASN A 152 58.21 65.84 -79.80
N ALA A 153 58.17 64.81 -80.64
CA ALA A 153 56.99 63.99 -80.86
C ALA A 153 56.69 63.16 -79.61
N LEU A 154 55.42 63.23 -79.16
CA LEU A 154 54.94 62.49 -78.02
C LEU A 154 54.71 61.03 -78.42
N GLN A 155 55.27 60.11 -77.64
CA GLN A 155 55.18 58.68 -77.92
C GLN A 155 54.00 58.09 -77.17
N SER A 156 53.31 57.13 -77.82
CA SER A 156 52.08 56.58 -77.30
C SER A 156 52.14 55.05 -77.24
N GLY A 157 51.97 54.40 -78.40
CA GLY A 157 51.78 52.96 -78.45
C GLY A 157 53.08 52.20 -78.71
N ASN A 158 54.09 52.45 -77.87
CA ASN A 158 55.37 51.74 -77.94
C ASN A 158 56.02 51.73 -76.57
N SER A 159 55.42 52.47 -75.62
CA SER A 159 55.89 52.54 -74.26
C SER A 159 55.18 51.49 -73.40
N GLN A 160 55.86 51.00 -72.37
CA GLN A 160 55.29 50.09 -71.39
C GLN A 160 55.85 50.41 -70.00
N GLU A 161 54.94 50.43 -69.01
CA GLU A 161 55.29 50.77 -67.64
C GLU A 161 55.18 49.52 -66.77
N SER A 162 56.02 49.47 -65.73
CA SER A 162 55.96 48.45 -64.69
C SER A 162 56.32 49.06 -63.35
N VAL A 163 55.59 48.65 -62.31
CA VAL A 163 55.72 49.24 -60.99
C VAL A 163 55.83 48.13 -59.94
N THR A 164 56.70 48.37 -58.95
CA THR A 164 56.99 47.42 -57.90
C THR A 164 55.91 47.49 -56.82
N GLU A 165 55.94 46.52 -55.90
CA GLU A 165 55.10 46.53 -54.72
C GLU A 165 55.67 47.54 -53.73
N GLN A 166 54.84 47.95 -52.76
CA GLN A 166 55.19 48.97 -51.78
C GLN A 166 56.42 48.52 -51.00
N ASP A 167 57.25 49.50 -50.63
CA ASP A 167 58.52 49.25 -49.95
C ASP A 167 58.26 48.73 -48.54
N SER A 168 59.16 47.87 -48.07
CA SER A 168 59.02 47.17 -46.79
C SER A 168 59.68 47.95 -45.66
N LYS A 169 60.10 49.18 -45.95
CA LYS A 169 60.81 50.00 -44.97
C LYS A 169 60.23 51.41 -44.93
N ASP A 170 60.22 52.09 -46.08
CA ASP A 170 59.81 53.48 -46.15
C ASP A 170 58.44 53.62 -46.82
N SER A 171 57.90 52.49 -47.30
CA SER A 171 56.59 52.42 -47.92
C SER A 171 56.47 53.39 -49.09
N THR A 172 57.32 53.17 -50.11
CA THR A 172 57.32 53.96 -51.33
C THR A 172 57.22 53.04 -52.54
N TYR A 173 56.92 53.64 -53.69
CA TYR A 173 56.84 52.91 -54.96
C TYR A 173 57.99 53.33 -55.87
N SER A 174 58.40 52.41 -56.74
CA SER A 174 59.35 52.69 -57.80
C SER A 174 58.77 52.18 -59.13
N LEU A 175 58.85 53.01 -60.16
CA LEU A 175 58.24 52.71 -61.45
C LEU A 175 59.32 52.69 -62.54
N SER A 176 59.12 51.82 -63.52
CA SER A 176 60.00 51.69 -64.68
C SER A 176 59.18 51.84 -65.97
N SER A 177 59.56 52.82 -66.79
CA SER A 177 58.99 53.00 -68.11
C SER A 177 60.03 52.68 -69.17
N THR A 178 59.66 51.80 -70.12
CA THR A 178 60.58 51.33 -71.13
C THR A 178 59.98 51.59 -72.52
N LEU A 179 60.72 52.37 -73.32
CA LEU A 179 60.33 52.69 -74.68
C LEU A 179 61.15 51.84 -75.64
N THR A 180 60.48 50.86 -76.26
CA THR A 180 61.12 49.94 -77.19
C THR A 180 60.89 50.42 -78.60
N LEU A 181 61.98 50.49 -79.38
CA LEU A 181 61.95 51.00 -80.74
C LEU A 181 63.03 50.29 -81.56
N SER A 182 62.73 50.03 -82.84
CA SER A 182 63.66 49.35 -83.73
C SER A 182 64.86 50.23 -84.00
N LYS A 183 66.00 49.59 -84.30
CA LYS A 183 67.27 50.26 -84.53
C LYS A 183 67.11 51.32 -85.62
N ALA A 184 66.40 50.96 -86.69
CA ALA A 184 66.19 51.84 -87.83
C ALA A 184 65.37 53.07 -87.42
N ASP A 185 64.40 52.86 -86.52
CA ASP A 185 63.53 53.92 -86.06
C ASP A 185 64.21 54.76 -84.98
N TYR A 186 65.20 54.16 -84.29
CA TYR A 186 65.90 54.82 -83.20
C TYR A 186 66.84 55.88 -83.76
N GLU A 187 67.49 55.58 -84.88
CA GLU A 187 68.53 56.43 -85.43
C GLU A 187 67.93 57.50 -86.35
N LYS A 188 66.60 57.67 -86.28
CA LYS A 188 65.91 58.68 -87.05
C LYS A 188 65.68 59.92 -86.19
N HIS A 189 66.11 59.85 -84.93
CA HIS A 189 65.84 60.90 -83.96
C HIS A 189 67.11 61.23 -83.17
N LYS A 190 67.10 62.41 -82.53
CA LYS A 190 68.27 62.92 -81.83
C LYS A 190 68.02 62.95 -80.32
N VAL A 191 67.00 63.70 -79.91
CA VAL A 191 66.72 63.93 -78.50
C VAL A 191 65.75 62.85 -77.99
N TYR A 192 66.10 62.25 -76.86
CA TYR A 192 65.28 61.25 -76.20
C TYR A 192 65.06 61.65 -74.74
N ALA A 193 63.82 62.01 -74.42
CA ALA A 193 63.48 62.57 -73.12
C ALA A 193 62.29 61.84 -72.51
N CYS A 194 62.25 61.79 -71.18
CA CYS A 194 61.08 61.36 -70.45
C CYS A 194 60.72 62.41 -69.40
N GLU A 195 59.47 62.90 -69.48
CA GLU A 195 58.96 63.93 -68.58
C GLU A 195 58.06 63.26 -67.55
N VAL A 196 58.24 63.65 -66.28
CA VAL A 196 57.55 63.01 -65.17
C VAL A 196 56.81 64.07 -64.36
N THR A 197 55.49 63.87 -64.22
CA THR A 197 54.65 64.71 -63.38
C THR A 197 54.14 63.87 -62.21
N HIS A 198 54.33 64.39 -60.99
CA HIS A 198 53.93 63.71 -59.77
C HIS A 198 53.59 64.74 -58.70
N GLN A 199 52.72 64.33 -57.77
CA GLN A 199 52.20 65.18 -56.70
C GLN A 199 53.34 65.81 -55.90
N GLY A 200 54.39 65.02 -55.67
CA GLY A 200 55.52 65.42 -54.82
C GLY A 200 56.43 66.45 -55.48
N LEU A 201 56.42 66.47 -56.83
CA LEU A 201 57.29 67.33 -57.60
C LEU A 201 56.73 68.75 -57.63
N SER A 202 57.65 69.73 -57.57
CA SER A 202 57.30 71.15 -57.64
C SER A 202 56.96 71.53 -59.07
N SER A 203 57.47 70.75 -60.03
CA SER A 203 57.33 70.99 -61.45
C SER A 203 57.58 69.69 -62.20
N PRO A 204 56.98 69.47 -63.39
CA PRO A 204 57.34 68.34 -64.25
C PRO A 204 58.85 68.28 -64.47
N VAL A 205 59.42 67.08 -64.26
CA VAL A 205 60.86 66.89 -64.33
C VAL A 205 61.20 66.11 -65.60
N THR A 206 62.14 66.65 -66.38
CA THR A 206 62.55 66.06 -67.65
C THR A 206 64.00 65.57 -67.55
N LYS A 207 64.21 64.30 -67.92
CA LYS A 207 65.54 63.74 -68.10
C LYS A 207 65.69 63.33 -69.56
N SER A 208 66.80 63.77 -70.18
CA SER A 208 67.01 63.58 -71.61
C SER A 208 68.47 63.27 -71.92
N PHE A 209 68.72 62.91 -73.18
CA PHE A 209 70.05 62.68 -73.71
C PHE A 209 70.01 62.75 -75.24
N ASN A 210 71.12 63.16 -75.85
CA ASN A 210 71.28 63.09 -77.29
C ASN A 210 71.73 61.67 -77.66
N ARG A 211 71.31 61.21 -78.84
CA ARG A 211 71.39 59.81 -79.25
C ARG A 211 72.81 59.27 -79.02
N GLY A 212 73.78 59.76 -79.81
CA GLY A 212 75.12 59.22 -79.80
C GLY A 212 76.13 60.17 -79.14
N GLU A 213 75.90 60.46 -77.85
CA GLU A 213 76.76 61.34 -77.08
C GLU A 213 76.95 60.76 -75.67
N VAL B 2 46.06 19.40 -42.15
CA VAL B 2 45.33 19.57 -43.46
C VAL B 2 46.19 20.44 -44.39
N GLN B 3 46.39 19.96 -45.62
CA GLN B 3 47.23 20.63 -46.59
C GLN B 3 46.85 20.22 -48.00
N LEU B 4 46.92 21.18 -48.93
CA LEU B 4 46.66 20.96 -50.35
C LEU B 4 47.95 21.24 -51.13
N VAL B 5 48.34 20.27 -51.96
CA VAL B 5 49.57 20.34 -52.73
C VAL B 5 49.21 20.23 -54.22
N GLN B 6 49.85 21.08 -55.04
CA GLN B 6 49.52 21.19 -56.45
C GLN B 6 50.72 20.80 -57.32
N SER B 7 50.43 20.52 -58.60
CA SER B 7 51.36 19.92 -59.55
C SER B 7 52.69 20.67 -59.59
N GLY B 8 52.62 21.96 -59.94
CA GLY B 8 53.79 22.75 -60.27
C GLY B 8 53.63 23.41 -61.64
N ALA B 9 54.31 24.55 -61.83
CA ALA B 9 54.15 25.39 -63.00
C ALA B 9 54.26 24.57 -64.28
N GLU B 10 53.31 24.80 -65.19
CA GLU B 10 53.25 24.10 -66.48
C GLU B 10 53.00 25.11 -67.60
N VAL B 11 53.69 24.89 -68.73
CA VAL B 11 53.66 25.81 -69.86
C VAL B 11 53.31 25.02 -71.12
N LYS B 12 52.27 25.47 -71.83
CA LYS B 12 51.78 24.78 -73.00
C LYS B 12 51.32 25.78 -74.07
N LYS B 13 51.24 25.29 -75.32
CA LYS B 13 50.88 26.07 -76.49
C LYS B 13 49.36 26.21 -76.57
N PRO B 14 48.82 27.22 -77.30
CA PRO B 14 47.37 27.32 -77.53
C PRO B 14 46.83 26.10 -78.26
N GLY B 15 45.60 25.71 -77.90
CA GLY B 15 44.92 24.58 -78.51
C GLY B 15 45.17 23.28 -77.75
N ALA B 16 46.23 23.26 -76.94
CA ALA B 16 46.65 22.09 -76.19
C ALA B 16 45.86 21.99 -74.88
N SER B 17 46.16 20.95 -74.10
CA SER B 17 45.45 20.64 -72.87
C SER B 17 46.40 20.69 -71.68
N VAL B 18 45.91 21.22 -70.55
CA VAL B 18 46.64 21.20 -69.30
C VAL B 18 45.81 20.46 -68.24
N LYS B 19 46.50 19.71 -67.37
CA LYS B 19 45.84 18.98 -66.30
C LYS B 19 46.62 19.17 -65.00
N VAL B 20 46.07 20.00 -64.10
CA VAL B 20 46.66 20.30 -62.81
C VAL B 20 46.10 19.31 -61.79
N SER B 21 47.00 18.80 -60.92
CA SER B 21 46.62 17.87 -59.86
C SER B 21 46.67 18.55 -58.51
N CYS B 22 45.70 18.20 -57.65
CA CYS B 22 45.59 18.74 -56.31
C CYS B 22 45.42 17.60 -55.31
N LYS B 23 46.44 17.38 -54.48
CA LYS B 23 46.42 16.31 -53.51
C LYS B 23 45.94 16.83 -52.15
N ALA B 24 45.00 16.10 -51.55
CA ALA B 24 44.39 16.47 -50.29
C ALA B 24 44.81 15.49 -49.20
N SER B 25 45.13 16.02 -48.01
CA SER B 25 45.52 15.21 -46.86
C SER B 25 45.21 15.98 -45.57
N GLY B 26 44.80 15.22 -44.54
CA GLY B 26 44.58 15.77 -43.22
C GLY B 26 43.09 15.81 -42.84
N TYR B 27 42.23 15.36 -43.75
CA TYR B 27 40.80 15.39 -43.56
C TYR B 27 40.13 14.26 -44.34
N PRO B 28 38.93 13.79 -43.91
CA PRO B 28 38.16 12.83 -44.71
C PRO B 28 37.81 13.42 -46.08
N PHE B 29 38.48 12.88 -47.11
CA PHE B 29 38.46 13.41 -48.46
C PHE B 29 37.04 13.40 -49.02
N THR B 30 36.26 12.38 -48.66
CA THR B 30 34.96 12.12 -49.27
C THR B 30 33.90 13.09 -48.75
N SER B 31 34.15 13.66 -47.56
CA SER B 31 33.18 14.53 -46.90
C SER B 31 33.14 15.90 -47.57
N TYR B 32 34.31 16.52 -47.73
CA TYR B 32 34.43 17.87 -48.29
C TYR B 32 34.53 17.80 -49.81
N GLY B 33 34.09 18.87 -50.47
CA GLY B 33 34.23 19.03 -51.91
C GLY B 33 35.45 19.90 -52.25
N ILE B 34 35.82 19.91 -53.53
CA ILE B 34 36.95 20.70 -54.02
C ILE B 34 36.43 21.67 -55.08
N SER B 35 36.94 22.90 -55.04
CA SER B 35 36.61 23.92 -56.02
C SER B 35 37.89 24.55 -56.55
N TRP B 36 37.81 25.12 -57.77
CA TRP B 36 38.97 25.66 -58.45
C TRP B 36 38.77 27.14 -58.76
N VAL B 37 39.82 27.93 -58.52
CA VAL B 37 39.82 29.37 -58.74
C VAL B 37 41.11 29.74 -59.47
N ARG B 38 40.98 30.55 -60.52
CA ARG B 38 42.13 31.01 -61.29
C ARG B 38 42.31 32.51 -61.12
N GLN B 39 43.55 32.98 -61.25
CA GLN B 39 43.90 34.37 -61.06
C GLN B 39 44.91 34.80 -62.13
N ALA B 40 44.44 35.63 -63.08
CA ALA B 40 45.27 36.21 -64.11
C ALA B 40 46.28 37.18 -63.48
N PRO B 41 47.50 37.32 -64.04
CA PRO B 41 48.55 38.13 -63.41
C PRO B 41 48.12 39.57 -63.14
N GLY B 42 48.13 39.93 -61.86
CA GLY B 42 47.81 41.27 -61.40
C GLY B 42 46.30 41.57 -61.45
N GLN B 43 45.49 40.51 -61.50
CA GLN B 43 44.04 40.64 -61.56
C GLN B 43 43.41 39.91 -60.39
N GLY B 44 42.07 39.83 -60.39
CA GLY B 44 41.30 39.29 -59.29
C GLY B 44 41.02 37.79 -59.46
N LEU B 45 40.43 37.20 -58.40
CA LEU B 45 40.11 35.78 -58.37
C LEU B 45 38.93 35.52 -59.30
N GLU B 46 38.93 34.35 -59.93
CA GLU B 46 37.89 33.95 -60.87
C GLU B 46 37.50 32.50 -60.60
N TRP B 47 36.24 32.29 -60.24
CA TRP B 47 35.70 30.97 -59.96
C TRP B 47 35.57 30.19 -61.28
N MET B 48 35.92 28.90 -61.22
CA MET B 48 35.94 28.05 -62.39
C MET B 48 34.86 26.98 -62.28
N GLY B 49 34.89 26.22 -61.19
CA GLY B 49 33.95 25.13 -60.97
C GLY B 49 34.06 24.50 -59.59
N TRP B 50 33.37 23.38 -59.42
CA TRP B 50 33.25 22.67 -58.15
C TRP B 50 33.01 21.20 -58.41
N ILE B 51 33.76 20.35 -57.70
CA ILE B 51 33.68 18.90 -57.87
C ILE B 51 33.38 18.25 -56.51
N SER B 52 32.43 17.31 -56.52
CA SER B 52 32.12 16.51 -55.35
C SER B 52 33.01 15.27 -55.33
N THR B 53 33.62 15.02 -54.17
CA THR B 53 34.55 13.92 -54.00
C THR B 53 33.79 12.63 -53.71
N TYR B 54 32.47 12.75 -53.51
CA TYR B 54 31.62 11.64 -53.15
C TYR B 54 31.07 10.96 -54.40
N ASN B 55 30.24 11.68 -55.15
CA ASN B 55 29.50 11.11 -56.27
C ASN B 55 30.09 11.55 -57.61
N GLY B 56 30.81 12.69 -57.60
CA GLY B 56 31.50 13.17 -58.78
C GLY B 56 30.70 14.23 -59.54
N ASN B 57 29.56 14.63 -58.97
CA ASN B 57 28.74 15.69 -59.53
C ASN B 57 29.53 17.00 -59.53
N THR B 58 29.31 17.82 -60.56
CA THR B 58 30.15 18.98 -60.79
C THR B 58 29.32 20.17 -61.29
N ASN B 59 29.76 21.37 -60.91
CA ASN B 59 29.19 22.63 -61.37
C ASN B 59 30.32 23.52 -61.86
N TYR B 60 30.25 23.94 -63.12
CA TYR B 60 31.24 24.84 -63.71
C TYR B 60 30.59 26.20 -63.97
N ALA B 61 31.44 27.22 -64.12
CA ALA B 61 31.00 28.53 -64.59
C ALA B 61 30.71 28.47 -66.08
N GLN B 62 30.07 29.53 -66.60
CA GLN B 62 29.65 29.59 -67.99
C GLN B 62 30.88 29.76 -68.89
N LYS B 63 31.88 30.50 -68.40
CA LYS B 63 33.04 30.89 -69.17
C LYS B 63 33.93 29.67 -69.46
N PHE B 64 33.69 28.57 -68.74
CA PHE B 64 34.59 27.42 -68.79
C PHE B 64 33.80 26.13 -69.07
N GLN B 65 32.51 26.27 -69.36
CA GLN B 65 31.59 25.15 -69.32
C GLN B 65 31.91 24.14 -70.43
N GLY B 66 32.35 24.63 -71.58
CA GLY B 66 32.55 23.78 -72.75
C GLY B 66 33.97 23.26 -72.88
N ARG B 67 34.84 23.60 -71.91
CA ARG B 67 36.25 23.26 -72.00
C ARG B 67 36.69 22.45 -70.78
N VAL B 68 36.48 23.01 -69.59
CA VAL B 68 37.06 22.49 -68.36
C VAL B 68 36.36 21.18 -67.97
N THR B 69 37.16 20.25 -67.43
CA THR B 69 36.69 19.00 -66.87
C THR B 69 37.45 18.70 -65.58
N MET B 70 36.72 18.36 -64.52
CA MET B 70 37.30 18.08 -63.22
C MET B 70 37.01 16.62 -62.85
N THR B 71 38.00 15.99 -62.18
CA THR B 71 37.90 14.63 -61.72
C THR B 71 38.50 14.52 -60.32
N THR B 72 38.12 13.46 -59.59
CA THR B 72 38.70 13.14 -58.30
C THR B 72 39.00 11.64 -58.24
N ASP B 73 39.96 11.29 -57.37
CA ASP B 73 40.31 9.90 -57.10
C ASP B 73 40.44 9.73 -55.59
N THR B 74 39.56 8.89 -55.02
CA THR B 74 39.44 8.73 -53.58
C THR B 74 40.61 7.94 -53.03
N SER B 75 41.14 7.01 -53.84
CA SER B 75 42.21 6.12 -53.44
C SER B 75 43.51 6.89 -53.25
N THR B 76 43.68 7.99 -54.01
CA THR B 76 44.89 8.79 -53.98
C THR B 76 44.62 10.10 -53.23
N THR B 77 43.35 10.39 -52.97
CA THR B 77 42.87 11.63 -52.38
C THR B 77 43.38 12.81 -53.20
N THR B 78 43.24 12.71 -54.53
CA THR B 78 43.78 13.70 -55.45
C THR B 78 42.69 14.14 -56.43
N GLY B 79 42.49 15.46 -56.51
CA GLY B 79 41.55 16.07 -57.44
C GLY B 79 42.28 16.70 -58.62
N TYR B 80 41.71 16.53 -59.82
CA TYR B 80 42.32 17.03 -61.05
C TYR B 80 41.46 18.13 -61.65
N MET B 81 42.09 18.94 -62.52
CA MET B 81 41.43 19.99 -63.27
C MET B 81 42.08 20.05 -64.65
N GLU B 82 41.34 19.58 -65.67
CA GLU B 82 41.82 19.59 -67.04
C GLU B 82 41.06 20.63 -67.85
N LEU B 83 41.82 21.60 -68.38
CA LEU B 83 41.27 22.65 -69.23
C LEU B 83 41.81 22.47 -70.65
N ARG B 84 40.90 22.15 -71.57
CA ARG B 84 41.25 21.89 -72.96
C ARG B 84 40.96 23.15 -73.79
N ARG B 85 41.48 23.15 -75.03
CA ARG B 85 41.29 24.23 -76.00
C ARG B 85 41.78 25.54 -75.39
N LEU B 86 43.04 25.55 -74.94
CA LEU B 86 43.62 26.66 -74.20
C LEU B 86 43.75 27.89 -75.09
N ARG B 87 43.70 29.06 -74.46
CA ARG B 87 43.78 30.35 -75.14
C ARG B 87 44.78 31.24 -74.40
N SER B 88 45.16 32.35 -75.03
CA SER B 88 46.19 33.23 -74.52
C SER B 88 45.78 33.89 -73.21
N ASP B 89 44.46 34.05 -73.02
CA ASP B 89 43.91 34.73 -71.86
C ASP B 89 43.79 33.77 -70.67
N ASP B 90 44.09 32.49 -70.91
CA ASP B 90 43.98 31.46 -69.88
C ASP B 90 45.23 31.49 -68.98
N THR B 91 46.23 32.29 -69.38
CA THR B 91 47.47 32.42 -68.63
C THR B 91 47.15 33.02 -67.26
N ALA B 92 47.19 32.16 -66.23
CA ALA B 92 46.83 32.52 -64.87
C ALA B 92 47.48 31.53 -63.90
N VAL B 93 47.39 31.86 -62.60
CA VAL B 93 47.76 30.94 -61.53
C VAL B 93 46.49 30.24 -61.03
N TYR B 94 46.51 28.91 -61.03
CA TYR B 94 45.33 28.11 -60.77
C TYR B 94 45.40 27.51 -59.37
N TYR B 95 44.35 27.76 -58.57
CA TYR B 95 44.29 27.33 -57.18
C TYR B 95 43.22 26.25 -57.03
N CYS B 96 43.54 25.20 -56.26
CA CYS B 96 42.55 24.27 -55.75
C CYS B 96 42.31 24.59 -54.27
N ALA B 97 41.05 24.46 -53.85
CA ALA B 97 40.68 24.81 -52.49
C ALA B 97 39.65 23.80 -51.96
N ARG B 98 39.70 23.57 -50.64
CA ARG B 98 38.69 22.77 -49.97
C ARG B 98 37.42 23.59 -49.84
N ASP B 99 36.29 22.97 -50.21
CA ASP B 99 35.04 23.67 -50.41
C ASP B 99 34.11 23.42 -49.23
N TYR B 100 33.59 24.51 -48.66
CA TYR B 100 32.48 24.46 -47.72
C TYR B 100 31.45 25.51 -48.14
N THR B 101 31.05 25.43 -49.41
CA THR B 101 29.99 26.27 -49.97
C THR B 101 28.90 25.39 -50.57
N ARG B 102 29.29 24.20 -51.05
CA ARG B 102 28.37 23.23 -51.60
C ARG B 102 28.73 21.84 -51.09
N GLY B 103 27.71 21.11 -50.61
CA GLY B 103 27.88 19.79 -50.03
C GLY B 103 28.17 18.73 -51.09
N ALA B 104 28.97 17.73 -50.70
CA ALA B 104 29.43 16.70 -51.62
C ALA B 104 28.32 15.68 -51.88
N TRP B 105 27.52 15.40 -50.84
CA TRP B 105 26.53 14.32 -50.89
C TRP B 105 25.25 14.79 -51.58
N PHE B 106 24.76 15.98 -51.20
CA PHE B 106 23.44 16.42 -51.60
C PHE B 106 23.53 17.61 -52.56
N GLY B 107 24.71 18.23 -52.63
CA GLY B 107 24.96 19.32 -53.56
C GLY B 107 24.14 20.56 -53.22
N GLU B 108 24.02 20.85 -51.92
CA GLU B 108 23.27 22.00 -51.44
C GLU B 108 24.23 22.95 -50.73
N SER B 109 23.86 24.24 -50.72
CA SER B 109 24.73 25.31 -50.26
C SER B 109 24.96 25.22 -48.75
N LEU B 110 26.19 25.52 -48.33
CA LEU B 110 26.61 25.40 -46.94
C LEU B 110 27.08 26.76 -46.42
N ILE B 111 27.01 26.93 -45.09
CA ILE B 111 27.49 28.13 -44.43
C ILE B 111 29.01 28.00 -44.28
N GLY B 112 29.74 28.69 -45.17
CA GLY B 112 31.19 28.69 -45.14
C GLY B 112 31.81 29.36 -46.36
N GLY B 113 32.90 28.76 -46.86
CA GLY B 113 33.61 29.25 -48.02
C GLY B 113 34.70 28.27 -48.47
N PHE B 114 35.76 28.81 -49.09
CA PHE B 114 36.94 28.02 -49.41
C PHE B 114 37.95 28.18 -48.27
N ASP B 115 37.99 27.18 -47.40
CA ASP B 115 38.70 27.29 -46.13
C ASP B 115 40.19 27.04 -46.32
N ASN B 116 40.53 25.91 -46.95
CA ASN B 116 41.92 25.54 -47.20
C ASN B 116 42.23 25.75 -48.67
N TRP B 117 43.42 26.33 -48.94
CA TRP B 117 43.84 26.68 -50.28
C TRP B 117 45.15 25.96 -50.61
N GLY B 118 45.35 25.68 -51.91
CA GLY B 118 46.61 25.16 -52.41
C GLY B 118 47.67 26.25 -52.53
N GLN B 119 48.82 25.90 -53.10
CA GLN B 119 49.91 26.85 -53.27
C GLN B 119 49.79 27.55 -54.62
N GLY B 120 49.02 26.93 -55.53
CA GLY B 120 48.80 27.47 -56.87
C GLY B 120 49.78 26.90 -57.88
N THR B 121 49.31 26.75 -59.13
CA THR B 121 50.16 26.33 -60.24
C THR B 121 50.06 27.37 -61.36
N LEU B 122 51.22 27.95 -61.72
CA LEU B 122 51.29 28.90 -62.82
C LEU B 122 51.17 28.14 -64.13
N VAL B 123 50.19 28.54 -64.96
CA VAL B 123 49.96 27.92 -66.25
C VAL B 123 50.04 29.01 -67.32
N THR B 124 51.09 28.94 -68.14
CA THR B 124 51.35 29.94 -69.17
C THR B 124 50.95 29.39 -70.53
N VAL B 125 50.10 30.14 -71.25
CA VAL B 125 49.65 29.77 -72.58
C VAL B 125 50.00 30.90 -73.54
N SER B 126 50.94 30.62 -74.45
CA SER B 126 51.38 31.57 -75.45
C SER B 126 51.92 30.83 -76.68
N SER B 127 51.99 31.55 -77.81
CA SER B 127 52.55 31.04 -79.04
C SER B 127 54.07 30.91 -78.92
N ALA B 128 54.62 31.59 -77.90
CA ALA B 128 56.06 31.67 -77.66
C ALA B 128 56.62 30.31 -77.25
N SER B 129 57.93 30.14 -77.50
CA SER B 129 58.66 28.96 -77.07
C SER B 129 59.77 29.38 -76.11
N THR B 130 60.37 28.38 -75.44
CA THR B 130 61.39 28.61 -74.42
C THR B 130 62.56 29.39 -75.03
N LYS B 131 62.90 30.52 -74.40
CA LYS B 131 63.91 31.43 -74.90
C LYS B 131 64.58 32.15 -73.74
N GLY B 132 65.90 32.31 -73.83
CA GLY B 132 66.70 32.91 -72.78
C GLY B 132 66.71 34.44 -72.88
N PRO B 133 66.90 35.16 -71.74
CA PRO B 133 66.83 36.62 -71.73
C PRO B 133 68.09 37.29 -72.28
N SER B 134 67.88 38.24 -73.21
CA SER B 134 68.95 39.10 -73.69
C SER B 134 69.20 40.20 -72.67
N VAL B 135 70.28 40.04 -71.90
CA VAL B 135 70.59 40.92 -70.78
C VAL B 135 71.44 42.08 -71.30
N PHE B 136 71.02 43.30 -70.98
CA PHE B 136 71.70 44.51 -71.43
C PHE B 136 71.93 45.45 -70.25
N PRO B 137 73.12 46.08 -70.14
CA PRO B 137 73.42 46.97 -69.02
C PRO B 137 72.77 48.35 -69.20
N LEU B 138 72.25 48.90 -68.10
CA LEU B 138 71.75 50.27 -68.07
C LEU B 138 72.78 51.12 -67.33
N ALA B 139 73.68 51.72 -68.11
CA ALA B 139 74.86 52.41 -67.60
C ALA B 139 74.47 53.68 -66.85
N PRO B 140 75.12 53.97 -65.69
CA PRO B 140 74.84 55.21 -64.95
C PRO B 140 75.37 56.44 -65.69
N SER B 141 74.48 57.40 -65.92
CA SER B 141 74.80 58.62 -66.65
C SER B 141 75.36 59.67 -65.70
N SER B 142 74.64 60.78 -65.56
CA SER B 142 75.05 61.89 -64.69
C SER B 142 73.87 62.32 -63.81
N GLY B 148 75.42 62.16 -56.32
CA GLY B 148 75.20 61.72 -54.92
C GLY B 148 74.91 60.22 -54.84
N THR B 149 73.70 59.84 -55.26
CA THR B 149 73.27 58.45 -55.25
C THR B 149 72.89 58.04 -56.67
N ALA B 150 73.90 57.98 -57.55
CA ALA B 150 73.73 57.63 -58.95
C ALA B 150 73.18 56.20 -59.07
N ALA B 151 72.23 56.02 -59.98
CA ALA B 151 71.55 54.74 -60.14
C ALA B 151 71.99 54.07 -61.44
N LEU B 152 72.26 52.76 -61.34
CA LEU B 152 72.55 51.92 -62.49
C LEU B 152 71.59 50.74 -62.51
N GLY B 153 71.33 50.22 -63.71
CA GLY B 153 70.32 49.19 -63.89
C GLY B 153 70.81 48.03 -64.76
N CYS B 154 69.86 47.20 -65.17
CA CYS B 154 70.12 45.95 -65.88
C CYS B 154 68.82 45.47 -66.52
N LEU B 155 68.75 45.56 -67.86
CA LEU B 155 67.55 45.21 -68.60
C LEU B 155 67.60 43.73 -68.97
N VAL B 156 66.51 43.02 -68.63
CA VAL B 156 66.36 41.61 -68.92
C VAL B 156 65.24 41.46 -69.96
N LYS B 157 65.62 41.54 -71.24
CA LYS B 157 64.66 41.67 -72.32
C LYS B 157 64.51 40.35 -73.07
N ASP B 158 63.25 39.99 -73.37
CA ASP B 158 62.87 38.89 -74.24
C ASP B 158 63.25 37.55 -73.62
N TYR B 159 62.35 37.02 -72.78
CA TYR B 159 62.50 35.68 -72.23
C TYR B 159 61.13 35.01 -72.11
N PHE B 160 61.13 33.68 -72.12
CA PHE B 160 59.92 32.88 -71.98
C PHE B 160 60.28 31.48 -71.49
N PRO B 161 59.51 30.91 -70.53
CA PRO B 161 58.50 31.65 -69.79
C PRO B 161 59.10 32.25 -68.51
N GLU B 162 58.22 32.75 -67.64
CA GLU B 162 58.62 33.27 -66.33
C GLU B 162 59.03 32.11 -65.44
N PRO B 163 59.77 32.34 -64.32
CA PRO B 163 60.31 33.66 -63.99
C PRO B 163 61.80 33.82 -64.27
N VAL B 164 62.35 34.97 -63.87
CA VAL B 164 63.79 35.19 -63.82
C VAL B 164 64.14 35.72 -62.44
N THR B 165 65.27 35.25 -61.91
CA THR B 165 65.79 35.73 -60.63
C THR B 165 67.00 36.62 -60.90
N VAL B 166 67.00 37.82 -60.31
CA VAL B 166 68.08 38.77 -60.51
C VAL B 166 68.58 39.27 -59.16
N SER B 167 69.91 39.32 -59.02
CA SER B 167 70.55 39.82 -57.81
C SER B 167 71.79 40.63 -58.20
N TRP B 168 72.16 41.58 -57.33
CA TRP B 168 73.32 42.42 -57.54
C TRP B 168 74.45 41.97 -56.62
N ASN B 169 75.62 41.70 -57.23
CA ASN B 169 76.82 41.27 -56.53
C ASN B 169 76.58 39.94 -55.81
N SER B 170 75.84 39.05 -56.47
CA SER B 170 75.58 37.69 -56.00
C SER B 170 75.01 37.71 -54.58
N GLY B 171 74.12 38.66 -54.31
CA GLY B 171 73.43 38.76 -53.03
C GLY B 171 74.22 39.56 -51.99
N ALA B 172 75.25 40.28 -52.46
CA ALA B 172 76.05 41.12 -51.59
C ALA B 172 75.41 42.50 -51.47
N LEU B 173 74.74 42.93 -52.54
CA LEU B 173 74.08 44.23 -52.59
C LEU B 173 72.57 44.04 -52.59
N THR B 174 71.93 44.46 -51.49
CA THR B 174 70.51 44.31 -51.27
C THR B 174 69.90 45.64 -50.86
N SER B 175 70.76 46.65 -50.69
CA SER B 175 70.35 47.95 -50.20
C SER B 175 70.08 48.90 -51.37
N GLY B 176 68.81 49.28 -51.53
CA GLY B 176 68.38 50.24 -52.53
C GLY B 176 68.13 49.59 -53.90
N VAL B 177 67.87 48.28 -53.90
CA VAL B 177 67.63 47.53 -55.12
C VAL B 177 66.12 47.44 -55.37
N HIS B 178 65.73 47.62 -56.63
CA HIS B 178 64.34 47.44 -57.05
C HIS B 178 64.32 46.60 -58.33
N THR B 179 63.65 45.44 -58.25
CA THR B 179 63.41 44.61 -59.40
C THR B 179 61.92 44.69 -59.77
N PHE B 180 61.66 45.14 -60.99
CA PHE B 180 60.31 45.38 -61.47
C PHE B 180 59.70 44.07 -61.97
N PRO B 181 58.40 43.82 -61.71
CA PRO B 181 57.72 42.64 -62.25
C PRO B 181 57.79 42.62 -63.77
N ALA B 182 57.73 41.41 -64.35
CA ALA B 182 57.83 41.22 -65.79
C ALA B 182 56.68 41.92 -66.49
N VAL B 183 56.84 42.14 -67.81
CA VAL B 183 55.80 42.72 -68.64
C VAL B 183 55.60 41.83 -69.85
N LEU B 184 54.37 41.32 -70.00
CA LEU B 184 53.99 40.52 -71.15
C LEU B 184 54.04 41.40 -72.40
N GLN B 185 54.74 40.91 -73.43
CA GLN B 185 54.87 41.62 -74.68
C GLN B 185 53.99 40.94 -75.74
N SER B 186 53.70 41.67 -76.81
CA SER B 186 52.82 41.21 -77.88
C SER B 186 53.42 39.97 -78.56
N SER B 187 54.72 39.75 -78.34
CA SER B 187 55.43 38.59 -78.86
C SER B 187 55.04 37.35 -78.06
N GLY B 188 54.49 37.57 -76.87
CA GLY B 188 54.16 36.51 -75.93
C GLY B 188 55.27 36.33 -74.89
N LEU B 189 56.43 36.91 -75.18
CA LEU B 189 57.60 36.84 -74.32
C LEU B 189 57.52 37.94 -73.26
N TYR B 190 58.45 37.87 -72.29
CA TYR B 190 58.43 38.74 -71.13
C TYR B 190 59.74 39.52 -71.06
N SER B 191 59.68 40.73 -70.48
CA SER B 191 60.86 41.55 -70.26
C SER B 191 60.80 42.18 -68.87
N LEU B 192 61.98 42.41 -68.28
CA LEU B 192 62.11 42.77 -66.88
C LEU B 192 63.23 43.81 -66.72
N SER B 193 63.17 44.57 -65.62
CA SER B 193 64.16 45.57 -65.30
C SER B 193 64.59 45.44 -63.84
N SER B 194 65.89 45.71 -63.58
CA SER B 194 66.43 45.69 -62.23
C SER B 194 67.42 46.84 -62.07
N VAL B 195 67.23 47.63 -61.01
CA VAL B 195 68.01 48.84 -60.77
C VAL B 195 68.51 48.87 -59.33
N VAL B 196 69.50 49.74 -59.07
CA VAL B 196 70.07 49.91 -57.75
C VAL B 196 70.65 51.33 -57.63
N THR B 197 70.44 51.96 -56.48
CA THR B 197 71.01 53.25 -56.16
C THR B 197 72.35 53.05 -55.47
N VAL B 198 73.37 53.78 -55.94
CA VAL B 198 74.76 53.53 -55.57
C VAL B 198 75.46 54.86 -55.29
N PRO B 199 76.26 54.96 -54.21
CA PRO B 199 77.08 56.15 -53.96
C PRO B 199 78.03 56.43 -55.13
N SER B 200 78.05 57.70 -55.57
CA SER B 200 78.81 58.11 -56.75
C SER B 200 80.31 58.03 -56.50
N SER B 201 80.70 58.09 -55.22
CA SER B 201 82.09 57.94 -54.82
C SER B 201 82.55 56.50 -55.06
N SER B 202 81.60 55.56 -54.91
CA SER B 202 81.86 54.14 -55.03
C SER B 202 81.49 53.65 -56.44
N LEU B 203 81.16 54.59 -57.33
CA LEU B 203 80.70 54.28 -58.67
C LEU B 203 81.87 53.79 -59.53
N GLY B 204 83.04 54.40 -59.33
CA GLY B 204 84.23 54.08 -60.10
C GLY B 204 85.03 52.94 -59.47
N THR B 205 85.07 52.92 -58.12
CA THR B 205 85.86 51.98 -57.36
C THR B 205 85.30 50.56 -57.53
N GLN B 206 84.05 50.37 -57.12
CA GLN B 206 83.39 49.07 -57.10
C GLN B 206 83.04 48.63 -58.52
N THR B 207 82.91 47.31 -58.68
CA THR B 207 82.38 46.71 -59.90
C THR B 207 81.00 46.11 -59.59
N TYR B 208 80.02 46.47 -60.41
CA TYR B 208 78.64 46.05 -60.19
C TYR B 208 78.23 45.06 -61.27
N ILE B 209 77.93 43.83 -60.84
CA ILE B 209 77.52 42.77 -61.73
C ILE B 209 76.06 42.42 -61.49
N CYS B 210 75.34 42.15 -62.59
CA CYS B 210 73.91 41.87 -62.56
C CYS B 210 73.69 40.38 -62.85
N ASN B 211 73.32 39.64 -61.79
CA ASN B 211 73.20 38.19 -61.86
C ASN B 211 71.79 37.82 -62.28
N VAL B 212 71.63 37.44 -63.55
CA VAL B 212 70.36 37.02 -64.11
C VAL B 212 70.35 35.49 -64.22
N ASN B 213 69.36 34.87 -63.59
CA ASN B 213 69.19 33.42 -63.64
C ASN B 213 67.82 33.10 -64.22
N HIS B 214 67.82 32.31 -65.30
CA HIS B 214 66.61 31.85 -65.94
C HIS B 214 66.63 30.32 -66.01
N LYS B 215 66.02 29.70 -65.00
CA LYS B 215 66.02 28.25 -64.83
C LYS B 215 65.25 27.58 -65.97
N PRO B 216 64.06 28.10 -66.38
CA PRO B 216 63.28 27.48 -67.47
C PRO B 216 64.06 27.14 -68.74
N SER B 217 65.02 28.00 -69.10
CA SER B 217 65.80 27.81 -70.31
C SER B 217 67.23 27.37 -69.97
N ASN B 218 67.55 27.39 -68.67
CA ASN B 218 68.87 27.05 -68.16
C ASN B 218 69.89 28.05 -68.71
N THR B 219 69.62 29.34 -68.47
CA THR B 219 70.44 30.42 -68.98
C THR B 219 70.84 31.34 -67.83
N LYS B 220 72.12 31.29 -67.46
CA LYS B 220 72.68 32.17 -66.44
C LYS B 220 73.61 33.18 -67.12
N VAL B 221 73.31 34.46 -66.94
CA VAL B 221 74.09 35.54 -67.53
C VAL B 221 74.36 36.60 -66.47
N ASP B 222 75.64 36.89 -66.25
CA ASP B 222 76.08 37.95 -65.36
C ASP B 222 76.79 39.01 -66.20
N LYS B 223 76.46 40.28 -65.97
CA LYS B 223 76.98 41.36 -66.80
C LYS B 223 77.44 42.54 -65.96
N LYS B 224 78.59 43.10 -66.35
CA LYS B 224 79.16 44.32 -65.77
C LYS B 224 78.32 45.50 -66.21
N VAL B 225 78.27 46.53 -65.35
CA VAL B 225 77.63 47.79 -65.70
C VAL B 225 78.70 48.88 -65.68
N GLU B 226 79.21 49.21 -66.88
CA GLU B 226 80.31 50.15 -67.04
C GLU B 226 79.81 51.58 -66.97
N PRO B 227 80.29 52.39 -66.00
CA PRO B 227 79.89 53.80 -65.88
C PRO B 227 80.41 54.66 -67.04
N LYS B 228 79.53 54.91 -68.00
CA LYS B 228 79.81 55.82 -69.12
C LYS B 228 78.49 56.20 -69.80
N GLU C 1 -28.85 -69.81 7.45
CA GLU C 1 -29.66 -68.63 7.85
C GLU C 1 -29.38 -68.27 9.31
N ILE C 2 -29.64 -67.00 9.66
CA ILE C 2 -29.59 -66.56 11.05
C ILE C 2 -30.99 -66.72 11.64
N VAL C 3 -31.08 -67.50 12.73
CA VAL C 3 -32.35 -67.77 13.38
C VAL C 3 -32.42 -67.00 14.69
N LEU C 4 -33.41 -66.11 14.78
CA LEU C 4 -33.63 -65.29 15.96
C LEU C 4 -34.50 -66.05 16.94
N THR C 5 -34.08 -66.09 18.21
CA THR C 5 -34.81 -66.75 19.26
C THR C 5 -35.27 -65.72 20.29
N GLN C 6 -36.59 -65.56 20.39
CA GLN C 6 -37.19 -64.66 21.37
C GLN C 6 -37.62 -65.47 22.59
N SER C 7 -37.07 -65.10 23.75
CA SER C 7 -37.38 -65.77 25.01
C SER C 7 -37.88 -64.73 26.02
N PRO C 8 -39.00 -64.98 26.73
CA PRO C 8 -39.78 -66.22 26.55
C PRO C 8 -40.86 -66.09 25.48
N GLY C 9 -41.81 -67.04 25.49
CA GLY C 9 -42.95 -67.03 24.59
C GLY C 9 -43.99 -65.99 24.99
N THR C 10 -44.35 -65.99 26.28
CA THR C 10 -45.27 -65.01 26.83
C THR C 10 -44.71 -64.44 28.13
N LEU C 11 -44.65 -63.11 28.20
CA LEU C 11 -44.29 -62.41 29.43
C LEU C 11 -45.56 -62.07 30.20
N SER C 12 -45.55 -62.36 31.50
CA SER C 12 -46.66 -62.04 32.38
C SER C 12 -46.25 -60.91 33.32
N LEU C 13 -46.65 -59.68 32.96
CA LEU C 13 -46.23 -58.49 33.67
C LEU C 13 -47.45 -57.63 34.03
N SER C 14 -47.36 -56.96 35.19
CA SER C 14 -48.42 -56.12 35.70
C SER C 14 -48.52 -54.83 34.88
N PRO C 15 -49.74 -54.31 34.62
CA PRO C 15 -49.90 -53.06 33.87
C PRO C 15 -49.46 -51.85 34.71
N GLY C 16 -48.55 -51.05 34.13
CA GLY C 16 -47.99 -49.90 34.80
C GLY C 16 -46.60 -50.18 35.36
N GLU C 17 -45.92 -51.18 34.76
CA GLU C 17 -44.57 -51.56 35.15
C GLU C 17 -43.66 -51.53 33.93
N ARG C 18 -42.44 -52.06 34.08
CA ARG C 18 -41.46 -52.06 33.01
C ARG C 18 -41.30 -53.47 32.42
N ALA C 19 -41.00 -53.52 31.12
CA ALA C 19 -40.88 -54.77 30.39
C ALA C 19 -39.61 -54.76 29.53
N THR C 20 -38.83 -55.85 29.62
CA THR C 20 -37.62 -56.00 28.84
C THR C 20 -37.66 -57.31 28.05
N LEU C 21 -38.01 -57.20 26.77
CA LEU C 21 -38.10 -58.34 25.87
C LEU C 21 -36.73 -58.57 25.23
N SER C 22 -36.41 -59.84 24.95
CA SER C 22 -35.11 -60.18 24.41
C SER C 22 -35.23 -60.92 23.07
N CYS C 23 -34.22 -60.75 22.22
CA CYS C 23 -34.11 -61.41 20.93
C CYS C 23 -32.66 -61.82 20.71
N ARG C 24 -32.44 -63.11 20.43
CA ARG C 24 -31.10 -63.67 20.34
C ARG C 24 -30.88 -64.29 18.96
N ALA C 25 -29.76 -63.89 18.32
CA ALA C 25 -29.37 -64.41 17.02
C ALA C 25 -28.43 -65.59 17.20
N SER C 26 -28.47 -66.52 16.24
CA SER C 26 -27.61 -67.70 16.23
C SER C 26 -26.17 -67.29 15.91
N GLN C 27 -26.03 -66.38 14.95
CA GLN C 27 -24.76 -65.77 14.59
C GLN C 27 -24.70 -64.37 15.20
N THR C 28 -23.79 -63.54 14.70
CA THR C 28 -23.77 -62.13 15.05
C THR C 28 -24.49 -61.33 13.96
N VAL C 29 -25.24 -60.31 14.40
CA VAL C 29 -25.88 -59.37 13.49
C VAL C 29 -25.46 -57.96 13.86
N SER C 30 -25.27 -57.12 12.84
CA SER C 30 -24.85 -55.75 13.03
C SER C 30 -26.00 -54.91 13.59
N SER C 31 -25.65 -53.79 14.21
CA SER C 31 -26.63 -52.86 14.78
C SER C 31 -27.51 -52.29 13.67
N THR C 32 -26.96 -52.26 12.45
CA THR C 32 -27.62 -51.63 11.31
C THR C 32 -28.87 -52.40 10.91
N SER C 33 -28.77 -53.74 10.93
CA SER C 33 -29.74 -54.58 10.24
C SER C 33 -30.59 -55.39 11.22
N LEU C 34 -31.11 -54.72 12.26
CA LEU C 34 -32.06 -55.36 13.15
C LEU C 34 -33.22 -54.40 13.45
N ALA C 35 -34.42 -54.97 13.55
CA ALA C 35 -35.65 -54.21 13.73
C ALA C 35 -36.52 -54.85 14.81
N TRP C 36 -37.59 -54.13 15.19
CA TRP C 36 -38.57 -54.58 16.17
C TRP C 36 -39.96 -54.19 15.69
N TYR C 37 -40.96 -55.01 16.04
CA TYR C 37 -42.33 -54.82 15.58
C TYR C 37 -43.30 -55.06 16.73
N GLN C 38 -44.53 -54.55 16.56
CA GLN C 38 -45.64 -54.84 17.46
C GLN C 38 -46.86 -55.21 16.64
N GLN C 39 -47.50 -56.33 17.02
CA GLN C 39 -48.75 -56.75 16.40
C GLN C 39 -49.84 -56.81 17.46
N LYS C 40 -50.69 -55.78 17.47
CA LYS C 40 -51.84 -55.70 18.36
C LYS C 40 -52.92 -56.66 17.87
N PRO C 41 -53.80 -57.17 18.76
CA PRO C 41 -54.78 -58.19 18.38
C PRO C 41 -55.60 -57.83 17.14
N GLY C 42 -55.60 -58.74 16.16
CA GLY C 42 -56.42 -58.63 14.97
C GLY C 42 -55.96 -57.52 14.02
N GLN C 43 -54.79 -56.93 14.32
CA GLN C 43 -54.25 -55.84 13.53
C GLN C 43 -53.11 -56.34 12.64
N ALA C 44 -52.55 -55.43 11.85
CA ALA C 44 -51.31 -55.65 11.13
C ALA C 44 -50.14 -55.25 12.03
N PRO C 45 -48.94 -55.85 11.87
CA PRO C 45 -47.77 -55.46 12.66
C PRO C 45 -47.21 -54.12 12.19
N ARG C 46 -46.83 -53.26 13.14
CA ARG C 46 -46.21 -51.98 12.84
C ARG C 46 -44.77 -51.99 13.34
N LEU C 47 -43.93 -51.17 12.70
CA LEU C 47 -42.53 -51.05 13.06
C LEU C 47 -42.39 -50.18 14.30
N LEU C 48 -41.63 -50.66 15.28
CA LEU C 48 -41.35 -49.93 16.50
C LEU C 48 -39.96 -49.31 16.42
N ILE C 49 -38.95 -50.16 16.20
CA ILE C 49 -37.55 -49.76 16.27
C ILE C 49 -36.80 -50.39 15.10
N TYR C 50 -35.93 -49.59 14.48
CA TYR C 50 -35.00 -50.04 13.45
C TYR C 50 -33.59 -49.67 13.87
N GLY C 51 -32.60 -50.19 13.14
CA GLY C 51 -31.19 -49.95 13.45
C GLY C 51 -30.88 -50.29 14.91
N ALA C 52 -31.65 -51.23 15.47
CA ALA C 52 -31.49 -51.76 16.80
C ALA C 52 -31.84 -50.74 17.88
N SER C 53 -31.77 -49.44 17.54
CA SER C 53 -31.85 -48.40 18.54
C SER C 53 -32.83 -47.29 18.13
N SER C 54 -32.96 -47.05 16.82
CA SER C 54 -33.74 -45.94 16.30
C SER C 54 -35.23 -46.30 16.24
N ARG C 55 -36.05 -45.51 16.93
CA ARG C 55 -37.49 -45.73 16.97
C ARG C 55 -38.14 -45.15 15.71
N ALA C 56 -39.27 -45.74 15.31
CA ALA C 56 -40.00 -45.33 14.12
C ALA C 56 -40.74 -44.02 14.38
N THR C 57 -41.30 -43.46 13.31
CA THR C 57 -41.80 -42.09 13.28
C THR C 57 -42.76 -41.83 14.44
N GLY C 58 -43.94 -42.46 14.39
CA GLY C 58 -45.00 -42.20 15.35
C GLY C 58 -45.04 -43.23 16.48
N ILE C 59 -43.91 -43.38 17.18
CA ILE C 59 -43.77 -44.35 18.24
C ILE C 59 -43.49 -43.62 19.55
N PRO C 60 -44.28 -43.87 20.63
CA PRO C 60 -44.11 -43.17 21.90
C PRO C 60 -42.73 -43.34 22.54
N ASP C 61 -42.48 -42.54 23.59
CA ASP C 61 -41.20 -42.48 24.29
C ASP C 61 -41.02 -43.72 25.17
N ARG C 62 -42.10 -44.51 25.32
CA ARG C 62 -42.13 -45.65 26.23
C ARG C 62 -41.14 -46.72 25.78
N PHE C 63 -40.84 -46.75 24.48
CA PHE C 63 -40.04 -47.80 23.87
C PHE C 63 -38.59 -47.36 23.73
N SER C 64 -37.68 -48.34 23.77
CA SER C 64 -36.25 -48.13 23.62
C SER C 64 -35.57 -49.44 23.21
N GLY C 65 -34.86 -49.40 22.08
CA GLY C 65 -34.16 -50.56 21.57
C GLY C 65 -32.66 -50.49 21.85
N SER C 66 -32.11 -51.59 22.36
CA SER C 66 -30.69 -51.70 22.67
C SER C 66 -30.23 -53.15 22.56
N GLY C 67 -28.93 -53.33 22.31
CA GLY C 67 -28.35 -54.66 22.16
C GLY C 67 -27.23 -54.67 21.11
N SER C 68 -26.33 -55.65 21.23
CA SER C 68 -25.17 -55.73 20.37
C SER C 68 -24.86 -57.19 20.02
N GLY C 69 -24.43 -57.41 18.77
CA GLY C 69 -23.89 -58.68 18.33
C GLY C 69 -24.95 -59.77 18.21
N THR C 70 -25.20 -60.45 19.33
CA THR C 70 -26.07 -61.63 19.36
C THR C 70 -27.31 -61.35 20.21
N ASP C 71 -27.14 -60.57 21.28
CA ASP C 71 -28.18 -60.32 22.26
C ASP C 71 -28.76 -58.93 22.06
N PHE C 72 -30.10 -58.85 21.97
CA PHE C 72 -30.81 -57.60 21.77
C PHE C 72 -32.02 -57.55 22.69
N THR C 73 -32.38 -56.33 23.12
CA THR C 73 -33.48 -56.12 24.05
C THR C 73 -34.36 -54.95 23.59
N LEU C 74 -35.68 -55.15 23.69
CA LEU C 74 -36.65 -54.08 23.56
C LEU C 74 -37.21 -53.77 24.95
N THR C 75 -37.27 -52.48 25.29
CA THR C 75 -37.64 -52.06 26.63
C THR C 75 -38.87 -51.15 26.58
N ILE C 76 -39.91 -51.54 27.32
CA ILE C 76 -41.10 -50.73 27.52
C ILE C 76 -41.07 -50.21 28.96
N SER C 77 -40.72 -48.93 29.11
CA SER C 77 -40.47 -48.31 30.41
C SER C 77 -41.70 -48.37 31.29
N ARG C 78 -42.85 -48.01 30.72
CA ARG C 78 -44.13 -48.03 31.42
C ARG C 78 -45.16 -48.72 30.55
N LEU C 79 -45.67 -49.86 31.02
CA LEU C 79 -46.62 -50.66 30.27
C LEU C 79 -48.01 -50.04 30.35
N GLU C 80 -48.55 -49.66 29.19
CA GLU C 80 -49.92 -49.19 29.05
C GLU C 80 -50.78 -50.37 28.59
N PRO C 81 -52.11 -50.35 28.83
CA PRO C 81 -52.99 -51.43 28.37
C PRO C 81 -53.03 -51.59 26.85
N GLU C 82 -52.34 -50.68 26.14
CA GLU C 82 -52.24 -50.71 24.69
C GLU C 82 -51.06 -51.57 24.27
N ASP C 83 -50.11 -51.75 25.20
CA ASP C 83 -48.82 -52.34 24.88
C ASP C 83 -48.86 -53.86 25.00
N PHE C 84 -49.90 -54.38 25.65
CA PHE C 84 -50.04 -55.82 25.84
C PHE C 84 -50.41 -56.50 24.53
N ALA C 85 -49.38 -56.90 23.77
CA ALA C 85 -49.54 -57.53 22.47
C ALA C 85 -48.33 -58.41 22.18
N VAL C 86 -48.22 -58.85 20.91
CA VAL C 86 -47.13 -59.69 20.44
C VAL C 86 -46.07 -58.80 19.78
N TYR C 87 -44.80 -59.13 20.00
CA TYR C 87 -43.68 -58.36 19.50
C TYR C 87 -42.71 -59.27 18.74
N TYR C 88 -42.28 -58.81 17.56
CA TYR C 88 -41.39 -59.58 16.70
C TYR C 88 -40.11 -58.80 16.45
N CYS C 89 -38.97 -59.49 16.62
CA CYS C 89 -37.67 -58.98 16.21
C CYS C 89 -37.34 -59.53 14.83
N GLN C 90 -36.59 -58.76 14.05
CA GLN C 90 -36.33 -59.08 12.65
C GLN C 90 -34.92 -58.63 12.29
N GLN C 91 -34.25 -59.41 11.42
CA GLN C 91 -32.91 -59.07 10.97
C GLN C 91 -32.84 -59.18 9.44
N HIS C 92 -31.88 -58.44 8.86
CA HIS C 92 -31.57 -58.53 7.45
C HIS C 92 -30.06 -58.34 7.25
N ASP C 93 -29.29 -58.84 8.23
CA ASP C 93 -27.84 -58.91 8.14
C ASP C 93 -27.47 -59.95 7.08
N THR C 94 -28.13 -61.11 7.16
CA THR C 94 -28.06 -62.13 6.14
C THR C 94 -29.49 -62.59 5.81
N SER C 95 -29.84 -62.48 4.52
CA SER C 95 -31.20 -62.70 4.05
C SER C 95 -32.18 -61.84 4.86
N LEU C 96 -33.26 -62.46 5.34
CA LEU C 96 -34.22 -61.81 6.21
C LEU C 96 -35.03 -62.88 6.95
N THR C 97 -35.02 -62.78 8.28
CA THR C 97 -35.73 -63.71 9.15
C THR C 97 -36.41 -62.96 10.29
N PHE C 98 -37.51 -63.53 10.77
CA PHE C 98 -38.27 -62.99 11.89
C PHE C 98 -38.09 -63.88 13.12
N GLY C 99 -38.27 -63.29 14.30
CA GLY C 99 -38.32 -64.03 15.54
C GLY C 99 -39.68 -64.71 15.72
N GLY C 100 -39.74 -65.64 16.69
CA GLY C 100 -40.95 -66.40 16.96
C GLY C 100 -42.06 -65.55 17.57
N GLY C 101 -41.68 -64.39 18.12
CA GLY C 101 -42.62 -63.46 18.71
C GLY C 101 -42.72 -63.64 20.23
N THR C 102 -42.96 -62.53 20.93
CA THR C 102 -43.16 -62.54 22.37
C THR C 102 -44.44 -61.77 22.69
N LYS C 103 -45.40 -62.47 23.31
CA LYS C 103 -46.66 -61.86 23.72
C LYS C 103 -46.52 -61.37 25.16
N VAL C 104 -46.86 -60.09 25.39
CA VAL C 104 -46.92 -59.53 26.72
C VAL C 104 -48.35 -59.65 27.22
N GLU C 105 -48.52 -60.43 28.30
CA GLU C 105 -49.83 -60.76 28.86
C GLU C 105 -49.99 -60.00 30.18
N ILE C 106 -51.22 -59.54 30.44
CA ILE C 106 -51.54 -58.83 31.68
C ILE C 106 -51.49 -59.84 32.83
N LYS C 107 -50.71 -59.50 33.87
CA LYS C 107 -50.61 -60.34 35.06
C LYS C 107 -51.75 -59.99 36.01
N ARG C 108 -52.69 -60.94 36.14
CA ARG C 108 -53.82 -60.81 37.04
C ARG C 108 -53.55 -61.64 38.29
N THR C 109 -54.41 -61.48 39.29
CA THR C 109 -54.43 -62.36 40.47
C THR C 109 -55.01 -63.71 40.06
N VAL C 110 -54.71 -64.75 40.85
CA VAL C 110 -55.14 -66.11 40.55
C VAL C 110 -56.65 -66.19 40.64
N ALA C 111 -57.27 -66.65 39.55
CA ALA C 111 -58.72 -66.82 39.47
C ALA C 111 -59.04 -68.23 38.97
N ALA C 112 -59.88 -68.94 39.73
CA ALA C 112 -60.31 -70.29 39.40
C ALA C 112 -61.40 -70.25 38.34
N PRO C 113 -61.41 -71.19 37.37
CA PRO C 113 -62.43 -71.20 36.32
C PRO C 113 -63.79 -71.72 36.78
N SER C 114 -64.84 -71.19 36.17
CA SER C 114 -66.18 -71.76 36.26
C SER C 114 -66.31 -72.86 35.22
N VAL C 115 -66.66 -74.07 35.68
CA VAL C 115 -66.65 -75.25 34.83
C VAL C 115 -68.07 -75.64 34.47
N PHE C 116 -68.33 -75.79 33.16
CA PHE C 116 -69.64 -76.16 32.64
C PHE C 116 -69.48 -77.22 31.56
N ILE C 117 -70.38 -78.22 31.58
CA ILE C 117 -70.42 -79.27 30.57
C ILE C 117 -71.76 -79.19 29.84
N PHE C 118 -71.73 -79.48 28.54
CA PHE C 118 -72.92 -79.39 27.70
C PHE C 118 -73.06 -80.64 26.84
N PRO C 119 -74.16 -81.43 27.01
CA PRO C 119 -74.43 -82.59 26.18
C PRO C 119 -74.77 -82.19 24.74
N PRO C 120 -74.52 -83.07 23.73
CA PRO C 120 -74.86 -82.77 22.34
C PRO C 120 -76.38 -82.73 22.12
N SER C 121 -76.79 -81.99 21.09
CA SER C 121 -78.19 -81.86 20.73
C SER C 121 -78.64 -83.08 19.93
N ASP C 122 -79.96 -83.34 19.96
CA ASP C 122 -80.55 -84.48 19.27
C ASP C 122 -80.46 -84.27 17.76
N GLU C 123 -80.36 -83.01 17.35
CA GLU C 123 -80.27 -82.63 15.94
C GLU C 123 -78.94 -83.11 15.37
N GLN C 124 -77.87 -82.98 16.16
CA GLN C 124 -76.54 -83.39 15.76
C GLN C 124 -76.47 -84.92 15.76
N LEU C 125 -77.16 -85.54 16.72
CA LEU C 125 -77.21 -86.98 16.86
C LEU C 125 -77.94 -87.60 15.68
N LYS C 126 -78.95 -86.89 15.17
CA LYS C 126 -79.71 -87.32 14.01
C LYS C 126 -78.86 -87.19 12.74
N SER C 127 -77.82 -86.35 12.82
CA SER C 127 -76.90 -86.13 11.71
C SER C 127 -75.89 -87.28 11.62
N GLY C 128 -75.37 -87.70 12.78
CA GLY C 128 -74.51 -88.87 12.84
C GLY C 128 -73.27 -88.66 13.72
N THR C 129 -73.16 -87.47 14.33
CA THR C 129 -72.05 -87.14 15.19
C THR C 129 -72.58 -86.59 16.52
N ALA C 130 -71.69 -86.51 17.52
CA ALA C 130 -72.03 -85.99 18.84
C ALA C 130 -70.83 -85.25 19.42
N SER C 131 -70.99 -83.92 19.54
CA SER C 131 -69.97 -83.08 20.17
C SER C 131 -70.42 -82.71 21.57
N VAL C 132 -69.65 -83.17 22.56
CA VAL C 132 -69.85 -82.76 23.95
C VAL C 132 -68.76 -81.76 24.31
N VAL C 133 -69.19 -80.61 24.86
CA VAL C 133 -68.28 -79.50 25.08
C VAL C 133 -68.18 -79.21 26.58
N CYS C 134 -66.96 -78.89 27.02
CA CYS C 134 -66.68 -78.44 28.37
C CYS C 134 -66.18 -77.00 28.31
N LEU C 135 -66.52 -76.22 29.34
CA LEU C 135 -66.22 -74.80 29.35
C LEU C 135 -65.53 -74.40 30.65
N LEU C 136 -64.36 -73.77 30.50
CA LEU C 136 -63.66 -73.10 31.58
C LEU C 136 -63.88 -71.60 31.41
N ASN C 137 -64.38 -70.94 32.46
CA ASN C 137 -64.85 -69.57 32.33
C ASN C 137 -64.18 -68.67 33.36
N ASN C 138 -63.52 -67.61 32.87
CA ASN C 138 -62.99 -66.51 33.65
C ASN C 138 -61.93 -67.01 34.63
N PHE C 139 -60.75 -67.34 34.10
CA PHE C 139 -59.67 -67.88 34.91
C PHE C 139 -58.33 -67.27 34.53
N TYR C 140 -57.40 -67.32 35.50
CA TYR C 140 -56.00 -66.95 35.33
C TYR C 140 -55.18 -67.72 36.36
N PRO C 141 -54.02 -68.32 35.99
CA PRO C 141 -53.41 -68.15 34.67
C PRO C 141 -54.01 -69.02 33.56
N ARG C 142 -53.56 -68.77 32.34
CA ARG C 142 -54.04 -69.43 31.13
C ARG C 142 -53.74 -70.93 31.19
N GLU C 143 -52.68 -71.28 31.93
CA GLU C 143 -52.22 -72.65 32.03
C GLU C 143 -53.22 -73.49 32.81
N ALA C 144 -53.91 -74.39 32.10
CA ALA C 144 -54.89 -75.30 32.69
C ALA C 144 -54.90 -76.60 31.90
N LYS C 145 -55.26 -77.69 32.58
CA LYS C 145 -55.30 -79.01 31.97
C LYS C 145 -56.68 -79.62 32.12
N VAL C 146 -57.21 -80.13 30.99
CA VAL C 146 -58.56 -80.64 30.90
C VAL C 146 -58.51 -82.00 30.22
N GLN C 147 -59.13 -83.01 30.86
CA GLN C 147 -59.17 -84.35 30.30
C GLN C 147 -60.61 -84.88 30.31
N TRP C 148 -60.96 -85.59 29.23
CA TRP C 148 -62.27 -86.21 29.07
C TRP C 148 -62.22 -87.64 29.61
N LYS C 149 -63.28 -88.01 30.34
CA LYS C 149 -63.42 -89.36 30.89
C LYS C 149 -64.80 -89.90 30.54
N VAL C 150 -64.83 -90.92 29.68
CA VAL C 150 -66.07 -91.52 29.20
C VAL C 150 -66.14 -92.95 29.73
N ASP C 151 -67.02 -93.15 30.72
CA ASP C 151 -67.13 -94.40 31.47
C ASP C 151 -65.78 -94.73 32.12
N ASN C 152 -65.09 -93.67 32.58
CA ASN C 152 -63.82 -93.75 33.29
C ASN C 152 -62.65 -93.84 32.30
N ALA C 153 -62.94 -94.24 31.06
CA ALA C 153 -61.93 -94.32 30.01
C ALA C 153 -61.51 -92.92 29.59
N LEU C 154 -60.20 -92.64 29.70
CA LEU C 154 -59.63 -91.35 29.34
C LEU C 154 -59.60 -91.23 27.82
N GLN C 155 -60.11 -90.09 27.31
CA GLN C 155 -60.26 -89.88 25.88
C GLN C 155 -59.19 -88.91 25.41
N SER C 156 -58.46 -89.31 24.36
CA SER C 156 -57.44 -88.47 23.73
C SER C 156 -57.37 -88.78 22.24
N GLY C 157 -57.18 -87.72 21.43
CA GLY C 157 -57.15 -87.83 19.98
C GLY C 157 -58.45 -87.31 19.36
N ASN C 158 -59.54 -87.43 20.11
CA ASN C 158 -60.86 -86.97 19.68
C ASN C 158 -61.19 -85.66 20.40
N SER C 159 -60.17 -85.05 21.02
CA SER C 159 -60.33 -83.82 21.77
C SER C 159 -59.78 -82.64 20.96
N GLN C 160 -60.52 -81.53 20.97
CA GLN C 160 -60.10 -80.29 20.35
C GLN C 160 -60.38 -79.13 21.30
N GLU C 161 -59.36 -78.30 21.55
CA GLU C 161 -59.46 -77.22 22.51
C GLU C 161 -59.26 -75.88 21.81
N SER C 162 -59.88 -74.83 22.38
CA SER C 162 -59.78 -73.47 21.86
C SER C 162 -59.85 -72.47 23.01
N VAL C 163 -58.94 -71.50 22.99
CA VAL C 163 -58.84 -70.50 24.04
C VAL C 163 -59.01 -69.11 23.43
N THR C 164 -59.73 -68.25 24.16
CA THR C 164 -60.00 -66.88 23.74
C THR C 164 -58.78 -66.01 24.01
N GLU C 165 -58.77 -64.82 23.39
CA GLU C 165 -57.85 -63.75 23.74
C GLU C 165 -58.24 -63.24 25.13
N GLN C 166 -57.23 -62.77 25.88
CA GLN C 166 -57.41 -62.30 27.25
C GLN C 166 -58.50 -61.23 27.29
N ASP C 167 -59.33 -61.30 28.34
CA ASP C 167 -60.43 -60.37 28.53
C ASP C 167 -59.87 -58.98 28.85
N SER C 168 -60.63 -57.94 28.49
CA SER C 168 -60.21 -56.57 28.71
C SER C 168 -60.61 -56.08 30.10
N LYS C 169 -61.76 -56.58 30.58
CA LYS C 169 -62.32 -56.14 31.86
C LYS C 169 -61.56 -56.80 33.00
N ASP C 170 -61.80 -58.10 33.21
CA ASP C 170 -61.30 -58.81 34.37
C ASP C 170 -59.90 -59.39 34.09
N SER C 171 -59.51 -59.37 32.81
CA SER C 171 -58.20 -59.86 32.38
C SER C 171 -58.06 -61.35 32.66
N THR C 172 -59.07 -62.12 32.21
CA THR C 172 -59.08 -63.57 32.39
C THR C 172 -59.21 -64.25 31.03
N TYR C 173 -59.11 -65.59 31.06
CA TYR C 173 -59.21 -66.41 29.87
C TYR C 173 -60.47 -67.27 29.94
N SER C 174 -60.83 -67.88 28.80
CA SER C 174 -61.89 -68.87 28.72
C SER C 174 -61.48 -69.97 27.74
N LEU C 175 -61.70 -71.22 28.16
CA LEU C 175 -61.32 -72.38 27.37
C LEU C 175 -62.57 -73.19 27.02
N SER C 176 -62.56 -73.78 25.82
CA SER C 176 -63.60 -74.68 25.38
C SER C 176 -62.99 -75.98 24.87
N SER C 177 -63.18 -77.06 25.65
CA SER C 177 -62.76 -78.39 25.28
C SER C 177 -63.90 -79.10 24.57
N THR C 178 -63.65 -79.57 23.34
CA THR C 178 -64.68 -80.15 22.50
C THR C 178 -64.31 -81.59 22.15
N LEU C 179 -65.14 -82.53 22.64
CA LEU C 179 -64.96 -83.94 22.37
C LEU C 179 -65.92 -84.37 21.26
N THR C 180 -65.34 -84.72 20.10
CA THR C 180 -66.10 -85.11 18.93
C THR C 180 -66.16 -86.64 18.85
N LEU C 181 -67.38 -87.16 18.68
CA LEU C 181 -67.63 -88.59 18.62
C LEU C 181 -68.70 -88.88 17.58
N SER C 182 -68.72 -90.12 17.07
CA SER C 182 -69.83 -90.61 16.26
C SER C 182 -70.96 -91.03 17.19
N LYS C 183 -72.20 -90.99 16.69
CA LYS C 183 -73.37 -91.31 17.49
C LYS C 183 -73.34 -92.78 17.90
N ALA C 184 -72.63 -93.59 17.11
CA ALA C 184 -72.43 -95.00 17.39
C ALA C 184 -71.51 -95.15 18.60
N ASP C 185 -70.49 -94.30 18.68
CA ASP C 185 -69.53 -94.31 19.77
C ASP C 185 -70.13 -93.64 21.00
N TYR C 186 -71.03 -92.67 20.76
CA TYR C 186 -71.61 -91.86 21.83
C TYR C 186 -72.62 -92.70 22.62
N GLU C 187 -73.48 -93.44 21.90
CA GLU C 187 -74.61 -94.10 22.52
C GLU C 187 -74.22 -95.49 23.02
N LYS C 188 -72.91 -95.77 23.04
CA LYS C 188 -72.38 -97.02 23.54
C LYS C 188 -71.96 -96.85 25.00
N HIS C 189 -71.74 -95.59 25.40
CA HIS C 189 -71.27 -95.26 26.74
C HIS C 189 -72.34 -94.48 27.49
N LYS C 190 -72.13 -94.30 28.81
CA LYS C 190 -73.16 -93.75 29.68
C LYS C 190 -72.71 -92.41 30.25
N VAL C 191 -71.67 -92.45 31.10
CA VAL C 191 -71.25 -91.30 31.88
C VAL C 191 -70.19 -90.51 31.11
N TYR C 192 -70.40 -89.19 31.03
CA TYR C 192 -69.51 -88.29 30.30
C TYR C 192 -69.01 -87.20 31.24
N ALA C 193 -67.71 -87.24 31.53
CA ALA C 193 -67.10 -86.36 32.53
C ALA C 193 -66.04 -85.48 31.88
N CYS C 194 -65.95 -84.24 32.39
CA CYS C 194 -64.88 -83.32 32.05
C CYS C 194 -64.19 -82.90 33.36
N GLU C 195 -62.89 -83.21 33.45
CA GLU C 195 -62.13 -82.93 34.66
C GLU C 195 -61.16 -81.79 34.39
N VAL C 196 -61.15 -80.82 35.30
CA VAL C 196 -60.35 -79.61 35.15
C VAL C 196 -59.38 -79.51 36.33
N THR C 197 -58.09 -79.38 36.00
CA THR C 197 -57.06 -79.11 36.98
C THR C 197 -56.48 -77.71 36.72
N HIS C 198 -56.52 -76.86 37.76
CA HIS C 198 -56.07 -75.49 37.65
C HIS C 198 -55.43 -75.03 38.95
N GLN C 199 -54.57 -74.02 38.85
CA GLN C 199 -53.81 -73.48 39.96
C GLN C 199 -54.75 -72.93 41.04
N GLY C 200 -55.89 -72.39 40.61
CA GLY C 200 -56.87 -71.79 41.50
C GLY C 200 -57.74 -72.82 42.21
N LEU C 201 -57.71 -74.06 41.71
CA LEU C 201 -58.50 -75.15 42.27
C LEU C 201 -57.71 -75.86 43.36
N SER C 202 -58.35 -76.05 44.52
CA SER C 202 -57.77 -76.81 45.62
C SER C 202 -57.73 -78.29 45.27
N SER C 203 -58.73 -78.73 44.49
CA SER C 203 -58.80 -80.08 43.97
C SER C 203 -59.47 -80.06 42.60
N PRO C 204 -59.09 -80.98 41.67
CA PRO C 204 -59.70 -81.03 40.34
C PRO C 204 -61.23 -81.01 40.39
N VAL C 205 -61.83 -80.22 39.51
CA VAL C 205 -63.27 -80.08 39.44
C VAL C 205 -63.80 -80.90 38.27
N THR C 206 -64.75 -81.79 38.57
CA THR C 206 -65.37 -82.63 37.57
C THR C 206 -66.84 -82.22 37.40
N LYS C 207 -67.24 -82.03 36.15
CA LYS C 207 -68.64 -81.81 35.80
C LYS C 207 -69.06 -82.90 34.81
N SER C 208 -70.04 -83.72 35.21
CA SER C 208 -70.41 -84.90 34.44
C SER C 208 -71.92 -84.97 34.24
N PHE C 209 -72.34 -85.82 33.31
CA PHE C 209 -73.75 -86.12 33.07
C PHE C 209 -73.89 -87.56 32.60
N ASN C 210 -75.02 -88.19 32.96
CA ASN C 210 -75.40 -89.48 32.41
C ASN C 210 -76.21 -89.26 31.15
N ARG C 211 -75.97 -90.08 30.13
CA ARG C 211 -76.58 -89.93 28.82
C ARG C 211 -78.09 -90.12 28.93
N GLY C 212 -78.83 -89.08 28.54
CA GLY C 212 -80.29 -89.12 28.46
C GLY C 212 -80.95 -89.01 29.83
N GLU C 213 -80.36 -88.19 30.72
CA GLU C 213 -80.89 -87.98 32.06
C GLU C 213 -80.85 -86.47 32.38
N GLN D 1 -50.92 -40.10 5.28
CA GLN D 1 -51.61 -40.42 4.00
C GLN D 1 -50.92 -41.61 3.32
N VAL D 2 -49.84 -42.09 3.96
CA VAL D 2 -49.12 -43.26 3.49
C VAL D 2 -50.00 -44.49 3.75
N GLN D 3 -50.49 -45.10 2.67
CA GLN D 3 -51.48 -46.17 2.76
C GLN D 3 -51.10 -47.31 1.83
N LEU D 4 -51.26 -48.53 2.33
CA LEU D 4 -51.15 -49.74 1.53
C LEU D 4 -52.47 -50.49 1.59
N VAL D 5 -53.14 -50.58 0.44
CA VAL D 5 -54.43 -51.23 0.31
C VAL D 5 -54.25 -52.50 -0.53
N GLN D 6 -54.70 -53.63 0.03
CA GLN D 6 -54.49 -54.92 -0.59
C GLN D 6 -55.78 -55.40 -1.25
N SER D 7 -55.68 -56.52 -2.00
CA SER D 7 -56.70 -56.96 -2.95
C SER D 7 -57.98 -57.39 -2.24
N GLY D 8 -57.84 -58.09 -1.11
CA GLY D 8 -58.97 -58.69 -0.42
C GLY D 8 -58.83 -60.20 -0.33
N ALA D 9 -59.74 -60.83 0.42
CA ALA D 9 -59.68 -62.26 0.73
C ALA D 9 -59.93 -63.07 -0.55
N GLU D 10 -59.29 -64.26 -0.60
CA GLU D 10 -59.49 -65.21 -1.69
C GLU D 10 -59.29 -66.62 -1.15
N VAL D 11 -60.04 -67.58 -1.72
CA VAL D 11 -60.01 -68.97 -1.31
C VAL D 11 -59.85 -69.86 -2.54
N LYS D 12 -58.95 -70.85 -2.45
CA LYS D 12 -58.63 -71.71 -3.58
C LYS D 12 -58.38 -73.14 -3.11
N LYS D 13 -58.26 -74.06 -4.08
CA LYS D 13 -57.99 -75.47 -3.84
C LYS D 13 -56.49 -75.72 -3.99
N PRO D 14 -55.93 -76.80 -3.38
CA PRO D 14 -54.53 -77.16 -3.55
C PRO D 14 -54.17 -77.35 -5.03
N GLY D 15 -53.02 -76.78 -5.42
CA GLY D 15 -52.51 -76.88 -6.78
C GLY D 15 -52.79 -75.64 -7.62
N ALA D 16 -53.68 -74.77 -7.10
CA ALA D 16 -54.08 -73.56 -7.81
C ALA D 16 -53.07 -72.44 -7.57
N SER D 17 -53.36 -71.26 -8.14
CA SER D 17 -52.48 -70.10 -8.06
C SER D 17 -53.25 -68.89 -7.54
N VAL D 18 -52.63 -68.17 -6.59
CA VAL D 18 -53.20 -66.97 -6.00
C VAL D 18 -52.30 -65.78 -6.34
N LYS D 19 -52.93 -64.63 -6.61
CA LYS D 19 -52.24 -63.42 -7.03
C LYS D 19 -52.85 -62.22 -6.30
N VAL D 20 -52.26 -61.85 -5.16
CA VAL D 20 -52.76 -60.76 -4.34
C VAL D 20 -52.10 -59.45 -4.77
N SER D 21 -52.86 -58.35 -4.70
CA SER D 21 -52.41 -57.04 -5.11
C SER D 21 -52.19 -56.14 -3.90
N CYS D 22 -51.47 -55.02 -4.12
CA CYS D 22 -51.08 -54.10 -3.06
C CYS D 22 -50.91 -52.70 -3.66
N LYS D 23 -51.87 -51.83 -3.35
CA LYS D 23 -51.88 -50.46 -3.84
C LYS D 23 -51.12 -49.55 -2.88
N ALA D 24 -50.13 -48.83 -3.43
CA ALA D 24 -49.31 -47.92 -2.65
C ALA D 24 -49.71 -46.48 -2.95
N SER D 25 -50.03 -45.74 -1.88
CA SER D 25 -50.46 -44.35 -2.00
C SER D 25 -49.95 -43.54 -0.82
N GLY D 26 -49.29 -42.42 -1.11
CA GLY D 26 -48.86 -41.47 -0.10
C GLY D 26 -47.35 -41.20 -0.12
N TYR D 27 -46.64 -41.85 -1.05
CA TYR D 27 -45.20 -41.75 -1.14
C TYR D 27 -44.75 -42.00 -2.58
N PRO D 28 -43.59 -41.44 -3.01
CA PRO D 28 -43.01 -41.76 -4.32
C PRO D 28 -42.72 -43.25 -4.45
N PHE D 29 -43.43 -43.91 -5.37
CA PHE D 29 -43.52 -45.37 -5.44
C PHE D 29 -42.15 -45.99 -5.67
N THR D 30 -41.37 -45.43 -6.60
CA THR D 30 -40.17 -46.08 -7.10
C THR D 30 -38.98 -45.87 -6.15
N SER D 31 -39.17 -45.09 -5.08
CA SER D 31 -38.12 -44.82 -4.13
C SER D 31 -37.96 -46.00 -3.15
N TYR D 32 -39.07 -46.42 -2.56
CA TYR D 32 -39.09 -47.54 -1.62
C TYR D 32 -39.45 -48.82 -2.36
N GLY D 33 -38.94 -49.96 -1.86
CA GLY D 33 -39.30 -51.27 -2.37
C GLY D 33 -40.52 -51.84 -1.64
N ILE D 34 -40.91 -53.07 -2.01
CA ILE D 34 -42.06 -53.73 -1.40
C ILE D 34 -41.63 -55.11 -0.91
N SER D 35 -42.05 -55.44 0.32
CA SER D 35 -41.81 -56.74 0.92
C SER D 35 -43.13 -57.44 1.21
N TRP D 36 -43.14 -58.77 1.07
CA TRP D 36 -44.31 -59.58 1.36
C TRP D 36 -44.03 -60.52 2.53
N VAL D 37 -44.93 -60.52 3.52
CA VAL D 37 -44.81 -61.34 4.71
C VAL D 37 -46.16 -61.99 4.98
N ARG D 38 -46.16 -63.32 5.18
CA ARG D 38 -47.37 -64.06 5.48
C ARG D 38 -47.38 -64.50 6.94
N GLN D 39 -48.58 -64.80 7.44
CA GLN D 39 -48.77 -65.22 8.82
C GLN D 39 -49.87 -66.28 8.89
N ALA D 40 -49.48 -67.51 9.21
CA ALA D 40 -50.41 -68.63 9.38
C ALA D 40 -51.22 -68.43 10.66
N PRO D 41 -52.48 -68.90 10.72
CA PRO D 41 -53.35 -68.64 11.88
C PRO D 41 -52.71 -68.93 13.23
N GLY D 42 -52.61 -67.87 14.05
CA GLY D 42 -52.15 -67.97 15.43
C GLY D 42 -50.66 -68.29 15.55
N GLN D 43 -49.89 -67.90 14.53
CA GLN D 43 -48.46 -68.19 14.50
C GLN D 43 -47.68 -66.90 14.20
N GLY D 44 -46.36 -67.05 13.99
CA GLY D 44 -45.47 -65.94 13.78
C GLY D 44 -45.45 -65.48 12.32
N LEU D 45 -44.62 -64.46 12.04
CA LEU D 45 -44.51 -63.86 10.73
C LEU D 45 -43.45 -64.61 9.92
N GLU D 46 -43.73 -64.76 8.61
CA GLU D 46 -42.85 -65.47 7.70
C GLU D 46 -42.61 -64.61 6.46
N TRP D 47 -41.36 -64.16 6.29
CA TRP D 47 -40.95 -63.32 5.18
C TRP D 47 -40.92 -64.15 3.89
N MET D 48 -41.45 -63.58 2.81
CA MET D 48 -41.60 -64.28 1.55
C MET D 48 -40.54 -63.84 0.55
N GLY D 49 -40.47 -62.53 0.29
CA GLY D 49 -39.53 -62.01 -0.69
C GLY D 49 -39.54 -60.48 -0.77
N TRP D 50 -38.78 -59.96 -1.74
CA TRP D 50 -38.55 -58.54 -1.92
C TRP D 50 -38.57 -58.20 -3.41
N ILE D 51 -39.25 -57.09 -3.75
CA ILE D 51 -39.37 -56.65 -5.13
C ILE D 51 -38.99 -55.16 -5.22
N SER D 52 -38.12 -54.85 -6.19
CA SER D 52 -37.74 -53.48 -6.49
C SER D 52 -38.83 -52.80 -7.31
N THR D 53 -39.28 -51.63 -6.84
CA THR D 53 -40.31 -50.85 -7.50
C THR D 53 -39.71 -50.09 -8.68
N TYR D 54 -38.37 -49.99 -8.69
CA TYR D 54 -37.65 -49.20 -9.68
C TYR D 54 -37.39 -50.03 -10.94
N ASN D 55 -36.63 -51.12 -10.79
CA ASN D 55 -36.21 -51.94 -11.92
C ASN D 55 -37.07 -53.20 -12.00
N GLY D 56 -37.16 -53.91 -10.88
CA GLY D 56 -37.97 -55.12 -10.80
C GLY D 56 -37.16 -56.33 -10.31
N ASN D 57 -36.02 -56.05 -9.65
CA ASN D 57 -35.16 -57.07 -9.09
C ASN D 57 -35.88 -57.76 -7.92
N THR D 58 -35.56 -59.04 -7.72
CA THR D 58 -36.24 -59.85 -6.73
C THR D 58 -35.24 -60.78 -6.03
N ASN D 59 -35.45 -60.97 -4.72
CA ASN D 59 -34.84 -62.04 -3.97
C ASN D 59 -35.86 -62.58 -2.97
N TYR D 60 -36.10 -63.90 -3.03
CA TYR D 60 -37.13 -64.54 -2.25
C TYR D 60 -36.50 -65.39 -1.13
N ALA D 61 -37.35 -65.87 -0.22
CA ALA D 61 -36.97 -66.88 0.75
C ALA D 61 -36.81 -68.21 0.04
N GLN D 62 -36.03 -69.12 0.65
CA GLN D 62 -35.68 -70.40 0.07
C GLN D 62 -36.94 -71.22 -0.19
N LYS D 63 -37.92 -71.11 0.71
CA LYS D 63 -39.13 -71.92 0.70
C LYS D 63 -39.96 -71.63 -0.56
N PHE D 64 -39.77 -70.43 -1.14
CA PHE D 64 -40.64 -69.96 -2.20
C PHE D 64 -39.85 -69.77 -3.50
N GLN D 65 -38.65 -70.37 -3.56
CA GLN D 65 -37.78 -70.25 -4.72
C GLN D 65 -38.28 -71.17 -5.83
N GLY D 66 -38.95 -70.57 -6.84
CA GLY D 66 -39.48 -71.30 -7.97
C GLY D 66 -41.00 -71.41 -7.94
N ARG D 67 -41.61 -70.89 -6.87
CA ARG D 67 -43.05 -70.94 -6.67
C ARG D 67 -43.63 -69.53 -6.80
N VAL D 68 -42.91 -68.55 -6.27
CA VAL D 68 -43.39 -67.17 -6.17
C VAL D 68 -42.73 -66.33 -7.26
N THR D 69 -43.56 -65.50 -7.93
CA THR D 69 -43.09 -64.48 -8.84
C THR D 69 -43.73 -63.15 -8.48
N MET D 70 -42.89 -62.19 -8.08
CA MET D 70 -43.36 -60.87 -7.68
C MET D 70 -43.17 -59.88 -8.83
N THR D 71 -44.02 -58.86 -8.86
CA THR D 71 -43.98 -57.83 -9.89
C THR D 71 -44.63 -56.55 -9.35
N THR D 72 -44.29 -55.42 -9.97
CA THR D 72 -44.90 -54.13 -9.66
C THR D 72 -45.25 -53.40 -10.94
N ASP D 73 -46.22 -52.47 -10.84
CA ASP D 73 -46.55 -51.57 -11.92
C ASP D 73 -46.45 -50.14 -11.40
N THR D 74 -45.52 -49.38 -11.99
CA THR D 74 -45.24 -48.01 -11.59
C THR D 74 -46.41 -47.10 -11.98
N SER D 75 -47.11 -47.49 -13.04
CA SER D 75 -48.26 -46.73 -13.55
C SER D 75 -49.43 -46.82 -12.58
N THR D 76 -49.71 -48.05 -12.11
CA THR D 76 -50.85 -48.33 -11.26
C THR D 76 -50.51 -48.06 -9.80
N THR D 77 -49.21 -47.97 -9.51
CA THR D 77 -48.66 -47.84 -8.17
C THR D 77 -49.09 -49.04 -7.31
N THR D 78 -49.12 -50.22 -7.93
CA THR D 78 -49.52 -51.45 -7.27
C THR D 78 -48.39 -52.48 -7.38
N GLY D 79 -48.30 -53.35 -6.37
CA GLY D 79 -47.39 -54.48 -6.38
C GLY D 79 -48.16 -55.79 -6.27
N TYR D 80 -47.75 -56.77 -7.08
CA TYR D 80 -48.41 -58.07 -7.10
C TYR D 80 -47.52 -59.13 -6.47
N MET D 81 -48.13 -60.28 -6.15
CA MET D 81 -47.43 -61.42 -5.57
C MET D 81 -48.15 -62.69 -6.00
N GLU D 82 -47.57 -63.40 -6.97
CA GLU D 82 -48.13 -64.64 -7.48
C GLU D 82 -47.42 -65.82 -6.82
N LEU D 83 -48.22 -66.75 -6.28
CA LEU D 83 -47.72 -67.98 -5.70
C LEU D 83 -48.52 -69.15 -6.27
N ARG D 84 -47.81 -70.03 -6.99
CA ARG D 84 -48.43 -71.18 -7.65
C ARG D 84 -48.16 -72.45 -6.84
N ARG D 85 -48.87 -73.52 -7.18
CA ARG D 85 -48.76 -74.83 -6.54
C ARG D 85 -49.01 -74.67 -5.05
N LEU D 86 -50.24 -74.27 -4.71
CA LEU D 86 -50.63 -73.98 -3.33
C LEU D 86 -50.85 -75.27 -2.56
N ARG D 87 -50.56 -75.21 -1.25
CA ARG D 87 -50.75 -76.34 -0.34
C ARG D 87 -51.57 -75.87 0.85
N SER D 88 -51.91 -76.81 1.74
CA SER D 88 -52.73 -76.54 2.91
C SER D 88 -52.01 -75.60 3.86
N ASP D 89 -50.69 -75.76 3.98
CA ASP D 89 -49.88 -75.00 4.92
C ASP D 89 -49.56 -73.62 4.36
N ASP D 90 -50.24 -73.25 3.26
CA ASP D 90 -50.10 -71.93 2.67
C ASP D 90 -51.23 -71.02 3.17
N THR D 91 -52.19 -71.61 3.87
CA THR D 91 -53.29 -70.89 4.48
C THR D 91 -52.73 -69.88 5.48
N ALA D 92 -52.75 -68.59 5.09
CA ALA D 92 -52.16 -67.52 5.88
C ALA D 92 -52.79 -66.18 5.48
N VAL D 93 -52.57 -65.17 6.33
CA VAL D 93 -52.89 -63.79 6.00
C VAL D 93 -51.63 -63.14 5.44
N TYR D 94 -51.74 -62.59 4.22
CA TYR D 94 -50.60 -62.08 3.48
C TYR D 94 -50.56 -60.56 3.57
N TYR D 95 -49.38 -60.03 3.91
CA TYR D 95 -49.17 -58.60 4.05
C TYR D 95 -48.14 -58.12 3.02
N CYS D 96 -48.45 -56.98 2.39
CA CYS D 96 -47.46 -56.22 1.65
C CYS D 96 -47.00 -55.07 2.53
N ALA D 97 -45.71 -54.73 2.43
CA ALA D 97 -45.12 -53.70 3.29
C ALA D 97 -44.14 -52.85 2.49
N ARG D 98 -44.10 -51.56 2.82
CA ARG D 98 -43.12 -50.64 2.27
C ARG D 98 -41.77 -50.96 2.87
N ASP D 99 -40.79 -51.26 2.00
CA ASP D 99 -39.51 -51.79 2.42
C ASP D 99 -38.51 -50.66 2.62
N TYR D 100 -37.79 -50.74 3.74
CA TYR D 100 -36.60 -49.93 3.97
C TYR D 100 -35.53 -50.82 4.60
N THR D 101 -35.20 -51.91 3.90
CA THR D 101 -34.14 -52.84 4.28
C THR D 101 -33.23 -53.10 3.09
N ARG D 102 -33.77 -52.90 1.87
CA ARG D 102 -33.02 -53.10 0.64
C ARG D 102 -33.47 -52.03 -0.37
N GLY D 103 -32.48 -51.35 -0.96
CA GLY D 103 -32.72 -50.22 -1.85
C GLY D 103 -33.35 -50.64 -3.18
N ALA D 104 -34.23 -49.79 -3.70
CA ALA D 104 -34.98 -50.08 -4.91
C ALA D 104 -34.06 -50.02 -6.13
N TRP D 105 -33.17 -49.02 -6.14
CA TRP D 105 -32.31 -48.75 -7.28
C TRP D 105 -31.16 -49.75 -7.36
N PHE D 106 -30.38 -49.83 -6.27
CA PHE D 106 -29.12 -50.55 -6.28
C PHE D 106 -29.28 -51.95 -5.68
N GLY D 107 -30.17 -52.07 -4.70
CA GLY D 107 -30.45 -53.36 -4.06
C GLY D 107 -29.43 -53.69 -2.99
N GLU D 108 -29.00 -52.67 -2.24
CA GLU D 108 -28.09 -52.83 -1.12
C GLU D 108 -28.85 -52.50 0.17
N SER D 109 -28.39 -53.11 1.27
CA SER D 109 -29.11 -53.08 2.54
C SER D 109 -29.23 -51.65 3.07
N LEU D 110 -30.37 -51.39 3.73
CA LEU D 110 -30.69 -50.07 4.25
C LEU D 110 -30.99 -50.16 5.74
N ILE D 111 -30.62 -49.11 6.48
CA ILE D 111 -30.91 -49.02 7.90
C ILE D 111 -32.39 -48.74 8.07
N GLY D 112 -33.11 -49.74 8.59
CA GLY D 112 -34.55 -49.65 8.79
C GLY D 112 -35.22 -51.02 8.81
N GLY D 113 -36.48 -51.06 8.38
CA GLY D 113 -37.27 -52.27 8.34
C GLY D 113 -38.44 -52.14 7.37
N PHE D 114 -39.62 -52.59 7.81
CA PHE D 114 -40.86 -52.37 7.07
C PHE D 114 -41.69 -51.35 7.85
N ASP D 115 -41.65 -50.10 7.39
CA ASP D 115 -42.21 -48.97 8.12
C ASP D 115 -43.74 -48.98 8.02
N ASN D 116 -44.25 -49.19 6.81
CA ASN D 116 -45.68 -49.17 6.55
C ASN D 116 -46.13 -50.54 6.03
N TRP D 117 -47.30 -50.97 6.49
CA TRP D 117 -47.84 -52.28 6.17
C TRP D 117 -49.21 -52.13 5.51
N GLY D 118 -49.64 -53.20 4.82
CA GLY D 118 -51.00 -53.30 4.31
C GLY D 118 -51.96 -53.71 5.42
N GLN D 119 -53.25 -53.85 5.06
CA GLN D 119 -54.26 -54.28 6.00
C GLN D 119 -54.20 -55.79 6.17
N GLY D 120 -53.83 -56.48 5.08
CA GLY D 120 -53.73 -57.93 5.05
C GLY D 120 -54.76 -58.54 4.09
N THR D 121 -54.40 -59.70 3.51
CA THR D 121 -55.32 -60.47 2.69
C THR D 121 -55.27 -61.94 3.11
N LEU D 122 -56.42 -62.46 3.56
CA LEU D 122 -56.53 -63.84 3.99
C LEU D 122 -56.68 -64.74 2.77
N VAL D 123 -55.82 -65.76 2.69
CA VAL D 123 -55.89 -66.77 1.65
C VAL D 123 -55.99 -68.14 2.30
N THR D 124 -57.06 -68.87 1.96
CA THR D 124 -57.35 -70.17 2.55
C THR D 124 -57.26 -71.24 1.46
N VAL D 125 -56.48 -72.28 1.74
CA VAL D 125 -56.31 -73.40 0.82
C VAL D 125 -56.68 -74.69 1.54
N SER D 126 -57.78 -75.31 1.08
CA SER D 126 -58.23 -76.61 1.54
C SER D 126 -59.04 -77.29 0.45
N SER D 127 -59.23 -78.61 0.58
CA SER D 127 -59.92 -79.42 -0.40
C SER D 127 -61.42 -79.16 -0.35
N ALA D 128 -61.89 -78.64 0.79
CA ALA D 128 -63.31 -78.42 1.05
C ALA D 128 -63.85 -77.30 0.15
N SER D 129 -65.17 -77.34 -0.07
CA SER D 129 -65.87 -76.31 -0.83
C SER D 129 -66.59 -75.37 0.13
N THR D 130 -67.09 -74.25 -0.41
CA THR D 130 -67.80 -73.25 0.36
C THR D 130 -69.08 -73.87 0.92
N LYS D 131 -69.12 -74.03 2.26
CA LYS D 131 -70.15 -74.80 2.92
C LYS D 131 -70.68 -74.03 4.12
N GLY D 132 -72.02 -73.97 4.23
CA GLY D 132 -72.69 -73.25 5.31
C GLY D 132 -72.60 -73.99 6.64
N PRO D 133 -72.75 -73.30 7.79
CA PRO D 133 -72.57 -73.91 9.10
C PRO D 133 -73.81 -74.60 9.64
N SER D 134 -73.59 -75.60 10.51
CA SER D 134 -74.66 -76.26 11.25
C SER D 134 -74.61 -75.81 12.70
N VAL D 135 -75.71 -75.22 13.18
CA VAL D 135 -75.77 -74.63 14.50
C VAL D 135 -76.57 -75.53 15.43
N PHE D 136 -75.93 -75.92 16.54
CA PHE D 136 -76.56 -76.74 17.56
C PHE D 136 -76.47 -76.03 18.91
N PRO D 137 -77.52 -76.10 19.76
CA PRO D 137 -77.51 -75.39 21.05
C PRO D 137 -76.69 -76.12 22.10
N LEU D 138 -76.23 -75.35 23.10
CA LEU D 138 -75.60 -75.89 24.30
C LEU D 138 -76.44 -75.46 25.50
N ALA D 139 -77.48 -76.26 25.78
CA ALA D 139 -78.54 -75.92 26.71
C ALA D 139 -78.01 -75.82 28.13
N PRO D 140 -78.45 -74.81 28.92
CA PRO D 140 -77.99 -74.63 30.30
C PRO D 140 -78.38 -75.79 31.20
N SER D 141 -77.39 -76.27 31.98
CA SER D 141 -77.58 -77.39 32.87
C SER D 141 -78.34 -76.96 34.12
N SER D 142 -78.93 -77.94 34.82
CA SER D 142 -79.63 -77.71 36.07
C SER D 142 -78.62 -77.42 37.18
N LYS D 143 -78.56 -76.14 37.57
CA LYS D 143 -77.58 -75.65 38.54
C LYS D 143 -77.87 -76.25 39.91
N GLY D 148 -76.55 -68.54 42.09
CA GLY D 148 -77.46 -67.85 41.17
C GLY D 148 -76.75 -67.39 39.89
N THR D 149 -76.03 -68.32 39.25
CA THR D 149 -75.33 -68.05 38.01
C THR D 149 -75.20 -69.35 37.21
N ALA D 150 -75.39 -69.25 35.89
CA ALA D 150 -75.32 -70.37 34.97
C ALA D 150 -74.71 -69.94 33.65
N ALA D 151 -74.70 -70.86 32.67
CA ALA D 151 -74.08 -70.62 31.37
C ALA D 151 -74.81 -71.41 30.29
N LEU D 152 -74.73 -70.89 29.05
CA LEU D 152 -75.36 -71.46 27.88
C LEU D 152 -74.65 -70.94 26.63
N GLY D 153 -74.80 -71.64 25.50
CA GLY D 153 -74.13 -71.23 24.28
C GLY D 153 -74.60 -71.97 23.04
N CYS D 154 -73.86 -71.76 21.94
CA CYS D 154 -74.13 -72.36 20.64
C CYS D 154 -72.87 -73.02 20.10
N LEU D 155 -73.07 -73.98 19.20
CA LEU D 155 -71.97 -74.68 18.54
C LEU D 155 -72.12 -74.51 17.02
N VAL D 156 -71.22 -73.71 16.44
CA VAL D 156 -71.14 -73.53 15.00
C VAL D 156 -70.19 -74.59 14.45
N LYS D 157 -70.72 -75.52 13.65
CA LYS D 157 -70.02 -76.74 13.29
C LYS D 157 -69.97 -76.89 11.77
N ASP D 158 -68.79 -77.29 11.27
CA ASP D 158 -68.57 -77.72 9.90
C ASP D 158 -68.96 -76.62 8.91
N TYR D 159 -68.04 -75.67 8.70
CA TYR D 159 -68.21 -74.62 7.72
C TYR D 159 -66.85 -74.29 7.09
N PHE D 160 -66.90 -73.79 5.84
CA PHE D 160 -65.71 -73.40 5.10
C PHE D 160 -66.08 -72.29 4.12
N PRO D 161 -65.25 -71.24 3.98
CA PRO D 161 -64.09 -71.00 4.85
C PRO D 161 -64.42 -70.09 6.03
N GLU D 162 -63.40 -69.40 6.54
CA GLU D 162 -63.56 -68.37 7.56
C GLU D 162 -64.04 -67.08 6.90
N PRO D 163 -64.64 -66.12 7.64
CA PRO D 163 -65.04 -66.33 9.04
C PRO D 163 -66.55 -66.50 9.23
N VAL D 164 -66.99 -66.38 10.48
CA VAL D 164 -68.41 -66.30 10.84
C VAL D 164 -68.59 -65.18 11.87
N THR D 165 -69.79 -64.60 11.89
CA THR D 165 -70.15 -63.58 12.87
C THR D 165 -71.21 -64.16 13.81
N VAL D 166 -70.94 -64.09 15.12
CA VAL D 166 -71.86 -64.59 16.12
C VAL D 166 -72.25 -63.45 17.06
N SER D 167 -73.56 -63.21 17.17
CA SER D 167 -74.12 -62.23 18.08
C SER D 167 -75.11 -62.92 19.03
N TRP D 168 -75.51 -62.20 20.08
CA TRP D 168 -76.49 -62.71 21.03
C TRP D 168 -77.64 -61.72 21.17
N ASN D 169 -78.84 -62.18 20.76
CA ASN D 169 -80.08 -61.40 20.80
C ASN D 169 -79.97 -60.17 19.91
N SER D 170 -79.43 -60.38 18.70
CA SER D 170 -79.27 -59.36 17.67
C SER D 170 -78.39 -58.20 18.16
N GLY D 171 -77.55 -58.47 19.17
CA GLY D 171 -76.59 -57.51 19.67
C GLY D 171 -77.08 -56.81 20.94
N ALA D 172 -78.10 -57.37 21.58
CA ALA D 172 -78.64 -56.83 22.82
C ALA D 172 -77.75 -57.26 23.99
N LEU D 173 -77.29 -58.51 23.94
CA LEU D 173 -76.49 -59.11 24.99
C LEU D 173 -75.02 -59.14 24.57
N THR D 174 -74.15 -58.57 25.40
CA THR D 174 -72.75 -58.41 25.06
C THR D 174 -71.86 -58.90 26.20
N SER D 175 -72.22 -58.55 27.44
CA SER D 175 -71.40 -58.85 28.61
C SER D 175 -71.50 -60.33 28.96
N GLY D 176 -70.34 -60.94 29.23
CA GLY D 176 -70.24 -62.35 29.60
C GLY D 176 -70.12 -63.26 28.39
N VAL D 177 -70.14 -62.67 27.19
CA VAL D 177 -70.07 -63.41 25.94
C VAL D 177 -68.62 -63.74 25.62
N HIS D 178 -68.37 -65.01 25.28
CA HIS D 178 -67.07 -65.47 24.82
C HIS D 178 -67.22 -66.29 23.56
N THR D 179 -66.92 -65.67 22.41
CA THR D 179 -66.93 -66.38 21.14
C THR D 179 -65.51 -66.90 20.87
N PHE D 180 -65.39 -68.24 20.86
CA PHE D 180 -64.10 -68.90 20.74
C PHE D 180 -63.62 -68.86 19.29
N PRO D 181 -62.29 -68.68 19.06
CA PRO D 181 -61.73 -68.75 17.70
C PRO D 181 -61.92 -70.14 17.11
N ALA D 182 -62.13 -70.19 15.80
CA ALA D 182 -62.44 -71.42 15.08
C ALA D 182 -61.24 -72.36 15.13
N VAL D 183 -61.53 -73.67 15.09
CA VAL D 183 -60.51 -74.69 14.99
C VAL D 183 -60.74 -75.47 13.69
N LEU D 184 -59.67 -75.62 12.90
CA LEU D 184 -59.70 -76.38 11.66
C LEU D 184 -59.79 -77.87 12.02
N GLN D 185 -60.97 -78.45 11.76
CA GLN D 185 -61.25 -79.84 12.12
C GLN D 185 -60.57 -80.77 11.12
N SER D 186 -60.55 -82.06 11.49
CA SER D 186 -59.83 -83.10 10.76
C SER D 186 -60.27 -83.16 9.30
N SER D 187 -61.56 -82.87 9.07
CA SER D 187 -62.15 -82.92 7.74
C SER D 187 -61.58 -81.82 6.84
N GLY D 188 -61.20 -80.70 7.46
CA GLY D 188 -60.74 -79.53 6.74
C GLY D 188 -61.75 -78.39 6.82
N LEU D 189 -62.81 -78.61 7.60
CA LEU D 189 -63.86 -77.63 7.84
C LEU D 189 -63.66 -77.04 9.22
N TYR D 190 -64.06 -75.77 9.38
CA TYR D 190 -63.87 -75.04 10.63
C TYR D 190 -65.07 -75.27 11.55
N SER D 191 -64.85 -75.02 12.85
CA SER D 191 -65.89 -75.12 13.87
C SER D 191 -65.49 -74.30 15.09
N LEU D 192 -66.46 -73.63 15.71
CA LEU D 192 -66.23 -72.90 16.94
C LEU D 192 -67.45 -72.98 17.86
N SER D 193 -67.25 -72.59 19.12
CA SER D 193 -68.32 -72.51 20.09
C SER D 193 -68.50 -71.05 20.52
N SER D 194 -69.75 -70.70 20.86
CA SER D 194 -70.07 -69.42 21.47
C SER D 194 -70.76 -69.65 22.80
N VAL D 195 -70.37 -68.89 23.82
CA VAL D 195 -70.86 -69.10 25.17
C VAL D 195 -71.10 -67.76 25.86
N VAL D 196 -72.14 -67.71 26.70
CA VAL D 196 -72.46 -66.55 27.52
C VAL D 196 -72.91 -67.01 28.90
N THR D 197 -72.41 -66.32 29.93
CA THR D 197 -72.80 -66.58 31.31
C THR D 197 -74.01 -65.70 31.67
N VAL D 198 -74.97 -66.29 32.37
CA VAL D 198 -76.28 -65.70 32.58
C VAL D 198 -76.73 -65.97 34.01
N PRO D 199 -77.34 -64.98 34.72
CA PRO D 199 -77.98 -65.24 36.02
C PRO D 199 -79.01 -66.37 35.95
N SER D 200 -79.20 -67.07 37.08
CA SER D 200 -80.00 -68.28 37.13
C SER D 200 -81.49 -67.95 36.99
N SER D 201 -81.92 -66.84 37.60
CA SER D 201 -83.33 -66.46 37.63
C SER D 201 -83.80 -66.03 36.25
N SER D 202 -82.85 -65.89 35.32
CA SER D 202 -83.11 -65.37 33.98
C SER D 202 -83.41 -66.51 33.01
N LEU D 203 -83.24 -67.76 33.47
CA LEU D 203 -83.28 -68.92 32.59
C LEU D 203 -84.71 -69.24 32.17
N GLY D 204 -85.69 -68.69 32.88
CA GLY D 204 -87.09 -69.02 32.65
C GLY D 204 -87.94 -67.80 32.30
N THR D 205 -87.32 -66.62 32.26
CA THR D 205 -88.03 -65.37 32.01
C THR D 205 -87.43 -64.64 30.81
N GLN D 206 -86.30 -65.16 30.30
CA GLN D 206 -85.60 -64.53 29.20
C GLN D 206 -85.23 -65.57 28.14
N THR D 207 -85.39 -65.18 26.87
CA THR D 207 -85.03 -66.01 25.73
C THR D 207 -83.63 -65.64 25.25
N TYR D 208 -82.89 -66.63 24.75
CA TYR D 208 -81.53 -66.43 24.30
C TYR D 208 -81.34 -67.03 22.90
N ILE D 209 -81.00 -66.16 21.94
CA ILE D 209 -80.80 -66.56 20.56
C ILE D 209 -79.41 -66.11 20.13
N CYS D 210 -78.63 -67.04 19.57
CA CYS D 210 -77.35 -66.71 18.97
C CYS D 210 -77.53 -66.51 17.46
N ASN D 211 -77.02 -65.38 16.97
CA ASN D 211 -77.16 -65.00 15.57
C ASN D 211 -75.87 -65.28 14.84
N VAL D 212 -75.87 -66.36 14.06
CA VAL D 212 -74.68 -66.80 13.33
C VAL D 212 -74.86 -66.49 11.85
N ASN D 213 -73.86 -65.83 11.26
CA ASN D 213 -73.87 -65.51 9.84
C ASN D 213 -72.53 -65.91 9.22
N HIS D 214 -72.61 -66.69 8.15
CA HIS D 214 -71.44 -67.10 7.37
C HIS D 214 -71.48 -66.40 6.02
N LYS D 215 -70.78 -65.26 5.94
CA LYS D 215 -70.78 -64.38 4.79
C LYS D 215 -70.27 -65.10 3.54
N PRO D 216 -69.13 -65.83 3.60
CA PRO D 216 -68.56 -66.47 2.41
C PRO D 216 -69.45 -67.48 1.68
N SER D 217 -70.63 -67.76 2.27
CA SER D 217 -71.60 -68.67 1.66
C SER D 217 -73.00 -68.06 1.72
N ASN D 218 -73.12 -66.94 2.45
CA ASN D 218 -74.37 -66.20 2.61
C ASN D 218 -75.43 -67.10 3.25
N THR D 219 -75.17 -67.47 4.51
CA THR D 219 -76.08 -68.28 5.30
C THR D 219 -76.12 -67.73 6.72
N LYS D 220 -77.33 -67.55 7.26
CA LYS D 220 -77.48 -67.10 8.63
C LYS D 220 -78.59 -67.90 9.32
N VAL D 221 -78.30 -68.35 10.54
CA VAL D 221 -79.23 -69.13 11.35
C VAL D 221 -79.30 -68.49 12.74
N ASP D 222 -80.52 -68.10 13.13
CA ASP D 222 -80.77 -67.52 14.44
C ASP D 222 -81.42 -68.58 15.33
N LYS D 223 -80.57 -69.36 16.00
CA LYS D 223 -81.01 -70.54 16.74
C LYS D 223 -81.28 -70.15 18.20
N LYS D 224 -82.39 -70.68 18.73
CA LYS D 224 -82.81 -70.43 20.11
C LYS D 224 -82.14 -71.44 21.03
N VAL D 225 -81.82 -71.00 22.25
CA VAL D 225 -81.26 -71.86 23.28
C VAL D 225 -82.18 -71.79 24.51
N GLU D 226 -82.68 -72.96 24.92
CA GLU D 226 -83.62 -73.07 26.01
C GLU D 226 -83.25 -74.26 26.90
N PRO D 227 -83.40 -74.15 28.24
CA PRO D 227 -82.99 -75.21 29.17
C PRO D 227 -83.70 -76.55 28.98
N LYS D 228 -83.04 -77.62 29.45
CA LYS D 228 -83.46 -79.01 29.32
C LYS D 228 -83.79 -79.33 27.86
N ASP E 1 9.35 17.43 -20.81
CA ASP E 1 10.00 16.22 -20.22
C ASP E 1 8.98 15.10 -20.13
N ILE E 2 9.37 14.00 -19.47
CA ILE E 2 8.46 12.94 -19.11
C ILE E 2 8.36 12.89 -17.59
N GLN E 3 7.18 13.23 -17.07
CA GLN E 3 6.90 13.21 -15.65
C GLN E 3 6.55 11.79 -15.23
N MET E 4 7.08 11.38 -14.06
CA MET E 4 6.82 10.06 -13.53
C MET E 4 6.01 10.21 -12.23
N THR E 5 5.01 9.32 -12.07
CA THR E 5 4.16 9.31 -10.90
C THR E 5 4.08 7.88 -10.35
N GLN E 6 4.12 7.77 -9.01
CA GLN E 6 4.16 6.49 -8.33
C GLN E 6 2.99 6.37 -7.37
N SER E 7 2.44 5.16 -7.28
CA SER E 7 1.31 4.86 -6.40
C SER E 7 1.45 3.43 -5.88
N PRO E 8 1.14 3.17 -4.59
CA PRO E 8 0.74 4.22 -3.64
C PRO E 8 1.95 5.00 -3.12
N SER E 9 1.70 6.16 -2.52
CA SER E 9 2.76 6.99 -1.97
C SER E 9 3.35 6.34 -0.73
N SER E 10 2.48 5.84 0.17
CA SER E 10 2.90 5.12 1.35
C SER E 10 2.17 3.78 1.43
N LEU E 11 2.82 2.81 2.08
CA LEU E 11 2.37 1.42 2.08
C LEU E 11 2.92 0.72 3.33
N SER E 12 2.09 -0.13 3.94
CA SER E 12 2.49 -0.92 5.10
C SER E 12 1.97 -2.36 4.93
N ALA E 13 2.91 -3.31 4.90
CA ALA E 13 2.59 -4.73 4.79
C ALA E 13 3.45 -5.53 5.76
N ALA E 14 3.00 -6.74 6.07
CA ALA E 14 3.69 -7.62 7.01
C ALA E 14 4.74 -8.45 6.27
N VAL E 15 5.66 -9.04 7.05
CA VAL E 15 6.72 -9.89 6.51
C VAL E 15 6.09 -11.13 5.90
N GLY E 16 6.34 -11.33 4.60
CA GLY E 16 5.80 -12.47 3.87
C GLY E 16 4.78 -12.03 2.80
N ASP E 17 4.22 -10.83 2.99
CA ASP E 17 3.19 -10.29 2.11
C ASP E 17 3.76 -10.00 0.72
N ARG E 18 2.90 -10.12 -0.29
CA ARG E 18 3.23 -9.67 -1.64
C ARG E 18 2.88 -8.19 -1.75
N VAL E 19 3.88 -7.38 -2.14
CA VAL E 19 3.70 -5.94 -2.30
C VAL E 19 3.66 -5.62 -3.79
N THR E 20 2.73 -4.74 -4.17
CA THR E 20 2.57 -4.30 -5.56
C THR E 20 2.68 -2.78 -5.63
N ILE E 21 3.71 -2.31 -6.36
CA ILE E 21 4.00 -0.90 -6.55
C ILE E 21 3.83 -0.58 -8.04
N THR E 22 3.16 0.55 -8.32
CA THR E 22 2.89 0.95 -9.69
C THR E 22 3.60 2.25 -10.03
N CYS E 23 3.92 2.42 -11.31
CA CYS E 23 4.57 3.61 -11.83
C CYS E 23 3.90 4.01 -13.15
N ARG E 24 3.64 5.32 -13.28
CA ARG E 24 2.98 5.86 -14.46
C ARG E 24 3.90 6.87 -15.15
N ALA E 25 4.06 6.70 -16.46
CA ALA E 25 4.85 7.61 -17.28
C ALA E 25 3.94 8.65 -17.94
N SER E 26 4.53 9.80 -18.26
CA SER E 26 3.82 10.92 -18.88
C SER E 26 3.31 10.52 -20.28
N GLN E 27 4.09 9.68 -20.96
CA GLN E 27 3.76 9.24 -22.32
C GLN E 27 4.21 7.80 -22.51
N SER E 28 3.96 7.27 -23.72
CA SER E 28 4.36 5.93 -24.11
C SER E 28 5.88 5.82 -24.14
N ILE E 29 6.43 4.91 -23.32
CA ILE E 29 7.87 4.76 -23.19
C ILE E 29 8.25 3.28 -23.30
N GLY E 30 7.59 2.56 -24.21
CA GLY E 30 7.92 1.18 -24.54
C GLY E 30 8.19 0.32 -23.31
N SER E 31 9.48 0.08 -23.04
CA SER E 31 9.92 -0.70 -21.89
C SER E 31 11.11 -0.05 -21.22
N TYR E 32 11.34 1.23 -21.53
CA TYR E 32 12.47 1.99 -21.01
C TYR E 32 12.15 2.44 -19.58
N LEU E 33 12.20 1.48 -18.65
CA LEU E 33 11.81 1.71 -17.27
C LEU E 33 12.79 0.97 -16.35
N ASN E 34 13.20 1.64 -15.27
CA ASN E 34 14.14 1.09 -14.31
C ASN E 34 13.60 1.27 -12.89
N TRP E 35 13.69 0.20 -12.09
CA TRP E 35 13.24 0.20 -10.71
C TRP E 35 14.44 0.25 -9.77
N TYR E 36 14.36 1.13 -8.76
CA TYR E 36 15.46 1.36 -7.83
C TYR E 36 14.99 1.12 -6.40
N GLN E 37 15.96 0.91 -5.51
CA GLN E 37 15.73 0.69 -4.09
C GLN E 37 16.69 1.59 -3.30
N GLN E 38 16.13 2.39 -2.38
CA GLN E 38 16.94 3.24 -1.52
C GLN E 38 16.55 3.05 -0.07
N LYS E 39 17.53 2.66 0.76
CA LYS E 39 17.31 2.45 2.18
C LYS E 39 17.67 3.71 2.95
N PRO E 40 17.30 3.82 4.26
CA PRO E 40 17.35 5.08 4.99
C PRO E 40 18.55 5.99 4.76
N GLY E 41 19.76 5.44 4.92
CA GLY E 41 20.98 6.23 4.79
C GLY E 41 21.95 5.63 3.77
N LYS E 42 21.41 5.20 2.62
CA LYS E 42 22.21 4.60 1.56
C LYS E 42 21.81 5.21 0.22
N ALA E 43 22.52 4.78 -0.83
CA ALA E 43 22.28 5.25 -2.19
C ALA E 43 21.37 4.27 -2.92
N PRO E 44 20.60 4.73 -3.93
CA PRO E 44 19.79 3.83 -4.77
C PRO E 44 20.55 2.61 -5.29
N LYS E 45 19.84 1.47 -5.32
CA LYS E 45 20.36 0.24 -5.90
C LYS E 45 19.42 -0.17 -7.04
N LEU E 46 20.01 -0.46 -8.21
CA LEU E 46 19.27 -0.83 -9.40
C LEU E 46 18.75 -2.26 -9.25
N LEU E 47 17.42 -2.41 -9.29
CA LEU E 47 16.76 -3.70 -9.14
C LEU E 47 16.36 -4.24 -10.51
N ILE E 48 15.54 -3.46 -11.22
CA ILE E 48 14.99 -3.88 -12.51
C ILE E 48 15.42 -2.87 -13.56
N TYR E 49 15.84 -3.39 -14.72
CA TYR E 49 16.05 -2.58 -15.91
C TYR E 49 15.21 -3.15 -17.04
N ALA E 50 14.93 -2.31 -18.06
CA ALA E 50 14.12 -2.69 -19.21
C ALA E 50 12.76 -3.20 -18.75
N ALA E 51 12.28 -2.65 -17.63
CA ALA E 51 10.91 -2.80 -17.13
C ALA E 51 10.65 -4.19 -16.56
N SER E 52 11.47 -5.18 -16.94
CA SER E 52 11.19 -6.56 -16.57
C SER E 52 12.46 -7.33 -16.19
N SER E 53 13.59 -6.96 -16.80
CA SER E 53 14.83 -7.69 -16.62
C SER E 53 15.42 -7.42 -15.24
N LEU E 54 15.74 -8.51 -14.52
CA LEU E 54 16.22 -8.47 -13.15
C LEU E 54 17.74 -8.32 -13.15
N GLN E 55 18.23 -7.33 -12.40
CA GLN E 55 19.66 -7.10 -12.21
C GLN E 55 20.22 -8.23 -11.36
N SER E 56 21.49 -8.56 -11.59
CA SER E 56 22.20 -9.56 -10.81
C SER E 56 22.57 -8.99 -9.44
N GLY E 57 22.59 -9.86 -8.43
CA GLY E 57 22.84 -9.47 -7.06
C GLY E 57 21.56 -9.02 -6.36
N VAL E 58 20.45 -9.10 -7.09
CA VAL E 58 19.14 -8.73 -6.59
C VAL E 58 18.34 -10.01 -6.36
N PRO E 59 17.75 -10.20 -5.15
CA PRO E 59 16.93 -11.38 -4.87
C PRO E 59 15.82 -11.55 -5.91
N SER E 60 15.73 -12.76 -6.47
CA SER E 60 14.71 -13.10 -7.46
C SER E 60 13.31 -12.85 -6.87
N ARG E 61 13.28 -12.58 -5.57
CA ARG E 61 12.10 -12.11 -4.84
C ARG E 61 11.51 -10.91 -5.56
N PHE E 62 12.37 -10.07 -6.15
CA PHE E 62 11.94 -8.88 -6.86
C PHE E 62 11.52 -9.23 -8.29
N SER E 63 10.55 -8.46 -8.80
CA SER E 63 9.93 -8.71 -10.10
C SER E 63 9.53 -7.38 -10.73
N GLY E 64 9.58 -7.33 -12.06
CA GLY E 64 9.15 -6.17 -12.82
C GLY E 64 8.31 -6.58 -14.02
N SER E 65 7.24 -5.79 -14.28
CA SER E 65 6.36 -6.03 -15.42
C SER E 65 5.70 -4.72 -15.85
N GLY E 66 5.37 -4.64 -17.15
CA GLY E 66 4.68 -3.49 -17.70
C GLY E 66 5.35 -2.96 -18.96
N SER E 67 4.53 -2.41 -19.87
CA SER E 67 5.00 -1.77 -21.09
C SER E 67 4.02 -0.67 -21.49
N GLY E 68 4.55 0.39 -22.10
CA GLY E 68 3.76 1.52 -22.53
C GLY E 68 3.73 2.64 -21.48
N THR E 69 2.65 2.69 -20.71
CA THR E 69 2.41 3.81 -19.80
C THR E 69 2.52 3.34 -18.35
N ASP E 70 2.08 2.10 -18.09
CA ASP E 70 1.92 1.59 -16.73
C ASP E 70 2.90 0.45 -16.47
N PHE E 71 3.59 0.53 -15.33
CA PHE E 71 4.61 -0.43 -14.94
C PHE E 71 4.37 -0.88 -13.50
N THR E 72 4.89 -2.06 -13.16
CA THR E 72 4.61 -2.70 -11.89
C THR E 72 5.88 -3.32 -11.32
N LEU E 73 6.20 -2.95 -10.07
CA LEU E 73 7.23 -3.61 -9.28
C LEU E 73 6.54 -4.48 -8.23
N THR E 74 6.99 -5.74 -8.12
CA THR E 74 6.40 -6.68 -7.18
C THR E 74 7.50 -7.33 -6.34
N ILE E 75 7.36 -7.17 -5.01
CA ILE E 75 8.14 -7.94 -4.06
C ILE E 75 7.34 -9.21 -3.76
N SER E 76 7.83 -10.34 -4.28
CA SER E 76 7.14 -11.62 -4.20
C SER E 76 6.72 -11.92 -2.76
N SER E 77 7.66 -11.74 -1.83
CA SER E 77 7.41 -11.99 -0.41
C SER E 77 8.27 -11.04 0.43
N LEU E 78 7.63 -9.98 0.94
CA LEU E 78 8.31 -8.89 1.66
C LEU E 78 9.12 -9.45 2.82
N GLN E 79 10.37 -8.97 2.94
CA GLN E 79 11.26 -9.33 4.03
C GLN E 79 11.60 -8.06 4.81
N PRO E 80 12.01 -8.16 6.10
CA PRO E 80 12.22 -6.99 6.94
C PRO E 80 13.27 -6.01 6.42
N GLU E 81 14.16 -6.52 5.56
CA GLU E 81 15.29 -5.77 5.02
C GLU E 81 14.80 -4.85 3.89
N ASP E 82 13.62 -5.16 3.35
CA ASP E 82 13.12 -4.52 2.14
C ASP E 82 12.51 -3.15 2.45
N PHE E 83 12.53 -2.75 3.73
CA PHE E 83 12.08 -1.43 4.12
C PHE E 83 12.92 -0.38 3.38
N ALA E 84 12.27 0.29 2.43
CA ALA E 84 12.95 1.22 1.53
C ALA E 84 11.93 2.10 0.83
N ILE E 85 12.42 3.15 0.17
CA ILE E 85 11.65 3.93 -0.79
C ILE E 85 12.04 3.46 -2.19
N TYR E 86 11.03 3.10 -2.98
CA TYR E 86 11.26 2.50 -4.29
C TYR E 86 10.91 3.51 -5.38
N TYR E 87 11.87 3.75 -6.28
CA TYR E 87 11.73 4.75 -7.34
C TYR E 87 11.70 4.06 -8.70
N CYS E 88 10.92 4.64 -9.62
CA CYS E 88 10.92 4.22 -11.02
C CYS E 88 11.53 5.35 -11.86
N GLN E 89 12.25 4.95 -12.92
CA GLN E 89 12.99 5.88 -13.76
C GLN E 89 12.85 5.46 -15.22
N GLN E 90 12.62 6.45 -16.09
CA GLN E 90 12.43 6.20 -17.51
C GLN E 90 13.75 6.35 -18.26
N SER E 91 13.99 5.44 -19.21
CA SER E 91 15.23 5.38 -19.96
C SER E 91 14.98 5.69 -21.43
N TYR E 92 13.88 6.40 -21.71
CA TYR E 92 13.49 6.71 -23.08
C TYR E 92 14.11 8.04 -23.50
N VAL E 93 13.81 9.10 -22.74
CA VAL E 93 14.32 10.43 -23.04
C VAL E 93 15.68 10.60 -22.37
N SER E 94 16.72 10.73 -23.21
CA SER E 94 18.07 10.97 -22.77
C SER E 94 18.56 12.30 -23.35
N PRO E 95 19.48 13.04 -22.67
CA PRO E 95 20.07 12.61 -21.41
C PRO E 95 19.29 13.07 -20.18
N THR E 96 18.10 13.60 -20.42
CA THR E 96 17.22 14.07 -19.35
C THR E 96 16.40 12.90 -18.82
N TYR E 97 17.05 12.04 -18.03
CA TYR E 97 16.39 10.93 -17.36
C TYR E 97 15.66 11.47 -16.13
N THR E 98 14.46 10.94 -15.87
CA THR E 98 13.60 11.43 -14.80
C THR E 98 13.19 10.29 -13.87
N PHE E 99 13.00 10.63 -12.60
CA PHE E 99 12.63 9.67 -11.56
C PHE E 99 11.22 9.95 -11.07
N GLY E 100 10.59 8.93 -10.48
CA GLY E 100 9.31 9.07 -9.79
C GLY E 100 9.52 9.60 -8.37
N PRO E 101 8.43 9.94 -7.64
CA PRO E 101 8.54 10.52 -6.30
C PRO E 101 8.98 9.52 -5.24
N GLY E 102 8.76 8.22 -5.51
CA GLY E 102 9.13 7.15 -4.61
C GLY E 102 7.95 6.67 -3.77
N THR E 103 7.97 5.38 -3.42
CA THR E 103 6.95 4.78 -2.57
C THR E 103 7.62 4.20 -1.33
N LYS E 104 7.21 4.71 -0.15
CA LYS E 104 7.72 4.23 1.13
C LYS E 104 7.02 2.90 1.45
N VAL E 105 7.82 1.85 1.66
CA VAL E 105 7.31 0.53 1.99
C VAL E 105 7.63 0.24 3.46
N ASP E 106 6.65 0.53 4.32
CA ASP E 106 6.75 0.26 5.74
C ASP E 106 6.37 -1.19 6.01
N ILE E 107 6.72 -1.68 7.20
CA ILE E 107 6.53 -3.09 7.54
C ILE E 107 5.69 -3.20 8.81
N LYS E 108 4.65 -4.04 8.74
CA LYS E 108 3.81 -4.32 9.89
C LYS E 108 4.34 -5.56 10.62
N ARG E 109 4.47 -5.44 11.94
CA ARG E 109 4.92 -6.54 12.78
C ARG E 109 4.15 -6.53 14.10
N THR E 110 4.53 -7.46 14.99
CA THR E 110 3.95 -7.57 16.32
C THR E 110 4.26 -6.29 17.11
N VAL E 111 3.42 -6.01 18.11
CA VAL E 111 3.63 -4.89 19.01
C VAL E 111 4.88 -5.17 19.85
N ALA E 112 5.72 -4.14 20.02
CA ALA E 112 6.93 -4.24 20.82
C ALA E 112 7.02 -3.03 21.75
N ALA E 113 7.31 -3.31 23.04
CA ALA E 113 7.36 -2.28 24.06
C ALA E 113 8.74 -1.63 24.07
N PRO E 114 8.83 -0.29 24.25
CA PRO E 114 10.12 0.41 24.28
C PRO E 114 10.90 0.20 25.58
N SER E 115 12.19 -0.12 25.42
CA SER E 115 13.12 -0.19 26.54
C SER E 115 13.53 1.23 26.92
N VAL E 116 13.05 1.69 28.07
CA VAL E 116 13.18 3.09 28.47
C VAL E 116 14.47 3.26 29.29
N PHE E 117 15.29 4.25 28.88
CA PHE E 117 16.51 4.61 29.57
C PHE E 117 16.60 6.12 29.70
N ILE E 118 17.15 6.57 30.84
CA ILE E 118 17.36 7.99 31.09
C ILE E 118 18.84 8.24 31.38
N PHE E 119 19.33 9.39 30.92
CA PHE E 119 20.73 9.75 31.03
C PHE E 119 20.88 11.16 31.59
N PRO E 120 21.71 11.35 32.64
CA PRO E 120 22.02 12.69 33.15
C PRO E 120 23.03 13.40 32.25
N PRO E 121 23.11 14.75 32.30
CA PRO E 121 24.17 15.49 31.60
C PRO E 121 25.52 15.27 32.27
N SER E 122 26.59 15.25 31.47
CA SER E 122 27.94 15.01 31.95
C SER E 122 28.45 16.24 32.70
N ASP E 123 29.42 16.02 33.58
CA ASP E 123 30.07 17.08 34.34
C ASP E 123 30.84 17.99 33.39
N GLU E 124 31.12 17.47 32.20
CA GLU E 124 31.84 18.20 31.15
C GLU E 124 30.91 19.22 30.50
N GLN E 125 29.60 18.96 30.56
CA GLN E 125 28.60 19.79 29.91
C GLN E 125 28.20 20.94 30.82
N LEU E 126 28.28 20.73 32.14
CA LEU E 126 27.93 21.73 33.12
C LEU E 126 28.96 22.86 33.11
N LYS E 127 30.06 22.65 32.36
CA LYS E 127 31.12 23.61 32.18
C LYS E 127 30.67 24.67 31.15
N SER E 128 29.82 24.24 30.21
CA SER E 128 29.31 25.11 29.16
C SER E 128 28.23 26.03 29.70
N GLY E 129 27.52 25.57 30.74
CA GLY E 129 26.46 26.34 31.37
C GLY E 129 25.07 25.89 30.91
N THR E 130 25.03 24.76 30.19
CA THR E 130 23.79 24.18 29.71
C THR E 130 23.71 22.72 30.13
N ALA E 131 22.49 22.25 30.42
CA ALA E 131 22.25 20.88 30.84
C ALA E 131 21.27 20.22 29.87
N SER E 132 21.76 19.18 29.17
CA SER E 132 20.95 18.40 28.26
C SER E 132 20.69 17.01 28.85
N VAL E 133 19.40 16.70 29.05
CA VAL E 133 18.98 15.42 29.62
C VAL E 133 18.27 14.62 28.53
N VAL E 134 18.70 13.36 28.36
CA VAL E 134 18.26 12.54 27.25
C VAL E 134 17.42 11.38 27.79
N CYS E 135 16.34 11.06 27.05
CA CYS E 135 15.48 9.92 27.32
C CYS E 135 15.37 9.08 26.05
N LEU E 136 15.73 7.79 26.17
CA LEU E 136 15.80 6.89 25.03
C LEU E 136 14.73 5.81 25.14
N LEU E 137 13.99 5.62 24.03
CA LEU E 137 13.06 4.52 23.85
C LEU E 137 13.65 3.59 22.78
N ASN E 138 13.95 2.35 23.18
CA ASN E 138 14.75 1.46 22.36
C ASN E 138 13.91 0.31 21.82
N ASN E 139 13.91 0.18 20.48
CA ASN E 139 13.33 -0.92 19.73
C ASN E 139 11.87 -1.16 20.15
N PHE E 140 10.96 -0.43 19.49
CA PHE E 140 9.54 -0.53 19.78
C PHE E 140 8.73 -0.46 18.49
N TYR E 141 7.50 -1.00 18.55
CA TYR E 141 6.54 -0.94 17.46
C TYR E 141 5.13 -0.88 18.04
N PRO E 142 4.21 -0.05 17.51
CA PRO E 142 4.49 0.81 16.35
C PRO E 142 5.12 2.16 16.70
N ARG E 143 5.15 3.05 15.70
CA ARG E 143 5.94 4.28 15.71
C ARG E 143 5.37 5.28 16.70
N GLU E 144 4.06 5.19 16.97
CA GLU E 144 3.36 6.13 17.84
C GLU E 144 3.81 5.91 19.29
N ALA E 145 4.31 6.99 19.91
CA ALA E 145 4.76 7.00 21.29
C ALA E 145 4.83 8.43 21.80
N LYS E 146 4.28 8.67 22.99
CA LYS E 146 4.23 9.99 23.59
C LYS E 146 5.15 10.03 24.81
N VAL E 147 5.97 11.09 24.88
CA VAL E 147 7.00 11.23 25.90
C VAL E 147 6.81 12.58 26.61
N GLN E 148 6.94 12.56 27.94
CA GLN E 148 6.77 13.75 28.76
C GLN E 148 7.89 13.82 29.80
N TRP E 149 8.26 15.05 30.18
CA TRP E 149 9.35 15.30 31.12
C TRP E 149 8.79 15.79 32.45
N LYS E 150 9.54 15.53 33.53
CA LYS E 150 9.18 15.93 34.88
C LYS E 150 10.43 16.39 35.63
N VAL E 151 10.39 17.62 36.15
CA VAL E 151 11.44 18.15 37.00
C VAL E 151 10.92 18.23 38.43
N ASP E 152 11.44 17.35 39.29
CA ASP E 152 10.92 17.12 40.63
C ASP E 152 9.52 16.52 40.54
N ASN E 153 8.58 17.29 39.99
CA ASN E 153 7.22 16.85 39.72
C ASN E 153 6.62 17.71 38.62
N ALA E 154 7.19 18.91 38.44
CA ALA E 154 6.71 19.90 37.49
C ALA E 154 6.94 19.41 36.06
N LEU E 155 5.85 19.39 35.28
CA LEU E 155 5.89 19.01 33.88
C LEU E 155 6.39 20.20 33.07
N GLN E 156 7.34 19.93 32.17
CA GLN E 156 7.95 20.97 31.35
C GLN E 156 7.89 20.58 29.87
N SER E 157 7.49 21.53 29.03
CA SER E 157 7.44 21.34 27.59
C SER E 157 7.83 22.64 26.88
N GLY E 158 8.33 22.50 25.66
CA GLY E 158 8.81 23.63 24.87
C GLY E 158 10.33 23.78 24.98
N ASN E 159 10.92 23.04 25.92
CA ASN E 159 12.36 23.04 26.16
C ASN E 159 12.94 21.69 25.76
N SER E 160 12.05 20.72 25.50
CA SER E 160 12.44 19.38 25.07
C SER E 160 12.33 19.28 23.55
N GLN E 161 13.01 18.28 22.98
CA GLN E 161 13.04 18.07 21.54
C GLN E 161 13.16 16.59 21.24
N GLU E 162 12.34 16.11 20.29
CA GLU E 162 12.20 14.69 20.01
C GLU E 162 12.87 14.35 18.67
N SER E 163 13.37 13.11 18.59
CA SER E 163 13.98 12.57 17.39
C SER E 163 13.70 11.06 17.33
N VAL E 164 13.28 10.57 16.15
CA VAL E 164 12.88 9.19 15.99
C VAL E 164 13.62 8.59 14.79
N THR E 165 14.12 7.36 14.96
CA THR E 165 14.85 6.65 13.93
C THR E 165 13.90 6.14 12.85
N GLU E 166 14.48 5.80 11.69
CA GLU E 166 13.79 5.07 10.65
C GLU E 166 13.62 3.62 11.10
N GLN E 167 12.72 2.89 10.42
CA GLN E 167 12.46 1.50 10.75
C GLN E 167 13.72 0.67 10.52
N ASP E 168 14.00 -0.22 11.47
CA ASP E 168 15.17 -1.09 11.43
C ASP E 168 15.01 -2.11 10.31
N SER E 169 16.14 -2.58 9.78
CA SER E 169 16.14 -3.45 8.61
C SER E 169 16.10 -4.92 9.03
N LYS E 170 16.26 -5.18 10.33
CA LYS E 170 16.37 -6.54 10.83
C LYS E 170 15.14 -6.92 11.64
N ASP E 171 14.87 -6.17 12.73
CA ASP E 171 13.74 -6.46 13.60
C ASP E 171 12.55 -5.58 13.24
N SER E 172 12.80 -4.58 12.38
CA SER E 172 11.80 -3.66 11.87
C SER E 172 11.04 -2.96 13.01
N THR E 173 11.79 -2.43 13.97
CA THR E 173 11.24 -1.62 15.06
C THR E 173 11.79 -0.20 14.96
N TYR E 174 11.25 0.69 15.80
CA TYR E 174 11.67 2.08 15.84
C TYR E 174 12.37 2.37 17.17
N SER E 175 13.10 3.49 17.22
CA SER E 175 13.72 4.00 18.44
C SER E 175 13.57 5.50 18.49
N LEU E 176 13.36 6.03 19.71
CA LEU E 176 13.05 7.44 19.90
C LEU E 176 14.02 8.07 20.90
N SER E 177 14.38 9.32 20.64
CA SER E 177 15.23 10.12 21.50
C SER E 177 14.52 11.42 21.88
N SER E 178 14.60 11.76 23.18
CA SER E 178 14.02 13.00 23.68
C SER E 178 15.08 13.75 24.51
N THR E 179 15.30 15.02 24.16
CA THR E 179 16.38 15.81 24.75
C THR E 179 15.79 17.04 25.44
N LEU E 180 15.92 17.07 26.77
CA LEU E 180 15.48 18.20 27.58
C LEU E 180 16.68 19.11 27.82
N THR E 181 16.55 20.38 27.39
CA THR E 181 17.63 21.35 27.48
C THR E 181 17.29 22.43 28.50
N LEU E 182 18.18 22.60 29.48
CA LEU E 182 18.01 23.58 30.55
C LEU E 182 19.26 24.45 30.64
N SER E 183 19.15 25.55 31.39
CA SER E 183 20.28 26.36 31.81
C SER E 183 20.91 25.71 33.04
N LYS E 184 22.16 26.12 33.35
CA LYS E 184 22.88 25.63 34.51
C LYS E 184 22.16 26.06 35.79
N ALA E 185 21.48 27.21 35.72
CA ALA E 185 20.76 27.79 36.84
C ALA E 185 19.47 27.01 37.10
N ASP E 186 18.89 26.48 36.02
CA ASP E 186 17.61 25.78 36.08
C ASP E 186 17.82 24.33 36.51
N TYR E 187 19.04 23.82 36.31
CA TYR E 187 19.39 22.45 36.64
C TYR E 187 19.71 22.33 38.13
N GLU E 188 20.09 23.46 38.74
CA GLU E 188 20.51 23.49 40.14
C GLU E 188 19.34 23.83 41.04
N LYS E 189 18.20 24.20 40.43
CA LYS E 189 17.00 24.55 41.17
C LYS E 189 16.10 23.33 41.35
N HIS E 190 16.50 22.21 40.73
CA HIS E 190 15.75 20.96 40.79
C HIS E 190 16.69 19.79 41.07
N LYS E 191 16.16 18.74 41.69
CA LYS E 191 16.97 17.65 42.23
C LYS E 191 16.76 16.38 41.39
N VAL E 192 15.51 15.87 41.40
CA VAL E 192 15.20 14.61 40.75
C VAL E 192 14.55 14.87 39.39
N TYR E 193 15.01 14.13 38.37
CA TYR E 193 14.56 14.29 36.99
C TYR E 193 14.02 12.95 36.48
N ALA E 194 12.96 13.01 35.67
CA ALA E 194 12.31 11.82 35.15
C ALA E 194 11.69 12.09 33.80
N CYS E 195 11.67 11.05 32.94
CA CYS E 195 10.94 11.08 31.69
C CYS E 195 9.89 9.96 31.68
N GLU E 196 8.66 10.33 31.32
CA GLU E 196 7.52 9.42 31.32
C GLU E 196 7.23 9.00 29.88
N VAL E 197 6.90 7.71 29.71
CA VAL E 197 6.68 7.10 28.40
C VAL E 197 5.33 6.41 28.40
N THR E 198 4.54 6.63 27.34
CA THR E 198 3.29 5.92 27.13
C THR E 198 3.29 5.31 25.73
N HIS E 199 2.94 4.02 25.66
CA HIS E 199 2.94 3.25 24.42
C HIS E 199 1.81 2.23 24.47
N GLN E 200 1.37 1.77 23.29
CA GLN E 200 0.27 0.83 23.20
C GLN E 200 0.74 -0.58 23.51
N GLY E 201 2.07 -0.74 23.65
CA GLY E 201 2.68 -2.01 24.01
C GLY E 201 2.91 -2.12 25.52
N LEU E 202 2.63 -1.03 26.23
CA LEU E 202 2.74 -0.97 27.68
C LEU E 202 1.34 -0.84 28.27
N SER E 203 1.09 -1.60 29.34
CA SER E 203 -0.22 -1.63 29.99
C SER E 203 -0.42 -0.37 30.84
N SER E 204 0.70 0.30 31.15
CA SER E 204 0.70 1.49 32.00
C SER E 204 1.81 2.44 31.55
N PRO E 205 1.69 3.76 31.81
CA PRO E 205 2.79 4.69 31.57
C PRO E 205 4.01 4.36 32.42
N VAL E 206 5.18 4.31 31.78
CA VAL E 206 6.42 3.87 32.40
C VAL E 206 7.34 5.08 32.57
N THR E 207 8.00 5.15 33.73
CA THR E 207 8.89 6.26 34.07
C THR E 207 10.28 5.72 34.43
N LYS E 208 11.30 6.48 34.04
CA LYS E 208 12.67 6.28 34.49
C LYS E 208 13.22 7.60 35.01
N SER E 209 14.00 7.53 36.10
CA SER E 209 14.38 8.73 36.83
C SER E 209 15.82 8.64 37.31
N PHE E 210 16.37 9.81 37.69
CA PHE E 210 17.65 9.92 38.36
C PHE E 210 17.66 11.17 39.24
N ASN E 211 18.51 11.17 40.27
CA ASN E 211 18.72 12.32 41.13
C ASN E 211 20.03 12.99 40.74
N ARG E 212 20.24 14.21 41.25
CA ARG E 212 21.46 14.96 40.98
C ARG E 212 22.57 14.49 41.92
N GLY E 213 22.67 13.16 42.08
CA GLY E 213 23.66 12.54 42.93
C GLY E 213 23.69 11.03 42.75
N VAL F 2 33.28 -3.43 -7.30
CA VAL F 2 32.90 -2.15 -7.99
C VAL F 2 32.46 -1.15 -6.93
N GLN F 3 33.17 -0.01 -6.85
CA GLN F 3 32.97 0.96 -5.81
C GLN F 3 33.06 2.39 -6.37
N LEU F 4 32.23 3.28 -5.80
CA LEU F 4 32.29 4.70 -6.06
C LEU F 4 32.28 5.44 -4.73
N VAL F 5 33.20 6.40 -4.56
CA VAL F 5 33.36 7.14 -3.33
C VAL F 5 33.34 8.62 -3.62
N GLU F 6 32.44 9.36 -2.95
CA GLU F 6 32.29 10.79 -3.13
C GLU F 6 33.21 11.54 -2.16
N SER F 7 33.56 12.78 -2.54
CA SER F 7 34.36 13.69 -1.72
C SER F 7 34.04 15.13 -2.11
N GLY F 8 34.29 16.06 -1.18
CA GLY F 8 34.28 17.48 -1.49
C GLY F 8 33.15 18.24 -0.81
N GLY F 9 31.99 17.58 -0.68
CA GLY F 9 30.79 18.22 -0.16
C GLY F 9 31.00 18.85 1.21
N GLY F 10 30.41 20.03 1.40
CA GLY F 10 30.50 20.77 2.66
C GLY F 10 29.69 22.07 2.62
N LEU F 11 30.09 23.01 3.47
CA LEU F 11 29.41 24.31 3.57
C LEU F 11 30.00 25.27 2.54
N VAL F 12 29.10 25.86 1.74
CA VAL F 12 29.45 26.88 0.77
C VAL F 12 28.50 28.06 0.93
N GLN F 13 29.04 29.28 0.82
CA GLN F 13 28.24 30.49 0.89
C GLN F 13 27.54 30.71 -0.44
N PRO F 14 26.30 31.25 -0.47
CA PRO F 14 25.55 31.45 -1.70
C PRO F 14 26.23 32.39 -2.68
N GLY F 15 26.30 31.97 -3.95
CA GLY F 15 27.02 32.69 -4.99
C GLY F 15 28.47 32.23 -5.09
N GLY F 16 28.84 31.26 -4.24
CA GLY F 16 30.19 30.72 -4.18
C GLY F 16 30.42 29.61 -5.19
N SER F 17 31.45 28.79 -4.92
CA SER F 17 31.84 27.73 -5.83
C SER F 17 32.52 26.60 -5.05
N LEU F 18 32.39 25.38 -5.58
CA LEU F 18 33.00 24.18 -5.00
C LEU F 18 33.11 23.09 -6.05
N ARG F 19 33.97 22.10 -5.78
CA ARG F 19 34.16 20.96 -6.67
C ARG F 19 33.88 19.67 -5.90
N LEU F 20 33.34 18.67 -6.62
CA LEU F 20 33.10 17.36 -6.06
C LEU F 20 33.96 16.33 -6.78
N SER F 21 34.39 15.30 -6.06
CA SER F 21 35.26 14.26 -6.58
C SER F 21 34.65 12.89 -6.30
N CYS F 22 34.72 12.01 -7.30
CA CYS F 22 34.22 10.64 -7.17
C CYS F 22 35.32 9.66 -7.59
N ALA F 23 35.83 8.92 -6.60
CA ALA F 23 36.87 7.93 -6.81
C ALA F 23 36.25 6.59 -7.18
N ALA F 24 36.61 6.08 -8.36
CA ALA F 24 36.08 4.84 -8.87
C ALA F 24 37.08 3.70 -8.66
N SER F 25 36.58 2.46 -8.69
CA SER F 25 37.38 1.26 -8.45
C SER F 25 36.59 0.03 -8.89
N GLY F 26 37.31 -1.00 -9.34
CA GLY F 26 36.75 -2.32 -9.54
C GLY F 26 36.41 -2.64 -11.00
N PHE F 27 36.31 -1.59 -11.83
CA PHE F 27 35.92 -1.74 -13.22
C PHE F 27 36.83 -0.87 -14.11
N THR F 28 36.82 -1.18 -15.40
CA THR F 28 37.53 -0.36 -16.40
C THR F 28 36.75 0.94 -16.57
N PHE F 29 37.14 1.95 -15.79
CA PHE F 29 36.41 3.21 -15.66
C PHE F 29 36.28 3.91 -17.00
N SER F 30 37.29 3.73 -17.86
CA SER F 30 37.39 4.46 -19.12
C SER F 30 36.24 4.10 -20.07
N SER F 31 35.72 2.88 -19.93
CA SER F 31 34.79 2.34 -20.92
C SER F 31 33.33 2.54 -20.49
N TYR F 32 33.10 3.24 -19.37
CA TYR F 32 31.76 3.44 -18.86
C TYR F 32 31.45 4.93 -18.72
N ASP F 33 30.22 5.31 -19.08
CA ASP F 33 29.70 6.65 -18.91
C ASP F 33 29.49 6.92 -17.42
N MET F 34 29.50 8.19 -17.03
CA MET F 34 29.41 8.57 -15.62
C MET F 34 28.42 9.71 -15.43
N HIS F 35 27.68 9.66 -14.32
CA HIS F 35 26.61 10.59 -14.05
C HIS F 35 26.69 11.09 -12.60
N TRP F 36 26.30 12.34 -12.41
CA TRP F 36 25.98 12.88 -11.09
C TRP F 36 24.46 13.00 -10.98
N VAL F 37 23.94 12.68 -9.79
CA VAL F 37 22.52 12.83 -9.48
C VAL F 37 22.40 13.39 -8.06
N ARG F 38 21.52 14.38 -7.88
CA ARG F 38 21.29 14.97 -6.57
C ARG F 38 19.94 14.54 -6.03
N GLN F 39 19.82 14.56 -4.70
CA GLN F 39 18.59 14.18 -4.02
C GLN F 39 18.22 15.24 -2.99
N THR F 40 17.00 15.76 -3.11
CA THR F 40 16.51 16.81 -2.23
C THR F 40 15.29 16.31 -1.47
N THR F 41 15.01 16.96 -0.33
CA THR F 41 13.93 16.59 0.56
C THR F 41 12.57 16.79 -0.13
N GLY F 42 12.49 17.83 -0.96
CA GLY F 42 11.22 18.31 -1.50
C GLY F 42 10.93 17.81 -2.91
N LYS F 43 11.98 17.64 -3.73
CA LYS F 43 11.82 17.40 -5.14
C LYS F 43 12.38 16.04 -5.55
N GLY F 44 13.09 15.38 -4.62
CA GLY F 44 13.58 14.03 -4.83
C GLY F 44 14.83 13.98 -5.69
N LEU F 45 14.93 12.94 -6.53
CA LEU F 45 16.11 12.67 -7.34
C LEU F 45 16.09 13.52 -8.60
N GLU F 46 17.15 14.31 -8.79
CA GLU F 46 17.33 15.15 -9.96
C GLU F 46 18.68 14.84 -10.60
N TRP F 47 18.65 14.54 -11.91
CA TRP F 47 19.85 14.35 -12.69
C TRP F 47 20.49 15.71 -12.97
N VAL F 48 21.82 15.79 -12.88
CA VAL F 48 22.50 17.08 -12.92
C VAL F 48 23.60 17.11 -14.00
N SER F 49 24.12 15.95 -14.41
CA SER F 49 25.18 15.92 -15.41
C SER F 49 25.51 14.49 -15.85
N THR F 50 25.98 14.37 -17.10
CA THR F 50 26.46 13.12 -17.68
C THR F 50 27.74 13.40 -18.46
N ILE F 51 28.70 12.46 -18.36
CA ILE F 51 29.91 12.50 -19.17
C ILE F 51 30.09 11.15 -19.86
N GLY F 52 30.40 11.21 -21.16
CA GLY F 52 30.46 10.01 -22.00
C GLY F 52 31.88 9.45 -22.13
N THR F 53 31.99 8.37 -22.91
CA THR F 53 33.27 7.71 -23.14
C THR F 53 34.02 8.40 -24.29
N ALA F 54 33.32 9.30 -24.99
CA ALA F 54 33.89 10.03 -26.12
C ALA F 54 34.01 11.52 -25.78
N GLY F 55 34.14 11.82 -24.47
CA GLY F 55 34.43 13.16 -23.99
C GLY F 55 33.21 14.09 -24.03
N ASP F 56 32.04 13.52 -24.36
CA ASP F 56 30.80 14.27 -24.48
C ASP F 56 30.24 14.56 -23.08
N THR F 57 29.70 15.78 -22.91
CA THR F 57 29.06 16.18 -21.66
C THR F 57 27.63 16.63 -21.94
N TYR F 58 26.75 16.46 -20.94
CA TYR F 58 25.34 16.81 -21.04
C TYR F 58 24.88 17.43 -19.73
N TYR F 59 23.95 18.39 -19.83
CA TYR F 59 23.45 19.09 -18.66
C TYR F 59 21.97 19.45 -18.84
N PRO F 60 21.21 19.62 -17.73
CA PRO F 60 19.94 20.35 -17.76
C PRO F 60 20.20 21.85 -17.92
N ASP F 61 19.16 22.59 -18.33
CA ASP F 61 19.25 24.01 -18.57
C ASP F 61 19.52 24.76 -17.27
N SER F 62 18.90 24.27 -16.18
CA SER F 62 19.05 24.86 -14.85
C SER F 62 20.47 24.65 -14.32
N VAL F 63 21.27 23.92 -15.09
CA VAL F 63 22.61 23.53 -14.68
C VAL F 63 23.64 24.10 -15.64
N LYS F 64 23.42 23.92 -16.95
CA LYS F 64 24.41 24.22 -17.97
C LYS F 64 24.89 25.67 -17.84
N GLY F 65 26.22 25.85 -17.83
CA GLY F 65 26.83 27.15 -17.69
C GLY F 65 27.08 27.51 -16.23
N ARG F 66 26.75 26.58 -15.32
CA ARG F 66 26.97 26.77 -13.89
C ARG F 66 27.84 25.63 -13.35
N PHE F 67 27.46 24.39 -13.69
CA PHE F 67 28.23 23.22 -13.32
C PHE F 67 28.91 22.65 -14.56
N THR F 68 30.13 22.11 -14.36
CA THR F 68 30.87 21.44 -15.41
C THR F 68 31.42 20.12 -14.89
N ILE F 69 31.21 19.06 -15.67
CA ILE F 69 31.62 17.70 -15.29
C ILE F 69 32.95 17.38 -15.96
N SER F 70 33.90 16.87 -15.15
CA SER F 70 35.23 16.51 -15.61
C SER F 70 35.46 15.01 -15.41
N ARG F 71 36.42 14.47 -16.15
CA ARG F 71 36.68 13.03 -16.15
C ARG F 71 38.18 12.77 -16.26
N GLU F 72 38.66 11.81 -15.44
CA GLU F 72 40.02 11.32 -15.52
C GLU F 72 40.01 9.82 -15.79
N ASP F 73 40.25 9.46 -17.05
CA ASP F 73 40.38 8.07 -17.47
C ASP F 73 41.64 7.48 -16.82
N ALA F 74 42.63 8.34 -16.59
CA ALA F 74 43.94 7.94 -16.12
C ALA F 74 43.91 7.60 -14.63
N LYS F 75 43.09 8.33 -13.87
CA LYS F 75 43.14 8.27 -12.42
C LYS F 75 41.86 7.66 -11.85
N ASN F 76 41.01 7.11 -12.74
CA ASN F 76 39.74 6.49 -12.38
C ASN F 76 38.95 7.43 -11.48
N SER F 77 38.78 8.69 -11.93
CA SER F 77 38.18 9.72 -11.10
C SER F 77 37.15 10.52 -11.90
N LEU F 78 36.13 11.02 -11.19
CA LEU F 78 35.07 11.82 -11.77
C LEU F 78 34.92 13.11 -10.96
N TYR F 79 34.74 14.24 -11.67
CA TYR F 79 34.70 15.55 -11.04
C TYR F 79 33.45 16.31 -11.48
N LEU F 80 33.00 17.23 -10.61
CA LEU F 80 31.94 18.17 -10.93
C LEU F 80 32.29 19.53 -10.31
N GLN F 81 32.73 20.46 -11.16
CA GLN F 81 33.02 21.83 -10.74
C GLN F 81 31.74 22.63 -10.77
N MET F 82 31.37 23.21 -9.62
CA MET F 82 30.11 23.90 -9.45
C MET F 82 30.37 25.37 -9.12
N ASN F 83 29.79 26.26 -9.93
CA ASN F 83 29.93 27.70 -9.77
C ASN F 83 28.55 28.33 -9.67
N SER F 84 28.48 29.46 -8.94
CA SER F 84 27.25 30.20 -8.71
C SER F 84 26.21 29.32 -8.04
N LEU F 85 26.49 28.96 -6.78
CA LEU F 85 25.64 28.05 -6.02
C LEU F 85 24.53 28.84 -5.32
N ARG F 86 23.30 28.35 -5.48
CA ARG F 86 22.12 28.93 -4.86
C ARG F 86 21.69 28.05 -3.69
N ALA F 87 20.74 28.56 -2.89
CA ALA F 87 20.19 27.84 -1.76
C ALA F 87 19.51 26.56 -2.24
N GLY F 88 18.94 26.61 -3.46
CA GLY F 88 18.22 25.50 -4.06
C GLY F 88 19.16 24.46 -4.69
N ASP F 89 20.44 24.51 -4.31
CA ASP F 89 21.44 23.56 -4.77
C ASP F 89 21.83 22.64 -3.61
N THR F 90 21.32 22.96 -2.41
CA THR F 90 21.54 22.16 -1.22
C THR F 90 20.92 20.78 -1.42
N ALA F 91 21.77 19.77 -1.62
CA ALA F 91 21.32 18.43 -1.96
C ALA F 91 22.41 17.41 -1.66
N VAL F 92 22.03 16.12 -1.73
CA VAL F 92 22.96 15.00 -1.61
C VAL F 92 23.34 14.55 -3.01
N TYR F 93 24.62 14.73 -3.36
CA TYR F 93 25.11 14.45 -4.70
C TYR F 93 25.73 13.05 -4.75
N TYR F 94 25.21 12.23 -5.66
CA TYR F 94 25.73 10.88 -5.90
C TYR F 94 26.38 10.83 -7.27
N CYS F 95 27.52 10.12 -7.35
CA CYS F 95 28.10 9.74 -8.63
C CYS F 95 27.66 8.31 -8.94
N ALA F 96 27.21 8.09 -10.18
CA ALA F 96 26.63 6.81 -10.56
C ALA F 96 27.11 6.41 -11.96
N ARG F 97 27.37 5.11 -12.14
CA ARG F 97 27.79 4.55 -13.40
C ARG F 97 26.57 4.39 -14.31
N GLY F 98 26.82 4.24 -15.62
CA GLY F 98 25.79 3.97 -16.60
C GLY F 98 26.20 2.83 -17.54
N ASP F 99 25.26 1.92 -17.79
CA ASP F 99 25.49 0.79 -18.68
C ASP F 99 24.20 0.47 -19.43
N SER F 100 24.33 -0.31 -20.52
CA SER F 100 23.19 -0.66 -21.34
C SER F 100 23.19 -2.16 -21.63
N SER F 101 22.02 -2.77 -21.49
CA SER F 101 21.81 -4.15 -21.90
C SER F 101 20.93 -4.16 -23.16
N GLY F 102 21.58 -3.96 -24.31
CA GLY F 102 20.90 -3.66 -25.56
C GLY F 102 20.85 -2.16 -25.79
N TYR F 103 19.64 -1.66 -26.11
CA TYR F 103 19.42 -0.22 -26.27
C TYR F 103 19.05 0.39 -24.92
N TYR F 104 18.63 -0.45 -23.99
CA TYR F 104 18.08 -0.04 -22.71
C TYR F 104 19.19 0.37 -21.76
N TYR F 105 19.11 1.62 -21.26
CA TYR F 105 20.12 2.21 -20.41
C TYR F 105 19.67 2.16 -18.96
N TYR F 106 20.65 2.10 -18.04
CA TYR F 106 20.37 2.04 -16.60
C TYR F 106 21.59 2.49 -15.80
N PHE F 107 21.34 2.90 -14.55
CA PHE F 107 22.36 3.32 -13.61
C PHE F 107 22.60 2.18 -12.61
N ASP F 108 23.57 1.31 -12.91
CA ASP F 108 23.71 0.05 -12.23
C ASP F 108 24.37 0.22 -10.85
N TYR F 109 25.47 0.98 -10.80
CA TYR F 109 26.19 1.18 -9.54
C TYR F 109 26.11 2.65 -9.12
N TRP F 110 25.94 2.87 -7.81
CA TRP F 110 25.76 4.20 -7.26
C TRP F 110 26.81 4.47 -6.19
N GLY F 111 26.91 5.74 -5.79
CA GLY F 111 27.92 6.19 -4.84
C GLY F 111 27.45 6.00 -3.40
N GLN F 112 27.89 6.92 -2.52
CA GLN F 112 27.63 6.85 -1.09
C GLN F 112 26.89 8.10 -0.65
N GLY F 113 27.07 9.18 -1.42
CA GLY F 113 26.34 10.42 -1.20
C GLY F 113 27.14 11.43 -0.38
N THR F 114 27.34 12.62 -0.97
CA THR F 114 27.97 13.73 -0.28
C THR F 114 27.01 14.92 -0.26
N LEU F 115 26.94 15.58 0.91
CA LEU F 115 25.95 16.62 1.14
C LEU F 115 26.57 17.99 0.91
N LEU F 116 26.11 18.67 -0.14
CA LEU F 116 26.41 20.07 -0.36
C LEU F 116 25.33 20.91 0.32
N THR F 117 25.77 21.87 1.14
CA THR F 117 24.86 22.74 1.87
C THR F 117 25.25 24.20 1.65
N VAL F 118 24.32 24.95 1.06
CA VAL F 118 24.56 26.33 0.64
C VAL F 118 23.88 27.27 1.62
N SER F 119 24.68 27.83 2.54
CA SER F 119 24.17 28.71 3.60
C SER F 119 25.18 29.82 3.88
N SER F 120 24.66 30.94 4.39
CA SER F 120 25.46 32.11 4.75
C SER F 120 26.05 31.94 6.15
N ALA F 121 25.40 31.07 6.95
CA ALA F 121 25.79 30.84 8.33
C ALA F 121 27.17 30.22 8.39
N SER F 122 27.92 30.57 9.45
CA SER F 122 29.31 30.14 9.62
C SER F 122 29.38 28.73 10.16
N THR F 123 30.51 28.06 9.91
CA THR F 123 30.76 26.70 10.34
C THR F 123 31.12 26.68 11.82
N LYS F 124 30.76 25.59 12.50
CA LYS F 124 31.10 25.38 13.90
C LYS F 124 31.19 23.89 14.18
N GLY F 125 32.25 23.50 14.91
CA GLY F 125 32.46 22.12 15.33
C GLY F 125 31.56 21.75 16.50
N PRO F 126 31.25 20.44 16.70
CA PRO F 126 30.36 20.01 17.78
C PRO F 126 31.03 19.86 19.13
N SER F 127 30.23 19.99 20.19
CA SER F 127 30.65 19.68 21.55
C SER F 127 30.08 18.32 21.94
N VAL F 128 30.96 17.31 22.02
CA VAL F 128 30.57 15.94 22.30
C VAL F 128 30.53 15.74 23.81
N PHE F 129 29.49 15.05 24.28
CA PHE F 129 29.33 14.73 25.69
C PHE F 129 28.86 13.28 25.84
N PRO F 130 29.39 12.51 26.81
CA PRO F 130 28.98 11.12 27.01
C PRO F 130 27.63 11.02 27.71
N LEU F 131 26.97 9.86 27.54
CA LEU F 131 25.75 9.53 28.25
C LEU F 131 26.03 8.35 29.17
N ALA F 132 26.11 8.64 30.48
CA ALA F 132 26.50 7.67 31.50
C ALA F 132 25.44 6.56 31.59
N PRO F 133 25.86 5.27 31.59
CA PRO F 133 24.92 4.15 31.66
C PRO F 133 24.00 4.21 32.89
N THR F 142 20.30 -5.64 30.93
CA THR F 142 20.68 -4.90 29.69
C THR F 142 20.58 -3.40 29.95
N ALA F 143 21.69 -2.69 29.70
CA ALA F 143 21.76 -1.25 29.89
C ALA F 143 22.20 -0.58 28.58
N ALA F 144 22.05 0.75 28.54
CA ALA F 144 22.37 1.52 27.35
C ALA F 144 23.25 2.71 27.71
N LEU F 145 24.04 3.17 26.72
CA LEU F 145 24.89 4.34 26.83
C LEU F 145 25.01 4.97 25.44
N GLY F 146 25.46 6.23 25.39
CA GLY F 146 25.58 6.92 24.12
C GLY F 146 26.46 8.17 24.19
N CYS F 147 26.44 8.95 23.11
CA CYS F 147 27.18 10.20 22.98
C CYS F 147 26.26 11.27 22.41
N LEU F 148 26.29 12.45 23.03
CA LEU F 148 25.52 13.60 22.57
C LEU F 148 26.43 14.52 21.75
N VAL F 149 26.06 14.72 20.48
CA VAL F 149 26.76 15.63 19.58
C VAL F 149 25.96 16.92 19.53
N LYS F 150 26.42 17.94 20.27
CA LYS F 150 25.62 19.12 20.57
C LYS F 150 26.24 20.36 19.93
N ASP F 151 25.37 21.18 19.34
CA ASP F 151 25.70 22.50 18.78
C ASP F 151 26.77 22.38 17.70
N TYR F 152 26.32 22.16 16.47
CA TYR F 152 27.21 22.12 15.31
C TYR F 152 26.45 22.56 14.06
N PHE F 153 27.22 23.01 13.05
CA PHE F 153 26.69 23.42 11.77
C PHE F 153 27.80 23.33 10.72
N PRO F 154 27.52 22.82 9.50
CA PRO F 154 26.22 22.23 9.17
C PRO F 154 26.25 20.71 9.29
N GLU F 155 25.36 20.04 8.53
CA GLU F 155 25.35 18.59 8.42
C GLU F 155 26.41 18.18 7.38
N PRO F 156 26.84 16.89 7.33
CA PRO F 156 26.45 15.88 8.32
C PRO F 156 27.50 15.60 9.39
N VAL F 157 27.10 14.83 10.41
CA VAL F 157 28.00 14.28 11.41
C VAL F 157 27.89 12.76 11.35
N THR F 158 29.05 12.09 11.42
CA THR F 158 29.10 10.63 11.42
C THR F 158 29.66 10.15 12.76
N VAL F 159 28.92 9.23 13.39
CA VAL F 159 29.34 8.60 14.63
C VAL F 159 29.50 7.10 14.39
N SER F 160 30.61 6.55 14.90
CA SER F 160 30.84 5.11 14.89
C SER F 160 31.34 4.67 16.26
N TRP F 161 31.12 3.39 16.59
CA TRP F 161 31.42 2.88 17.92
C TRP F 161 32.56 1.87 17.86
N ASN F 162 33.57 2.12 18.72
CA ASN F 162 34.78 1.33 18.82
C ASN F 162 35.41 1.15 17.43
N SER F 163 35.49 2.26 16.69
CA SER F 163 36.05 2.33 15.35
C SER F 163 35.40 1.31 14.42
N GLY F 164 34.09 1.10 14.61
CA GLY F 164 33.28 0.29 13.72
C GLY F 164 33.28 -1.19 14.10
N ALA F 165 33.73 -1.50 15.32
CA ALA F 165 33.74 -2.86 15.82
C ALA F 165 32.37 -3.22 16.39
N LEU F 166 31.62 -2.18 16.80
CA LEU F 166 30.30 -2.35 17.39
C LEU F 166 29.25 -1.76 16.45
N THR F 167 28.28 -2.59 16.07
CA THR F 167 27.28 -2.23 15.08
C THR F 167 25.89 -2.73 15.50
N SER F 168 25.87 -3.84 16.25
CA SER F 168 24.67 -4.63 16.50
C SER F 168 23.55 -3.77 17.09
N GLY F 169 23.73 -3.32 18.34
CA GLY F 169 22.68 -2.60 19.05
C GLY F 169 22.88 -1.09 19.00
N VAL F 170 23.31 -0.59 17.84
CA VAL F 170 23.63 0.83 17.68
C VAL F 170 22.47 1.55 17.00
N HIS F 171 22.11 2.71 17.55
CA HIS F 171 21.13 3.60 16.96
C HIS F 171 21.71 5.02 16.88
N THR F 172 21.76 5.56 15.66
CA THR F 172 22.19 6.93 15.45
C THR F 172 21.01 7.75 14.93
N PHE F 173 20.52 8.65 15.79
CA PHE F 173 19.31 9.42 15.52
C PHE F 173 19.60 10.51 14.50
N PRO F 174 18.63 10.83 13.61
CA PRO F 174 18.76 11.97 12.70
C PRO F 174 18.90 13.27 13.49
N ALA F 175 19.68 14.21 12.92
CA ALA F 175 19.97 15.49 13.55
C ALA F 175 18.71 16.35 13.58
N VAL F 176 18.56 17.13 14.66
CA VAL F 176 17.44 18.04 14.82
C VAL F 176 17.97 19.47 14.91
N LEU F 177 17.47 20.33 14.02
CA LEU F 177 17.80 21.75 14.02
C LEU F 177 17.20 22.40 15.27
N GLN F 178 18.07 23.00 16.08
CA GLN F 178 17.67 23.62 17.33
C GLN F 178 17.08 25.00 17.07
N SER F 179 16.67 25.68 18.15
CA SER F 179 16.15 27.04 18.08
C SER F 179 17.28 28.02 17.84
N SER F 180 18.50 27.62 18.23
CA SER F 180 19.70 28.44 18.08
C SER F 180 20.11 28.52 16.61
N GLY F 181 19.66 27.55 15.82
CA GLY F 181 19.96 27.49 14.39
C GLY F 181 20.99 26.40 14.07
N LEU F 182 21.62 25.86 15.12
CA LEU F 182 22.61 24.81 14.99
C LEU F 182 21.94 23.45 15.15
N TYR F 183 22.71 22.38 14.91
CA TYR F 183 22.20 21.02 14.94
C TYR F 183 22.61 20.32 16.22
N SER F 184 21.83 19.30 16.60
CA SER F 184 22.12 18.44 17.73
C SER F 184 21.76 17.00 17.37
N LEU F 185 22.62 16.06 17.78
CA LEU F 185 22.50 14.66 17.42
C LEU F 185 22.84 13.80 18.63
N SER F 186 22.21 12.62 18.69
CA SER F 186 22.51 11.62 19.72
C SER F 186 22.74 10.25 19.07
N SER F 187 23.68 9.50 19.64
CA SER F 187 23.94 8.13 19.23
C SER F 187 24.02 7.24 20.47
N VAL F 188 23.31 6.10 20.42
CA VAL F 188 23.18 5.21 21.56
C VAL F 188 23.54 3.79 21.13
N VAL F 189 23.88 2.95 22.13
CA VAL F 189 24.11 1.53 21.91
C VAL F 189 23.58 0.76 23.13
N THR F 190 22.86 -0.34 22.84
CA THR F 190 22.36 -1.24 23.87
C THR F 190 23.33 -2.40 24.03
N VAL F 191 23.70 -2.68 25.29
CA VAL F 191 24.74 -3.62 25.63
C VAL F 191 24.32 -4.41 26.87
N PRO F 192 24.60 -5.74 26.94
CA PRO F 192 24.37 -6.51 28.16
C PRO F 192 25.14 -5.93 29.34
N SER F 193 24.47 -5.87 30.50
CA SER F 193 25.02 -5.29 31.72
C SER F 193 26.25 -6.08 32.19
N SER F 194 26.42 -7.27 31.62
CA SER F 194 27.53 -8.16 31.95
C SER F 194 28.81 -7.68 31.28
N SER F 195 28.70 -6.60 30.48
CA SER F 195 29.81 -6.14 29.66
C SER F 195 30.20 -4.70 30.03
N LEU F 196 29.60 -4.19 31.12
CA LEU F 196 29.90 -2.85 31.61
C LEU F 196 31.09 -2.92 32.56
N GLY F 197 32.15 -2.17 32.22
CA GLY F 197 33.39 -2.17 33.00
C GLY F 197 34.37 -3.22 32.47
N THR F 198 33.82 -4.33 31.96
CA THR F 198 34.61 -5.41 31.37
C THR F 198 34.73 -5.20 29.87
N GLN F 199 34.21 -4.07 29.40
CA GLN F 199 34.39 -3.59 28.03
C GLN F 199 34.10 -2.09 27.98
N THR F 200 35.06 -1.32 27.48
CA THR F 200 34.93 0.13 27.36
C THR F 200 34.40 0.48 25.97
N TYR F 201 33.64 1.59 25.92
CA TYR F 201 32.98 2.01 24.70
C TYR F 201 33.35 3.44 24.35
N ILE F 202 33.79 3.63 23.10
CA ILE F 202 34.24 4.93 22.59
C ILE F 202 33.45 5.24 21.32
N CYS F 203 32.87 6.44 21.26
CA CYS F 203 32.17 6.91 20.08
C CYS F 203 33.12 7.76 19.23
N ASN F 204 33.12 7.49 17.92
CA ASN F 204 34.02 8.16 16.99
C ASN F 204 33.24 9.21 16.19
N VAL F 205 33.14 10.41 16.77
CA VAL F 205 32.43 11.52 16.17
C VAL F 205 33.36 12.20 15.16
N ASN F 206 32.85 12.43 13.95
CA ASN F 206 33.61 13.08 12.89
C ASN F 206 32.73 14.11 12.19
N HIS F 207 33.14 15.38 12.31
CA HIS F 207 32.51 16.49 11.62
C HIS F 207 33.49 17.07 10.60
N LYS F 208 33.30 16.67 9.33
CA LYS F 208 34.21 17.00 8.24
C LYS F 208 34.22 18.51 7.98
N PRO F 209 33.06 19.20 7.90
CA PRO F 209 33.03 20.63 7.58
C PRO F 209 33.75 21.56 8.56
N SER F 210 34.39 20.99 9.58
CA SER F 210 35.19 21.77 10.52
C SER F 210 36.43 20.99 10.95
N ASN F 211 36.61 19.80 10.37
CA ASN F 211 37.71 18.90 10.68
C ASN F 211 37.80 18.66 12.19
N THR F 212 36.65 18.36 12.80
CA THR F 212 36.57 18.10 14.22
C THR F 212 36.31 16.61 14.43
N LYS F 213 37.39 15.84 14.61
CA LYS F 213 37.30 14.44 14.95
C LYS F 213 37.51 14.27 16.45
N VAL F 214 36.52 13.65 17.11
CA VAL F 214 36.53 13.48 18.56
C VAL F 214 36.23 12.02 18.88
N ASP F 215 37.08 11.43 19.72
CA ASP F 215 36.89 10.09 20.24
C ASP F 215 36.85 10.16 21.76
N LYS F 216 35.67 9.92 22.35
CA LYS F 216 35.51 10.03 23.79
C LYS F 216 34.95 8.73 24.37
N LYS F 217 35.43 8.40 25.58
CA LYS F 217 35.17 7.14 26.25
C LYS F 217 33.92 7.28 27.13
N VAL F 218 33.03 6.29 27.03
CA VAL F 218 31.83 6.22 27.84
C VAL F 218 31.97 5.05 28.81
N GLU F 219 31.86 5.35 30.11
CA GLU F 219 32.01 4.37 31.16
C GLU F 219 31.02 4.67 32.28
N PRO F 220 30.75 3.70 33.19
CA PRO F 220 29.98 3.97 34.40
C PRO F 220 30.50 5.18 35.17
N LYS F 221 29.57 5.98 35.70
CA LYS F 221 29.90 7.21 36.40
C LYS F 221 30.52 6.87 37.76
N ASP G 1 -11.23 -25.64 5.89
CA ASP G 1 -11.56 -24.19 5.84
C ASP G 1 -10.52 -23.47 4.98
N ILE G 2 -11.01 -22.62 4.06
CA ILE G 2 -10.15 -21.84 3.19
C ILE G 2 -9.87 -20.50 3.85
N GLN G 3 -8.60 -20.26 4.15
CA GLN G 3 -8.16 -19.05 4.82
C GLN G 3 -7.76 -17.99 3.78
N MET G 4 -8.11 -16.73 4.07
CA MET G 4 -7.89 -15.63 3.14
C MET G 4 -6.90 -14.64 3.75
N THR G 5 -5.89 -14.28 2.95
CA THR G 5 -4.92 -13.25 3.31
C THR G 5 -4.87 -12.20 2.21
N GLN G 6 -4.73 -10.93 2.60
CA GLN G 6 -4.68 -9.85 1.63
C GLN G 6 -3.67 -8.78 2.04
N SER G 7 -2.98 -8.25 1.03
CA SER G 7 -1.86 -7.33 1.21
C SER G 7 -2.06 -6.11 0.32
N PRO G 8 -1.63 -4.89 0.74
CA PRO G 8 -0.98 -4.68 2.03
C PRO G 8 -1.98 -4.51 3.17
N SER G 9 -1.46 -4.17 4.36
CA SER G 9 -2.28 -3.92 5.52
C SER G 9 -2.87 -2.50 5.42
N SER G 10 -1.98 -1.50 5.50
CA SER G 10 -2.34 -0.10 5.34
C SER G 10 -1.72 0.44 4.05
N LEU G 11 -2.44 1.37 3.41
CA LEU G 11 -2.05 1.93 2.12
C LEU G 11 -2.46 3.40 2.09
N SER G 12 -1.58 4.23 1.52
CA SER G 12 -1.82 5.66 1.43
C SER G 12 -1.46 6.16 0.02
N ALA G 13 -2.43 6.82 -0.63
CA ALA G 13 -2.25 7.33 -1.98
C ALA G 13 -3.14 8.55 -2.20
N ALA G 14 -2.67 9.48 -3.03
CA ALA G 14 -3.37 10.72 -3.31
C ALA G 14 -4.49 10.49 -4.33
N VAL G 15 -5.37 11.49 -4.47
CA VAL G 15 -6.52 11.45 -5.35
C VAL G 15 -6.02 11.35 -6.80
N GLY G 16 -6.68 10.51 -7.59
CA GLY G 16 -6.35 10.35 -9.00
C GLY G 16 -5.40 9.17 -9.24
N ASP G 17 -4.76 8.70 -8.16
CA ASP G 17 -3.77 7.63 -8.23
C ASP G 17 -4.43 6.29 -8.47
N ARG G 18 -3.63 5.34 -8.95
CA ARG G 18 -4.07 3.97 -9.20
C ARG G 18 -3.70 3.11 -8.00
N VAL G 19 -4.69 2.42 -7.43
CA VAL G 19 -4.51 1.63 -6.22
C VAL G 19 -4.73 0.15 -6.53
N THR G 20 -3.81 -0.69 -6.05
CA THR G 20 -3.85 -2.12 -6.29
C THR G 20 -3.78 -2.88 -4.97
N ILE G 21 -4.79 -3.73 -4.74
CA ILE G 21 -4.91 -4.55 -3.53
C ILE G 21 -4.80 -6.01 -3.93
N THR G 22 -3.99 -6.77 -3.18
CA THR G 22 -3.75 -8.19 -3.44
C THR G 22 -4.53 -9.03 -2.43
N CYS G 23 -5.01 -10.19 -2.89
CA CYS G 23 -5.70 -11.15 -2.06
C CYS G 23 -5.29 -12.57 -2.47
N ARG G 24 -5.02 -13.42 -1.48
CA ARG G 24 -4.57 -14.78 -1.72
C ARG G 24 -5.39 -15.76 -0.89
N ALA G 25 -5.80 -16.86 -1.54
CA ALA G 25 -6.52 -17.96 -0.90
C ALA G 25 -5.56 -19.11 -0.63
N SER G 26 -5.92 -19.93 0.37
CA SER G 26 -5.06 -21.01 0.84
C SER G 26 -5.10 -22.21 -0.11
N GLN G 27 -5.98 -22.15 -1.10
CA GLN G 27 -6.05 -23.15 -2.16
C GLN G 27 -6.72 -22.53 -3.39
N SER G 28 -6.75 -23.31 -4.49
CA SER G 28 -7.33 -22.87 -5.75
C SER G 28 -8.84 -22.69 -5.60
N ILE G 29 -9.30 -21.46 -5.85
CA ILE G 29 -10.71 -21.13 -5.72
C ILE G 29 -11.21 -20.55 -7.05
N GLY G 30 -10.59 -20.98 -8.15
CA GLY G 30 -11.00 -20.62 -9.50
C GLY G 30 -11.26 -19.13 -9.65
N SER G 31 -12.54 -18.77 -9.80
CA SER G 31 -12.98 -17.38 -9.92
C SER G 31 -13.92 -17.03 -8.77
N TYR G 32 -14.13 -18.00 -7.87
CA TYR G 32 -15.05 -17.88 -6.75
C TYR G 32 -14.46 -16.91 -5.72
N LEU G 33 -14.52 -15.61 -6.02
CA LEU G 33 -13.89 -14.58 -5.23
C LEU G 33 -14.69 -13.27 -5.38
N ASN G 34 -14.95 -12.62 -4.25
CA ASN G 34 -15.71 -11.38 -4.20
C ASN G 34 -14.85 -10.27 -3.58
N TRP G 35 -15.31 -9.02 -3.74
CA TRP G 35 -14.64 -7.85 -3.21
C TRP G 35 -15.66 -6.89 -2.60
N TYR G 36 -15.37 -6.40 -1.39
CA TYR G 36 -16.30 -5.57 -0.64
C TYR G 36 -15.62 -4.30 -0.17
N GLN G 37 -16.41 -3.22 -0.07
CA GLN G 37 -15.95 -1.92 0.41
C GLN G 37 -16.68 -1.61 1.72
N GLN G 38 -15.97 -1.01 2.67
CA GLN G 38 -16.58 -0.64 3.94
C GLN G 38 -16.01 0.68 4.46
N LYS G 39 -16.88 1.68 4.59
CA LYS G 39 -16.55 2.98 5.12
C LYS G 39 -16.65 2.95 6.65
N PRO G 40 -16.19 3.99 7.37
CA PRO G 40 -16.10 3.98 8.83
C PRO G 40 -17.26 3.35 9.59
N GLY G 41 -18.40 4.06 9.64
CA GLY G 41 -19.56 3.61 10.39
C GLY G 41 -20.68 3.14 9.47
N LYS G 42 -20.31 2.30 8.49
CA LYS G 42 -21.27 1.80 7.50
C LYS G 42 -21.03 0.32 7.27
N ALA G 43 -21.87 -0.28 6.41
CA ALA G 43 -21.88 -1.71 6.18
C ALA G 43 -21.17 -2.04 4.86
N PRO G 44 -20.57 -3.25 4.72
CA PRO G 44 -19.94 -3.67 3.48
C PRO G 44 -20.82 -3.48 2.25
N LYS G 45 -20.20 -3.00 1.16
CA LYS G 45 -20.82 -2.86 -0.13
C LYS G 45 -20.07 -3.73 -1.13
N LEU G 46 -20.82 -4.55 -1.90
CA LEU G 46 -20.24 -5.41 -2.91
C LEU G 46 -19.75 -4.56 -4.08
N LEU G 47 -18.52 -4.85 -4.53
CA LEU G 47 -17.93 -4.17 -5.68
C LEU G 47 -17.77 -5.17 -6.82
N ILE G 48 -17.11 -6.29 -6.50
CA ILE G 48 -16.76 -7.29 -7.50
C ILE G 48 -17.21 -8.67 -7.00
N TYR G 49 -17.77 -9.45 -7.93
CA TYR G 49 -17.98 -10.88 -7.73
C TYR G 49 -17.47 -11.63 -8.96
N ALA G 50 -17.32 -12.95 -8.82
CA ALA G 50 -16.78 -13.80 -9.86
C ALA G 50 -15.43 -13.27 -10.33
N ALA G 51 -14.65 -12.73 -9.37
CA ALA G 51 -13.28 -12.29 -9.53
C ALA G 51 -13.17 -10.99 -10.32
N SER G 52 -14.03 -10.80 -11.34
CA SER G 52 -13.86 -9.73 -12.29
C SER G 52 -15.12 -8.88 -12.44
N SER G 53 -16.29 -9.53 -12.40
CA SER G 53 -17.56 -8.89 -12.69
C SER G 53 -17.86 -7.77 -11.70
N LEU G 54 -18.33 -6.64 -12.24
CA LEU G 54 -18.62 -5.43 -11.49
C LEU G 54 -20.09 -5.42 -11.06
N GLN G 55 -20.34 -4.96 -9.83
CA GLN G 55 -21.69 -4.79 -9.32
C GLN G 55 -22.33 -3.58 -9.97
N SER G 56 -23.67 -3.58 -10.03
CA SER G 56 -24.46 -2.64 -10.81
C SER G 56 -24.14 -1.19 -10.46
N GLY G 57 -24.41 -0.81 -9.20
CA GLY G 57 -24.31 0.58 -8.77
C GLY G 57 -22.90 0.95 -8.32
N VAL G 58 -21.90 0.33 -8.95
CA VAL G 58 -20.50 0.53 -8.59
C VAL G 58 -19.76 1.13 -9.79
N PRO G 59 -18.99 2.22 -9.60
CA PRO G 59 -18.28 2.89 -10.70
C PRO G 59 -17.33 1.96 -11.45
N SER G 60 -17.12 2.26 -12.74
CA SER G 60 -16.22 1.51 -13.60
C SER G 60 -14.77 1.74 -13.17
N ARG G 61 -14.60 2.70 -12.25
CA ARG G 61 -13.37 2.98 -11.53
C ARG G 61 -12.81 1.68 -10.93
N PHE G 62 -13.72 0.81 -10.46
CA PHE G 62 -13.35 -0.41 -9.76
C PHE G 62 -13.23 -1.58 -10.73
N SER G 63 -12.12 -2.30 -10.62
CA SER G 63 -11.82 -3.45 -11.46
C SER G 63 -11.33 -4.61 -10.60
N GLY G 64 -11.58 -5.84 -11.08
CA GLY G 64 -11.08 -7.04 -10.44
C GLY G 64 -10.51 -8.01 -11.47
N SER G 65 -9.48 -8.77 -11.06
CA SER G 65 -8.86 -9.76 -11.93
C SER G 65 -8.15 -10.82 -11.08
N GLY G 66 -7.92 -11.99 -11.69
CA GLY G 66 -7.22 -13.09 -11.03
C GLY G 66 -7.97 -14.41 -11.16
N SER G 67 -7.21 -15.51 -11.12
CA SER G 67 -7.75 -16.85 -11.18
C SER G 67 -6.85 -17.80 -10.39
N GLY G 68 -7.47 -18.75 -9.69
CA GLY G 68 -6.75 -19.73 -8.90
C GLY G 68 -6.61 -19.31 -7.45
N THR G 69 -5.43 -18.80 -7.09
CA THR G 69 -5.09 -18.50 -5.71
C THR G 69 -4.98 -16.99 -5.49
N ASP G 70 -4.52 -16.27 -6.51
CA ASP G 70 -4.21 -14.86 -6.37
C ASP G 70 -5.18 -14.00 -7.17
N PHE G 71 -5.70 -12.94 -6.51
CA PHE G 71 -6.68 -12.03 -7.07
C PHE G 71 -6.30 -10.60 -6.69
N THR G 72 -6.75 -9.63 -7.50
CA THR G 72 -6.49 -8.23 -7.27
C THR G 72 -7.72 -7.38 -7.56
N LEU G 73 -8.03 -6.47 -6.64
CA LEU G 73 -8.97 -5.39 -6.85
C LEU G 73 -8.20 -4.12 -7.17
N THR G 74 -8.60 -3.42 -8.23
CA THR G 74 -7.93 -2.22 -8.68
C THR G 74 -8.88 -1.03 -8.65
N ILE G 75 -8.36 0.11 -8.21
CA ILE G 75 -9.05 1.39 -8.33
C ILE G 75 -8.24 2.25 -9.30
N SER G 76 -8.78 2.43 -10.51
CA SER G 76 -8.05 3.05 -11.62
C SER G 76 -7.70 4.49 -11.29
N SER G 77 -8.66 5.23 -10.73
CA SER G 77 -8.46 6.62 -10.35
C SER G 77 -9.12 6.89 -9.00
N LEU G 78 -8.30 6.89 -7.93
CA LEU G 78 -8.78 7.01 -6.57
C LEU G 78 -9.55 8.32 -6.38
N GLN G 79 -10.52 8.30 -5.47
CA GLN G 79 -11.37 9.43 -5.18
C GLN G 79 -11.46 9.62 -3.66
N PRO G 80 -11.83 10.83 -3.18
CA PRO G 80 -11.91 11.11 -1.73
C PRO G 80 -12.87 10.21 -0.95
N GLU G 81 -13.90 9.69 -1.63
CA GLU G 81 -14.92 8.89 -0.97
C GLU G 81 -14.59 7.40 -1.09
N ASP G 82 -13.33 7.10 -1.43
CA ASP G 82 -12.88 5.72 -1.56
C ASP G 82 -12.11 5.30 -0.31
N PHE G 83 -11.96 6.22 0.64
CA PHE G 83 -11.38 5.91 1.94
C PHE G 83 -12.23 4.82 2.60
N ALA G 84 -11.68 3.60 2.62
CA ALA G 84 -12.41 2.43 3.07
C ALA G 84 -11.46 1.28 3.38
N ILE G 85 -11.98 0.28 4.09
CA ILE G 85 -11.31 -1.01 4.22
C ILE G 85 -11.95 -1.98 3.23
N TYR G 86 -11.12 -2.64 2.43
CA TYR G 86 -11.58 -3.49 1.35
C TYR G 86 -11.29 -4.95 1.68
N TYR G 87 -12.35 -5.77 1.72
CA TYR G 87 -12.24 -7.18 2.07
C TYR G 87 -12.49 -8.03 0.82
N CYS G 88 -11.70 -9.10 0.67
CA CYS G 88 -11.98 -10.13 -0.32
C CYS G 88 -12.64 -11.32 0.38
N GLN G 89 -13.44 -12.07 -0.39
CA GLN G 89 -14.19 -13.19 0.15
C GLN G 89 -14.26 -14.30 -0.88
N GLN G 90 -13.85 -15.52 -0.48
CA GLN G 90 -13.97 -16.68 -1.32
C GLN G 90 -15.42 -17.19 -1.28
N SER G 91 -15.89 -17.69 -2.42
CA SER G 91 -17.25 -18.20 -2.53
C SER G 91 -17.23 -19.62 -3.11
N TYR G 92 -16.16 -20.36 -2.80
CA TYR G 92 -15.99 -21.72 -3.27
C TYR G 92 -16.59 -22.70 -2.26
N VAL G 93 -16.11 -22.63 -1.02
CA VAL G 93 -16.61 -23.49 0.04
C VAL G 93 -17.79 -22.81 0.73
N SER G 94 -18.95 -23.48 0.65
CA SER G 94 -20.18 -23.05 1.28
C SER G 94 -20.71 -24.18 2.15
N PRO G 95 -21.43 -23.89 3.26
CA PRO G 95 -21.89 -22.54 3.60
C PRO G 95 -20.85 -21.71 4.37
N THR G 96 -19.67 -22.28 4.57
CA THR G 96 -18.62 -21.64 5.34
C THR G 96 -17.83 -20.68 4.47
N TYR G 97 -18.47 -19.55 4.12
CA TYR G 97 -17.81 -18.46 3.43
C TYR G 97 -16.89 -17.75 4.39
N THR G 98 -15.68 -17.39 3.91
CA THR G 98 -14.68 -16.73 4.73
C THR G 98 -14.24 -15.43 4.07
N PHE G 99 -13.98 -14.42 4.90
CA PHE G 99 -13.54 -13.11 4.47
C PHE G 99 -12.06 -12.91 4.79
N GLY G 100 -11.41 -12.00 4.05
CA GLY G 100 -10.04 -11.62 4.31
C GLY G 100 -9.93 -10.60 5.43
N PRO G 101 -8.71 -10.33 5.96
CA PRO G 101 -8.53 -9.40 7.08
C PRO G 101 -8.85 -7.95 6.72
N GLY G 102 -8.71 -7.60 5.45
CA GLY G 102 -9.08 -6.29 4.95
C GLY G 102 -7.88 -5.36 4.82
N THR G 103 -7.86 -4.59 3.71
CA THR G 103 -6.85 -3.58 3.46
C THR G 103 -7.47 -2.20 3.65
N LYS G 104 -6.87 -1.40 4.54
CA LYS G 104 -7.30 -0.03 4.73
C LYS G 104 -6.61 0.85 3.69
N VAL G 105 -7.40 1.74 3.08
CA VAL G 105 -6.91 2.67 2.07
C VAL G 105 -7.16 4.10 2.56
N ASP G 106 -6.06 4.80 2.86
CA ASP G 106 -6.10 6.21 3.23
C ASP G 106 -5.80 7.05 2.00
N ILE G 107 -5.95 8.38 2.13
CA ILE G 107 -5.74 9.26 1.00
C ILE G 107 -4.72 10.34 1.38
N LYS G 108 -3.66 10.45 0.57
CA LYS G 108 -2.65 11.48 0.72
C LYS G 108 -3.20 12.80 0.20
N ARG G 109 -3.05 13.85 1.00
CA ARG G 109 -3.67 15.14 0.75
C ARG G 109 -2.64 16.25 0.96
N THR G 110 -2.98 17.46 0.50
CA THR G 110 -2.26 18.66 0.85
C THR G 110 -2.35 18.88 2.36
N VAL G 111 -1.32 19.50 2.93
CA VAL G 111 -1.28 19.81 4.35
C VAL G 111 -2.38 20.83 4.66
N ALA G 112 -3.17 20.53 5.70
CA ALA G 112 -4.23 21.42 6.17
C ALA G 112 -4.05 21.70 7.65
N ALA G 113 -4.10 22.98 8.02
CA ALA G 113 -3.92 23.42 9.40
C ALA G 113 -5.23 23.25 10.16
N PRO G 114 -5.18 22.80 11.44
CA PRO G 114 -6.40 22.67 12.25
C PRO G 114 -6.92 24.00 12.76
N SER G 115 -8.26 24.17 12.67
CA SER G 115 -8.94 25.26 13.33
C SER G 115 -9.14 24.90 14.79
N VAL G 116 -8.57 25.71 15.69
CA VAL G 116 -8.48 25.37 17.09
C VAL G 116 -9.53 26.13 17.88
N PHE G 117 -10.25 25.39 18.75
CA PHE G 117 -11.30 25.96 19.59
C PHE G 117 -11.21 25.39 21.00
N ILE G 118 -11.56 26.22 21.99
CA ILE G 118 -11.77 25.78 23.36
C ILE G 118 -13.23 26.00 23.73
N PHE G 119 -13.79 25.04 24.48
CA PHE G 119 -15.14 25.16 25.01
C PHE G 119 -15.07 25.14 26.54
N PRO G 120 -15.45 26.25 27.21
CA PRO G 120 -15.52 26.29 28.67
C PRO G 120 -16.50 25.23 29.18
N PRO G 121 -16.22 24.57 30.32
CA PRO G 121 -17.13 23.55 30.88
C PRO G 121 -18.56 24.08 31.00
N SER G 122 -19.52 23.22 30.64
CA SER G 122 -20.94 23.56 30.64
C SER G 122 -21.39 23.99 32.04
N ASP G 123 -22.25 25.00 32.09
CA ASP G 123 -22.77 25.55 33.33
C ASP G 123 -23.64 24.51 34.03
N GLU G 124 -24.30 23.67 33.24
CA GLU G 124 -25.14 22.59 33.72
C GLU G 124 -24.26 21.55 34.43
N GLN G 125 -23.12 21.24 33.80
CA GLN G 125 -22.20 20.21 34.29
C GLN G 125 -21.43 20.73 35.49
N LEU G 126 -21.11 22.03 35.46
CA LEU G 126 -20.18 22.67 36.39
C LEU G 126 -20.50 22.28 37.83
N LYS G 127 -21.77 22.41 38.21
CA LYS G 127 -22.19 22.28 39.60
C LYS G 127 -22.77 20.89 39.87
N SER G 128 -22.75 20.02 38.85
CA SER G 128 -23.28 18.67 38.97
C SER G 128 -22.30 17.77 39.70
N GLY G 129 -21.00 18.07 39.58
CA GLY G 129 -19.96 17.32 40.26
C GLY G 129 -18.60 17.50 39.61
N THR G 130 -18.55 17.37 38.28
CA THR G 130 -17.31 17.46 37.53
C THR G 130 -17.43 18.57 36.47
N ALA G 131 -16.28 18.95 35.90
CA ALA G 131 -16.23 19.96 34.85
C ALA G 131 -15.28 19.50 33.74
N SER G 132 -15.80 19.45 32.51
CA SER G 132 -15.05 18.97 31.36
C SER G 132 -14.84 20.11 30.37
N VAL G 133 -13.57 20.41 30.09
CA VAL G 133 -13.19 21.41 29.10
C VAL G 133 -12.60 20.71 27.88
N VAL G 134 -13.08 21.12 26.69
CA VAL G 134 -12.80 20.39 25.46
C VAL G 134 -11.99 21.27 24.51
N CYS G 135 -10.95 20.68 23.91
CA CYS G 135 -10.10 21.32 22.91
C CYS G 135 -10.35 20.65 21.57
N LEU G 136 -10.78 21.44 20.58
CA LEU G 136 -11.18 20.91 19.28
C LEU G 136 -10.19 21.33 18.20
N LEU G 137 -9.73 20.33 17.44
CA LEU G 137 -8.90 20.51 16.25
C LEU G 137 -9.72 20.06 15.04
N ASN G 138 -10.07 21.02 14.17
CA ASN G 138 -11.05 20.76 13.13
C ASN G 138 -10.40 20.81 11.75
N ASN G 139 -10.62 19.74 10.98
CA ASN G 139 -10.29 19.63 9.56
C ASN G 139 -8.80 19.91 9.32
N PHE G 140 -7.97 18.88 9.58
CA PHE G 140 -6.53 19.00 9.42
C PHE G 140 -5.97 17.74 8.78
N TYR G 141 -4.76 17.87 8.20
CA TYR G 141 -4.01 16.75 7.65
C TYR G 141 -2.52 17.03 7.80
N PRO G 142 -1.67 16.04 8.19
CA PRO G 142 -2.13 14.68 8.49
C PRO G 142 -2.60 14.49 9.93
N ARG G 143 -2.81 13.23 10.32
CA ARG G 143 -3.44 12.88 11.58
C ARG G 143 -2.54 13.24 12.76
N GLU G 144 -1.22 13.18 12.54
CA GLU G 144 -0.24 13.40 13.58
C GLU G 144 -0.32 14.83 14.11
N ALA G 145 -0.71 14.96 15.39
CA ALA G 145 -0.84 16.24 16.06
C ALA G 145 -0.62 16.05 17.56
N LYS G 146 -0.19 17.13 18.23
CA LYS G 146 0.07 17.11 19.66
C LYS G 146 -0.74 18.21 20.35
N VAL G 147 -1.35 17.85 21.48
CA VAL G 147 -2.10 18.80 22.30
C VAL G 147 -1.66 18.64 23.75
N GLN G 148 -1.51 19.78 24.44
CA GLN G 148 -1.10 19.79 25.84
C GLN G 148 -1.95 20.81 26.60
N TRP G 149 -2.49 20.38 27.74
CA TRP G 149 -3.34 21.21 28.58
C TRP G 149 -2.47 22.01 29.55
N LYS G 150 -2.91 23.23 29.86
CA LYS G 150 -2.23 24.11 30.80
C LYS G 150 -3.26 24.79 31.69
N VAL G 151 -3.11 24.62 33.00
CA VAL G 151 -3.95 25.26 34.00
C VAL G 151 -3.11 26.25 34.79
N ASP G 152 -3.45 27.54 34.66
CA ASP G 152 -2.68 28.65 35.22
C ASP G 152 -1.24 28.57 34.72
N ASN G 153 -1.09 28.20 33.43
CA ASN G 153 0.18 28.09 32.74
C ASN G 153 1.01 26.91 33.26
N ALA G 154 0.41 26.13 34.17
CA ALA G 154 1.04 24.91 34.67
C ALA G 154 0.47 23.71 33.94
N LEU G 155 1.36 22.86 33.43
CA LEU G 155 1.00 21.73 32.59
C LEU G 155 0.35 20.63 33.42
N GLN G 156 -0.64 19.96 32.81
CA GLN G 156 -1.33 18.84 33.44
C GLN G 156 -1.54 17.75 32.39
N SER G 157 -1.25 16.50 32.79
CA SER G 157 -1.42 15.35 31.93
C SER G 157 -1.79 14.12 32.75
N GLY G 158 -2.49 13.17 32.12
CA GLY G 158 -2.97 11.97 32.77
C GLY G 158 -4.45 12.06 33.11
N ASN G 159 -4.96 13.30 33.23
CA ASN G 159 -6.33 13.57 33.59
C ASN G 159 -7.10 14.09 32.37
N SER G 160 -6.73 13.59 31.18
CA SER G 160 -7.37 13.98 29.94
C SER G 160 -7.35 12.82 28.94
N GLN G 161 -8.41 12.71 28.15
CA GLN G 161 -8.52 11.74 27.07
C GLN G 161 -8.69 12.49 25.75
N GLU G 162 -8.29 11.83 24.65
CA GLU G 162 -8.40 12.45 23.34
C GLU G 162 -8.90 11.42 22.31
N SER G 163 -9.68 11.92 21.34
CA SER G 163 -10.31 11.10 20.32
C SER G 163 -10.18 11.79 18.96
N VAL G 164 -9.90 10.98 17.93
CA VAL G 164 -9.73 11.50 16.58
C VAL G 164 -10.69 10.76 15.65
N THR G 165 -11.30 11.53 14.72
CA THR G 165 -12.24 11.01 13.75
C THR G 165 -11.48 10.20 12.69
N GLU G 166 -12.24 9.41 11.91
CA GLU G 166 -11.72 8.80 10.71
C GLU G 166 -11.60 9.86 9.62
N GLN G 167 -10.88 9.52 8.55
CA GLN G 167 -10.63 10.45 7.46
C GLN G 167 -11.95 10.77 6.76
N ASP G 168 -12.14 12.05 6.43
CA ASP G 168 -13.37 12.55 5.83
C ASP G 168 -13.46 12.06 4.39
N SER G 169 -14.70 11.90 3.90
CA SER G 169 -14.96 11.34 2.59
C SER G 169 -15.03 12.43 1.53
N LYS G 170 -15.03 13.70 1.97
CA LYS G 170 -15.18 14.83 1.07
C LYS G 170 -13.84 15.54 0.87
N ASP G 171 -13.24 16.00 1.98
CA ASP G 171 -12.03 16.80 1.94
C ASP G 171 -10.82 15.96 2.33
N SER G 172 -11.07 14.82 2.98
CA SER G 172 -10.06 13.86 3.39
C SER G 172 -9.19 14.41 4.52
N THR G 173 -9.81 15.23 5.38
CA THR G 173 -9.12 15.80 6.54
C THR G 173 -9.44 14.95 7.78
N TYR G 174 -8.80 15.32 8.90
CA TYR G 174 -9.02 14.68 10.19
C TYR G 174 -9.52 15.71 11.19
N SER G 175 -10.16 15.23 12.27
CA SER G 175 -10.61 16.09 13.36
C SER G 175 -10.37 15.41 14.70
N LEU G 176 -9.90 16.19 15.68
CA LEU G 176 -9.49 15.66 16.96
C LEU G 176 -10.11 16.48 18.10
N SER G 177 -10.46 15.79 19.18
CA SER G 177 -10.96 16.43 20.40
C SER G 177 -10.12 15.99 21.59
N SER G 178 -9.77 16.96 22.44
CA SER G 178 -9.07 16.69 23.70
C SER G 178 -9.95 17.18 24.85
N THR G 179 -10.24 16.27 25.79
CA THR G 179 -11.21 16.52 26.85
C THR G 179 -10.54 16.38 28.22
N LEU G 180 -10.26 17.53 28.85
CA LEU G 180 -9.71 17.56 30.19
C LEU G 180 -10.87 17.50 31.19
N THR G 181 -10.95 16.38 31.91
CA THR G 181 -11.99 16.15 32.90
C THR G 181 -11.40 16.38 34.30
N LEU G 182 -12.05 17.26 35.07
CA LEU G 182 -11.59 17.61 36.40
C LEU G 182 -12.77 17.62 37.36
N SER G 183 -12.46 17.38 38.64
CA SER G 183 -13.41 17.58 39.72
C SER G 183 -13.71 19.07 39.87
N LYS G 184 -14.91 19.38 40.37
CA LYS G 184 -15.34 20.76 40.58
C LYS G 184 -14.37 21.44 41.55
N ALA G 185 -13.93 20.69 42.57
CA ALA G 185 -12.99 21.16 43.56
C ALA G 185 -11.64 21.48 42.91
N ASP G 186 -11.26 20.67 41.92
CA ASP G 186 -9.99 20.82 41.22
C ASP G 186 -10.11 21.95 40.19
N TYR G 187 -11.34 22.21 39.73
CA TYR G 187 -11.59 23.19 38.68
C TYR G 187 -11.68 24.59 39.26
N GLU G 188 -12.09 24.69 40.53
CA GLU G 188 -12.30 25.97 41.18
C GLU G 188 -11.04 26.38 41.95
N LYS G 189 -9.90 25.84 41.54
CA LYS G 189 -8.61 26.15 42.15
C LYS G 189 -7.67 26.77 41.12
N HIS G 190 -8.18 26.97 39.91
CA HIS G 190 -7.48 27.67 38.84
C HIS G 190 -8.45 28.68 38.21
N LYS G 191 -7.94 29.48 37.26
CA LYS G 191 -8.79 30.50 36.63
C LYS G 191 -8.60 30.52 35.11
N VAL G 192 -7.34 30.36 34.65
CA VAL G 192 -7.05 30.41 33.22
C VAL G 192 -6.72 29.02 32.71
N TYR G 193 -7.39 28.63 31.62
CA TYR G 193 -7.30 27.30 31.04
C TYR G 193 -6.98 27.43 29.54
N ALA G 194 -6.09 26.57 29.05
CA ALA G 194 -5.63 26.63 27.67
C ALA G 194 -5.21 25.25 27.17
N CYS G 195 -5.26 25.08 25.84
CA CYS G 195 -4.69 23.93 25.15
C CYS G 195 -3.87 24.42 23.96
N GLU G 196 -2.60 23.98 23.89
CA GLU G 196 -1.71 24.38 22.81
C GLU G 196 -1.60 23.25 21.79
N VAL G 197 -1.54 23.63 20.51
CA VAL G 197 -1.69 22.70 19.40
C VAL G 197 -0.47 22.81 18.49
N THR G 198 0.25 21.70 18.33
CA THR G 198 1.39 21.61 17.44
C THR G 198 1.04 20.71 16.25
N HIS G 199 1.29 21.23 15.04
CA HIS G 199 1.00 20.52 13.81
C HIS G 199 1.95 21.00 12.71
N GLN G 200 1.98 20.25 11.59
CA GLN G 200 2.85 20.54 10.46
C GLN G 200 2.39 21.82 9.75
N GLY G 201 1.08 22.04 9.71
CA GLY G 201 0.50 23.19 9.04
C GLY G 201 0.51 24.45 9.89
N LEU G 202 1.18 24.38 11.05
CA LEU G 202 1.27 25.50 11.97
C LEU G 202 2.73 25.89 12.18
N SER G 203 3.00 27.20 12.10
CA SER G 203 4.34 27.75 12.26
C SER G 203 4.79 27.62 13.71
N SER G 204 3.92 28.09 14.62
CA SER G 204 4.14 27.99 16.05
C SER G 204 2.93 27.31 16.70
N PRO G 205 3.10 26.66 17.88
CA PRO G 205 1.96 26.05 18.59
C PRO G 205 0.87 27.07 18.92
N VAL G 206 -0.32 26.84 18.33
CA VAL G 206 -1.47 27.73 18.50
C VAL G 206 -2.11 27.44 19.85
N THR G 207 -2.34 28.52 20.62
CA THR G 207 -2.93 28.44 21.94
C THR G 207 -4.28 29.13 21.93
N LYS G 208 -5.30 28.44 22.47
CA LYS G 208 -6.63 29.01 22.68
C LYS G 208 -6.99 28.87 24.15
N SER G 209 -7.35 30.00 24.78
CA SER G 209 -7.50 30.07 26.22
C SER G 209 -8.76 30.86 26.60
N PHE G 210 -9.12 30.76 27.89
CA PHE G 210 -10.23 31.48 28.48
C PHE G 210 -10.03 31.56 30.00
N ASN G 211 -10.71 32.53 30.62
CA ASN G 211 -10.72 32.66 32.07
C ASN G 211 -12.08 32.22 32.61
N ARG G 212 -12.10 31.75 33.86
CA ARG G 212 -13.30 31.26 34.51
C ARG G 212 -14.32 32.39 34.62
N GLY G 213 -15.35 32.34 33.75
CA GLY G 213 -16.39 33.35 33.70
C GLY G 213 -16.04 34.46 32.72
N GLU H 1 -33.90 0.60 -3.65
CA GLU H 1 -35.13 0.24 -2.90
C GLU H 1 -34.83 -0.90 -1.94
N VAL H 2 -33.93 -1.79 -2.36
CA VAL H 2 -33.56 -2.97 -1.60
C VAL H 2 -32.81 -2.53 -0.34
N GLN H 3 -33.47 -2.67 0.82
CA GLN H 3 -32.95 -2.16 2.07
C GLN H 3 -33.20 -3.17 3.20
N LEU H 4 -32.23 -3.26 4.11
CA LEU H 4 -32.30 -4.15 5.27
C LEU H 4 -32.10 -3.34 6.54
N VAL H 5 -32.94 -3.60 7.54
CA VAL H 5 -32.91 -2.87 8.81
C VAL H 5 -32.73 -3.88 9.94
N GLU H 6 -31.86 -3.55 10.91
CA GLU H 6 -31.60 -4.39 12.06
C GLU H 6 -32.13 -3.75 13.33
N SER H 7 -32.53 -4.61 14.29
CA SER H 7 -32.93 -4.21 15.62
C SER H 7 -32.72 -5.37 16.58
N GLY H 8 -32.46 -5.05 17.86
CA GLY H 8 -32.36 -6.07 18.90
C GLY H 8 -31.12 -5.89 19.77
N GLY H 9 -30.00 -5.53 19.14
CA GLY H 9 -28.71 -5.39 19.81
C GLY H 9 -28.79 -4.45 21.02
N GLY H 10 -28.40 -4.99 22.18
CA GLY H 10 -28.31 -4.23 23.42
C GLY H 10 -27.29 -4.85 24.36
N LEU H 11 -27.46 -4.58 25.67
CA LEU H 11 -26.61 -5.19 26.68
C LEU H 11 -27.22 -6.51 27.11
N VAL H 12 -26.37 -7.56 27.15
CA VAL H 12 -26.75 -8.87 27.64
C VAL H 12 -25.70 -9.33 28.64
N GLN H 13 -26.14 -10.14 29.62
CA GLN H 13 -25.24 -10.68 30.63
C GLN H 13 -24.59 -11.94 30.07
N PRO H 14 -23.35 -12.30 30.52
CA PRO H 14 -22.67 -13.51 30.06
C PRO H 14 -23.52 -14.77 30.29
N GLY H 15 -23.63 -15.58 29.23
CA GLY H 15 -24.45 -16.78 29.24
C GLY H 15 -25.95 -16.44 29.15
N GLY H 16 -26.25 -15.22 28.69
CA GLY H 16 -27.61 -14.75 28.57
C GLY H 16 -28.25 -15.15 27.24
N SER H 17 -29.27 -14.39 26.83
CA SER H 17 -30.01 -14.69 25.61
C SER H 17 -30.68 -13.42 25.08
N LEU H 18 -30.68 -13.29 23.74
CA LEU H 18 -31.30 -12.17 23.05
C LEU H 18 -31.59 -12.58 21.60
N ARG H 19 -32.66 -12.01 21.03
CA ARG H 19 -33.05 -12.27 19.66
C ARG H 19 -32.81 -11.03 18.81
N LEU H 20 -32.19 -11.23 17.64
CA LEU H 20 -31.97 -10.17 16.67
C LEU H 20 -33.03 -10.27 15.57
N SER H 21 -33.35 -9.12 14.97
CA SER H 21 -34.36 -9.06 13.91
C SER H 21 -33.86 -8.20 12.76
N CYS H 22 -34.16 -8.65 11.54
CA CYS H 22 -33.80 -7.95 10.32
C CYS H 22 -35.03 -7.81 9.44
N ALA H 23 -35.49 -6.57 9.26
CA ALA H 23 -36.64 -6.25 8.41
C ALA H 23 -36.14 -5.95 7.00
N ALA H 24 -36.70 -6.66 6.02
CA ALA H 24 -36.32 -6.53 4.62
C ALA H 24 -37.38 -5.77 3.85
N SER H 25 -36.95 -5.13 2.75
CA SER H 25 -37.81 -4.24 1.98
C SER H 25 -37.34 -4.15 0.54
N GLY H 26 -38.29 -4.19 -0.40
CA GLY H 26 -38.06 -3.82 -1.79
C GLY H 26 -37.61 -4.98 -2.67
N PHE H 27 -38.11 -6.20 -2.36
CA PHE H 27 -37.82 -7.38 -3.16
C PHE H 27 -38.69 -8.55 -2.69
N THR H 28 -38.78 -9.59 -3.52
CA THR H 28 -39.47 -10.83 -3.18
C THR H 28 -38.60 -11.60 -2.18
N PHE H 29 -38.88 -11.36 -0.90
CA PHE H 29 -38.03 -11.81 0.21
C PHE H 29 -37.94 -13.34 0.24
N SER H 30 -39.04 -14.00 -0.16
CA SER H 30 -39.19 -15.45 -0.01
C SER H 30 -38.37 -16.20 -1.05
N SER H 31 -37.84 -15.47 -2.04
CA SER H 31 -37.13 -16.09 -3.16
C SER H 31 -35.62 -15.93 -3.01
N TYR H 32 -35.19 -15.13 -2.03
CA TYR H 32 -33.78 -14.90 -1.76
C TYR H 32 -33.39 -15.55 -0.44
N ASP H 33 -32.11 -15.94 -0.34
CA ASP H 33 -31.55 -16.48 0.90
C ASP H 33 -31.23 -15.31 1.83
N MET H 34 -30.94 -15.64 3.10
CA MET H 34 -30.62 -14.63 4.08
C MET H 34 -29.52 -15.13 5.01
N HIS H 35 -28.68 -14.20 5.46
CA HIS H 35 -27.50 -14.52 6.26
C HIS H 35 -27.35 -13.53 7.40
N TRP H 36 -26.64 -13.96 8.44
CA TRP H 36 -26.13 -13.06 9.46
C TRP H 36 -24.60 -13.11 9.43
N VAL H 37 -23.98 -11.93 9.43
CA VAL H 37 -22.54 -11.78 9.43
C VAL H 37 -22.15 -10.82 10.54
N ARG H 38 -21.19 -11.23 11.37
CA ARG H 38 -20.75 -10.41 12.50
C ARG H 38 -19.39 -9.78 12.17
N GLN H 39 -19.02 -8.77 12.97
CA GLN H 39 -17.78 -8.05 12.78
C GLN H 39 -17.17 -7.71 14.14
N THR H 40 -16.11 -8.45 14.49
CA THR H 40 -15.33 -8.16 15.67
C THR H 40 -14.13 -7.30 15.26
N THR H 41 -13.76 -6.36 16.14
CA THR H 41 -12.73 -5.38 15.86
C THR H 41 -11.35 -6.04 15.85
N GLY H 42 -11.28 -7.30 16.29
CA GLY H 42 -10.03 -8.03 16.36
C GLY H 42 -10.14 -9.44 15.78
N LYS H 43 -11.13 -9.66 14.91
CA LYS H 43 -11.31 -10.94 14.24
C LYS H 43 -11.74 -10.71 12.79
N GLY H 44 -12.26 -9.53 12.50
CA GLY H 44 -12.74 -9.18 11.17
C GLY H 44 -14.17 -9.65 10.93
N LEU H 45 -14.51 -9.86 9.65
CA LEU H 45 -15.84 -10.30 9.27
C LEU H 45 -15.95 -11.82 9.43
N GLU H 46 -16.95 -12.25 10.20
CA GLU H 46 -17.20 -13.65 10.47
C GLU H 46 -18.63 -14.01 10.07
N TRP H 47 -18.77 -15.12 9.34
CA TRP H 47 -20.06 -15.68 8.98
C TRP H 47 -20.70 -16.34 10.19
N VAL H 48 -22.01 -16.15 10.35
CA VAL H 48 -22.72 -16.60 11.55
C VAL H 48 -23.79 -17.63 11.19
N SER H 49 -24.66 -17.27 10.23
CA SER H 49 -25.80 -18.13 9.90
C SER H 49 -26.23 -17.93 8.44
N THR H 50 -26.97 -18.93 7.92
CA THR H 50 -27.53 -18.89 6.58
C THR H 50 -28.89 -19.59 6.60
N ILE H 51 -29.88 -19.00 5.91
CA ILE H 51 -31.16 -19.63 5.69
C ILE H 51 -31.53 -19.51 4.20
N GLY H 52 -31.84 -20.65 3.58
CA GLY H 52 -32.17 -20.70 2.16
C GLY H 52 -33.62 -20.36 1.89
N THR H 53 -34.08 -20.65 0.67
CA THR H 53 -35.47 -20.45 0.28
C THR H 53 -36.34 -21.51 0.94
N ALA H 54 -35.80 -22.73 1.02
CA ALA H 54 -36.37 -23.80 1.83
C ALA H 54 -36.03 -23.55 3.29
N GLY H 55 -36.38 -24.51 4.16
CA GLY H 55 -36.22 -24.35 5.60
C GLY H 55 -34.81 -24.63 6.07
N ASP H 56 -33.87 -24.77 5.12
CA ASP H 56 -32.50 -25.17 5.41
C ASP H 56 -31.76 -24.04 6.12
N THR H 57 -31.21 -24.39 7.30
CA THR H 57 -30.45 -23.46 8.12
C THR H 57 -29.03 -24.01 8.30
N TYR H 58 -28.04 -23.10 8.22
CA TYR H 58 -26.63 -23.46 8.26
C TYR H 58 -25.93 -22.67 9.36
N TYR H 59 -25.00 -23.35 10.06
CA TYR H 59 -24.26 -22.76 11.16
C TYR H 59 -22.81 -23.25 11.12
N PRO H 60 -21.83 -22.38 11.44
CA PRO H 60 -20.46 -22.83 11.68
C PRO H 60 -20.40 -23.55 13.03
N ASP H 61 -19.40 -24.43 13.18
CA ASP H 61 -19.21 -25.21 14.39
C ASP H 61 -19.03 -24.29 15.59
N SER H 62 -18.61 -23.04 15.31
CA SER H 62 -18.36 -22.04 16.33
C SER H 62 -19.62 -21.77 17.15
N VAL H 63 -20.78 -21.78 16.48
CA VAL H 63 -22.02 -21.30 17.07
C VAL H 63 -23.15 -22.30 16.82
N LYS H 64 -22.80 -23.52 16.37
CA LYS H 64 -23.76 -24.50 15.89
C LYS H 64 -24.87 -24.73 16.92
N GLY H 65 -24.50 -24.79 18.20
CA GLY H 65 -25.42 -25.16 19.26
C GLY H 65 -26.18 -23.96 19.83
N ARG H 66 -25.57 -22.77 19.74
CA ARG H 66 -26.02 -21.62 20.51
C ARG H 66 -27.06 -20.82 19.73
N PHE H 67 -26.80 -20.55 18.45
CA PHE H 67 -27.61 -19.64 17.66
C PHE H 67 -28.60 -20.41 16.78
N THR H 68 -29.71 -19.74 16.44
CA THR H 68 -30.72 -20.29 15.55
C THR H 68 -31.31 -19.18 14.68
N ILE H 69 -31.21 -19.35 13.36
CA ILE H 69 -31.72 -18.40 12.38
C ILE H 69 -33.16 -18.77 12.04
N SER H 70 -33.94 -17.76 11.63
CA SER H 70 -35.35 -17.92 11.33
C SER H 70 -35.81 -16.83 10.37
N ARG H 71 -36.71 -17.19 9.44
CA ARG H 71 -37.29 -16.23 8.52
C ARG H 71 -38.80 -16.21 8.66
N GLU H 72 -39.39 -15.03 8.46
CA GLU H 72 -40.82 -14.82 8.46
C GLU H 72 -41.22 -14.18 7.14
N ASP H 73 -41.54 -15.03 6.15
CA ASP H 73 -41.78 -14.62 4.77
C ASP H 73 -42.96 -13.66 4.68
N ALA H 74 -43.92 -13.82 5.59
CA ALA H 74 -45.18 -13.07 5.57
C ALA H 74 -44.93 -11.60 5.89
N LYS H 75 -43.83 -11.31 6.59
CA LYS H 75 -43.54 -9.96 7.06
C LYS H 75 -42.21 -9.47 6.48
N ASN H 76 -41.60 -10.28 5.61
CA ASN H 76 -40.30 -9.99 5.01
C ASN H 76 -39.26 -9.76 6.11
N SER H 77 -39.27 -10.64 7.12
CA SER H 77 -38.45 -10.45 8.30
C SER H 77 -37.50 -11.63 8.50
N LEU H 78 -36.39 -11.35 9.18
CA LEU H 78 -35.35 -12.33 9.48
C LEU H 78 -35.00 -12.26 10.96
N TYR H 79 -34.68 -13.41 11.54
CA TYR H 79 -34.45 -13.51 12.98
C TYR H 79 -33.19 -14.34 13.27
N LEU H 80 -32.53 -14.00 14.38
CA LEU H 80 -31.45 -14.81 14.91
C LEU H 80 -31.59 -14.89 16.43
N GLN H 81 -31.94 -16.10 16.91
CA GLN H 81 -32.02 -16.37 18.34
C GLN H 81 -30.62 -16.74 18.84
N MET H 82 -30.20 -16.08 19.92
CA MET H 82 -28.86 -16.26 20.44
C MET H 82 -28.93 -16.65 21.91
N ASN H 83 -28.32 -17.81 22.23
CA ASN H 83 -28.39 -18.41 23.55
C ASN H 83 -26.98 -18.70 24.05
N SER H 84 -26.84 -18.75 25.38
CA SER H 84 -25.58 -19.04 26.06
C SER H 84 -24.47 -18.14 25.53
N LEU H 85 -24.74 -16.83 25.53
CA LEU H 85 -23.85 -15.83 24.93
C LEU H 85 -22.60 -15.67 25.79
N ARG H 86 -21.46 -16.10 25.25
CA ARG H 86 -20.17 -15.89 25.87
C ARG H 86 -19.78 -14.42 25.67
N ALA H 87 -18.88 -13.93 26.53
CA ALA H 87 -18.40 -12.56 26.47
C ALA H 87 -17.74 -12.28 25.13
N GLY H 88 -17.29 -13.35 24.45
CA GLY H 88 -16.61 -13.24 23.18
C GLY H 88 -17.57 -13.14 22.01
N ASP H 89 -18.86 -12.96 22.29
CA ASP H 89 -19.88 -12.79 21.27
C ASP H 89 -20.14 -11.30 21.05
N THR H 90 -19.43 -10.46 21.81
CA THR H 90 -19.53 -9.01 21.72
C THR H 90 -19.06 -8.56 20.34
N ALA H 91 -20.02 -8.23 19.47
CA ALA H 91 -19.73 -7.91 18.08
C ALA H 91 -20.88 -7.09 17.47
N VAL H 92 -20.61 -6.51 16.30
CA VAL H 92 -21.61 -5.89 15.46
C VAL H 92 -22.15 -6.95 14.51
N TYR H 93 -23.49 -7.04 14.42
CA TYR H 93 -24.14 -8.05 13.61
C TYR H 93 -24.90 -7.39 12.46
N TYR H 94 -24.58 -7.83 11.24
CA TYR H 94 -25.25 -7.38 10.03
C TYR H 94 -26.09 -8.52 9.48
N CYS H 95 -27.26 -8.19 8.91
CA CYS H 95 -28.00 -9.13 8.09
C CYS H 95 -27.69 -8.83 6.62
N ALA H 96 -27.66 -9.87 5.80
CA ALA H 96 -27.24 -9.75 4.42
C ALA H 96 -28.01 -10.72 3.53
N ARG H 97 -28.52 -10.20 2.41
CA ARG H 97 -29.17 -11.00 1.39
C ARG H 97 -28.11 -11.81 0.65
N GLY H 98 -28.52 -12.92 0.04
CA GLY H 98 -27.63 -13.76 -0.74
C GLY H 98 -28.19 -14.04 -2.14
N ASP H 99 -27.43 -13.64 -3.16
CA ASP H 99 -27.81 -13.85 -4.55
C ASP H 99 -26.69 -14.60 -5.26
N SER H 100 -27.05 -15.35 -6.31
CA SER H 100 -26.10 -16.07 -7.13
C SER H 100 -26.14 -15.56 -8.56
N SER H 101 -25.00 -15.68 -9.25
CA SER H 101 -24.92 -15.40 -10.67
C SER H 101 -24.13 -16.52 -11.35
N GLY H 102 -24.84 -17.35 -12.11
CA GLY H 102 -24.27 -18.56 -12.68
C GLY H 102 -24.05 -19.62 -11.60
N TYR H 103 -22.82 -19.64 -11.06
CA TYR H 103 -22.48 -20.51 -9.96
C TYR H 103 -21.92 -19.68 -8.80
N TYR H 104 -21.75 -18.37 -9.05
CA TYR H 104 -20.97 -17.51 -8.17
C TYR H 104 -21.90 -16.81 -7.19
N TYR H 105 -21.65 -17.05 -5.89
CA TYR H 105 -22.48 -16.55 -4.81
C TYR H 105 -21.83 -15.31 -4.20
N TYR H 106 -22.67 -14.38 -3.74
CA TYR H 106 -22.21 -13.11 -3.19
C TYR H 106 -23.27 -12.52 -2.25
N PHE H 107 -22.80 -11.76 -1.26
CA PHE H 107 -23.69 -11.03 -0.38
C PHE H 107 -23.89 -9.62 -0.94
N ASP H 108 -25.03 -9.42 -1.62
CA ASP H 108 -25.23 -8.25 -2.45
C ASP H 108 -25.71 -7.05 -1.63
N TYR H 109 -26.58 -7.31 -0.65
CA TYR H 109 -27.17 -6.23 0.14
C TYR H 109 -26.96 -6.49 1.62
N TRP H 110 -26.60 -5.42 2.36
CA TRP H 110 -26.26 -5.49 3.76
C TRP H 110 -27.05 -4.43 4.53
N GLY H 111 -27.39 -4.74 5.78
CA GLY H 111 -28.02 -3.78 6.66
C GLY H 111 -27.00 -2.89 7.36
N GLN H 112 -27.48 -1.89 8.09
CA GLN H 112 -26.63 -0.94 8.79
C GLN H 112 -25.90 -1.62 9.93
N GLY H 113 -26.53 -2.67 10.48
CA GLY H 113 -25.93 -3.48 11.53
C GLY H 113 -26.33 -3.02 12.92
N THR H 114 -26.19 -3.93 13.90
CA THR H 114 -26.51 -3.67 15.29
C THR H 114 -25.41 -4.21 16.18
N LEU H 115 -25.15 -3.51 17.29
CA LEU H 115 -24.07 -3.87 18.20
C LEU H 115 -24.62 -4.62 19.40
N LEU H 116 -24.03 -5.79 19.68
CA LEU H 116 -24.32 -6.55 20.88
C LEU H 116 -23.10 -6.48 21.80
N THR H 117 -23.36 -6.25 23.09
CA THR H 117 -22.30 -6.23 24.10
C THR H 117 -22.67 -7.22 25.21
N VAL H 118 -21.86 -8.28 25.34
CA VAL H 118 -22.05 -9.31 26.35
C VAL H 118 -21.19 -8.94 27.56
N SER H 119 -21.79 -8.20 28.50
CA SER H 119 -21.07 -7.70 29.67
C SER H 119 -21.96 -7.77 30.91
N SER H 120 -21.34 -8.15 32.03
CA SER H 120 -22.02 -8.26 33.31
C SER H 120 -22.12 -6.88 33.96
N ALA H 121 -21.56 -5.86 33.30
CA ALA H 121 -21.66 -4.48 33.73
C ALA H 121 -23.11 -4.01 33.57
N SER H 122 -23.45 -2.92 34.26
CA SER H 122 -24.81 -2.42 34.30
C SER H 122 -24.98 -1.26 33.31
N THR H 123 -26.20 -1.10 32.80
CA THR H 123 -26.56 -0.06 31.84
C THR H 123 -26.65 1.28 32.55
N LYS H 124 -25.96 2.29 31.99
CA LYS H 124 -26.02 3.65 32.48
C LYS H 124 -26.30 4.59 31.32
N GLY H 125 -27.28 5.49 31.52
CA GLY H 125 -27.70 6.44 30.49
C GLY H 125 -26.80 7.67 30.47
N PRO H 126 -26.67 8.35 29.31
CA PRO H 126 -25.74 9.47 29.17
C PRO H 126 -26.26 10.78 29.73
N SER H 127 -25.33 11.61 30.24
CA SER H 127 -25.63 12.98 30.62
C SER H 127 -25.05 13.92 29.57
N VAL H 128 -25.94 14.50 28.75
CA VAL H 128 -25.55 15.31 27.61
C VAL H 128 -25.50 16.78 28.02
N PHE H 129 -24.34 17.40 27.79
CA PHE H 129 -24.10 18.79 28.14
C PHE H 129 -23.75 19.59 26.89
N PRO H 130 -24.20 20.85 26.78
CA PRO H 130 -23.85 21.70 25.63
C PRO H 130 -22.44 22.27 25.72
N LEU H 131 -21.69 22.15 24.61
CA LEU H 131 -20.42 22.83 24.46
C LEU H 131 -20.67 24.14 23.73
N ALA H 132 -20.77 25.22 24.51
CA ALA H 132 -21.20 26.53 24.03
C ALA H 132 -20.08 27.21 23.26
N PRO H 133 -20.39 27.92 22.14
CA PRO H 133 -19.37 28.63 21.36
C PRO H 133 -18.84 29.88 22.06
N GLY H 141 -14.81 34.22 11.17
CA GLY H 141 -15.41 33.70 9.93
C GLY H 141 -16.30 32.49 10.19
N THR H 142 -15.72 31.50 10.90
CA THR H 142 -16.44 30.28 11.25
C THR H 142 -16.21 29.97 12.73
N ALA H 143 -17.31 29.66 13.43
CA ALA H 143 -17.28 29.31 14.84
C ALA H 143 -17.75 27.86 15.03
N ALA H 144 -17.41 27.28 16.18
CA ALA H 144 -17.71 25.88 16.46
C ALA H 144 -18.51 25.75 17.75
N LEU H 145 -19.38 24.73 17.78
CA LEU H 145 -20.17 24.37 18.94
C LEU H 145 -20.48 22.88 18.89
N GLY H 146 -20.81 22.29 20.04
CA GLY H 146 -21.05 20.86 20.10
C GLY H 146 -21.80 20.42 21.35
N CYS H 147 -21.90 19.10 21.53
CA CYS H 147 -22.55 18.47 22.67
C CYS H 147 -21.63 17.39 23.24
N LEU H 148 -21.51 17.36 24.57
CA LEU H 148 -20.70 16.35 25.26
C LEU H 148 -21.63 15.32 25.91
N VAL H 149 -21.48 14.07 25.45
CA VAL H 149 -22.30 12.95 25.90
C VAL H 149 -21.45 12.08 26.81
N LYS H 150 -21.51 12.37 28.12
CA LYS H 150 -20.56 11.83 29.09
C LYS H 150 -21.26 10.80 29.98
N ASP H 151 -20.49 9.75 30.35
CA ASP H 151 -20.87 8.75 31.33
C ASP H 151 -22.07 7.94 30.84
N TYR H 152 -21.79 6.88 30.06
CA TYR H 152 -22.82 5.96 29.62
C TYR H 152 -22.23 4.59 29.32
N PHE H 153 -23.09 3.57 29.35
CA PHE H 153 -22.75 2.20 28.99
C PHE H 153 -24.02 1.45 28.62
N PRO H 154 -24.01 0.62 27.55
CA PRO H 154 -22.86 0.46 26.67
C PRO H 154 -22.94 1.36 25.45
N GLU H 155 -22.37 0.88 24.34
CA GLU H 155 -22.49 1.56 23.05
C GLU H 155 -23.68 0.98 22.29
N PRO H 156 -24.17 1.64 21.21
CA PRO H 156 -23.69 2.96 20.79
C PRO H 156 -24.61 4.11 21.19
N VAL H 157 -24.14 5.33 20.92
CA VAL H 157 -24.97 6.54 20.94
C VAL H 157 -24.97 7.12 19.53
N THR H 158 -26.17 7.40 19.01
CA THR H 158 -26.31 8.03 17.71
C THR H 158 -26.73 9.49 17.91
N VAL H 159 -25.97 10.39 17.29
CA VAL H 159 -26.19 11.83 17.44
C VAL H 159 -26.48 12.42 16.06
N SER H 160 -27.51 13.28 16.01
CA SER H 160 -27.84 14.06 14.83
C SER H 160 -28.08 15.51 15.24
N TRP H 161 -27.97 16.44 14.28
CA TRP H 161 -28.14 17.85 14.55
C TRP H 161 -29.37 18.40 13.82
N ASN H 162 -30.20 19.12 14.57
CA ASN H 162 -31.43 19.73 14.08
C ASN H 162 -32.28 18.69 13.36
N SER H 163 -32.63 17.62 14.10
CA SER H 163 -33.49 16.54 13.64
C SER H 163 -32.91 15.85 12.40
N GLY H 164 -31.65 16.18 12.07
CA GLY H 164 -30.96 15.57 10.95
C GLY H 164 -30.92 16.48 9.72
N ALA H 165 -31.31 17.75 9.91
CA ALA H 165 -31.28 18.74 8.84
C ALA H 165 -29.85 19.21 8.61
N LEU H 166 -29.16 19.57 9.70
CA LEU H 166 -27.77 19.97 9.68
C LEU H 166 -26.89 18.72 9.64
N THR H 167 -26.16 18.56 8.54
CA THR H 167 -25.40 17.35 8.28
C THR H 167 -23.95 17.71 7.93
N SER H 168 -23.78 18.81 7.19
CA SER H 168 -22.47 19.20 6.67
C SER H 168 -21.67 19.91 7.76
N GLY H 169 -20.39 19.53 7.86
CA GLY H 169 -19.46 20.12 8.81
C GLY H 169 -19.70 19.63 10.24
N VAL H 170 -20.24 18.41 10.35
CA VAL H 170 -20.54 17.81 11.64
C VAL H 170 -19.53 16.70 11.91
N HIS H 171 -18.94 16.72 13.12
CA HIS H 171 -17.97 15.72 13.52
C HIS H 171 -18.37 15.09 14.85
N THR H 172 -18.71 13.80 14.79
CA THR H 172 -18.99 13.00 15.96
C THR H 172 -17.82 12.07 16.21
N PHE H 173 -17.05 12.35 17.27
CA PHE H 173 -15.86 11.61 17.61
C PHE H 173 -16.24 10.24 18.17
N PRO H 174 -15.51 9.16 17.80
CA PRO H 174 -15.74 7.84 18.38
C PRO H 174 -15.62 7.88 19.90
N ALA H 175 -16.42 7.05 20.57
CA ALA H 175 -16.51 7.03 22.02
C ALA H 175 -15.15 6.68 22.62
N VAL H 176 -14.79 7.39 23.69
CA VAL H 176 -13.56 7.12 24.43
C VAL H 176 -13.93 6.50 25.78
N LEU H 177 -13.46 5.27 26.00
CA LEU H 177 -13.71 4.51 27.21
C LEU H 177 -12.90 5.13 28.35
N GLN H 178 -13.60 5.61 29.38
CA GLN H 178 -12.98 6.29 30.51
C GLN H 178 -12.40 5.27 31.47
N SER H 179 -11.75 5.77 32.54
CA SER H 179 -11.17 4.92 33.57
C SER H 179 -12.28 4.34 34.44
N SER H 180 -13.43 5.01 34.45
CA SER H 180 -14.58 4.63 35.26
C SER H 180 -15.32 3.45 34.64
N GLY H 181 -14.94 3.09 33.41
CA GLY H 181 -15.54 1.96 32.70
C GLY H 181 -16.68 2.41 31.80
N LEU H 182 -17.14 3.65 31.98
CA LEU H 182 -18.21 4.24 31.21
C LEU H 182 -17.63 4.95 29.98
N TYR H 183 -18.48 5.16 28.97
CA TYR H 183 -18.08 5.77 27.72
C TYR H 183 -18.38 7.28 27.74
N SER H 184 -17.59 8.03 26.97
CA SER H 184 -17.82 9.45 26.75
C SER H 184 -17.65 9.76 25.27
N LEU H 185 -18.49 10.68 24.77
CA LEU H 185 -18.52 11.03 23.35
C LEU H 185 -18.85 12.52 23.22
N SER H 186 -18.29 13.14 22.18
CA SER H 186 -18.59 14.53 21.87
C SER H 186 -18.87 14.68 20.38
N SER H 187 -19.87 15.51 20.06
CA SER H 187 -20.25 15.80 18.68
C SER H 187 -20.22 17.31 18.47
N VAL H 188 -19.50 17.75 17.43
CA VAL H 188 -19.30 19.17 17.16
C VAL H 188 -19.75 19.47 15.73
N VAL H 189 -19.94 20.76 15.45
CA VAL H 189 -20.28 21.26 14.13
C VAL H 189 -19.53 22.56 13.88
N THR H 190 -19.11 22.77 12.62
CA THR H 190 -18.50 24.02 12.20
C THR H 190 -19.53 24.86 11.45
N VAL H 191 -19.73 26.09 11.93
CA VAL H 191 -20.85 26.92 11.52
C VAL H 191 -20.37 28.36 11.31
N PRO H 192 -20.83 29.05 10.24
CA PRO H 192 -20.54 30.48 10.07
C PRO H 192 -20.96 31.28 11.31
N SER H 193 -20.01 32.07 11.83
CA SER H 193 -20.19 32.78 13.09
C SER H 193 -21.26 33.87 12.98
N SER H 194 -21.85 33.99 11.79
CA SER H 194 -22.94 34.91 11.54
C SER H 194 -24.28 34.22 11.79
N SER H 195 -24.22 32.94 12.18
CA SER H 195 -25.41 32.14 12.40
C SER H 195 -25.60 31.85 13.88
N LEU H 196 -24.83 32.56 14.73
CA LEU H 196 -24.83 32.33 16.17
C LEU H 196 -25.94 33.13 16.84
N GLY H 197 -26.73 33.85 16.04
CA GLY H 197 -27.81 34.67 16.56
C GLY H 197 -29.04 34.65 15.67
N THR H 198 -28.93 33.95 14.52
CA THR H 198 -30.00 33.90 13.54
C THR H 198 -30.30 32.45 13.16
N GLN H 199 -29.88 31.51 14.02
CA GLN H 199 -30.08 30.09 13.80
C GLN H 199 -30.02 29.34 15.13
N THR H 200 -30.87 28.33 15.27
CA THR H 200 -30.90 27.46 16.43
C THR H 200 -30.14 26.18 16.14
N TYR H 201 -29.35 25.72 17.13
CA TYR H 201 -28.54 24.53 16.98
C TYR H 201 -28.82 23.58 18.14
N ILE H 202 -29.32 22.38 17.79
CA ILE H 202 -29.76 21.39 18.76
C ILE H 202 -29.23 20.02 18.32
N CYS H 203 -28.60 19.32 19.28
CA CYS H 203 -28.12 17.95 19.05
C CYS H 203 -29.15 16.96 19.58
N ASN H 204 -29.32 15.86 18.85
CA ASN H 204 -30.28 14.81 19.20
C ASN H 204 -29.51 13.54 19.53
N VAL H 205 -29.24 13.33 20.83
CA VAL H 205 -28.57 12.14 21.30
C VAL H 205 -29.62 11.05 21.50
N ASN H 206 -29.30 9.83 21.06
CA ASN H 206 -30.23 8.72 21.11
C ASN H 206 -29.51 7.45 21.57
N HIS H 207 -29.49 7.24 22.89
CA HIS H 207 -28.91 6.05 23.49
C HIS H 207 -30.03 5.03 23.73
N LYS H 208 -30.18 4.10 22.79
CA LYS H 208 -31.26 3.12 22.79
C LYS H 208 -31.17 2.20 24.00
N PRO H 209 -30.00 1.60 24.31
CA PRO H 209 -29.89 0.65 25.42
C PRO H 209 -30.46 1.09 26.76
N SER H 210 -30.47 2.40 27.02
CA SER H 210 -30.94 2.93 28.29
C SER H 210 -32.30 3.60 28.13
N ASN H 211 -32.80 3.61 26.89
CA ASN H 211 -34.07 4.23 26.54
C ASN H 211 -34.02 5.73 26.83
N THR H 212 -32.89 6.35 26.44
CA THR H 212 -32.67 7.77 26.65
C THR H 212 -32.54 8.47 25.29
N LYS H 213 -33.35 9.52 25.11
CA LYS H 213 -33.23 10.40 23.97
C LYS H 213 -33.46 11.83 24.44
N VAL H 214 -32.48 12.71 24.16
CA VAL H 214 -32.53 14.10 24.62
C VAL H 214 -32.17 15.01 23.45
N ASP H 215 -32.95 16.08 23.30
CA ASP H 215 -32.66 17.15 22.35
C ASP H 215 -32.15 18.35 23.14
N LYS H 216 -30.83 18.59 23.06
CA LYS H 216 -30.18 19.63 23.84
C LYS H 216 -29.82 20.81 22.94
N LYS H 217 -30.24 22.01 23.37
CA LYS H 217 -30.02 23.24 22.62
C LYS H 217 -28.67 23.85 23.01
N VAL H 218 -27.93 24.28 21.99
CA VAL H 218 -26.64 24.93 22.19
C VAL H 218 -26.80 26.41 21.84
N GLU H 219 -26.42 27.28 22.77
CA GLU H 219 -26.51 28.72 22.61
C GLU H 219 -25.19 29.35 23.05
N PRO H 220 -24.75 30.48 22.45
CA PRO H 220 -23.54 31.18 22.88
C PRO H 220 -23.55 31.54 24.38
N LYS H 221 -22.36 31.48 24.99
CA LYS H 221 -22.19 31.73 26.41
C LYS H 221 -22.79 33.08 26.79
N SER H 222 -23.68 33.06 27.78
CA SER H 222 -24.39 34.24 28.24
C SER H 222 -23.80 34.74 29.56
N SER I 1 -19.04 20.95 -37.30
CA SER I 1 -18.74 22.40 -37.34
C SER I 1 -19.81 23.17 -36.58
N THR I 2 -19.45 23.62 -35.36
CA THR I 2 -20.34 24.42 -34.53
C THR I 2 -19.87 25.87 -34.59
N ILE I 3 -20.74 26.79 -34.12
CA ILE I 3 -20.42 28.21 -34.04
C ILE I 3 -19.27 28.40 -33.07
N GLU I 4 -19.16 27.48 -32.09
CA GLU I 4 -18.09 27.51 -31.11
C GLU I 4 -16.78 27.11 -31.78
N GLU I 5 -16.82 26.07 -32.62
CA GLU I 5 -15.65 25.55 -33.29
C GLU I 5 -15.21 26.51 -34.40
N GLN I 6 -16.19 27.20 -34.99
CA GLN I 6 -15.93 28.18 -36.02
C GLN I 6 -15.28 29.42 -35.42
N ALA I 7 -15.71 29.76 -34.19
CA ALA I 7 -15.21 30.91 -33.47
C ALA I 7 -13.75 30.70 -33.07
N LYS I 8 -13.39 29.42 -32.83
CA LYS I 8 -12.03 29.07 -32.45
C LYS I 8 -11.10 29.17 -33.66
N THR I 9 -11.54 28.57 -34.78
CA THR I 9 -10.74 28.51 -36.00
C THR I 9 -10.58 29.89 -36.62
N PHE I 10 -11.40 30.85 -36.16
CA PHE I 10 -11.32 32.23 -36.59
C PHE I 10 -10.33 32.99 -35.71
N LEU I 11 -10.39 32.73 -34.39
CA LEU I 11 -9.67 33.51 -33.40
C LEU I 11 -8.18 33.17 -33.43
N ASP I 12 -7.84 31.91 -33.70
CA ASP I 12 -6.45 31.50 -33.75
C ASP I 12 -5.81 32.00 -35.04
N LYS I 13 -6.63 32.10 -36.11
CA LYS I 13 -6.22 32.73 -37.35
C LYS I 13 -6.01 34.23 -37.08
N PHE I 14 -6.91 34.82 -36.28
CA PHE I 14 -6.82 36.21 -35.88
C PHE I 14 -5.60 36.41 -34.98
N ASN I 15 -5.34 35.45 -34.09
CA ASN I 15 -4.24 35.52 -33.14
C ASN I 15 -2.92 35.58 -33.87
N HIS I 16 -2.82 34.86 -34.99
CA HIS I 16 -1.63 34.82 -35.82
C HIS I 16 -1.40 36.19 -36.47
N GLU I 17 -2.48 36.78 -36.99
CA GLU I 17 -2.43 38.03 -37.73
C GLU I 17 -2.17 39.19 -36.78
N ALA I 18 -2.86 39.16 -35.63
CA ALA I 18 -2.84 40.26 -34.67
C ALA I 18 -1.50 40.32 -33.94
N GLU I 19 -0.79 39.20 -33.92
CA GLU I 19 0.49 39.10 -33.25
C GLU I 19 1.54 39.93 -34.01
N ASP I 20 1.58 39.72 -35.34
CA ASP I 20 2.59 40.32 -36.20
C ASP I 20 2.26 41.79 -36.45
N LEU I 21 0.99 42.07 -36.76
CA LEU I 21 0.58 43.38 -37.23
C LEU I 21 0.63 44.41 -36.11
N PHE I 22 0.30 43.98 -34.89
CA PHE I 22 0.40 44.86 -33.73
C PHE I 22 1.86 45.15 -33.43
N TYR I 23 2.72 44.14 -33.62
CA TYR I 23 4.14 44.25 -33.37
C TYR I 23 4.78 45.21 -34.36
N GLN I 24 4.34 45.16 -35.62
CA GLN I 24 4.83 46.03 -36.67
C GLN I 24 4.52 47.48 -36.32
N SER I 25 3.34 47.70 -35.74
CA SER I 25 2.90 49.03 -35.33
C SER I 25 3.58 49.41 -34.02
N SER I 26 3.90 48.40 -33.20
CA SER I 26 4.54 48.61 -31.91
C SER I 26 5.97 49.11 -32.11
N LEU I 27 6.63 48.60 -33.16
CA LEU I 27 7.98 49.02 -33.52
C LEU I 27 7.93 50.44 -34.06
N ALA I 28 6.92 50.72 -34.88
CA ALA I 28 6.74 52.03 -35.51
C ALA I 28 6.45 53.07 -34.44
N SER I 29 5.73 52.67 -33.39
CA SER I 29 5.41 53.52 -32.26
C SER I 29 6.68 53.79 -31.44
N TRP I 30 7.51 52.75 -31.31
CA TRP I 30 8.75 52.81 -30.54
C TRP I 30 9.75 53.75 -31.23
N ASN I 31 9.76 53.73 -32.57
CA ASN I 31 10.67 54.51 -33.38
C ASN I 31 10.50 56.00 -33.07
N TYR I 32 9.25 56.46 -33.06
CA TYR I 32 8.94 57.87 -32.85
C TYR I 32 9.16 58.25 -31.38
N ASN I 33 8.82 57.33 -30.47
CA ASN I 33 8.80 57.62 -29.04
C ASN I 33 10.23 57.70 -28.50
N THR I 34 11.20 57.22 -29.28
CA THR I 34 12.60 57.25 -28.90
C THR I 34 13.36 58.28 -29.73
N ASN I 35 12.78 58.66 -30.88
CA ASN I 35 13.46 59.44 -31.89
C ASN I 35 12.42 60.25 -32.67
N ILE I 36 12.15 61.47 -32.18
CA ILE I 36 11.09 62.31 -32.69
C ILE I 36 11.53 62.93 -34.02
N THR I 37 11.01 62.37 -35.12
CA THR I 37 11.20 62.93 -36.45
C THR I 37 9.84 63.02 -37.14
N GLU I 38 9.82 63.69 -38.30
CA GLU I 38 8.59 63.91 -39.07
C GLU I 38 8.44 62.79 -40.10
N GLU I 39 9.30 61.77 -40.01
CA GLU I 39 9.16 60.57 -40.82
C GLU I 39 8.78 59.39 -39.94
N ASN I 40 9.01 59.55 -38.63
CA ASN I 40 8.70 58.52 -37.65
C ASN I 40 7.20 58.54 -37.32
N VAL I 41 6.60 59.73 -37.33
CA VAL I 41 5.16 59.87 -37.15
C VAL I 41 4.46 59.32 -38.39
N GLN I 42 5.05 59.56 -39.57
CA GLN I 42 4.49 59.12 -40.84
C GLN I 42 4.56 57.60 -40.95
N ASN I 43 5.50 57.00 -40.20
CA ASN I 43 5.67 55.56 -40.17
C ASN I 43 4.83 54.96 -39.04
N MET I 44 4.64 55.75 -37.98
CA MET I 44 3.89 55.35 -36.80
C MET I 44 2.39 55.34 -37.12
N ASN I 45 1.92 56.44 -37.71
CA ASN I 45 0.51 56.63 -38.00
C ASN I 45 0.07 55.68 -39.12
N ASN I 46 0.97 55.43 -40.08
CA ASN I 46 0.69 54.57 -41.22
C ASN I 46 0.60 53.12 -40.77
N ALA I 47 1.22 52.81 -39.62
CA ALA I 47 1.17 51.48 -39.04
C ALA I 47 -0.01 51.38 -38.08
N GLY I 48 -0.31 52.50 -37.40
CA GLY I 48 -1.45 52.59 -36.50
C GLY I 48 -2.78 52.57 -37.25
N ASP I 49 -2.75 53.06 -38.50
CA ASP I 49 -3.92 53.07 -39.36
C ASP I 49 -4.17 51.65 -39.90
N LYS I 50 -3.08 50.93 -40.19
CA LYS I 50 -3.17 49.57 -40.71
C LYS I 50 -3.59 48.61 -39.59
N TRP I 51 -3.26 48.97 -38.35
CA TRP I 51 -3.67 48.21 -37.18
C TRP I 51 -5.15 48.45 -36.89
N SER I 52 -5.55 49.72 -36.98
CA SER I 52 -6.91 50.14 -36.65
C SER I 52 -7.89 49.64 -37.71
N ALA I 53 -7.45 49.64 -38.98
CA ALA I 53 -8.28 49.22 -40.10
C ALA I 53 -8.49 47.71 -40.07
N PHE I 54 -7.51 47.00 -39.48
CA PHE I 54 -7.56 45.54 -39.38
C PHE I 54 -8.51 45.13 -38.25
N LEU I 55 -8.53 45.93 -37.17
CA LEU I 55 -9.40 45.68 -36.04
C LEU I 55 -10.87 45.79 -36.45
N LYS I 56 -11.19 46.89 -37.15
CA LYS I 56 -12.56 47.16 -37.57
C LYS I 56 -12.97 46.23 -38.71
N GLU I 57 -11.98 45.55 -39.31
CA GLU I 57 -12.22 44.53 -40.32
C GLU I 57 -12.61 43.23 -39.63
N GLN I 58 -11.86 42.86 -38.58
CA GLN I 58 -12.00 41.58 -37.91
C GLN I 58 -13.23 41.58 -37.00
N SER I 59 -13.47 42.72 -36.35
CA SER I 59 -14.64 42.90 -35.49
C SER I 59 -15.92 42.64 -36.29
N THR I 60 -15.95 43.17 -37.53
CA THR I 60 -17.07 43.02 -38.44
C THR I 60 -17.26 41.54 -38.78
N LEU I 61 -16.14 40.82 -38.93
CA LEU I 61 -16.16 39.40 -39.22
C LEU I 61 -16.51 38.61 -37.96
N ALA I 62 -16.24 39.21 -36.80
CA ALA I 62 -16.44 38.55 -35.50
C ALA I 62 -17.91 38.60 -35.10
N GLN I 63 -18.66 39.54 -35.68
CA GLN I 63 -20.05 39.79 -35.33
C GLN I 63 -20.91 38.59 -35.70
N MET I 64 -20.42 37.77 -36.65
CA MET I 64 -21.20 36.68 -37.22
C MET I 64 -21.13 35.45 -36.32
N TYR I 65 -20.52 35.61 -35.14
CA TYR I 65 -20.52 34.57 -34.11
C TYR I 65 -21.29 35.08 -32.90
N PRO I 66 -22.57 34.67 -32.73
CA PRO I 66 -23.40 35.14 -31.61
C PRO I 66 -22.90 34.62 -30.27
N LEU I 67 -22.90 35.51 -29.27
CA LEU I 67 -22.34 35.21 -27.95
C LEU I 67 -23.20 34.16 -27.23
N GLN I 68 -24.50 34.12 -27.57
CA GLN I 68 -25.44 33.21 -26.95
C GLN I 68 -25.23 31.79 -27.47
N GLU I 69 -24.36 31.65 -28.49
CA GLU I 69 -24.08 30.37 -29.11
C GLU I 69 -22.71 29.87 -28.65
N ILE I 70 -22.16 30.52 -27.62
CA ILE I 70 -20.82 30.22 -27.13
C ILE I 70 -20.90 29.86 -25.65
N GLN I 71 -20.42 28.65 -25.32
CA GLN I 71 -20.39 28.17 -23.94
C GLN I 71 -19.01 28.46 -23.34
N ASN I 72 -17.97 28.25 -24.16
CA ASN I 72 -16.59 28.47 -23.78
C ASN I 72 -16.41 29.93 -23.36
N LEU I 73 -16.11 30.14 -22.07
CA LEU I 73 -16.11 31.46 -21.45
C LEU I 73 -14.90 32.28 -21.91
N THR I 74 -13.80 31.59 -22.25
CA THR I 74 -12.57 32.26 -22.63
C THR I 74 -12.64 32.76 -24.07
N VAL I 75 -13.29 31.96 -24.93
CA VAL I 75 -13.54 32.33 -26.33
C VAL I 75 -14.59 33.43 -26.35
N LYS I 76 -15.50 33.40 -25.37
CA LYS I 76 -16.55 34.39 -25.22
C LYS I 76 -15.95 35.73 -24.80
N LEU I 77 -14.90 35.67 -23.97
CA LEU I 77 -14.20 36.85 -23.50
C LEU I 77 -13.38 37.46 -24.64
N GLN I 78 -12.87 36.61 -25.52
CA GLN I 78 -12.03 37.02 -26.64
C GLN I 78 -12.87 37.80 -27.65
N LEU I 79 -13.98 37.19 -28.09
CA LEU I 79 -14.87 37.80 -29.07
C LEU I 79 -15.50 39.06 -28.50
N GLN I 80 -15.86 39.01 -27.21
CA GLN I 80 -16.49 40.12 -26.51
C GLN I 80 -15.68 41.40 -26.70
N ALA I 81 -14.35 41.28 -26.58
CA ALA I 81 -13.45 42.40 -26.72
C ALA I 81 -13.26 42.76 -28.19
N LEU I 82 -13.37 41.76 -29.08
CA LEU I 82 -13.15 41.94 -30.50
C LEU I 82 -14.39 42.54 -31.15
N GLN I 83 -15.49 41.77 -31.16
CA GLN I 83 -16.74 42.19 -31.78
C GLN I 83 -17.38 43.33 -30.98
N GLN I 84 -16.94 44.56 -31.28
CA GLN I 84 -17.47 45.76 -30.64
C GLN I 84 -17.40 46.93 -31.62
N ASN I 85 -18.55 47.25 -32.21
CA ASN I 85 -18.75 48.47 -32.96
C ASN I 85 -19.55 49.44 -32.09
N GLY I 86 -19.12 49.57 -30.83
CA GLY I 86 -19.85 50.23 -29.77
C GLY I 86 -20.29 51.65 -30.13
N SER I 87 -19.31 52.50 -30.47
CA SER I 87 -19.57 53.89 -30.77
C SER I 87 -20.11 54.03 -32.20
N SER I 88 -19.82 53.03 -33.04
CA SER I 88 -20.23 53.02 -34.43
C SER I 88 -21.61 52.37 -34.58
N VAL I 89 -22.56 52.82 -33.75
CA VAL I 89 -23.94 52.35 -33.78
C VAL I 89 -24.82 53.50 -34.26
N LEU I 90 -24.48 54.72 -33.84
CA LEU I 90 -25.23 55.93 -34.14
C LEU I 90 -25.22 56.20 -35.65
N SER I 91 -26.10 57.11 -36.08
CA SER I 91 -26.19 57.52 -37.47
C SER I 91 -24.92 58.24 -37.89
N GLU I 92 -24.57 58.11 -39.18
CA GLU I 92 -23.32 58.59 -39.75
C GLU I 92 -23.10 60.06 -39.40
N ASP I 93 -24.18 60.85 -39.47
CA ASP I 93 -24.13 62.29 -39.27
C ASP I 93 -23.88 62.60 -37.79
N LYS I 94 -24.49 61.81 -36.90
CA LYS I 94 -24.37 62.01 -35.47
C LYS I 94 -23.03 61.49 -34.97
N SER I 95 -22.55 60.41 -35.60
CA SER I 95 -21.28 59.78 -35.26
C SER I 95 -20.12 60.72 -35.60
N LYS I 96 -20.28 61.44 -36.73
CA LYS I 96 -19.30 62.42 -37.19
C LYS I 96 -19.36 63.65 -36.29
N ARG I 97 -20.56 63.96 -35.78
CA ARG I 97 -20.80 65.09 -34.92
C ARG I 97 -20.14 64.86 -33.56
N LEU I 98 -20.34 63.65 -33.01
CA LEU I 98 -19.78 63.28 -31.73
C LEU I 98 -18.26 63.37 -31.78
N ASN I 99 -17.68 62.94 -32.91
CA ASN I 99 -16.25 62.99 -33.17
C ASN I 99 -15.78 64.45 -33.13
N THR I 100 -16.57 65.34 -33.74
CA THR I 100 -16.22 66.74 -33.89
C THR I 100 -16.33 67.46 -32.54
N ILE I 101 -17.31 67.05 -31.72
CA ILE I 101 -17.49 67.61 -30.39
C ILE I 101 -16.30 67.20 -29.51
N LEU I 102 -15.92 65.92 -29.59
CA LEU I 102 -14.81 65.37 -28.83
C LEU I 102 -13.50 66.02 -29.29
N ASN I 103 -13.43 66.37 -30.58
CA ASN I 103 -12.28 67.06 -31.14
C ASN I 103 -12.20 68.47 -30.56
N THR I 104 -13.34 69.17 -30.58
CA THR I 104 -13.42 70.56 -30.14
C THR I 104 -13.08 70.66 -28.66
N MET I 105 -13.74 69.84 -27.84
CA MET I 105 -13.62 69.90 -26.38
C MET I 105 -12.19 69.62 -25.96
N SER I 106 -11.54 68.66 -26.63
CA SER I 106 -10.19 68.22 -26.28
C SER I 106 -9.16 69.29 -26.66
N THR I 107 -9.37 69.91 -27.84
CA THR I 107 -8.45 70.91 -28.36
C THR I 107 -8.52 72.19 -27.53
N ILE I 108 -9.75 72.61 -27.17
CA ILE I 108 -9.95 73.87 -26.46
C ILE I 108 -9.56 73.72 -24.99
N TYR I 109 -9.38 72.48 -24.54
CA TYR I 109 -8.88 72.23 -23.19
C TYR I 109 -7.40 72.54 -23.13
N SER I 110 -6.66 72.08 -24.15
CA SER I 110 -5.22 72.28 -24.24
C SER I 110 -4.92 73.71 -24.68
N THR I 111 -5.58 74.16 -25.76
CA THR I 111 -5.37 75.48 -26.32
C THR I 111 -6.27 76.48 -25.60
N GLY I 112 -5.72 77.14 -24.57
CA GLY I 112 -6.44 78.12 -23.79
C GLY I 112 -5.95 78.16 -22.35
N PRO I 128 1.68 74.55 -18.16
CA PRO I 128 1.52 74.42 -16.70
C PRO I 128 1.85 75.71 -15.96
N GLY I 129 1.57 76.84 -16.61
CA GLY I 129 1.81 78.16 -16.05
C GLY I 129 0.82 78.50 -14.95
N LEU I 130 -0.47 78.27 -15.21
CA LEU I 130 -1.54 78.47 -14.26
C LEU I 130 -1.47 77.42 -13.15
N ASN I 131 -0.98 76.22 -13.52
CA ASN I 131 -0.83 75.12 -12.59
C ASN I 131 0.27 75.42 -11.58
N GLU I 132 1.31 76.12 -12.04
CA GLU I 132 2.43 76.50 -11.20
C GLU I 132 1.97 77.50 -10.14
N ILE I 133 1.04 78.38 -10.53
CA ILE I 133 0.44 79.36 -9.64
C ILE I 133 -0.42 78.63 -8.61
N MET I 134 -1.13 77.59 -9.08
CA MET I 134 -2.07 76.85 -8.23
C MET I 134 -1.35 75.77 -7.43
N ALA I 135 -0.01 75.83 -7.41
CA ALA I 135 0.79 74.82 -6.74
C ALA I 135 1.79 75.46 -5.78
N ASN I 136 2.23 76.68 -6.10
CA ASN I 136 3.36 77.30 -5.40
C ASN I 136 2.94 78.59 -4.71
N SER I 137 1.96 79.30 -5.29
CA SER I 137 1.58 80.62 -4.81
C SER I 137 0.89 80.51 -3.44
N LEU I 138 1.06 81.57 -2.64
CA LEU I 138 0.44 81.67 -1.32
C LEU I 138 -0.49 82.88 -1.29
N ASP I 139 -0.58 83.59 -2.43
CA ASP I 139 -1.47 84.72 -2.58
C ASP I 139 -2.89 84.21 -2.83
N TYR I 140 -3.85 84.74 -2.07
CA TYR I 140 -5.24 84.34 -2.17
C TYR I 140 -5.82 84.81 -3.50
N ASN I 141 -5.47 86.04 -3.89
CA ASN I 141 -6.07 86.74 -5.02
C ASN I 141 -5.56 86.15 -6.33
N GLU I 142 -4.27 85.80 -6.38
CA GLU I 142 -3.63 85.27 -7.57
C GLU I 142 -4.14 83.85 -7.83
N ARG I 143 -4.34 83.09 -6.75
CA ARG I 143 -4.85 81.73 -6.84
C ARG I 143 -6.35 81.76 -7.17
N LEU I 144 -7.01 82.85 -6.76
CA LEU I 144 -8.41 83.08 -7.09
C LEU I 144 -8.52 83.46 -8.57
N TRP I 145 -7.53 84.22 -9.06
CA TRP I 145 -7.49 84.67 -10.44
C TRP I 145 -7.25 83.49 -11.37
N ALA I 146 -6.39 82.57 -10.95
CA ALA I 146 -6.01 81.41 -11.75
C ALA I 146 -7.13 80.37 -11.76
N TRP I 147 -7.89 80.30 -10.66
CA TRP I 147 -8.93 79.31 -10.49
C TRP I 147 -10.20 79.73 -11.20
N GLU I 148 -10.53 81.03 -11.10
CA GLU I 148 -11.78 81.56 -11.62
C GLU I 148 -11.70 81.69 -13.14
N SER I 149 -10.59 82.25 -13.64
CA SER I 149 -10.43 82.58 -15.05
C SER I 149 -10.38 81.31 -15.91
N TRP I 150 -9.89 80.22 -15.33
CA TRP I 150 -9.81 78.93 -16.01
C TRP I 150 -11.22 78.36 -16.20
N ARG I 151 -12.07 78.52 -15.18
CA ARG I 151 -13.43 78.00 -15.19
C ARG I 151 -14.36 79.01 -15.88
N SER I 152 -13.88 80.25 -16.04
CA SER I 152 -14.64 81.30 -16.70
C SER I 152 -14.35 81.31 -18.20
N GLU I 153 -13.17 80.81 -18.59
CA GLU I 153 -12.73 80.82 -19.98
C GLU I 153 -13.28 79.58 -20.70
N VAL I 154 -12.66 78.43 -20.45
CA VAL I 154 -13.02 77.20 -21.13
C VAL I 154 -14.30 76.63 -20.52
N GLY I 155 -14.53 76.93 -19.23
CA GLY I 155 -15.67 76.42 -18.49
C GLY I 155 -17.01 76.89 -19.06
N LYS I 156 -17.00 78.02 -19.76
CA LYS I 156 -18.19 78.55 -20.41
C LYS I 156 -18.25 78.07 -21.86
N GLN I 157 -17.07 77.74 -22.41
CA GLN I 157 -16.96 77.28 -23.79
C GLN I 157 -17.44 75.83 -23.89
N LEU I 158 -17.17 75.05 -22.85
CA LEU I 158 -17.40 73.61 -22.85
C LEU I 158 -18.83 73.29 -22.47
N ARG I 159 -19.51 74.26 -21.83
CA ARG I 159 -20.84 74.04 -21.26
C ARG I 159 -21.86 73.63 -22.32
N PRO I 160 -22.04 74.40 -23.42
CA PRO I 160 -23.08 74.09 -24.41
C PRO I 160 -22.75 72.85 -25.26
N LEU I 161 -21.50 72.41 -25.20
CA LEU I 161 -21.04 71.25 -25.97
C LEU I 161 -21.04 70.00 -25.10
N TYR I 162 -20.99 70.19 -23.78
CA TYR I 162 -21.01 69.07 -22.84
C TYR I 162 -22.43 68.51 -22.73
N GLU I 163 -23.41 69.36 -23.04
CA GLU I 163 -24.82 68.97 -23.02
C GLU I 163 -25.11 67.98 -24.15
N GLU I 164 -24.65 68.32 -25.36
CA GLU I 164 -24.86 67.49 -26.54
C GLU I 164 -23.91 66.29 -26.50
N TYR I 165 -22.85 66.39 -25.68
CA TYR I 165 -21.99 65.27 -25.37
C TYR I 165 -22.76 64.23 -24.57
N VAL I 166 -23.41 64.70 -23.50
CA VAL I 166 -24.22 63.87 -22.62
C VAL I 166 -25.40 63.28 -23.42
N VAL I 167 -25.92 64.08 -24.36
CA VAL I 167 -27.07 63.69 -25.17
C VAL I 167 -26.68 62.53 -26.10
N LEU I 168 -25.51 62.64 -26.73
CA LEU I 168 -25.10 61.71 -27.77
C LEU I 168 -24.44 60.46 -27.17
N LYS I 169 -23.82 60.62 -26.00
CA LYS I 169 -23.15 59.50 -25.35
C LYS I 169 -24.19 58.56 -24.73
N ASN I 170 -25.31 59.13 -24.27
CA ASN I 170 -26.42 58.36 -23.77
C ASN I 170 -27.12 57.65 -24.94
N GLU I 171 -27.28 58.38 -26.04
CA GLU I 171 -27.83 57.84 -27.28
C GLU I 171 -27.02 56.63 -27.72
N MET I 172 -25.69 56.72 -27.54
CA MET I 172 -24.76 55.66 -27.88
C MET I 172 -24.93 54.49 -26.91
N ALA I 173 -25.07 54.81 -25.62
CA ALA I 173 -25.16 53.81 -24.57
C ALA I 173 -26.49 53.07 -24.64
N ARG I 174 -27.58 53.83 -24.86
CA ARG I 174 -28.93 53.28 -24.85
C ARG I 174 -29.16 52.44 -26.10
N ALA I 175 -28.36 52.71 -27.15
CA ALA I 175 -28.42 51.93 -28.38
C ALA I 175 -27.57 50.67 -28.23
N ASN I 176 -26.75 50.63 -27.18
CA ASN I 176 -25.94 49.47 -26.85
C ASN I 176 -26.55 48.71 -25.68
N HIS I 177 -27.79 49.08 -25.33
CA HIS I 177 -28.62 48.37 -24.35
C HIS I 177 -28.15 48.66 -22.92
N TYR I 178 -27.26 49.66 -22.78
CA TYR I 178 -26.87 50.17 -21.47
C TYR I 178 -27.86 51.26 -21.08
N GLU I 179 -28.14 51.39 -19.77
CA GLU I 179 -29.17 52.30 -19.30
C GLU I 179 -28.75 53.74 -19.54
N ASP I 180 -27.48 54.06 -19.24
CA ASP I 180 -26.91 55.36 -19.53
C ASP I 180 -25.42 55.18 -19.85
N TYR I 181 -24.74 56.30 -20.15
CA TYR I 181 -23.33 56.27 -20.51
C TYR I 181 -22.46 56.01 -19.28
N GLY I 182 -23.02 56.29 -18.10
CA GLY I 182 -22.38 55.95 -16.84
C GLY I 182 -22.33 54.44 -16.65
N ASP I 183 -23.38 53.75 -17.11
CA ASP I 183 -23.51 52.30 -17.05
C ASP I 183 -22.55 51.66 -18.05
N TYR I 184 -22.19 52.42 -19.08
CA TYR I 184 -21.25 51.99 -20.10
C TYR I 184 -19.85 51.86 -19.49
N TRP I 185 -19.50 52.84 -18.64
CA TRP I 185 -18.22 52.85 -17.94
C TRP I 185 -18.23 51.85 -16.79
N ARG I 186 -19.42 51.65 -16.20
CA ARG I 186 -19.62 50.69 -15.13
C ARG I 186 -19.55 49.26 -15.68
N GLY I 187 -19.53 49.16 -17.01
CA GLY I 187 -19.46 47.88 -17.69
C GLY I 187 -18.02 47.37 -17.82
N ASP I 188 -17.07 48.19 -17.37
CA ASP I 188 -15.66 47.84 -17.40
C ASP I 188 -15.27 47.14 -16.10
N TYR I 189 -16.30 46.71 -15.35
CA TYR I 189 -16.12 45.99 -14.10
C TYR I 189 -17.13 44.84 -14.04
N GLU I 190 -17.79 44.58 -15.17
CA GLU I 190 -18.87 43.62 -15.24
C GLU I 190 -18.33 42.22 -15.53
N VAL I 191 -18.86 41.23 -14.80
CA VAL I 191 -18.53 39.83 -14.99
C VAL I 191 -19.83 39.03 -14.95
N ASN I 192 -20.10 38.28 -16.03
CA ASN I 192 -21.32 37.52 -16.18
C ASN I 192 -21.00 36.12 -16.70
N GLY I 193 -21.40 35.10 -15.93
CA GLY I 193 -21.38 33.72 -16.40
C GLY I 193 -20.36 32.84 -15.68
N VAL I 194 -19.87 33.31 -14.53
CA VAL I 194 -18.98 32.52 -13.70
C VAL I 194 -19.57 32.45 -12.29
N ASP I 195 -19.96 31.23 -11.89
CA ASP I 195 -20.68 30.99 -10.65
C ASP I 195 -19.82 31.42 -9.46
N GLY I 196 -20.33 32.41 -8.71
CA GLY I 196 -19.71 32.87 -7.48
C GLY I 196 -18.67 33.97 -7.70
N TYR I 197 -18.49 34.37 -8.96
CA TYR I 197 -17.50 35.37 -9.32
C TYR I 197 -18.15 36.50 -10.13
N ASP I 198 -19.45 36.36 -10.39
CA ASP I 198 -20.21 37.33 -11.18
C ASP I 198 -20.27 38.67 -10.45
N TYR I 199 -20.29 39.75 -11.25
CA TYR I 199 -20.31 41.10 -10.74
C TYR I 199 -21.13 41.98 -11.69
N SER I 200 -22.27 42.46 -11.20
CA SER I 200 -23.13 43.35 -11.97
C SER I 200 -22.59 44.78 -11.90
N ARG I 201 -23.10 45.63 -12.80
CA ARG I 201 -22.64 47.00 -12.94
C ARG I 201 -23.09 47.84 -11.74
N GLY I 202 -24.18 47.40 -11.10
CA GLY I 202 -24.77 48.12 -9.98
C GLY I 202 -23.98 47.92 -8.68
N GLN I 203 -23.27 46.80 -8.58
CA GLN I 203 -22.52 46.44 -7.40
C GLN I 203 -21.31 47.35 -7.25
N LEU I 204 -20.87 47.94 -8.36
CA LEU I 204 -19.72 48.84 -8.39
C LEU I 204 -20.04 50.10 -7.58
N ILE I 205 -21.30 50.54 -7.65
CA ILE I 205 -21.77 51.74 -6.97
C ILE I 205 -21.79 51.49 -5.47
N GLU I 206 -22.39 50.36 -5.06
CA GLU I 206 -22.61 50.03 -3.65
C GLU I 206 -21.27 49.76 -2.97
N ASP I 207 -20.37 49.07 -3.67
CA ASP I 207 -19.06 48.72 -3.13
C ASP I 207 -18.23 49.97 -2.87
N VAL I 208 -18.29 50.92 -3.82
CA VAL I 208 -17.56 52.17 -3.73
C VAL I 208 -18.13 53.01 -2.60
N GLU I 209 -19.46 52.93 -2.40
CA GLU I 209 -20.16 53.68 -1.38
C GLU I 209 -19.88 53.10 0.00
N HIS I 210 -19.87 51.77 0.09
CA HIS I 210 -19.65 51.06 1.35
C HIS I 210 -18.23 51.30 1.85
N THR I 211 -17.27 51.28 0.92
CA THR I 211 -15.86 51.48 1.25
C THR I 211 -15.61 52.95 1.61
N PHE I 212 -16.35 53.84 0.95
CA PHE I 212 -16.20 55.28 1.14
C PHE I 212 -16.70 55.69 2.53
N GLU I 213 -17.65 54.91 3.07
CA GLU I 213 -18.21 55.14 4.39
C GLU I 213 -17.14 54.94 5.45
N GLU I 214 -16.24 53.97 5.22
CA GLU I 214 -15.19 53.63 6.16
C GLU I 214 -14.00 54.57 6.00
N ILE I 215 -13.97 55.30 4.87
CA ILE I 215 -12.92 56.27 4.60
C ILE I 215 -13.20 57.54 5.39
N LYS I 216 -14.49 57.83 5.58
CA LYS I 216 -14.97 59.08 6.17
C LYS I 216 -14.25 59.39 7.49
N PRO I 217 -14.20 58.45 8.48
CA PRO I 217 -13.52 58.72 9.75
C PRO I 217 -12.07 59.20 9.60
N LEU I 218 -11.36 58.62 8.62
CA LEU I 218 -9.96 58.93 8.39
C LEU I 218 -9.84 60.26 7.64
N TYR I 219 -10.73 60.48 6.68
CA TYR I 219 -10.67 61.65 5.82
C TYR I 219 -11.10 62.91 6.57
N GLU I 220 -12.09 62.76 7.47
CA GLU I 220 -12.61 63.87 8.25
C GLU I 220 -11.53 64.42 9.17
N HIS I 221 -10.70 63.52 9.71
CA HIS I 221 -9.61 63.89 10.61
C HIS I 221 -8.45 64.50 9.81
N LEU I 222 -8.30 64.06 8.55
CA LEU I 222 -7.33 64.64 7.64
C LEU I 222 -7.79 66.05 7.25
N HIS I 223 -9.11 66.19 7.05
CA HIS I 223 -9.74 67.46 6.72
C HIS I 223 -9.64 68.41 7.92
N ALA I 224 -9.68 67.84 9.13
CA ALA I 224 -9.64 68.60 10.37
C ALA I 224 -8.23 69.13 10.63
N TYR I 225 -7.22 68.36 10.19
CA TYR I 225 -5.83 68.71 10.41
C TYR I 225 -5.36 69.71 9.35
N VAL I 226 -5.76 69.46 8.10
CA VAL I 226 -5.39 70.29 6.96
C VAL I 226 -6.02 71.67 7.13
N ARG I 227 -7.25 71.69 7.68
CA ARG I 227 -7.98 72.92 7.95
C ARG I 227 -7.22 73.73 9.01
N ALA I 228 -6.69 73.02 10.02
CA ALA I 228 -6.04 73.62 11.17
C ALA I 228 -4.71 74.25 10.78
N LYS I 229 -4.07 73.69 9.74
CA LYS I 229 -2.76 74.15 9.29
C LYS I 229 -2.93 75.25 8.24
N LEU I 230 -4.07 75.26 7.55
CA LEU I 230 -4.32 76.23 6.49
C LEU I 230 -4.81 77.55 7.07
N MET I 231 -5.37 77.50 8.30
CA MET I 231 -5.84 78.70 8.97
C MET I 231 -4.69 79.37 9.71
N ASN I 232 -3.54 78.71 9.73
CA ASN I 232 -2.30 79.28 10.23
C ASN I 232 -1.54 79.93 9.08
N ALA I 233 -1.97 79.62 7.84
CA ALA I 233 -1.37 80.16 6.64
C ALA I 233 -2.25 81.26 6.06
N TYR I 234 -3.58 81.04 6.11
CA TYR I 234 -4.56 82.00 5.63
C TYR I 234 -5.49 82.37 6.79
N PRO I 235 -5.09 83.29 7.69
CA PRO I 235 -5.87 83.59 8.89
C PRO I 235 -7.06 84.52 8.64
N SER I 236 -7.21 84.98 7.39
CA SER I 236 -8.25 85.93 7.03
C SER I 236 -9.11 85.38 5.89
N TYR I 237 -8.91 84.11 5.54
CA TYR I 237 -9.63 83.49 4.43
C TYR I 237 -9.99 82.05 4.79
N ILE I 238 -10.56 81.84 5.98
CA ILE I 238 -10.88 80.50 6.43
C ILE I 238 -12.29 80.45 7.04
N SER I 239 -12.72 79.23 7.37
CA SER I 239 -13.99 78.96 8.02
C SER I 239 -13.75 78.22 9.33
N PRO I 240 -14.48 78.56 10.42
CA PRO I 240 -14.32 77.85 11.69
C PRO I 240 -14.90 76.44 11.64
N CYS I 243 -16.40 74.55 5.40
CA CYS I 243 -15.77 74.01 4.16
C CYS I 243 -14.48 74.77 3.85
N LEU I 244 -13.65 74.18 2.99
CA LEU I 244 -12.38 74.77 2.59
C LEU I 244 -12.52 75.42 1.22
N PRO I 245 -11.83 76.56 0.96
CA PRO I 245 -11.81 77.17 -0.36
C PRO I 245 -11.24 76.23 -1.42
N ALA I 246 -11.74 76.36 -2.65
CA ALA I 246 -11.46 75.43 -3.74
C ALA I 246 -10.10 75.73 -4.37
N HIS I 247 -9.61 76.96 -4.19
CA HIS I 247 -8.40 77.42 -4.85
C HIS I 247 -7.22 77.40 -3.89
N LEU I 248 -7.40 76.78 -2.72
CA LEU I 248 -6.35 76.69 -1.72
C LEU I 248 -6.19 75.23 -1.28
N LEU I 249 -6.16 74.32 -2.26
CA LEU I 249 -6.11 72.90 -1.98
C LEU I 249 -4.84 72.28 -2.55
N GLY I 250 -4.02 73.11 -3.21
CA GLY I 250 -2.69 72.70 -3.66
C GLY I 250 -2.62 72.41 -5.15
N ASP I 251 -3.78 72.35 -5.80
CA ASP I 251 -3.85 72.11 -7.24
C ASP I 251 -5.01 72.88 -7.86
N MET I 252 -5.25 72.62 -9.14
CA MET I 252 -6.23 73.34 -9.95
C MET I 252 -7.64 73.01 -9.52
N TRP I 253 -7.88 71.74 -9.16
CA TRP I 253 -9.23 71.24 -8.95
C TRP I 253 -9.45 70.86 -7.49
N GLY I 254 -8.35 70.56 -6.78
CA GLY I 254 -8.41 70.07 -5.42
C GLY I 254 -8.41 68.54 -5.37
N ARG I 255 -7.65 67.95 -6.30
CA ARG I 255 -7.59 66.51 -6.50
C ARG I 255 -6.57 65.91 -5.54
N PHE I 256 -5.34 66.44 -5.58
CA PHE I 256 -4.27 65.97 -4.73
C PHE I 256 -3.85 67.08 -3.77
N TRP I 257 -3.86 66.76 -2.46
CA TRP I 257 -3.41 67.70 -1.44
C TRP I 257 -1.90 67.55 -1.22
N THR I 258 -1.21 67.10 -2.27
CA THR I 258 0.21 66.79 -2.22
C THR I 258 1.02 68.06 -1.94
N ASN I 259 0.61 69.16 -2.58
CA ASN I 259 1.36 70.40 -2.56
C ASN I 259 1.04 71.20 -1.29
N LEU I 260 0.26 70.60 -0.39
CA LEU I 260 -0.09 71.23 0.88
C LEU I 260 0.88 70.79 1.98
N TYR I 261 1.73 69.81 1.67
CA TYR I 261 2.71 69.29 2.61
C TYR I 261 3.76 70.37 2.91
N SER I 262 3.80 71.40 2.06
CA SER I 262 4.69 72.53 2.22
C SER I 262 4.34 73.32 3.48
N LEU I 263 3.08 73.16 3.94
CA LEU I 263 2.58 73.86 5.10
C LEU I 263 2.09 72.87 6.15
N THR I 264 1.42 71.80 5.70
CA THR I 264 0.76 70.85 6.58
C THR I 264 1.73 69.76 7.02
N VAL I 265 2.98 70.17 7.29
CA VAL I 265 4.01 69.25 7.78
C VAL I 265 3.85 69.09 9.29
N PRO I 266 3.74 67.84 9.80
CA PRO I 266 3.60 67.60 11.24
C PRO I 266 4.80 68.11 12.03
N PHE I 267 6.00 67.73 11.58
CA PHE I 267 7.25 68.15 12.20
C PHE I 267 8.18 68.70 11.14
N GLY I 268 8.35 70.03 11.12
CA GLY I 268 9.29 70.70 10.25
C GLY I 268 10.72 70.57 10.75
N GLN I 269 10.87 69.83 11.86
CA GLN I 269 12.14 69.58 12.51
C GLN I 269 12.81 68.35 11.87
N LYS I 270 12.03 67.29 11.69
CA LYS I 270 12.52 65.98 11.28
C LYS I 270 12.85 65.99 9.79
N PRO I 271 13.86 65.20 9.35
CA PRO I 271 14.31 65.21 7.95
C PRO I 271 13.44 64.37 7.02
N ASN I 272 13.38 64.80 5.75
CA ASN I 272 12.73 64.06 4.68
C ASN I 272 13.73 63.06 4.10
N ILE I 273 13.35 61.78 4.11
CA ILE I 273 14.22 60.69 3.69
C ILE I 273 14.40 60.75 2.17
N ASP I 274 15.64 61.02 1.75
CA ASP I 274 16.00 61.11 0.35
C ASP I 274 17.41 60.55 0.16
N VAL I 275 17.50 59.45 -0.59
CA VAL I 275 18.77 58.77 -0.83
C VAL I 275 19.28 59.10 -2.23
N THR I 276 18.97 60.32 -2.69
CA THR I 276 19.47 60.86 -3.93
C THR I 276 20.96 61.18 -3.78
N ASP I 277 21.34 61.58 -2.56
CA ASP I 277 22.71 61.91 -2.21
C ASP I 277 23.58 60.67 -2.26
N ALA I 278 23.08 59.57 -1.66
CA ALA I 278 23.81 58.32 -1.56
C ALA I 278 23.92 57.65 -2.93
N MET I 279 22.97 57.96 -3.82
CA MET I 279 22.94 57.41 -5.17
C MET I 279 24.01 58.09 -6.03
N VAL I 280 24.28 59.37 -5.74
CA VAL I 280 25.29 60.12 -6.46
C VAL I 280 26.61 60.06 -5.69
N ASP I 281 26.57 59.43 -4.50
CA ASP I 281 27.77 59.17 -3.72
C ASP I 281 28.47 57.91 -4.26
N GLN I 282 27.65 56.94 -4.71
CA GLN I 282 28.16 55.70 -5.28
C GLN I 282 28.04 55.74 -6.80
N ALA I 283 27.61 56.90 -7.32
CA ALA I 283 27.44 57.15 -8.74
C ALA I 283 26.67 56.01 -9.41
N TRP I 284 25.44 55.79 -8.92
CA TRP I 284 24.53 54.79 -9.48
C TRP I 284 24.10 55.22 -10.87
N ASP I 285 24.54 54.48 -11.88
CA ASP I 285 24.13 54.72 -13.25
C ASP I 285 22.82 54.00 -13.51
N ALA I 286 22.16 54.34 -14.62
CA ALA I 286 20.85 53.83 -14.96
C ALA I 286 20.87 52.30 -15.00
N GLN I 287 21.97 51.74 -15.52
CA GLN I 287 22.10 50.31 -15.75
C GLN I 287 22.13 49.56 -14.41
N ARG I 288 22.64 50.22 -13.36
CA ARG I 288 22.66 49.63 -12.03
C ARG I 288 21.28 49.72 -11.40
N ILE I 289 20.65 50.90 -11.53
CA ILE I 289 19.36 51.19 -10.92
C ILE I 289 18.35 50.12 -11.34
N PHE I 290 18.36 49.76 -12.63
CA PHE I 290 17.41 48.82 -13.18
C PHE I 290 17.79 47.38 -12.81
N LYS I 291 19.08 47.13 -12.63
CA LYS I 291 19.57 45.81 -12.21
C LYS I 291 19.20 45.58 -10.74
N GLU I 292 19.20 46.67 -9.96
CA GLU I 292 18.83 46.64 -8.55
C GLU I 292 17.32 46.43 -8.42
N ALA I 293 16.58 46.87 -9.46
CA ALA I 293 15.16 46.63 -9.55
C ALA I 293 14.91 45.19 -10.01
N GLU I 294 15.78 44.72 -10.93
CA GLU I 294 15.66 43.40 -11.53
C GLU I 294 15.82 42.33 -10.44
N LYS I 295 16.81 42.52 -9.56
CA LYS I 295 17.13 41.56 -8.52
C LYS I 295 16.03 41.50 -7.47
N PHE I 296 15.29 42.61 -7.34
CA PHE I 296 14.17 42.71 -6.41
C PHE I 296 13.08 41.69 -6.78
N PHE I 297 12.86 41.54 -8.09
CA PHE I 297 11.84 40.65 -8.61
C PHE I 297 12.33 39.21 -8.60
N VAL I 298 13.65 39.03 -8.73
CA VAL I 298 14.27 37.71 -8.64
C VAL I 298 14.21 37.26 -7.18
N SER I 299 14.09 38.22 -6.26
CA SER I 299 14.09 37.96 -4.84
C SER I 299 12.73 37.42 -4.37
N VAL I 300 11.73 37.44 -5.26
CA VAL I 300 10.40 36.97 -4.93
C VAL I 300 10.05 35.75 -5.76
N GLY I 301 10.91 35.40 -6.72
CA GLY I 301 10.73 34.22 -7.54
C GLY I 301 10.27 34.54 -8.96
N LEU I 302 10.17 35.84 -9.26
CA LEU I 302 9.86 36.31 -10.61
C LEU I 302 11.14 36.29 -11.44
N PRO I 303 11.04 36.01 -12.77
CA PRO I 303 12.23 35.92 -13.63
C PRO I 303 12.88 37.28 -13.88
N ASN I 304 14.14 37.26 -14.31
CA ASN I 304 14.84 38.47 -14.71
C ASN I 304 14.43 38.84 -16.14
N MET I 305 14.65 40.13 -16.47
CA MET I 305 14.19 40.71 -17.72
C MET I 305 14.76 39.93 -18.90
N THR I 306 14.01 39.94 -20.01
CA THR I 306 14.37 39.20 -21.22
C THR I 306 15.67 39.76 -21.81
N GLN I 307 16.28 38.99 -22.72
CA GLN I 307 17.52 39.37 -23.38
C GLN I 307 17.28 40.58 -24.27
N GLY I 308 16.10 40.62 -24.90
CA GLY I 308 15.70 41.70 -25.78
C GLY I 308 15.42 42.99 -25.02
N PHE I 309 15.15 42.86 -23.71
CA PHE I 309 14.91 44.00 -22.85
C PHE I 309 16.19 44.81 -22.69
N TRP I 310 17.30 44.12 -22.39
CA TRP I 310 18.57 44.76 -22.11
C TRP I 310 19.21 45.30 -23.38
N GLU I 311 18.72 44.84 -24.54
CA GLU I 311 19.21 45.29 -25.83
C GLU I 311 18.52 46.58 -26.23
N ASN I 312 17.18 46.59 -26.14
CA ASN I 312 16.36 47.51 -26.90
C ASN I 312 15.74 48.59 -26.01
N SER I 313 15.97 48.49 -24.70
CA SER I 313 15.43 49.47 -23.76
C SER I 313 16.20 50.79 -23.87
N MET I 314 15.47 51.90 -23.62
CA MET I 314 16.06 53.22 -23.58
C MET I 314 15.90 53.77 -22.16
N LEU I 315 17.00 53.69 -21.39
CA LEU I 315 16.95 53.90 -19.94
C LEU I 315 17.64 55.21 -19.57
N THR I 316 18.14 55.94 -20.57
CA THR I 316 18.84 57.20 -20.35
C THR I 316 18.44 58.21 -21.43
N ASP I 317 18.75 59.48 -21.16
CA ASP I 317 18.56 60.56 -22.12
C ASP I 317 19.57 60.39 -23.25
N PRO I 318 19.13 60.18 -24.51
CA PRO I 318 20.03 59.85 -25.61
C PRO I 318 20.72 61.07 -26.21
N GLY I 319 21.26 61.94 -25.34
CA GLY I 319 21.99 63.12 -25.75
C GLY I 319 21.07 64.19 -26.32
N ASN I 320 21.42 64.70 -27.51
CA ASN I 320 20.65 65.72 -28.18
C ASN I 320 20.67 65.46 -29.69
N VAL I 321 21.26 64.33 -30.09
CA VAL I 321 21.23 63.87 -31.48
C VAL I 321 19.80 63.44 -31.80
N GLN I 322 19.09 62.98 -30.77
CA GLN I 322 17.68 62.61 -30.86
C GLN I 322 17.00 62.91 -29.52
N LYS I 323 15.72 63.30 -29.59
CA LYS I 323 14.91 63.53 -28.41
C LYS I 323 13.75 62.53 -28.40
N ALA I 324 13.29 62.19 -27.19
CA ALA I 324 12.28 61.16 -27.01
C ALA I 324 11.10 61.72 -26.21
N VAL I 325 10.10 60.86 -25.97
CA VAL I 325 8.93 61.19 -25.18
C VAL I 325 9.37 61.41 -23.72
N CYS I 326 10.26 60.53 -23.25
CA CYS I 326 10.96 60.66 -21.98
C CYS I 326 10.02 60.42 -20.79
N HIS I 327 8.70 60.38 -21.06
CA HIS I 327 7.72 60.05 -20.04
C HIS I 327 7.82 58.57 -19.71
N PRO I 328 8.13 58.20 -18.45
CA PRO I 328 8.32 56.80 -18.07
C PRO I 328 7.16 55.90 -18.45
N THR I 329 7.40 54.97 -19.38
CA THR I 329 6.38 54.08 -19.91
C THR I 329 6.95 52.67 -20.07
N ALA I 330 6.20 51.69 -19.59
CA ALA I 330 6.47 50.28 -19.83
C ALA I 330 5.87 49.89 -21.18
N TRP I 331 6.44 48.86 -21.81
CA TRP I 331 6.09 48.53 -23.18
C TRP I 331 5.88 47.04 -23.36
N ASP I 332 4.70 46.70 -23.91
CA ASP I 332 4.40 45.36 -24.37
C ASP I 332 4.16 45.42 -25.88
N LEU I 333 5.21 45.13 -26.65
CA LEU I 333 5.17 45.26 -28.10
C LEU I 333 4.55 44.01 -28.73
N GLY I 334 4.57 42.91 -27.97
CA GLY I 334 4.16 41.62 -28.48
C GLY I 334 5.35 40.78 -28.93
N LYS I 335 5.08 39.52 -29.29
CA LYS I 335 6.09 38.58 -29.74
C LYS I 335 7.23 38.48 -28.72
N GLY I 336 6.88 38.61 -27.42
CA GLY I 336 7.81 38.44 -26.32
C GLY I 336 8.77 39.62 -26.17
N ASP I 337 8.41 40.75 -26.77
CA ASP I 337 9.24 41.95 -26.73
C ASP I 337 8.81 42.81 -25.55
N PHE I 338 9.77 43.16 -24.69
CA PHE I 338 9.53 43.98 -23.51
C PHE I 338 10.64 45.02 -23.38
N ARG I 339 10.24 46.29 -23.20
CA ARG I 339 11.18 47.39 -23.13
C ARG I 339 10.70 48.43 -22.10
N ILE I 340 11.62 49.28 -21.66
CA ILE I 340 11.31 50.44 -20.84
C ILE I 340 11.78 51.69 -21.59
N LEU I 341 10.93 52.72 -21.61
CA LEU I 341 11.28 54.03 -22.13
C LEU I 341 11.22 55.04 -21.00
N MET I 342 12.39 55.45 -20.51
CA MET I 342 12.50 56.30 -19.33
C MET I 342 13.92 56.88 -19.27
N CYS I 343 14.07 58.12 -19.76
CA CYS I 343 15.35 58.82 -19.69
C CYS I 343 15.65 59.16 -18.24
N THR I 344 16.27 58.20 -17.55
CA THR I 344 16.39 58.19 -16.10
C THR I 344 17.48 59.15 -15.65
N LYS I 345 17.30 59.72 -14.45
CA LYS I 345 18.29 60.55 -13.78
C LYS I 345 18.68 59.87 -12.47
N VAL I 346 19.70 60.43 -11.81
CA VAL I 346 20.19 59.90 -10.55
C VAL I 346 19.40 60.51 -9.41
N THR I 347 18.15 60.05 -9.26
CA THR I 347 17.24 60.52 -8.22
C THR I 347 16.51 59.34 -7.60
N MET I 348 16.01 59.54 -6.37
CA MET I 348 15.26 58.52 -5.65
C MET I 348 13.88 58.37 -6.28
N ASP I 349 13.34 59.48 -6.80
CA ASP I 349 12.06 59.50 -7.49
C ASP I 349 12.11 58.53 -8.66
N ASP I 350 13.20 58.59 -9.44
CA ASP I 350 13.38 57.77 -10.62
C ASP I 350 13.74 56.34 -10.22
N PHE I 351 14.39 56.20 -9.06
CA PHE I 351 14.72 54.89 -8.51
C PHE I 351 13.45 54.09 -8.25
N LEU I 352 12.45 54.78 -7.68
CA LEU I 352 11.18 54.16 -7.30
C LEU I 352 10.31 53.96 -8.55
N THR I 353 10.41 54.90 -9.50
CA THR I 353 9.63 54.86 -10.73
C THR I 353 10.13 53.71 -11.60
N ALA I 354 11.42 53.40 -11.50
CA ALA I 354 12.02 52.28 -12.21
C ALA I 354 11.42 50.97 -11.72
N HIS I 355 11.25 50.86 -10.38
CA HIS I 355 10.62 49.71 -9.75
C HIS I 355 9.16 49.63 -10.17
N HIS I 356 8.52 50.80 -10.31
CA HIS I 356 7.12 50.91 -10.69
C HIS I 356 6.92 50.40 -12.12
N GLU I 357 7.77 50.88 -13.04
CA GLU I 357 7.59 50.63 -14.46
C GLU I 357 8.04 49.20 -14.82
N MET I 358 8.92 48.63 -13.98
CA MET I 358 9.34 47.25 -14.15
C MET I 358 8.25 46.33 -13.63
N GLY I 359 7.50 46.81 -12.63
CA GLY I 359 6.33 46.12 -12.10
C GLY I 359 5.27 45.90 -13.17
N HIS I 360 5.15 46.88 -14.08
CA HIS I 360 4.27 46.81 -15.23
C HIS I 360 4.71 45.70 -16.17
N ILE I 361 6.03 45.59 -16.36
CA ILE I 361 6.62 44.63 -17.29
C ILE I 361 6.41 43.22 -16.76
N GLN I 362 6.61 43.04 -15.45
CA GLN I 362 6.47 41.75 -14.80
C GLN I 362 5.05 41.21 -15.02
N TYR I 363 4.08 42.13 -14.98
CA TYR I 363 2.68 41.81 -15.27
C TYR I 363 2.56 41.39 -16.74
N ASP I 364 3.18 42.17 -17.63
CA ASP I 364 3.12 41.96 -19.06
C ASP I 364 3.74 40.61 -19.42
N MET I 365 4.86 40.28 -18.75
CA MET I 365 5.64 39.09 -19.03
C MET I 365 4.90 37.85 -18.54
N ALA I 366 4.03 38.04 -17.55
CA ALA I 366 3.34 36.94 -16.89
C ALA I 366 2.23 36.38 -17.79
N TYR I 367 1.41 37.28 -18.36
CA TYR I 367 0.24 36.86 -19.12
C TYR I 367 0.53 36.81 -20.61
N ALA I 368 1.81 36.84 -20.97
CA ALA I 368 2.23 36.84 -22.36
C ALA I 368 1.89 35.51 -23.04
N ALA I 369 1.61 34.49 -22.21
CA ALA I 369 1.29 33.16 -22.68
C ALA I 369 -0.18 33.07 -23.07
N GLN I 370 -1.00 33.99 -22.55
CA GLN I 370 -2.42 34.05 -22.82
C GLN I 370 -2.65 34.45 -24.27
N PRO I 371 -3.80 34.08 -24.88
CA PRO I 371 -4.17 34.59 -26.20
C PRO I 371 -4.17 36.11 -26.24
N PHE I 372 -3.86 36.67 -27.42
CA PHE I 372 -3.52 38.07 -27.60
C PHE I 372 -4.50 38.99 -26.90
N LEU I 373 -5.80 38.73 -27.11
CA LEU I 373 -6.86 39.66 -26.71
C LEU I 373 -7.05 39.65 -25.19
N LEU I 374 -6.53 38.59 -24.53
CA LEU I 374 -6.68 38.46 -23.10
C LEU I 374 -5.44 38.98 -22.38
N ARG I 375 -4.48 39.50 -23.15
CA ARG I 375 -3.27 40.09 -22.61
C ARG I 375 -3.56 41.52 -22.18
N ASN I 376 -3.86 41.70 -20.89
CA ASN I 376 -4.20 42.98 -20.30
C ASN I 376 -4.41 42.78 -18.81
N GLY I 377 -4.64 43.88 -18.08
CA GLY I 377 -4.99 43.84 -16.67
C GLY I 377 -6.39 43.25 -16.47
N ALA I 378 -6.64 42.72 -15.26
CA ALA I 378 -7.91 42.10 -14.92
C ALA I 378 -9.05 43.09 -15.08
N ASN I 379 -8.84 44.32 -14.60
CA ASN I 379 -9.70 45.45 -14.89
C ASN I 379 -8.85 46.67 -15.24
N GLU I 380 -9.51 47.82 -15.40
CA GLU I 380 -8.86 49.03 -15.88
C GLU I 380 -7.99 49.66 -14.79
N GLY I 381 -8.13 49.17 -13.55
CA GLY I 381 -7.39 49.70 -12.42
C GLY I 381 -6.49 48.65 -11.76
N PHE I 382 -6.19 47.59 -12.51
CA PHE I 382 -5.38 46.48 -11.99
C PHE I 382 -3.90 46.73 -12.27
N HIS I 383 -3.58 47.09 -13.52
CA HIS I 383 -2.21 47.18 -14.01
C HIS I 383 -1.41 48.18 -13.19
N GLU I 384 -2.02 49.32 -12.89
CA GLU I 384 -1.36 50.44 -12.22
C GLU I 384 -1.21 50.15 -10.72
N ALA I 385 -2.07 49.26 -10.20
CA ALA I 385 -2.03 48.89 -8.79
C ALA I 385 -0.85 47.97 -8.52
N VAL I 386 -0.44 47.23 -9.56
CA VAL I 386 0.66 46.29 -9.48
C VAL I 386 1.98 47.07 -9.44
N GLY I 387 2.02 48.20 -10.17
CA GLY I 387 3.22 49.00 -10.29
C GLY I 387 3.57 49.73 -8.99
N GLU I 388 2.53 50.18 -8.27
CA GLU I 388 2.72 51.08 -7.13
C GLU I 388 3.19 50.33 -5.90
N ILE I 389 2.83 49.04 -5.79
CA ILE I 389 3.19 48.23 -4.63
C ILE I 389 4.68 47.92 -4.67
N MET I 390 5.30 48.13 -5.84
CA MET I 390 6.73 47.94 -6.02
C MET I 390 7.47 49.17 -5.51
N SER I 391 6.86 50.34 -5.68
CA SER I 391 7.43 51.61 -5.24
C SER I 391 7.34 51.73 -3.72
N LEU I 392 6.27 51.15 -3.13
CA LEU I 392 6.03 51.20 -1.71
C LEU I 392 7.04 50.34 -0.97
N SER I 393 7.37 49.18 -1.56
CA SER I 393 8.26 48.20 -0.95
C SER I 393 9.72 48.62 -1.12
N ALA I 394 9.98 49.50 -2.10
CA ALA I 394 11.34 49.94 -2.42
C ALA I 394 11.65 51.25 -1.71
N ALA I 395 10.65 51.83 -1.03
CA ALA I 395 10.80 53.08 -0.33
C ALA I 395 10.91 52.85 1.18
N THR I 396 10.84 51.58 1.59
CA THR I 396 10.87 51.20 2.99
C THR I 396 12.31 51.28 3.51
N PRO I 397 12.51 51.72 4.78
CA PRO I 397 13.85 51.85 5.36
C PRO I 397 14.64 50.55 5.39
N LYS I 398 13.93 49.41 5.49
CA LYS I 398 14.54 48.10 5.55
C LYS I 398 15.18 47.75 4.21
N HIS I 399 14.46 48.07 3.12
CA HIS I 399 14.93 47.78 1.76
C HIS I 399 16.05 48.74 1.38
N LEU I 400 15.96 49.98 1.86
CA LEU I 400 16.93 51.01 1.54
C LEU I 400 18.24 50.76 2.27
N LYS I 401 18.19 49.94 3.32
CA LYS I 401 19.37 49.52 4.05
C LYS I 401 19.84 48.15 3.54
N SER I 402 18.91 47.41 2.93
CA SER I 402 19.18 46.07 2.42
C SER I 402 20.06 46.13 1.18
N ILE I 403 19.78 47.11 0.30
CA ILE I 403 20.54 47.29 -0.93
C ILE I 403 21.76 48.17 -0.65
N GLY I 404 21.62 49.07 0.32
CA GLY I 404 22.73 49.91 0.78
C GLY I 404 22.68 51.32 0.18
N LEU I 405 21.59 52.04 0.47
CA LEU I 405 21.48 53.44 0.14
C LEU I 405 21.28 54.25 1.42
N LEU I 406 20.82 53.57 2.47
CA LEU I 406 20.68 54.16 3.79
C LEU I 406 21.68 53.49 4.73
N SER I 407 22.32 54.30 5.57
CA SER I 407 23.38 53.87 6.48
C SER I 407 22.84 52.83 7.46
N PRO I 408 23.59 51.73 7.74
CA PRO I 408 23.14 50.68 8.65
C PRO I 408 22.89 51.13 10.08
N ASP I 409 23.46 52.29 10.45
CA ASP I 409 23.36 52.81 11.81
C ASP I 409 22.15 53.73 11.95
N PHE I 410 21.62 54.19 10.80
CA PHE I 410 20.48 55.09 10.77
C PHE I 410 19.21 54.32 11.12
N GLN I 411 18.40 54.90 12.02
CA GLN I 411 17.18 54.29 12.50
C GLN I 411 16.03 55.29 12.39
N GLU I 412 14.80 54.75 12.36
CA GLU I 412 13.58 55.56 12.31
C GLU I 412 13.20 55.98 13.71
N ASP I 413 12.42 57.07 13.80
CA ASP I 413 11.86 57.54 15.07
C ASP I 413 10.34 57.61 14.94
N ASN I 414 9.70 58.16 15.97
CA ASN I 414 8.24 58.19 16.07
C ASN I 414 7.69 59.42 15.35
N GLU I 415 8.58 60.23 14.75
CA GLU I 415 8.19 61.49 14.16
C GLU I 415 8.46 61.49 12.66
N THR I 416 9.54 60.82 12.25
CA THR I 416 9.89 60.67 10.84
C THR I 416 8.90 59.70 10.17
N GLU I 417 8.28 58.87 10.99
CA GLU I 417 7.28 57.89 10.53
C GLU I 417 5.98 58.62 10.16
N ILE I 418 5.60 59.59 11.01
CA ILE I 418 4.35 60.32 10.86
C ILE I 418 4.45 61.27 9.67
N ASN I 419 5.65 61.84 9.47
CA ASN I 419 5.91 62.79 8.40
C ASN I 419 5.72 62.11 7.04
N PHE I 420 6.23 60.88 6.91
CA PHE I 420 6.15 60.12 5.68
C PHE I 420 4.68 59.77 5.39
N LEU I 421 3.98 59.28 6.40
CA LEU I 421 2.64 58.73 6.25
C LEU I 421 1.65 59.83 5.86
N LEU I 422 1.85 61.03 6.40
CA LEU I 422 0.95 62.14 6.14
C LEU I 422 1.19 62.69 4.74
N LYS I 423 2.45 62.61 4.27
CA LYS I 423 2.81 63.01 2.92
C LYS I 423 2.15 62.05 1.92
N GLN I 424 2.07 60.77 2.31
CA GLN I 424 1.42 59.75 1.51
C GLN I 424 -0.09 59.95 1.53
N ALA I 425 -0.60 60.39 2.69
CA ALA I 425 -2.03 60.51 2.93
C ALA I 425 -2.64 61.65 2.10
N LEU I 426 -1.84 62.70 1.86
CA LEU I 426 -2.31 63.87 1.15
C LEU I 426 -2.52 63.57 -0.32
N THR I 427 -1.86 62.50 -0.80
CA THR I 427 -1.91 62.11 -2.21
C THR I 427 -2.91 60.96 -2.39
N ILE I 428 -2.99 60.09 -1.37
CA ILE I 428 -3.79 58.88 -1.45
C ILE I 428 -5.20 59.14 -0.94
N VAL I 429 -5.30 59.61 0.32
CA VAL I 429 -6.56 59.71 1.03
C VAL I 429 -7.34 60.92 0.51
N GLY I 430 -6.63 61.92 -0.02
CA GLY I 430 -7.23 63.16 -0.45
C GLY I 430 -7.91 63.05 -1.83
N THR I 431 -7.66 61.94 -2.52
CA THR I 431 -8.10 61.75 -3.90
C THR I 431 -9.45 61.03 -3.93
N LEU I 432 -9.63 60.10 -2.99
CA LEU I 432 -10.77 59.19 -2.99
C LEU I 432 -12.10 59.95 -2.90
N PRO I 433 -12.28 60.90 -1.95
CA PRO I 433 -13.53 61.67 -1.87
C PRO I 433 -13.78 62.56 -3.08
N PHE I 434 -12.70 62.92 -3.79
CA PHE I 434 -12.81 63.76 -4.97
C PHE I 434 -13.24 62.92 -6.17
N THR I 435 -12.62 61.73 -6.31
CA THR I 435 -12.86 60.83 -7.43
C THR I 435 -14.30 60.32 -7.39
N TYR I 436 -14.77 59.96 -6.19
CA TYR I 436 -16.12 59.46 -5.98
C TYR I 436 -17.13 60.55 -6.31
N MET I 437 -16.87 61.77 -5.82
CA MET I 437 -17.75 62.91 -6.01
C MET I 437 -17.86 63.23 -7.49
N LEU I 438 -16.73 63.16 -8.22
CA LEU I 438 -16.67 63.50 -9.62
C LEU I 438 -17.45 62.47 -10.44
N GLU I 439 -17.31 61.19 -10.07
CA GLU I 439 -17.89 60.10 -10.85
C GLU I 439 -19.36 59.90 -10.49
N LYS I 440 -19.70 60.14 -9.22
CA LYS I 440 -21.09 60.08 -8.76
C LYS I 440 -21.89 61.20 -9.43
N TRP I 441 -21.22 62.33 -9.66
CA TRP I 441 -21.81 63.45 -10.39
C TRP I 441 -22.08 63.03 -11.83
N ARG I 442 -21.05 62.47 -12.48
CA ARG I 442 -21.12 62.12 -13.90
C ARG I 442 -22.14 61.01 -14.12
N TRP I 443 -22.23 60.07 -13.15
CA TRP I 443 -23.17 58.97 -13.23
C TRP I 443 -24.61 59.48 -13.20
N MET I 444 -24.88 60.41 -12.27
CA MET I 444 -26.22 60.93 -12.05
C MET I 444 -26.63 61.86 -13.19
N VAL I 445 -25.63 62.40 -13.89
CA VAL I 445 -25.84 63.31 -15.01
C VAL I 445 -26.27 62.50 -16.24
N PHE I 446 -25.67 61.33 -16.42
CA PHE I 446 -25.90 60.50 -17.60
C PHE I 446 -27.28 59.85 -17.54
N LYS I 447 -27.70 59.43 -16.33
CA LYS I 447 -28.98 58.76 -16.15
C LYS I 447 -30.10 59.79 -15.97
N GLY I 448 -29.71 61.05 -15.74
CA GLY I 448 -30.64 62.17 -15.65
C GLY I 448 -31.33 62.23 -14.30
N GLU I 449 -30.53 62.24 -13.23
CA GLU I 449 -31.03 62.42 -11.87
C GLU I 449 -30.79 63.86 -11.43
N ILE I 450 -30.02 64.60 -12.24
CA ILE I 450 -29.78 66.01 -12.03
C ILE I 450 -30.23 66.77 -13.28
N PRO I 451 -31.20 67.70 -13.16
CA PRO I 451 -31.65 68.53 -14.29
C PRO I 451 -30.53 69.45 -14.79
N LYS I 452 -30.66 69.88 -16.06
CA LYS I 452 -29.62 70.61 -16.76
C LYS I 452 -29.38 71.98 -16.12
N ASP I 453 -30.42 72.53 -15.48
CA ASP I 453 -30.34 73.85 -14.87
C ASP I 453 -29.93 73.73 -13.41
N GLN I 454 -29.41 72.56 -13.03
CA GLN I 454 -28.90 72.31 -11.69
C GLN I 454 -27.61 71.47 -11.77
N TRP I 455 -26.99 71.47 -12.95
CA TRP I 455 -25.75 70.74 -13.21
C TRP I 455 -24.61 71.32 -12.39
N MET I 456 -24.62 72.64 -12.21
CA MET I 456 -23.55 73.35 -11.53
C MET I 456 -23.85 73.46 -10.04
N LYS I 457 -25.14 73.58 -9.71
CA LYS I 457 -25.57 73.79 -8.33
C LYS I 457 -25.35 72.51 -7.52
N LYS I 458 -25.63 71.36 -8.14
CA LYS I 458 -25.54 70.08 -7.46
C LYS I 458 -24.08 69.62 -7.39
N TRP I 459 -23.28 70.06 -8.38
CA TRP I 459 -21.84 69.78 -8.40
C TRP I 459 -21.19 70.38 -7.16
N TRP I 460 -21.60 71.60 -6.82
CA TRP I 460 -21.05 72.31 -5.68
C TRP I 460 -21.75 71.91 -4.39
N GLU I 461 -22.98 71.39 -4.51
CA GLU I 461 -23.70 70.82 -3.39
C GLU I 461 -23.02 69.53 -2.95
N MET I 462 -22.50 68.78 -3.93
CA MET I 462 -21.79 67.54 -3.69
C MET I 462 -20.37 67.84 -3.20
N LYS I 463 -19.76 68.89 -3.77
CA LYS I 463 -18.43 69.32 -3.37
C LYS I 463 -18.42 69.73 -1.90
N ARG I 464 -19.53 70.33 -1.46
CA ARG I 464 -19.69 70.80 -0.09
C ARG I 464 -19.88 69.60 0.84
N GLU I 465 -20.77 68.68 0.46
CA GLU I 465 -21.24 67.65 1.37
C GLU I 465 -20.31 66.44 1.40
N ILE I 466 -19.61 66.20 0.29
CA ILE I 466 -18.79 65.00 0.15
C ILE I 466 -17.33 65.35 0.44
N VAL I 467 -16.79 66.33 -0.29
CA VAL I 467 -15.38 66.67 -0.24
C VAL I 467 -15.13 67.67 0.88
N GLY I 468 -16.13 68.55 1.13
CA GLY I 468 -15.99 69.63 2.08
C GLY I 468 -15.29 70.83 1.44
N VAL I 469 -15.72 71.16 0.21
CA VAL I 469 -15.10 72.19 -0.60
C VAL I 469 -16.19 73.13 -1.10
N VAL I 470 -15.97 74.43 -0.90
CA VAL I 470 -16.93 75.47 -1.27
C VAL I 470 -16.34 76.35 -2.37
N GLU I 471 -17.22 76.87 -3.23
CA GLU I 471 -16.82 77.74 -4.34
C GLU I 471 -16.55 79.14 -3.81
N PRO I 472 -15.41 79.78 -4.19
CA PRO I 472 -15.07 81.12 -3.72
C PRO I 472 -15.88 82.23 -4.37
N VAL I 473 -16.36 81.97 -5.60
CA VAL I 473 -17.17 82.91 -6.35
C VAL I 473 -18.44 82.18 -6.80
N PRO I 474 -19.64 82.77 -6.61
CA PRO I 474 -20.89 82.13 -7.02
C PRO I 474 -20.92 81.93 -8.55
N HIS I 475 -21.31 80.71 -8.96
CA HIS I 475 -21.22 80.31 -10.35
C HIS I 475 -22.60 80.23 -10.98
N ASP I 476 -22.69 80.72 -12.23
CA ASP I 476 -23.90 80.65 -13.03
C ASP I 476 -23.96 79.28 -13.70
N GLU I 477 -25.07 79.01 -14.40
CA GLU I 477 -25.27 77.74 -15.09
C GLU I 477 -24.63 77.81 -16.48
N THR I 478 -24.03 78.97 -16.79
CA THR I 478 -23.26 79.15 -18.02
C THR I 478 -21.89 78.52 -17.87
N TYR I 479 -21.48 78.31 -16.61
CA TYR I 479 -20.22 77.68 -16.26
C TYR I 479 -20.35 76.17 -16.37
N CYS I 480 -19.19 75.50 -16.43
CA CYS I 480 -19.08 74.06 -16.16
C CYS I 480 -17.74 73.78 -15.49
N ASP I 481 -17.77 73.70 -14.16
CA ASP I 481 -16.57 73.51 -13.35
C ASP I 481 -16.06 72.07 -13.44
N PRO I 482 -16.94 71.04 -13.59
CA PRO I 482 -16.49 69.67 -13.82
C PRO I 482 -15.53 69.53 -15.00
N ALA I 483 -15.85 70.23 -16.10
CA ALA I 483 -15.11 70.10 -17.36
C ALA I 483 -13.85 70.96 -17.34
N SER I 484 -13.39 71.33 -16.14
CA SER I 484 -12.11 72.00 -15.97
C SER I 484 -11.00 70.97 -15.85
N LEU I 485 -11.38 69.72 -15.56
CA LEU I 485 -10.46 68.61 -15.38
C LEU I 485 -10.27 67.89 -16.70
N PHE I 486 -9.13 67.20 -16.84
CA PHE I 486 -8.69 66.59 -18.08
C PHE I 486 -9.61 65.43 -18.47
N HIS I 487 -9.88 64.54 -17.51
CA HIS I 487 -10.61 63.30 -17.75
C HIS I 487 -12.04 63.59 -18.20
N VAL I 488 -12.61 64.69 -17.71
CA VAL I 488 -13.99 65.04 -17.95
C VAL I 488 -14.14 65.56 -19.38
N SER I 489 -13.20 66.43 -19.79
CA SER I 489 -13.25 67.08 -21.09
C SER I 489 -12.83 66.12 -22.20
N ASN I 490 -11.90 65.22 -21.88
CA ASN I 490 -11.29 64.33 -22.86
C ASN I 490 -12.09 63.03 -22.98
N ASP I 491 -13.08 62.86 -22.08
CA ASP I 491 -13.99 61.72 -22.09
C ASP I 491 -13.24 60.46 -21.68
N TYR I 492 -12.99 60.34 -20.37
CA TYR I 492 -12.35 59.18 -19.77
C TYR I 492 -13.05 58.84 -18.46
N SER I 493 -13.15 57.53 -18.17
CA SER I 493 -13.68 57.06 -16.90
C SER I 493 -12.71 57.40 -15.78
N PHE I 494 -13.27 57.83 -14.63
CA PHE I 494 -12.49 58.43 -13.57
C PHE I 494 -12.52 57.59 -12.30
N ILE I 495 -13.34 56.53 -12.32
CA ILE I 495 -13.55 55.69 -11.15
C ILE I 495 -12.35 54.77 -10.94
N ARG I 496 -11.52 54.63 -11.98
CA ARG I 496 -10.38 53.74 -11.97
C ARG I 496 -9.30 54.24 -11.01
N TYR I 497 -9.40 55.52 -10.61
CA TYR I 497 -8.44 56.13 -9.70
C TYR I 497 -8.83 55.82 -8.25
N TYR I 498 -10.11 55.48 -8.04
CA TYR I 498 -10.60 55.08 -6.73
C TYR I 498 -10.30 53.60 -6.49
N THR I 499 -10.41 52.80 -7.57
CA THR I 499 -10.33 51.35 -7.48
C THR I 499 -8.88 50.90 -7.27
N ARG I 500 -7.97 51.45 -8.08
CA ARG I 500 -6.57 51.05 -8.08
C ARG I 500 -5.94 51.33 -6.71
N THR I 501 -6.40 52.42 -6.08
CA THR I 501 -5.90 52.84 -4.77
C THR I 501 -6.24 51.78 -3.72
N LEU I 502 -7.48 51.29 -3.78
CA LEU I 502 -7.97 50.28 -2.85
C LEU I 502 -7.28 48.94 -3.11
N TYR I 503 -7.06 48.63 -4.40
CA TYR I 503 -6.44 47.38 -4.81
C TYR I 503 -5.02 47.28 -4.26
N GLN I 504 -4.28 48.39 -4.33
CA GLN I 504 -2.88 48.47 -3.93
C GLN I 504 -2.68 47.80 -2.58
N PHE I 505 -3.42 48.28 -1.57
CA PHE I 505 -3.20 47.90 -0.18
C PHE I 505 -3.77 46.51 0.08
N GLN I 506 -4.76 46.11 -0.73
CA GLN I 506 -5.31 44.77 -0.68
C GLN I 506 -4.26 43.77 -1.17
N PHE I 507 -3.50 44.17 -2.19
CA PHE I 507 -2.38 43.39 -2.70
C PHE I 507 -1.28 43.34 -1.66
N GLN I 508 -0.99 44.50 -1.05
CA GLN I 508 0.12 44.67 -0.13
C GLN I 508 -0.09 43.80 1.11
N GLU I 509 -1.28 43.89 1.71
CA GLU I 509 -1.59 43.25 2.97
C GLU I 509 -1.44 41.73 2.86
N ALA I 510 -1.93 41.18 1.74
CA ALA I 510 -1.96 39.74 1.52
C ALA I 510 -0.55 39.21 1.26
N LEU I 511 0.31 40.06 0.67
CA LEU I 511 1.67 39.69 0.36
C LEU I 511 2.51 39.73 1.63
N CYS I 512 2.20 40.69 2.51
CA CYS I 512 2.95 40.92 3.74
C CYS I 512 2.63 39.82 4.76
N GLN I 513 1.46 39.20 4.61
CA GLN I 513 1.07 38.05 5.42
C GLN I 513 1.82 36.81 4.94
N ALA I 514 2.15 36.79 3.65
CA ALA I 514 2.89 35.69 3.04
C ALA I 514 4.39 35.87 3.30
N ALA I 515 4.82 37.12 3.41
CA ALA I 515 6.22 37.47 3.66
C ALA I 515 6.51 37.44 5.16
N LYS I 516 5.45 37.22 5.95
CA LYS I 516 5.52 37.14 7.41
C LYS I 516 6.11 38.42 7.96
N HIS I 517 5.55 39.56 7.54
CA HIS I 517 6.05 40.88 7.92
C HIS I 517 5.75 41.15 9.40
N GLU I 518 6.69 41.85 10.06
CA GLU I 518 6.58 42.19 11.46
C GLU I 518 6.36 43.69 11.59
N GLY I 519 5.23 44.07 12.19
CA GLY I 519 4.92 45.47 12.46
C GLY I 519 3.86 46.03 11.51
N PRO I 520 3.70 47.37 11.46
CA PRO I 520 2.69 48.01 10.61
C PRO I 520 2.95 47.81 9.11
N LEU I 521 1.90 48.00 8.31
CA LEU I 521 1.87 47.59 6.91
C LEU I 521 2.75 48.53 6.06
N HIS I 522 3.06 49.71 6.59
CA HIS I 522 3.81 50.71 5.83
C HIS I 522 5.30 50.39 5.82
N LYS I 523 5.72 49.49 6.73
CA LYS I 523 7.12 49.12 6.88
C LYS I 523 7.41 47.84 6.08
N CYS I 524 6.44 47.41 5.27
CA CYS I 524 6.48 46.10 4.63
C CYS I 524 7.40 46.12 3.42
N ASP I 525 8.36 45.17 3.43
CA ASP I 525 9.20 44.88 2.28
C ASP I 525 9.00 43.42 1.90
N ILE I 526 8.67 43.19 0.62
CA ILE I 526 8.24 41.89 0.15
C ILE I 526 9.44 41.08 -0.34
N SER I 527 10.64 41.67 -0.22
CA SER I 527 11.88 41.05 -0.70
C SER I 527 12.19 39.79 0.11
N ASN I 528 12.81 38.81 -0.56
CA ASN I 528 13.29 37.57 0.04
C ASN I 528 12.12 36.76 0.61
N SER I 529 11.06 36.64 -0.19
CA SER I 529 9.92 35.80 0.14
C SER I 529 9.27 35.29 -1.15
N THR I 530 9.40 33.98 -1.37
CA THR I 530 8.91 33.33 -2.59
C THR I 530 7.39 33.23 -2.55
N GLU I 531 6.85 33.05 -1.34
CA GLU I 531 5.42 32.86 -1.13
C GLU I 531 4.65 34.13 -1.52
N ALA I 532 5.32 35.28 -1.38
CA ALA I 532 4.75 36.57 -1.77
C ALA I 532 4.72 36.68 -3.29
N GLY I 533 5.84 36.33 -3.93
CA GLY I 533 5.96 36.38 -5.38
C GLY I 533 5.04 35.38 -6.06
N GLN I 534 4.90 34.19 -5.46
CA GLN I 534 4.08 33.11 -5.97
C GLN I 534 2.60 33.51 -5.88
N LYS I 535 2.24 34.19 -4.79
CA LYS I 535 0.87 34.64 -4.55
C LYS I 535 0.48 35.66 -5.62
N LEU I 536 1.43 36.55 -5.96
CA LEU I 536 1.20 37.61 -6.93
C LEU I 536 1.18 37.03 -8.34
N PHE I 537 2.11 36.12 -8.62
CA PHE I 537 2.27 35.53 -9.94
C PHE I 537 1.04 34.73 -10.35
N ASN I 538 0.32 34.20 -9.34
CA ASN I 538 -0.89 33.42 -9.56
C ASN I 538 -1.95 34.30 -10.21
N MET I 539 -1.89 35.61 -9.95
CA MET I 539 -2.84 36.57 -10.46
C MET I 539 -2.31 37.19 -11.75
N LEU I 540 -1.01 37.53 -11.75
CA LEU I 540 -0.37 38.23 -12.85
C LEU I 540 -0.45 37.41 -14.13
N ARG I 541 -0.40 36.08 -13.98
CA ARG I 541 -0.35 35.15 -15.10
C ARG I 541 -1.67 35.16 -15.86
N LEU I 542 -2.76 35.46 -15.14
CA LEU I 542 -4.10 35.42 -15.72
C LEU I 542 -4.35 36.70 -16.52
N GLY I 543 -4.48 37.82 -15.81
CA GLY I 543 -4.77 39.11 -16.43
C GLY I 543 -6.24 39.23 -16.82
N LYS I 544 -6.49 39.60 -18.08
CA LYS I 544 -7.83 39.75 -18.61
C LYS I 544 -8.30 38.41 -19.19
N SER I 545 -8.05 37.33 -18.43
CA SER I 545 -8.39 35.98 -18.85
C SER I 545 -9.50 35.44 -17.96
N GLU I 546 -9.49 35.86 -16.69
CA GLU I 546 -10.44 35.43 -15.69
C GLU I 546 -11.06 36.65 -15.03
N PRO I 547 -12.31 36.55 -14.49
CA PRO I 547 -12.94 37.64 -13.74
C PRO I 547 -11.97 38.31 -12.76
N TRP I 548 -12.08 39.64 -12.67
CA TRP I 548 -11.22 40.43 -11.81
C TRP I 548 -11.46 40.08 -10.34
N THR I 549 -12.62 39.48 -10.06
CA THR I 549 -12.97 39.02 -8.72
C THR I 549 -12.13 37.79 -8.38
N LEU I 550 -11.97 36.89 -9.36
CA LEU I 550 -11.18 35.69 -9.22
C LEU I 550 -9.69 36.05 -9.15
N ALA I 551 -9.30 37.09 -9.92
CA ALA I 551 -7.95 37.58 -9.95
C ALA I 551 -7.56 38.14 -8.59
N LEU I 552 -8.44 38.99 -8.03
CA LEU I 552 -8.23 39.62 -6.75
C LEU I 552 -8.15 38.57 -5.64
N GLU I 553 -8.91 37.48 -5.82
CA GLU I 553 -9.00 36.40 -4.85
C GLU I 553 -7.70 35.61 -4.84
N ASN I 554 -7.04 35.54 -5.99
CA ASN I 554 -5.82 34.77 -6.15
C ASN I 554 -4.65 35.47 -5.44
N VAL I 555 -4.93 36.66 -4.89
CA VAL I 555 -3.96 37.40 -4.11
C VAL I 555 -4.44 37.49 -2.66
N VAL I 556 -5.58 38.15 -2.46
CA VAL I 556 -6.07 38.52 -1.14
C VAL I 556 -6.77 37.32 -0.50
N GLY I 557 -7.66 36.69 -1.28
CA GLY I 557 -8.54 35.65 -0.79
C GLY I 557 -9.99 36.12 -0.73
N ALA I 558 -10.18 37.42 -0.98
CA ALA I 558 -11.50 38.05 -1.03
C ALA I 558 -11.83 38.42 -2.48
N LYS I 559 -13.13 38.48 -2.78
CA LYS I 559 -13.60 38.67 -4.14
C LYS I 559 -13.97 40.14 -4.38
N ASN I 560 -14.09 40.91 -3.28
CA ASN I 560 -14.59 42.27 -3.36
C ASN I 560 -13.53 43.25 -2.84
N MET I 561 -13.78 44.54 -3.07
CA MET I 561 -12.89 45.62 -2.66
C MET I 561 -12.97 45.82 -1.14
N ASN I 562 -11.93 46.43 -0.57
CA ASN I 562 -11.85 46.69 0.85
C ASN I 562 -10.98 47.92 1.10
N VAL I 563 -11.20 48.57 2.25
CA VAL I 563 -10.49 49.78 2.64
C VAL I 563 -9.76 49.56 3.96
N ARG I 564 -9.99 48.41 4.59
CA ARG I 564 -9.38 48.08 5.86
C ARG I 564 -7.87 47.85 5.68
N PRO I 565 -7.41 47.26 4.56
CA PRO I 565 -5.98 47.26 4.21
C PRO I 565 -5.40 48.67 4.07
N LEU I 566 -6.23 49.61 3.57
CA LEU I 566 -5.83 50.99 3.39
C LEU I 566 -5.76 51.69 4.75
N LEU I 567 -6.67 51.28 5.65
CA LEU I 567 -6.73 51.84 7.01
C LEU I 567 -5.52 51.38 7.82
N ASN I 568 -5.08 50.15 7.56
CA ASN I 568 -3.99 49.52 8.29
C ASN I 568 -2.67 50.23 7.96
N TYR I 569 -2.58 50.77 6.74
CA TYR I 569 -1.40 51.49 6.28
C TYR I 569 -1.28 52.82 7.03
N PHE I 570 -2.42 53.41 7.41
CA PHE I 570 -2.45 54.73 8.02
C PHE I 570 -2.93 54.64 9.47
N GLU I 571 -2.84 53.46 10.08
CA GLU I 571 -3.29 53.23 11.44
C GLU I 571 -2.53 54.12 12.42
N PRO I 572 -1.17 54.13 12.42
CA PRO I 572 -0.40 54.96 13.35
C PRO I 572 -0.55 56.45 13.10
N LEU I 573 -1.01 56.81 11.90
CA LEU I 573 -1.26 58.19 11.53
C LEU I 573 -2.65 58.60 12.00
N PHE I 574 -3.61 57.67 11.90
CA PHE I 574 -5.01 57.90 12.25
C PHE I 574 -5.13 58.13 13.76
N THR I 575 -4.28 57.46 14.54
CA THR I 575 -4.25 57.60 15.98
C THR I 575 -3.63 58.94 16.35
N TRP I 576 -2.66 59.38 15.55
CA TRP I 576 -1.96 60.65 15.75
C TRP I 576 -2.88 61.82 15.39
N LEU I 577 -3.71 61.62 14.36
CA LEU I 577 -4.63 62.63 13.89
C LEU I 577 -5.77 62.83 14.91
N LYS I 578 -6.20 61.71 15.52
CA LYS I 578 -7.23 61.74 16.55
C LYS I 578 -6.70 62.41 17.80
N ASP I 579 -5.37 62.34 17.99
CA ASP I 579 -4.71 62.89 19.16
C ASP I 579 -4.57 64.40 19.02
N GLN I 580 -4.24 64.86 17.81
CA GLN I 580 -3.95 66.26 17.56
C GLN I 580 -5.23 67.01 17.20
N ASN I 581 -6.32 66.26 16.98
CA ASN I 581 -7.61 66.84 16.65
C ASN I 581 -8.64 66.51 17.73
N LYS I 582 -8.20 66.54 18.99
CA LYS I 582 -9.07 66.38 20.14
C LYS I 582 -9.73 67.71 20.46
N ASN I 583 -9.03 68.80 20.12
CA ASN I 583 -9.51 70.14 20.36
C ASN I 583 -9.46 70.94 19.05
N SER I 584 -10.04 70.34 18.00
CA SER I 584 -10.07 70.95 16.67
C SER I 584 -11.47 70.80 16.06
N PHE I 585 -11.67 71.45 14.90
CA PHE I 585 -12.95 71.45 14.21
C PHE I 585 -13.02 70.26 13.26
N VAL I 586 -13.68 69.19 13.72
CA VAL I 586 -13.86 67.98 12.93
C VAL I 586 -15.23 68.04 12.26
N GLY I 587 -15.23 67.91 10.92
CA GLY I 587 -16.45 67.95 10.13
C GLY I 587 -16.60 69.30 9.42
N TRP I 588 -17.64 69.39 8.58
CA TRP I 588 -17.91 70.59 7.79
C TRP I 588 -19.42 70.78 7.63
N SER I 589 -19.85 72.04 7.71
CA SER I 589 -21.24 72.41 7.50
C SER I 589 -21.39 73.04 6.11
N THR I 590 -22.44 72.60 5.39
CA THR I 590 -22.63 72.95 3.99
C THR I 590 -23.58 74.15 3.89
N ASP I 591 -23.10 75.32 4.33
CA ASP I 591 -23.91 76.53 4.36
C ASP I 591 -23.03 77.76 4.15
N TRP I 592 -21.82 77.75 4.73
CA TRP I 592 -20.92 78.88 4.68
C TRP I 592 -20.26 79.00 3.30
N SER I 593 -19.99 80.24 2.90
CA SER I 593 -19.32 80.56 1.65
C SER I 593 -18.34 81.71 1.88
N PRO I 594 -17.17 81.74 1.19
CA PRO I 594 -16.17 82.78 1.40
C PRO I 594 -16.66 84.22 1.18
N TYR I 595 -17.78 84.36 0.46
CA TYR I 595 -18.36 85.66 0.17
C TYR I 595 -19.54 85.94 1.11
N ALA I 596 -19.67 85.12 2.14
CA ALA I 596 -20.75 85.24 3.12
C ALA I 596 -20.15 85.36 4.53
N SER J 1 15.65 -43.18 -1.64
CA SER J 1 15.48 -43.81 -0.29
C SER J 1 16.73 -43.57 0.55
N THR J 2 16.54 -42.85 1.66
CA THR J 2 17.60 -42.61 2.63
C THR J 2 17.28 -43.37 3.91
N ILE J 3 18.16 -43.19 4.92
CA ILE J 3 18.05 -43.88 6.19
C ILE J 3 16.94 -43.24 7.02
N GLU J 4 16.82 -41.91 6.94
CA GLU J 4 15.84 -41.17 7.71
C GLU J 4 14.46 -41.29 7.08
N GLU J 5 14.44 -41.61 5.78
CA GLU J 5 13.18 -41.83 5.06
C GLU J 5 12.57 -43.16 5.49
N GLN J 6 13.44 -44.18 5.62
CA GLN J 6 13.02 -45.51 6.05
C GLN J 6 12.64 -45.47 7.53
N ALA J 7 13.31 -44.58 8.28
CA ALA J 7 13.02 -44.38 9.69
C ALA J 7 11.60 -43.83 9.84
N LYS J 8 11.24 -42.86 9.01
CA LYS J 8 9.92 -42.26 9.00
C LYS J 8 8.87 -43.34 8.71
N THR J 9 9.08 -44.07 7.61
CA THR J 9 8.15 -45.09 7.13
C THR J 9 7.97 -46.18 8.18
N PHE J 10 9.04 -46.44 8.95
CA PHE J 10 9.00 -47.41 10.03
C PHE J 10 8.17 -46.85 11.19
N LEU J 11 8.29 -45.54 11.42
CA LEU J 11 7.75 -44.90 12.62
C LEU J 11 6.23 -44.76 12.53
N ASP J 12 5.72 -44.50 11.31
CA ASP J 12 4.28 -44.31 11.15
C ASP J 12 3.59 -45.67 10.98
N LYS J 13 4.37 -46.71 10.67
CA LYS J 13 3.90 -48.08 10.73
C LYS J 13 3.80 -48.52 12.19
N PHE J 14 4.75 -48.03 12.99
CA PHE J 14 4.76 -48.24 14.43
C PHE J 14 3.60 -47.49 15.07
N ASN J 15 3.58 -46.16 14.86
CA ASN J 15 2.62 -45.26 15.48
C ASN J 15 1.20 -45.82 15.37
N HIS J 16 0.91 -46.47 14.23
CA HIS J 16 -0.40 -47.05 13.98
C HIS J 16 -0.63 -48.27 14.88
N GLU J 17 0.25 -49.27 14.75
CA GLU J 17 0.09 -50.56 15.38
C GLU J 17 0.26 -50.43 16.89
N ALA J 18 0.97 -49.38 17.31
CA ALA J 18 1.20 -49.11 18.73
C ALA J 18 -0.03 -48.48 19.36
N GLU J 19 -0.69 -47.59 18.61
CA GLU J 19 -1.83 -46.83 19.08
C GLU J 19 -2.92 -47.77 19.58
N ASP J 20 -3.22 -48.81 18.79
CA ASP J 20 -4.29 -49.74 19.09
C ASP J 20 -3.87 -50.69 20.20
N LEU J 21 -2.60 -51.14 20.16
CA LEU J 21 -2.12 -52.18 21.06
C LEU J 21 -1.86 -51.61 22.45
N PHE J 22 -1.50 -50.32 22.53
CA PHE J 22 -1.34 -49.65 23.81
C PHE J 22 -2.71 -49.42 24.44
N TYR J 23 -3.72 -49.25 23.57
CA TYR J 23 -5.09 -49.03 24.01
C TYR J 23 -5.63 -50.29 24.67
N GLN J 24 -5.43 -51.45 24.02
CA GLN J 24 -5.88 -52.73 24.53
C GLN J 24 -5.26 -52.98 25.90
N SER J 25 -4.00 -52.54 26.05
CA SER J 25 -3.27 -52.65 27.30
C SER J 25 -3.85 -51.71 28.35
N SER J 26 -4.14 -50.47 27.92
CA SER J 26 -4.65 -49.43 28.81
C SER J 26 -6.10 -49.69 29.19
N LEU J 27 -6.82 -50.39 28.31
CA LEU J 27 -8.24 -50.71 28.51
C LEU J 27 -8.36 -51.82 29.54
N ALA J 28 -7.56 -52.88 29.38
CA ALA J 28 -7.56 -54.02 30.27
C ALA J 28 -7.04 -53.63 31.64
N SER J 29 -6.09 -52.69 31.65
CA SER J 29 -5.50 -52.15 32.88
C SER J 29 -6.56 -51.40 33.68
N TRP J 30 -7.40 -50.62 32.96
CA TRP J 30 -8.47 -49.85 33.57
C TRP J 30 -9.52 -50.78 34.16
N ASN J 31 -9.87 -51.83 33.41
CA ASN J 31 -10.91 -52.78 33.79
C ASN J 31 -10.57 -53.40 35.13
N TYR J 32 -9.28 -53.70 35.35
CA TYR J 32 -8.82 -54.29 36.59
C TYR J 32 -8.77 -53.23 37.69
N ASN J 33 -8.26 -52.04 37.35
CA ASN J 33 -8.01 -50.99 38.33
C ASN J 33 -9.31 -50.49 38.94
N THR J 34 -10.41 -50.65 38.20
CA THR J 34 -11.73 -50.24 38.66
C THR J 34 -12.50 -51.43 39.23
N ASN J 35 -12.13 -52.63 38.77
CA ASN J 35 -12.88 -53.85 39.05
C ASN J 35 -11.90 -54.99 39.31
N ILE J 36 -11.48 -55.11 40.57
CA ILE J 36 -10.42 -56.02 40.97
C ILE J 36 -10.96 -57.44 41.05
N THR J 37 -10.52 -58.28 40.11
CA THR J 37 -10.85 -59.71 40.11
C THR J 37 -9.58 -60.51 39.84
N GLU J 38 -9.76 -61.79 39.50
CA GLU J 38 -8.67 -62.67 39.11
C GLU J 38 -8.66 -62.80 37.59
N GLU J 39 -9.82 -62.57 36.97
CA GLU J 39 -9.97 -62.63 35.52
C GLU J 39 -9.52 -61.30 34.91
N ASN J 40 -9.37 -60.28 35.76
CA ASN J 40 -9.07 -58.93 35.31
C ASN J 40 -7.57 -58.65 35.36
N VAL J 41 -6.85 -59.34 36.25
CA VAL J 41 -5.41 -59.28 36.26
C VAL J 41 -4.86 -60.06 35.07
N GLN J 42 -5.50 -61.19 34.76
CA GLN J 42 -5.04 -62.10 33.73
C GLN J 42 -5.26 -61.51 32.34
N ASN J 43 -6.26 -60.64 32.22
CA ASN J 43 -6.53 -59.94 30.97
C ASN J 43 -5.60 -58.73 30.85
N MET J 44 -5.29 -58.12 32.00
CA MET J 44 -4.38 -56.99 32.08
C MET J 44 -2.97 -57.45 31.73
N ASN J 45 -2.57 -58.61 32.26
CA ASN J 45 -1.25 -59.18 32.05
C ASN J 45 -1.08 -59.59 30.60
N ASN J 46 -2.08 -60.29 30.05
CA ASN J 46 -2.01 -60.84 28.71
C ASN J 46 -2.04 -59.71 27.68
N ALA J 47 -2.48 -58.52 28.09
CA ALA J 47 -2.47 -57.33 27.25
C ALA J 47 -1.14 -56.58 27.42
N GLY J 48 -0.70 -56.47 28.67
CA GLY J 48 0.54 -55.81 29.02
C GLY J 48 1.77 -56.57 28.52
N ASP J 49 1.64 -57.90 28.43
CA ASP J 49 2.69 -58.77 27.94
C ASP J 49 2.73 -58.73 26.41
N LYS J 50 1.55 -58.61 25.79
CA LYS J 50 1.42 -58.46 24.35
C LYS J 50 2.01 -57.12 23.93
N TRP J 51 1.89 -56.12 24.81
CA TRP J 51 2.39 -54.78 24.58
C TRP J 51 3.90 -54.76 24.74
N SER J 52 4.39 -55.40 25.81
CA SER J 52 5.80 -55.41 26.17
C SER J 52 6.59 -56.25 25.17
N ALA J 53 5.96 -57.30 24.63
CA ALA J 53 6.58 -58.18 23.65
C ALA J 53 6.60 -57.51 22.28
N PHE J 54 5.67 -56.57 22.07
CA PHE J 54 5.61 -55.78 20.84
C PHE J 54 6.72 -54.73 20.85
N LEU J 55 6.89 -54.08 22.00
CA LEU J 55 7.98 -53.12 22.19
C LEU J 55 9.32 -53.84 22.09
N LYS J 56 9.36 -55.09 22.57
CA LYS J 56 10.54 -55.93 22.49
C LYS J 56 10.92 -56.14 21.02
N GLU J 57 9.89 -56.37 20.17
CA GLU J 57 10.10 -56.64 18.76
C GLU J 57 10.46 -55.36 18.00
N GLN J 58 9.81 -54.25 18.37
CA GLN J 58 9.94 -53.00 17.64
C GLN J 58 11.23 -52.28 18.03
N SER J 59 11.58 -52.36 19.33
CA SER J 59 12.78 -51.73 19.85
C SER J 59 14.02 -52.25 19.14
N THR J 60 14.03 -53.55 18.86
CA THR J 60 15.16 -54.21 18.22
C THR J 60 15.10 -53.99 16.71
N LEU J 61 13.90 -53.67 16.19
CA LEU J 61 13.72 -53.34 14.80
C LEU J 61 14.12 -51.88 14.56
N ALA J 62 14.16 -51.10 15.65
CA ALA J 62 14.50 -49.68 15.58
C ALA J 62 16.01 -49.50 15.56
N GLN J 63 16.72 -50.39 16.27
CA GLN J 63 18.16 -50.29 16.47
C GLN J 63 18.90 -50.57 15.16
N MET J 64 18.14 -50.77 14.09
CA MET J 64 18.69 -51.01 12.76
C MET J 64 18.74 -49.69 11.97
N TYR J 65 18.26 -48.61 12.60
CA TYR J 65 18.34 -47.28 12.03
C TYR J 65 19.38 -46.47 12.80
N PRO J 66 20.60 -46.31 12.26
CA PRO J 66 21.68 -45.60 12.96
C PRO J 66 21.34 -44.12 13.15
N LEU J 67 21.46 -43.66 14.41
CA LEU J 67 21.06 -42.32 14.81
C LEU J 67 21.99 -41.28 14.17
N GLN J 68 23.20 -41.71 13.80
CA GLN J 68 24.25 -40.78 13.39
C GLN J 68 24.07 -40.35 11.93
N GLU J 69 23.05 -40.89 11.26
CA GLU J 69 22.72 -40.48 9.90
C GLU J 69 21.26 -40.08 9.80
N ILE J 70 20.73 -39.50 10.89
CA ILE J 70 19.41 -38.89 10.91
C ILE J 70 19.58 -37.42 11.28
N GLN J 71 18.99 -36.53 10.46
CA GLN J 71 19.13 -35.10 10.64
C GLN J 71 17.92 -34.55 11.40
N ASN J 72 16.74 -35.11 11.10
CA ASN J 72 15.47 -34.70 11.69
C ASN J 72 15.46 -35.11 13.16
N LEU J 73 15.29 -34.11 14.04
CA LEU J 73 15.41 -34.30 15.48
C LEU J 73 14.17 -35.01 16.04
N THR J 74 13.00 -34.73 15.46
CA THR J 74 11.75 -35.32 15.92
C THR J 74 11.72 -36.81 15.56
N VAL J 75 12.40 -37.17 14.46
CA VAL J 75 12.54 -38.56 14.05
C VAL J 75 13.61 -39.21 14.93
N LYS J 76 14.63 -38.43 15.30
CA LYS J 76 15.76 -38.88 16.09
C LYS J 76 15.31 -39.25 17.49
N LEU J 77 14.50 -38.37 18.10
CA LEU J 77 14.07 -38.53 19.48
C LEU J 77 13.07 -39.68 19.59
N GLN J 78 12.41 -40.02 18.49
CA GLN J 78 11.45 -41.12 18.45
C GLN J 78 12.20 -42.45 18.42
N LEU J 79 13.22 -42.55 17.58
CA LEU J 79 14.06 -43.73 17.49
C LEU J 79 14.83 -43.89 18.81
N GLN J 80 15.28 -42.76 19.37
CA GLN J 80 16.00 -42.75 20.64
C GLN J 80 15.14 -43.39 21.72
N ALA J 81 13.87 -42.99 21.79
CA ALA J 81 12.95 -43.44 22.83
C ALA J 81 12.62 -44.92 22.64
N LEU J 82 12.70 -45.39 21.40
CA LEU J 82 12.37 -46.77 21.05
C LEU J 82 13.60 -47.66 21.26
N GLN J 83 14.79 -47.08 21.02
CA GLN J 83 16.05 -47.79 21.15
C GLN J 83 16.50 -47.76 22.61
N GLN J 84 15.69 -47.14 23.48
CA GLN J 84 15.98 -47.02 24.90
C GLN J 84 15.82 -48.38 25.56
N ASN J 85 16.88 -49.20 25.44
CA ASN J 85 16.92 -50.54 26.02
C ASN J 85 18.30 -50.73 26.65
N GLY J 86 18.37 -50.54 27.98
CA GLY J 86 19.63 -50.45 28.68
C GLY J 86 20.13 -51.81 29.18
N SER J 87 19.28 -52.50 29.95
CA SER J 87 19.67 -53.73 30.63
C SER J 87 19.73 -54.91 29.67
N SER J 88 19.88 -54.62 28.37
CA SER J 88 19.88 -55.63 27.32
C SER J 88 21.30 -56.03 26.95
N VAL J 89 22.28 -55.34 27.54
CA VAL J 89 23.68 -55.48 27.14
C VAL J 89 24.42 -56.42 28.07
N LEU J 90 23.81 -56.73 29.22
CA LEU J 90 24.46 -57.46 30.30
C LEU J 90 24.66 -58.93 29.96
N SER J 91 23.81 -59.44 29.05
CA SER J 91 23.84 -60.83 28.60
C SER J 91 23.12 -61.73 29.61
N GLU J 92 23.10 -63.04 29.31
CA GLU J 92 22.25 -64.03 29.97
C GLU J 92 22.39 -63.95 31.48
N ASP J 93 23.58 -64.27 31.99
CA ASP J 93 23.80 -64.46 33.42
C ASP J 93 23.62 -63.13 34.16
N LYS J 94 24.43 -62.13 33.80
CA LYS J 94 24.48 -60.85 34.48
C LYS J 94 23.08 -60.26 34.63
N SER J 95 22.29 -60.32 33.55
CA SER J 95 20.97 -59.71 33.52
C SER J 95 20.03 -60.42 34.50
N LYS J 96 20.08 -61.76 34.50
CA LYS J 96 19.23 -62.58 35.34
C LYS J 96 19.57 -62.37 36.81
N ARG J 97 20.86 -62.11 37.09
CA ARG J 97 21.34 -61.83 38.43
C ARG J 97 20.73 -60.53 38.94
N LEU J 98 20.92 -59.45 38.15
CA LEU J 98 20.47 -58.12 38.52
C LEU J 98 18.96 -58.10 38.70
N ASN J 99 18.25 -58.78 37.79
CA ASN J 99 16.79 -58.83 37.79
C ASN J 99 16.28 -59.49 39.07
N THR J 100 17.01 -60.52 39.53
CA THR J 100 16.64 -61.27 40.72
C THR J 100 16.95 -60.43 41.97
N ILE J 101 18.05 -59.66 41.91
CA ILE J 101 18.50 -58.85 43.03
C ILE J 101 17.50 -57.71 43.27
N LEU J 102 16.99 -57.14 42.18
CA LEU J 102 16.00 -56.08 42.24
C LEU J 102 14.73 -56.60 42.91
N ASN J 103 14.37 -57.85 42.59
CA ASN J 103 13.18 -58.49 43.11
C ASN J 103 13.34 -58.74 44.61
N THR J 104 14.51 -59.24 45.01
CA THR J 104 14.80 -59.59 46.39
C THR J 104 14.80 -58.34 47.26
N MET J 105 15.36 -57.24 46.73
CA MET J 105 15.44 -55.98 47.43
C MET J 105 14.04 -55.39 47.64
N SER J 106 13.19 -55.55 46.62
CA SER J 106 11.82 -55.06 46.65
C SER J 106 10.98 -55.92 47.60
N THR J 107 11.31 -57.22 47.65
CA THR J 107 10.64 -58.18 48.51
C THR J 107 10.94 -57.86 49.97
N ILE J 108 12.24 -57.66 50.27
CA ILE J 108 12.71 -57.37 51.61
C ILE J 108 12.03 -56.11 52.14
N TYR J 109 11.88 -55.12 51.25
CA TYR J 109 11.32 -53.82 51.64
C TYR J 109 9.85 -53.96 52.00
N SER J 110 9.07 -54.58 51.11
CA SER J 110 7.63 -54.71 51.27
C SER J 110 7.31 -55.55 52.51
N THR J 111 8.01 -56.67 52.67
CA THR J 111 7.81 -57.58 53.79
C THR J 111 8.73 -57.17 54.94
N GLY J 112 8.48 -55.97 55.49
CA GLY J 112 9.29 -55.42 56.56
C GLY J 112 8.75 -55.81 57.94
N LYS J 113 9.56 -56.54 58.70
CA LYS J 113 9.14 -57.10 59.98
C LYS J 113 9.85 -56.38 61.12
N VAL J 114 9.06 -55.69 61.96
CA VAL J 114 9.55 -55.09 63.19
C VAL J 114 8.66 -55.58 64.33
N CYS J 115 9.19 -56.53 65.11
CA CYS J 115 8.41 -57.23 66.12
C CYS J 115 8.71 -56.65 67.50
N ASN J 116 7.66 -56.59 68.34
CA ASN J 116 7.75 -56.08 69.70
C ASN J 116 8.61 -57.02 70.55
N PRO J 117 9.42 -56.49 71.49
CA PRO J 117 10.26 -57.33 72.35
C PRO J 117 9.46 -58.19 73.32
N ASP J 118 8.18 -57.86 73.48
CA ASP J 118 7.26 -58.60 74.33
C ASP J 118 6.85 -59.89 73.62
N ASN J 119 6.38 -59.75 72.37
CA ASN J 119 5.86 -60.88 71.61
C ASN J 119 6.54 -60.91 70.24
N PRO J 120 7.34 -61.96 69.93
CA PRO J 120 7.91 -62.14 68.60
C PRO J 120 6.88 -62.50 67.54
N GLN J 121 5.59 -62.43 67.92
CA GLN J 121 4.48 -62.75 67.04
C GLN J 121 3.67 -61.48 66.76
N GLU J 122 3.81 -60.48 67.62
CA GLU J 122 3.19 -59.17 67.43
C GLU J 122 4.18 -58.26 66.71
N CYS J 123 4.09 -58.23 65.38
CA CYS J 123 5.03 -57.50 64.55
C CYS J 123 4.29 -56.40 63.78
N LEU J 124 5.02 -55.31 63.50
CA LEU J 124 4.49 -54.15 62.80
C LEU J 124 5.10 -54.06 61.40
N LEU J 125 4.39 -53.37 60.50
CA LEU J 125 4.84 -53.11 59.15
C LEU J 125 5.12 -51.62 59.00
N LEU J 126 5.84 -51.26 57.92
CA LEU J 126 6.14 -49.87 57.60
C LEU J 126 4.83 -49.10 57.46
N GLU J 127 3.92 -49.63 56.63
CA GLU J 127 2.60 -49.07 56.46
C GLU J 127 1.57 -50.06 57.01
N PRO J 128 0.69 -49.65 57.93
CA PRO J 128 0.70 -48.29 58.50
C PRO J 128 1.34 -48.17 59.88
N GLY J 129 1.85 -49.28 60.40
CA GLY J 129 2.28 -49.41 61.79
C GLY J 129 3.36 -48.41 62.18
N LEU J 130 4.54 -48.54 61.54
CA LEU J 130 5.73 -47.78 61.91
C LEU J 130 5.58 -46.32 61.49
N ASN J 131 4.90 -46.08 60.38
CA ASN J 131 4.71 -44.74 59.84
C ASN J 131 3.89 -43.90 60.82
N GLU J 132 2.85 -44.52 61.40
CA GLU J 132 1.95 -43.84 62.33
C GLU J 132 2.72 -43.44 63.59
N ILE J 133 3.67 -44.29 64.01
CA ILE J 133 4.48 -44.03 65.18
C ILE J 133 5.26 -42.74 64.97
N MET J 134 6.11 -42.72 63.92
CA MET J 134 6.92 -41.54 63.63
C MET J 134 6.10 -40.54 62.81
N ALA J 135 4.94 -40.17 63.35
CA ALA J 135 4.06 -39.16 62.77
C ALA J 135 3.23 -38.51 63.88
N ASN J 136 3.00 -39.28 64.95
CA ASN J 136 2.09 -38.88 66.01
C ASN J 136 2.80 -38.97 67.37
N SER J 137 3.72 -39.92 67.50
CA SER J 137 4.36 -40.22 68.77
C SER J 137 5.20 -39.03 69.25
N LEU J 138 5.19 -38.82 70.57
CA LEU J 138 5.94 -37.76 71.22
C LEU J 138 6.97 -38.37 72.17
N ASP J 139 7.16 -39.70 72.04
CA ASP J 139 8.11 -40.43 72.86
C ASP J 139 9.39 -40.68 72.05
N TYR J 140 10.52 -40.28 72.63
CA TYR J 140 11.83 -40.32 71.98
C TYR J 140 12.21 -41.76 71.65
N ASN J 141 11.95 -42.66 72.61
CA ASN J 141 12.52 -44.01 72.60
C ASN J 141 11.77 -44.91 71.63
N GLU J 142 10.44 -44.76 71.57
CA GLU J 142 9.61 -45.62 70.73
C GLU J 142 9.58 -45.09 69.30
N ARG J 143 10.00 -43.83 69.12
CA ARG J 143 10.26 -43.28 67.80
C ARG J 143 11.63 -43.76 67.33
N LEU J 144 12.55 -43.92 68.29
CA LEU J 144 13.89 -44.40 68.03
C LEU J 144 13.85 -45.90 67.72
N TRP J 145 13.04 -46.64 68.50
CA TRP J 145 12.90 -48.08 68.35
C TRP J 145 12.42 -48.42 66.95
N ALA J 146 11.43 -47.66 66.46
CA ALA J 146 10.81 -47.87 65.16
C ALA J 146 11.76 -47.43 64.06
N TRP J 147 12.60 -46.43 64.36
CA TRP J 147 13.58 -45.89 63.43
C TRP J 147 14.76 -46.85 63.30
N GLU J 148 15.23 -47.34 64.46
CA GLU J 148 16.44 -48.15 64.54
C GLU J 148 16.18 -49.55 63.98
N SER J 149 15.07 -50.16 64.43
CA SER J 149 14.77 -51.55 64.13
C SER J 149 14.54 -51.74 62.63
N TRP J 150 13.93 -50.75 61.98
CA TRP J 150 13.64 -50.79 60.56
C TRP J 150 14.94 -50.94 59.77
N ARG J 151 15.93 -50.11 60.11
CA ARG J 151 17.23 -50.11 59.45
C ARG J 151 18.05 -51.32 59.90
N SER J 152 17.70 -51.86 61.07
CA SER J 152 18.36 -53.04 61.61
C SER J 152 17.87 -54.28 60.87
N GLU J 153 16.59 -54.28 60.48
CA GLU J 153 15.96 -55.43 59.86
C GLU J 153 16.25 -55.43 58.36
N VAL J 154 15.64 -54.49 57.62
CA VAL J 154 15.71 -54.49 56.17
C VAL J 154 17.05 -53.93 55.71
N GLY J 155 17.54 -52.91 56.44
CA GLY J 155 18.77 -52.21 56.08
C GLY J 155 19.98 -53.14 56.01
N LYS J 156 20.12 -54.00 57.03
CA LYS J 156 21.24 -54.93 57.12
C LYS J 156 21.09 -56.03 56.07
N GLN J 157 19.83 -56.33 55.72
CA GLN J 157 19.50 -57.34 54.72
C GLN J 157 19.82 -56.81 53.33
N LEU J 158 19.60 -55.50 53.13
CA LEU J 158 19.72 -54.87 51.81
C LEU J 158 21.18 -54.61 51.47
N ARG J 159 22.02 -54.44 52.51
CA ARG J 159 23.39 -53.99 52.36
C ARG J 159 24.16 -54.86 51.36
N PRO J 160 24.32 -56.18 51.59
CA PRO J 160 25.13 -57.02 50.70
C PRO J 160 24.55 -57.19 49.29
N LEU J 161 23.24 -56.95 49.16
CA LEU J 161 22.56 -57.07 47.89
C LEU J 161 22.69 -55.78 47.09
N TYR J 162 22.83 -54.65 47.81
CA TYR J 162 22.94 -53.34 47.20
C TYR J 162 24.34 -53.15 46.63
N GLU J 163 25.32 -53.83 47.23
CA GLU J 163 26.72 -53.73 46.82
C GLU J 163 26.89 -54.37 45.45
N GLU J 164 26.21 -55.49 45.22
CA GLU J 164 26.28 -56.20 43.94
C GLU J 164 25.27 -55.60 42.96
N TYR J 165 24.38 -54.74 43.46
CA TYR J 165 23.47 -53.98 42.64
C TYR J 165 24.23 -52.86 41.93
N VAL J 166 25.10 -52.18 42.69
CA VAL J 166 25.91 -51.08 42.20
C VAL J 166 26.81 -51.58 41.08
N VAL J 167 27.47 -52.71 41.33
CA VAL J 167 28.45 -53.29 40.41
C VAL J 167 27.76 -53.63 39.08
N LEU J 168 26.56 -54.23 39.17
CA LEU J 168 25.87 -54.74 38.00
C LEU J 168 25.22 -53.60 37.22
N LYS J 169 24.83 -52.53 37.91
CA LYS J 169 24.21 -51.38 37.27
C LYS J 169 25.28 -50.53 36.59
N ASN J 170 26.49 -50.50 37.19
CA ASN J 170 27.62 -49.80 36.61
C ASN J 170 28.09 -50.53 35.35
N GLU J 171 28.21 -51.86 35.44
CA GLU J 171 28.55 -52.71 34.32
C GLU J 171 27.62 -52.40 33.14
N MET J 172 26.33 -52.26 33.44
CA MET J 172 25.28 -51.98 32.47
C MET J 172 25.49 -50.58 31.89
N ALA J 173 25.75 -49.61 32.77
CA ALA J 173 25.85 -48.21 32.38
C ALA J 173 27.07 -47.98 31.50
N ARG J 174 28.20 -48.61 31.87
CA ARG J 174 29.47 -48.42 31.18
C ARG J 174 29.45 -49.09 29.82
N ALA J 175 28.59 -50.11 29.66
CA ALA J 175 28.41 -50.80 28.40
C ALA J 175 27.52 -49.99 27.48
N ASN J 176 26.81 -49.00 28.06
CA ASN J 176 25.94 -48.11 27.32
C ASN J 176 26.61 -46.75 27.14
N HIS J 177 27.92 -46.71 27.41
CA HIS J 177 28.78 -45.57 27.14
C HIS J 177 28.55 -44.45 28.16
N TYR J 178 27.86 -44.77 29.25
CA TYR J 178 27.75 -43.88 30.40
C TYR J 178 28.92 -44.14 31.33
N GLU J 179 29.35 -43.11 32.07
CA GLU J 179 30.51 -43.22 32.94
C GLU J 179 30.14 -44.05 34.18
N ASP J 180 28.94 -43.82 34.71
CA ASP J 180 28.39 -44.59 35.82
C ASP J 180 26.88 -44.65 35.69
N TYR J 181 26.22 -45.31 36.65
CA TYR J 181 24.78 -45.48 36.62
C TYR J 181 24.09 -44.16 37.00
N GLY J 182 24.81 -43.32 37.75
CA GLY J 182 24.34 -41.97 38.06
C GLY J 182 24.21 -41.13 36.79
N ASP J 183 25.12 -41.37 35.83
CA ASP J 183 25.12 -40.71 34.53
C ASP J 183 23.91 -41.19 33.72
N TYR J 184 23.55 -42.46 33.90
CA TYR J 184 22.42 -43.07 33.21
C TYR J 184 21.13 -42.35 33.59
N TRP J 185 21.00 -42.02 34.88
CA TRP J 185 19.82 -41.34 35.40
C TRP J 185 19.82 -39.87 34.96
N ARG J 186 21.02 -39.31 34.75
CA ARG J 186 21.17 -37.92 34.35
C ARG J 186 20.91 -37.80 32.85
N GLY J 187 20.90 -38.95 32.15
CA GLY J 187 20.69 -38.99 30.71
C GLY J 187 19.23 -38.79 30.32
N ASP J 188 18.40 -38.46 31.31
CA ASP J 188 16.98 -38.20 31.10
C ASP J 188 16.73 -36.69 31.07
N TYR J 189 17.75 -35.92 31.52
CA TYR J 189 17.71 -34.47 31.50
C TYR J 189 18.57 -33.95 30.36
N GLU J 190 19.16 -34.87 29.59
CA GLU J 190 20.14 -34.56 28.56
C GLU J 190 19.42 -34.08 27.30
N VAL J 191 20.01 -33.06 26.65
CA VAL J 191 19.50 -32.51 25.40
C VAL J 191 20.69 -32.32 24.45
N ASN J 192 20.61 -32.94 23.27
CA ASN J 192 21.66 -32.85 22.26
C ASN J 192 21.05 -32.53 20.91
N GLY J 193 21.70 -31.63 20.15
CA GLY J 193 21.39 -31.45 18.73
C GLY J 193 20.78 -30.09 18.41
N VAL J 194 20.29 -29.39 19.44
CA VAL J 194 19.65 -28.09 19.24
C VAL J 194 20.43 -27.02 19.99
N ASP J 195 21.22 -26.24 19.24
CA ASP J 195 22.14 -25.26 19.80
C ASP J 195 21.36 -24.15 20.50
N GLY J 196 21.88 -23.74 21.67
CA GLY J 196 21.24 -22.74 22.50
C GLY J 196 20.32 -23.36 23.54
N TYR J 197 19.93 -24.62 23.31
CA TYR J 197 18.98 -25.32 24.16
C TYR J 197 19.59 -26.60 24.73
N ASP J 198 20.82 -26.91 24.31
CA ASP J 198 21.48 -28.15 24.67
C ASP J 198 21.77 -28.17 26.18
N TYR J 199 21.82 -29.39 26.74
CA TYR J 199 21.99 -29.62 28.15
C TYR J 199 22.75 -30.94 28.35
N SER J 200 23.92 -30.86 28.98
CA SER J 200 24.77 -32.02 29.21
C SER J 200 24.42 -32.66 30.55
N ARG J 201 24.81 -33.93 30.71
CA ARG J 201 24.47 -34.73 31.87
C ARG J 201 25.13 -34.15 33.12
N GLY J 202 26.38 -33.68 32.96
CA GLY J 202 27.15 -33.12 34.06
C GLY J 202 26.62 -31.77 34.52
N GLN J 203 25.83 -31.13 33.64
CA GLN J 203 25.27 -29.81 33.89
C GLN J 203 24.22 -29.90 35.00
N LEU J 204 23.53 -31.05 35.06
CA LEU J 204 22.45 -31.28 36.02
C LEU J 204 22.99 -31.16 37.44
N ILE J 205 24.19 -31.70 37.67
CA ILE J 205 24.83 -31.68 38.98
C ILE J 205 25.13 -30.23 39.37
N GLU J 206 25.62 -29.45 38.39
CA GLU J 206 26.07 -28.08 38.65
C GLU J 206 24.88 -27.17 38.93
N ASP J 207 23.77 -27.38 38.19
CA ASP J 207 22.59 -26.57 38.31
C ASP J 207 21.92 -26.80 39.67
N VAL J 208 21.89 -28.06 40.10
CA VAL J 208 21.27 -28.45 41.37
C VAL J 208 22.06 -27.83 42.52
N GLU J 209 23.40 -27.93 42.43
CA GLU J 209 24.29 -27.45 43.49
C GLU J 209 24.22 -25.92 43.59
N HIS J 210 24.08 -25.25 42.44
CA HIS J 210 24.01 -23.80 42.37
C HIS J 210 22.71 -23.32 43.01
N THR J 211 21.58 -23.91 42.56
CA THR J 211 20.26 -23.51 43.03
C THR J 211 20.13 -23.79 44.52
N PHE J 212 20.68 -24.93 44.97
CA PHE J 212 20.52 -25.40 46.33
C PHE J 212 21.18 -24.43 47.32
N GLU J 213 22.33 -23.88 46.93
CA GLU J 213 23.10 -23.00 47.80
C GLU J 213 22.36 -21.67 48.00
N GLU J 214 21.26 -21.50 47.26
CA GLU J 214 20.41 -20.32 47.39
C GLU J 214 19.18 -20.67 48.23
N ILE J 215 18.93 -21.97 48.41
CA ILE J 215 17.88 -22.45 49.30
C ILE J 215 18.43 -22.51 50.72
N LYS J 216 19.74 -22.71 50.83
CA LYS J 216 20.42 -22.92 52.10
C LYS J 216 20.08 -21.82 53.10
N PRO J 217 20.18 -20.52 52.74
CA PRO J 217 19.81 -19.43 53.66
C PRO J 217 18.42 -19.58 54.29
N LEU J 218 17.44 -20.02 53.48
CA LEU J 218 16.07 -20.20 53.94
C LEU J 218 15.97 -21.44 54.82
N TYR J 219 16.59 -22.54 54.36
CA TYR J 219 16.49 -23.82 55.04
C TYR J 219 17.09 -23.75 56.43
N GLU J 220 18.22 -23.04 56.54
CA GLU J 220 18.92 -22.86 57.82
C GLU J 220 18.02 -22.14 58.81
N HIS J 221 17.14 -21.28 58.29
CA HIS J 221 16.23 -20.49 59.11
C HIS J 221 15.00 -21.31 59.48
N LEU J 222 14.60 -22.23 58.59
CA LEU J 222 13.51 -23.16 58.86
C LEU J 222 14.00 -24.19 59.87
N HIS J 223 15.27 -24.59 59.73
CA HIS J 223 15.93 -25.54 60.62
C HIS J 223 16.04 -24.94 62.01
N ALA J 224 16.33 -23.64 62.08
CA ALA J 224 16.56 -22.93 63.33
C ALA J 224 15.26 -22.81 64.12
N TYR J 225 14.14 -22.68 63.39
CA TYR J 225 12.83 -22.54 64.01
C TYR J 225 12.32 -23.90 64.49
N VAL J 226 12.49 -24.91 63.62
CA VAL J 226 12.02 -26.26 63.88
C VAL J 226 12.74 -26.82 65.11
N ARG J 227 14.05 -26.54 65.22
CA ARG J 227 14.84 -27.03 66.34
C ARG J 227 14.41 -26.33 67.63
N ALA J 228 13.97 -25.07 67.50
CA ALA J 228 13.56 -24.27 68.65
C ALA J 228 12.23 -24.78 69.19
N LYS J 229 11.43 -25.39 68.31
CA LYS J 229 10.11 -25.90 68.67
C LYS J 229 10.24 -27.34 69.15
N LEU J 230 11.16 -28.10 68.53
CA LEU J 230 11.45 -29.46 68.96
C LEU J 230 12.20 -29.41 70.30
N MET J 231 12.82 -28.27 70.59
CA MET J 231 13.54 -28.03 71.82
C MET J 231 12.56 -28.08 73.00
N ASN J 232 11.35 -27.55 72.77
CA ASN J 232 10.30 -27.55 73.77
C ASN J 232 9.62 -28.91 73.81
N ALA J 233 9.73 -29.66 72.71
CA ALA J 233 9.10 -30.97 72.58
C ALA J 233 9.95 -32.04 73.27
N TYR J 234 11.27 -31.99 73.00
CA TYR J 234 12.21 -32.93 73.59
C TYR J 234 13.34 -32.14 74.26
N PRO J 235 13.13 -31.65 75.50
CA PRO J 235 14.09 -30.77 76.17
C PRO J 235 15.38 -31.46 76.63
N SER J 236 15.32 -32.80 76.74
CA SER J 236 16.43 -33.56 77.29
C SER J 236 17.13 -34.38 76.21
N TYR J 237 16.85 -34.07 74.94
CA TYR J 237 17.32 -34.90 73.84
C TYR J 237 17.88 -34.03 72.71
N ILE J 238 17.39 -32.80 72.60
CA ILE J 238 17.77 -31.90 71.52
C ILE J 238 18.92 -31.00 71.99
N SER J 239 19.96 -30.91 71.17
CA SER J 239 21.00 -29.90 71.34
C SER J 239 20.52 -28.62 70.67
N PRO J 240 20.58 -27.45 71.36
CA PRO J 240 20.11 -26.19 70.78
C PRO J 240 21.05 -25.63 69.71
N ILE J 241 22.22 -26.28 69.54
CA ILE J 241 23.26 -25.81 68.65
C ILE J 241 23.61 -26.89 67.63
N GLY J 242 23.16 -28.13 67.89
CA GLY J 242 23.55 -29.27 67.07
C GLY J 242 22.52 -29.61 65.99
N CYS J 243 22.66 -30.80 65.41
CA CYS J 243 21.79 -31.29 64.36
C CYS J 243 20.47 -31.76 64.96
N LEU J 244 19.56 -32.21 64.09
CA LEU J 244 18.26 -32.73 64.49
C LEU J 244 18.27 -34.25 64.38
N PRO J 245 17.91 -34.98 65.47
CA PRO J 245 17.78 -36.44 65.42
C PRO J 245 16.84 -36.90 64.31
N ALA J 246 17.23 -37.98 63.62
CA ALA J 246 16.60 -38.42 62.39
C ALA J 246 15.21 -39.00 62.63
N HIS J 247 14.93 -39.37 63.90
CA HIS J 247 13.73 -40.10 64.24
C HIS J 247 12.64 -39.17 64.75
N LEU J 248 12.94 -37.86 64.80
CA LEU J 248 12.05 -36.88 65.38
C LEU J 248 11.64 -35.84 64.32
N LEU J 249 11.54 -36.28 63.06
CA LEU J 249 11.43 -35.33 61.96
C LEU J 249 10.00 -35.24 61.44
N GLY J 250 9.36 -36.40 61.18
CA GLY J 250 7.99 -36.37 60.67
C GLY J 250 7.57 -37.69 60.04
N ASP J 251 8.56 -38.45 59.55
CA ASP J 251 8.33 -39.82 59.07
C ASP J 251 9.57 -40.65 59.35
N MET J 252 9.72 -41.75 58.60
CA MET J 252 10.75 -42.74 58.84
C MET J 252 12.13 -42.16 58.58
N TRP J 253 12.27 -41.39 57.49
CA TRP J 253 13.57 -40.94 57.02
C TRP J 253 13.74 -39.45 57.25
N GLY J 254 12.61 -38.75 57.49
CA GLY J 254 12.59 -37.30 57.61
C GLY J 254 12.54 -36.63 56.25
N ARG J 255 11.89 -37.31 55.29
CA ARG J 255 11.75 -36.85 53.92
C ARG J 255 10.94 -35.54 53.92
N PHE J 256 9.77 -35.56 54.56
CA PHE J 256 8.95 -34.39 54.73
C PHE J 256 8.75 -34.12 56.22
N TRP J 257 8.72 -32.84 56.60
CA TRP J 257 8.45 -32.45 57.97
C TRP J 257 6.97 -32.08 58.11
N THR J 258 6.11 -32.76 57.33
CA THR J 258 4.70 -32.44 57.24
C THR J 258 4.03 -32.72 58.59
N ASN J 259 4.37 -33.87 59.19
CA ASN J 259 3.71 -34.36 60.39
C ASN J 259 4.32 -33.70 61.63
N LEU J 260 5.16 -32.68 61.40
CA LEU J 260 5.82 -31.95 62.46
C LEU J 260 5.12 -30.59 62.66
N TYR J 261 3.98 -30.42 61.98
CA TYR J 261 3.23 -29.17 62.01
C TYR J 261 2.57 -28.99 63.38
N SER J 262 2.15 -30.10 63.98
CA SER J 262 1.45 -30.09 65.26
C SER J 262 2.33 -29.50 66.36
N LEU J 263 3.65 -29.54 66.14
CA LEU J 263 4.62 -29.03 67.10
C LEU J 263 5.07 -27.62 66.70
N THR J 264 5.32 -27.43 65.40
CA THR J 264 5.98 -26.24 64.89
C THR J 264 4.97 -25.23 64.36
N VAL J 265 3.70 -25.37 64.76
CA VAL J 265 2.65 -24.45 64.36
C VAL J 265 2.92 -23.08 64.96
N PRO J 266 3.05 -22.03 64.12
CA PRO J 266 3.42 -20.69 64.60
C PRO J 266 2.39 -20.11 65.56
N PHE J 267 1.17 -19.92 65.06
CA PHE J 267 0.08 -19.38 65.85
C PHE J 267 -1.02 -20.44 65.94
N GLY J 268 -0.88 -21.32 66.94
CA GLY J 268 -1.76 -22.46 67.12
C GLY J 268 -3.15 -22.06 67.64
N GLN J 269 -3.31 -20.78 67.97
CA GLN J 269 -4.56 -20.25 68.47
C GLN J 269 -5.54 -20.07 67.31
N LYS J 270 -5.02 -19.62 66.17
CA LYS J 270 -5.84 -19.26 65.02
C LYS J 270 -6.07 -20.47 64.12
N PRO J 271 -7.27 -20.63 63.53
CA PRO J 271 -7.66 -21.87 62.85
C PRO J 271 -7.23 -21.96 61.39
N ASN J 272 -7.22 -23.21 60.89
CA ASN J 272 -6.97 -23.52 59.50
C ASN J 272 -8.26 -23.35 58.71
N ILE J 273 -8.14 -22.85 57.47
CA ILE J 273 -9.28 -22.67 56.58
C ILE J 273 -9.62 -24.01 55.94
N ASP J 274 -10.78 -24.55 56.32
CA ASP J 274 -11.28 -25.81 55.78
C ASP J 274 -12.72 -25.63 55.31
N VAL J 275 -12.95 -25.90 54.03
CA VAL J 275 -14.25 -25.67 53.39
C VAL J 275 -14.98 -27.00 53.26
N THR J 276 -14.51 -28.03 53.98
CA THR J 276 -15.13 -29.34 54.01
C THR J 276 -16.52 -29.23 54.63
N ASP J 277 -16.67 -28.30 55.57
CA ASP J 277 -17.96 -27.99 56.18
C ASP J 277 -18.87 -27.35 55.14
N ALA J 278 -18.31 -26.41 54.38
CA ALA J 278 -19.06 -25.62 53.39
C ALA J 278 -19.48 -26.50 52.21
N MET J 279 -18.71 -27.57 51.98
CA MET J 279 -18.96 -28.49 50.88
C MET J 279 -20.17 -29.38 51.20
N VAL J 280 -20.33 -29.72 52.48
CA VAL J 280 -21.43 -30.56 52.92
C VAL J 280 -22.63 -29.69 53.29
N ASP J 281 -22.37 -28.38 53.48
CA ASP J 281 -23.42 -27.40 53.73
C ASP J 281 -24.21 -27.15 52.45
N GLN J 282 -23.57 -27.41 51.31
CA GLN J 282 -24.19 -27.27 50.00
C GLN J 282 -24.33 -28.64 49.35
N ALA J 283 -23.89 -29.68 50.07
CA ALA J 283 -23.93 -31.07 49.64
C ALA J 283 -23.34 -31.21 48.23
N TRP J 284 -22.01 -30.99 48.14
CA TRP J 284 -21.30 -31.05 46.88
C TRP J 284 -21.11 -32.49 46.44
N ASP J 285 -21.65 -32.81 45.26
CA ASP J 285 -21.52 -34.13 44.66
C ASP J 285 -20.10 -34.28 44.10
N ALA J 286 -19.71 -35.54 43.86
CA ALA J 286 -18.43 -35.84 43.23
C ALA J 286 -18.36 -35.20 41.85
N GLN J 287 -19.52 -35.13 41.18
CA GLN J 287 -19.64 -34.57 39.84
C GLN J 287 -19.43 -33.06 39.88
N ARG J 288 -19.90 -32.41 40.95
CA ARG J 288 -19.86 -30.96 41.08
C ARG J 288 -18.42 -30.49 41.29
N ILE J 289 -17.63 -31.30 41.99
CA ILE J 289 -16.23 -31.00 42.28
C ILE J 289 -15.45 -30.95 40.97
N PHE J 290 -15.70 -31.94 40.11
CA PHE J 290 -15.02 -32.08 38.83
C PHE J 290 -15.62 -31.15 37.79
N LYS J 291 -16.78 -30.55 38.11
CA LYS J 291 -17.43 -29.59 37.23
C LYS J 291 -16.95 -28.18 37.58
N GLU J 292 -16.39 -28.02 38.78
CA GLU J 292 -15.81 -26.75 39.19
C GLU J 292 -14.33 -26.73 38.82
N ALA J 293 -13.72 -27.93 38.75
CA ALA J 293 -12.35 -28.08 38.31
C ALA J 293 -12.26 -27.79 36.82
N GLU J 294 -13.21 -28.33 36.06
CA GLU J 294 -13.31 -28.13 34.62
C GLU J 294 -13.52 -26.64 34.33
N LYS J 295 -14.35 -26.00 35.17
CA LYS J 295 -14.70 -24.59 35.03
C LYS J 295 -13.45 -23.72 35.17
N PHE J 296 -12.51 -24.17 36.02
CA PHE J 296 -11.26 -23.48 36.27
C PHE J 296 -10.38 -23.50 35.02
N PHE J 297 -10.41 -24.63 34.29
CA PHE J 297 -9.59 -24.81 33.12
C PHE J 297 -10.19 -24.09 31.91
N VAL J 298 -11.51 -23.88 31.95
CA VAL J 298 -12.21 -23.18 30.88
C VAL J 298 -11.89 -21.69 30.96
N SER J 299 -11.72 -21.18 32.19
CA SER J 299 -11.52 -19.76 32.46
C SER J 299 -10.17 -19.30 31.91
N VAL J 300 -9.20 -20.22 31.86
CA VAL J 300 -7.87 -19.90 31.38
C VAL J 300 -7.77 -20.17 29.88
N GLY J 301 -8.86 -20.70 29.30
CA GLY J 301 -8.95 -20.87 27.86
C GLY J 301 -8.58 -22.28 27.40
N LEU J 302 -8.40 -23.19 28.37
CA LEU J 302 -8.15 -24.60 28.07
C LEU J 302 -9.49 -25.30 27.84
N PRO J 303 -9.52 -26.39 27.05
CA PRO J 303 -10.79 -27.02 26.66
C PRO J 303 -11.53 -27.72 27.80
N ASN J 304 -12.79 -28.05 27.54
CA ASN J 304 -13.61 -28.87 28.42
C ASN J 304 -13.04 -30.29 28.46
N MET J 305 -13.45 -31.05 29.47
CA MET J 305 -13.17 -32.48 29.52
C MET J 305 -13.94 -33.15 28.39
N THR J 306 -13.31 -34.15 27.76
CA THR J 306 -13.90 -34.84 26.62
C THR J 306 -15.22 -35.46 27.02
N GLN J 307 -16.10 -35.64 26.03
CA GLN J 307 -17.42 -36.22 26.23
C GLN J 307 -17.26 -37.64 26.78
N GLY J 308 -16.19 -38.31 26.35
CA GLY J 308 -15.87 -39.66 26.78
C GLY J 308 -15.43 -39.73 28.24
N PHE J 309 -14.77 -38.65 28.70
CA PHE J 309 -14.26 -38.57 30.06
C PHE J 309 -15.41 -38.71 31.05
N TRP J 310 -16.46 -37.89 30.86
CA TRP J 310 -17.60 -37.83 31.76
C TRP J 310 -18.39 -39.13 31.72
N GLU J 311 -18.13 -39.96 30.71
CA GLU J 311 -18.83 -41.22 30.51
C GLU J 311 -18.04 -42.38 31.11
N ASN J 312 -16.71 -42.33 30.97
CA ASN J 312 -15.87 -43.50 31.18
C ASN J 312 -15.22 -43.47 32.56
N SER J 313 -15.03 -42.25 33.10
CA SER J 313 -14.32 -42.06 34.36
C SER J 313 -15.14 -42.60 35.52
N MET J 314 -14.43 -43.06 36.56
CA MET J 314 -15.03 -43.44 37.83
C MET J 314 -14.54 -42.48 38.91
N LEU J 315 -15.33 -41.42 39.13
CA LEU J 315 -14.93 -40.33 40.01
C LEU J 315 -15.60 -40.49 41.37
N THR J 316 -15.95 -41.75 41.70
CA THR J 316 -16.67 -42.08 42.93
C THR J 316 -16.36 -43.52 43.32
N ASP J 317 -16.45 -43.80 44.63
CA ASP J 317 -16.28 -45.14 45.17
C ASP J 317 -17.31 -46.08 44.53
N PRO J 318 -16.89 -47.28 44.06
CA PRO J 318 -17.76 -48.15 43.27
C PRO J 318 -18.75 -48.94 44.12
N GLY J 319 -18.70 -48.74 45.44
CA GLY J 319 -19.60 -49.39 46.38
C GLY J 319 -19.03 -50.72 46.86
N ASN J 320 -19.89 -51.75 46.88
CA ASN J 320 -19.52 -53.08 47.34
C ASN J 320 -19.77 -54.10 46.24
N VAL J 321 -20.31 -53.62 45.11
CA VAL J 321 -20.54 -54.44 43.93
C VAL J 321 -19.18 -54.79 43.31
N GLN J 322 -18.22 -53.89 43.49
CA GLN J 322 -16.85 -54.06 43.02
C GLN J 322 -15.93 -53.20 43.90
N LYS J 323 -14.62 -53.45 43.81
CA LYS J 323 -13.64 -52.62 44.50
C LYS J 323 -12.56 -52.18 43.52
N ALA J 324 -11.99 -51.00 43.79
CA ALA J 324 -11.06 -50.34 42.88
C ALA J 324 -9.81 -49.89 43.63
N VAL J 325 -8.73 -49.67 42.86
CA VAL J 325 -7.51 -49.05 43.37
C VAL J 325 -7.82 -47.56 43.60
N CYS J 326 -7.66 -47.11 44.84
CA CYS J 326 -8.19 -45.83 45.26
C CYS J 326 -7.16 -44.71 45.15
N HIS J 327 -5.99 -45.02 44.58
CA HIS J 327 -4.97 -44.01 44.35
C HIS J 327 -5.40 -43.07 43.23
N PRO J 328 -5.58 -41.76 43.50
CA PRO J 328 -6.06 -40.81 42.49
C PRO J 328 -5.10 -40.71 41.31
N THR J 329 -5.56 -41.14 40.14
CA THR J 329 -4.70 -41.24 38.96
C THR J 329 -5.43 -40.73 37.72
N ALA J 330 -4.74 -39.88 36.95
CA ALA J 330 -5.20 -39.45 35.65
C ALA J 330 -4.67 -40.41 34.59
N TRP J 331 -5.46 -40.61 33.52
CA TRP J 331 -5.19 -41.70 32.59
C TRP J 331 -5.14 -41.19 31.16
N ASP J 332 -4.06 -41.57 30.46
CA ASP J 332 -3.94 -41.40 29.03
C ASP J 332 -3.96 -42.79 28.38
N LEU J 333 -5.17 -43.28 28.10
CA LEU J 333 -5.37 -44.60 27.54
C LEU J 333 -4.96 -44.63 26.07
N GLY J 334 -4.87 -43.44 25.46
CA GLY J 334 -4.64 -43.32 24.04
C GLY J 334 -5.95 -43.32 23.28
N LYS J 335 -5.87 -43.09 21.96
CA LYS J 335 -7.02 -43.01 21.07
C LYS J 335 -8.01 -41.97 21.58
N GLY J 336 -7.47 -40.86 22.10
CA GLY J 336 -8.25 -39.73 22.58
C GLY J 336 -9.06 -40.05 23.84
N ASP J 337 -8.70 -41.15 24.50
CA ASP J 337 -9.40 -41.59 25.70
C ASP J 337 -8.68 -41.04 26.92
N PHE J 338 -9.40 -40.20 27.68
CA PHE J 338 -8.87 -39.59 28.89
C PHE J 338 -9.85 -39.84 30.04
N ARG J 339 -9.35 -40.49 31.10
CA ARG J 339 -10.16 -40.82 32.26
C ARG J 339 -9.43 -40.41 33.54
N ILE J 340 -10.19 -40.30 34.63
CA ILE J 340 -9.64 -40.11 35.96
C ILE J 340 -10.31 -41.11 36.90
N LEU J 341 -9.50 -41.80 37.71
CA LEU J 341 -9.97 -42.72 38.73
C LEU J 341 -9.70 -42.10 40.10
N MET J 342 -10.77 -41.92 40.89
CA MET J 342 -10.66 -41.30 42.19
C MET J 342 -11.82 -41.73 43.08
N CYS J 343 -11.48 -42.28 44.25
CA CYS J 343 -12.46 -42.62 45.28
C CYS J 343 -12.77 -41.36 46.08
N THR J 344 -13.53 -40.45 45.46
CA THR J 344 -13.69 -39.08 45.94
C THR J 344 -14.48 -39.05 47.24
N LYS J 345 -14.11 -38.10 48.11
CA LYS J 345 -14.88 -37.74 49.29
C LYS J 345 -15.15 -36.25 49.25
N VAL J 346 -16.25 -35.84 49.90
CA VAL J 346 -16.67 -34.44 49.93
C VAL J 346 -15.80 -33.68 50.93
N THR J 347 -14.56 -33.40 50.50
CA THR J 347 -13.56 -32.75 51.33
C THR J 347 -12.67 -31.84 50.47
N MET J 348 -11.93 -30.96 51.14
CA MET J 348 -11.08 -29.98 50.48
C MET J 348 -9.86 -30.68 49.87
N ASP J 349 -9.36 -31.71 50.56
CA ASP J 349 -8.21 -32.47 50.12
C ASP J 349 -8.48 -33.05 48.72
N ASP J 350 -9.65 -33.68 48.57
CA ASP J 350 -10.04 -34.32 47.33
C ASP J 350 -10.41 -33.27 46.28
N PHE J 351 -10.83 -32.09 46.74
CA PHE J 351 -11.17 -30.98 45.87
C PHE J 351 -9.92 -30.47 45.15
N LEU J 352 -8.83 -30.35 45.91
CA LEU J 352 -7.57 -29.86 45.38
C LEU J 352 -6.91 -30.93 44.52
N THR J 353 -6.99 -32.18 44.97
CA THR J 353 -6.40 -33.30 44.27
C THR J 353 -7.14 -33.55 42.97
N ALA J 354 -8.38 -33.06 42.89
CA ALA J 354 -9.18 -33.14 41.68
C ALA J 354 -8.60 -32.21 40.62
N HIS J 355 -8.23 -30.99 41.04
CA HIS J 355 -7.63 -30.00 40.16
C HIS J 355 -6.27 -30.51 39.67
N HIS J 356 -5.53 -31.14 40.58
CA HIS J 356 -4.20 -31.67 40.31
C HIS J 356 -4.27 -32.70 39.17
N GLU J 357 -5.15 -33.70 39.33
CA GLU J 357 -5.22 -34.83 38.43
C GLU J 357 -5.84 -34.42 37.09
N MET J 358 -6.63 -33.34 37.10
CA MET J 358 -7.22 -32.84 35.88
C MET J 358 -6.18 -32.06 35.09
N GLY J 359 -5.27 -31.40 35.82
CA GLY J 359 -4.12 -30.74 35.23
C GLY J 359 -3.28 -31.72 34.40
N HIS J 360 -3.14 -32.95 34.94
CA HIS J 360 -2.48 -34.05 34.26
C HIS J 360 -3.14 -34.30 32.91
N ILE J 361 -4.48 -34.31 32.90
CA ILE J 361 -5.26 -34.62 31.71
C ILE J 361 -5.15 -33.46 30.73
N GLN J 362 -5.13 -32.23 31.25
CA GLN J 362 -5.01 -31.03 30.42
C GLN J 362 -3.68 -31.08 29.67
N TYR J 363 -2.64 -31.57 30.35
CA TYR J 363 -1.34 -31.82 29.73
C TYR J 363 -1.47 -32.93 28.70
N ASP J 364 -2.21 -33.99 29.06
CA ASP J 364 -2.36 -35.19 28.25
C ASP J 364 -3.13 -34.88 26.98
N MET J 365 -4.12 -33.98 27.08
CA MET J 365 -4.99 -33.64 25.96
C MET J 365 -4.26 -32.68 25.02
N ALA J 366 -3.30 -31.93 25.57
CA ALA J 366 -2.58 -30.90 24.82
C ALA J 366 -1.62 -31.53 23.83
N TYR J 367 -0.86 -32.54 24.26
CA TYR J 367 0.18 -33.13 23.44
C TYR J 367 -0.33 -34.38 22.71
N ALA J 368 -1.66 -34.55 22.69
CA ALA J 368 -2.29 -35.70 22.08
C ALA J 368 -2.15 -35.67 20.56
N ALA J 369 -1.70 -34.52 20.03
CA ALA J 369 -1.47 -34.34 18.61
C ALA J 369 -0.11 -34.92 18.22
N GLN J 370 0.78 -35.04 19.21
CA GLN J 370 2.14 -35.50 19.00
C GLN J 370 2.13 -36.99 18.69
N PRO J 371 3.11 -37.49 17.88
CA PRO J 371 3.27 -38.93 17.66
C PRO J 371 3.51 -39.69 18.96
N PHE J 372 3.11 -40.97 18.97
CA PHE J 372 3.00 -41.80 20.16
C PHE J 372 4.12 -41.52 21.16
N LEU J 373 5.36 -41.76 20.74
CA LEU J 373 6.50 -41.83 21.65
C LEU J 373 6.83 -40.46 22.23
N LEU J 374 6.47 -39.39 21.48
CA LEU J 374 6.76 -38.03 21.90
C LEU J 374 5.61 -37.51 22.76
N ARG J 375 4.67 -38.40 23.09
CA ARG J 375 3.45 -38.04 23.78
C ARG J 375 3.64 -38.27 25.28
N ASN J 376 4.49 -37.44 25.90
CA ASN J 376 4.78 -37.53 27.33
C ASN J 376 5.23 -36.16 27.83
N GLY J 377 5.53 -36.08 29.14
CA GLY J 377 6.03 -34.86 29.75
C GLY J 377 7.45 -34.52 29.28
N ALA J 378 7.78 -33.23 29.29
CA ALA J 378 9.04 -32.72 28.78
C ALA J 378 10.22 -33.48 29.40
N ASN J 379 10.23 -33.54 30.73
CA ASN J 379 11.15 -34.41 31.46
C ASN J 379 10.36 -35.16 32.54
N GLU J 380 11.08 -35.77 33.49
CA GLU J 380 10.48 -36.67 34.45
C GLU J 380 9.72 -35.90 35.53
N GLY J 381 9.94 -34.58 35.60
CA GLY J 381 9.34 -33.77 36.64
C GLY J 381 8.52 -32.60 36.11
N PHE J 382 7.98 -32.75 34.89
CA PHE J 382 7.17 -31.71 34.28
C PHE J 382 5.70 -31.93 34.57
N HIS J 383 5.24 -33.18 34.42
CA HIS J 383 3.84 -33.52 34.50
C HIS J 383 3.29 -33.19 35.88
N GLU J 384 4.05 -33.56 36.92
CA GLU J 384 3.62 -33.39 38.30
C GLU J 384 3.67 -31.91 38.69
N ALA J 385 4.65 -31.19 38.15
CA ALA J 385 4.84 -29.78 38.42
C ALA J 385 3.66 -28.99 37.88
N VAL J 386 3.07 -29.47 36.77
CA VAL J 386 1.90 -28.88 36.17
C VAL J 386 0.69 -29.16 37.07
N GLY J 387 0.73 -30.30 37.76
CA GLY J 387 -0.37 -30.75 38.60
C GLY J 387 -0.54 -29.88 39.85
N GLU J 388 0.58 -29.47 40.45
CA GLU J 388 0.55 -28.87 41.77
C GLU J 388 0.36 -27.36 41.70
N ILE J 389 0.46 -26.79 40.50
CA ILE J 389 0.20 -25.37 40.31
C ILE J 389 -1.32 -25.13 40.27
N MET J 390 -2.06 -26.20 39.97
CA MET J 390 -3.52 -26.16 39.96
C MET J 390 -4.04 -26.21 41.39
N SER J 391 -3.27 -26.87 42.27
CA SER J 391 -3.59 -26.95 43.70
C SER J 391 -3.29 -25.61 44.37
N LEU J 392 -2.27 -24.90 43.86
CA LEU J 392 -1.84 -23.63 44.41
C LEU J 392 -2.95 -22.60 44.26
N SER J 393 -3.54 -22.54 43.06
CA SER J 393 -4.50 -21.51 42.69
C SER J 393 -5.85 -21.75 43.35
N ALA J 394 -6.24 -23.03 43.46
CA ALA J 394 -7.58 -23.40 43.90
C ALA J 394 -7.71 -23.31 45.43
N ALA J 395 -6.57 -23.28 46.13
CA ALA J 395 -6.55 -23.31 47.58
C ALA J 395 -6.51 -21.89 48.15
N THR J 396 -6.31 -20.90 47.28
CA THR J 396 -6.21 -19.51 47.69
C THR J 396 -7.59 -18.99 48.09
N PRO J 397 -7.68 -18.11 49.11
CA PRO J 397 -8.96 -17.49 49.49
C PRO J 397 -9.57 -16.67 48.37
N LYS J 398 -8.74 -16.24 47.42
CA LYS J 398 -9.15 -15.47 46.26
C LYS J 398 -10.09 -16.32 45.41
N HIS J 399 -9.82 -17.63 45.35
CA HIS J 399 -10.55 -18.56 44.50
C HIS J 399 -11.72 -19.17 45.27
N LEU J 400 -11.50 -19.47 46.56
CA LEU J 400 -12.48 -20.17 47.36
C LEU J 400 -13.66 -19.26 47.72
N LYS J 401 -13.42 -17.94 47.64
CA LYS J 401 -14.48 -16.95 47.81
C LYS J 401 -15.24 -16.79 46.49
N SER J 402 -14.54 -17.06 45.38
CA SER J 402 -15.07 -16.83 44.04
C SER J 402 -16.11 -17.90 43.68
N ILE J 403 -15.83 -19.16 44.02
CA ILE J 403 -16.75 -20.25 43.74
C ILE J 403 -17.74 -20.38 44.90
N GLY J 404 -17.53 -19.58 45.95
CA GLY J 404 -18.47 -19.43 47.04
C GLY J 404 -18.42 -20.58 48.04
N LEU J 405 -17.20 -21.00 48.39
CA LEU J 405 -16.99 -21.97 49.45
C LEU J 405 -16.46 -21.26 50.70
N LEU J 406 -15.98 -20.03 50.50
CA LEU J 406 -15.55 -19.15 51.57
C LEU J 406 -16.42 -17.90 51.56
N SER J 407 -16.73 -17.38 52.76
CA SER J 407 -17.58 -16.21 52.93
C SER J 407 -16.99 -15.02 52.17
N PRO J 408 -17.81 -14.29 51.37
CA PRO J 408 -17.31 -13.20 50.54
C PRO J 408 -16.93 -11.95 51.34
N ASP J 409 -17.30 -11.93 52.62
CA ASP J 409 -16.99 -10.82 53.51
C ASP J 409 -15.75 -11.16 54.35
N PHE J 410 -15.51 -12.47 54.54
CA PHE J 410 -14.37 -12.95 55.32
C PHE J 410 -13.09 -12.74 54.52
N GLN J 411 -12.05 -12.26 55.21
CA GLN J 411 -10.79 -11.89 54.58
C GLN J 411 -9.62 -12.60 55.27
N GLU J 412 -8.41 -12.34 54.77
CA GLU J 412 -7.18 -12.99 55.21
C GLU J 412 -6.68 -12.34 56.50
N ASP J 413 -5.76 -13.04 57.17
CA ASP J 413 -5.15 -12.57 58.40
C ASP J 413 -3.64 -12.85 58.35
N ASN J 414 -2.86 -12.00 59.02
CA ASN J 414 -1.41 -12.07 59.01
C ASN J 414 -0.93 -13.36 59.66
N GLU J 415 -1.59 -13.76 60.74
CA GLU J 415 -1.19 -14.94 61.51
C GLU J 415 -1.61 -16.20 60.76
N THR J 416 -2.66 -16.09 59.94
CA THR J 416 -3.14 -17.19 59.12
C THR J 416 -2.23 -17.37 57.91
N GLU J 417 -1.65 -16.24 57.45
CA GLU J 417 -0.78 -16.21 56.28
C GLU J 417 0.46 -17.05 56.54
N ILE J 418 1.15 -16.77 57.66
CA ILE J 418 2.41 -17.38 58.00
C ILE J 418 2.21 -18.87 58.32
N ASN J 419 1.09 -19.18 59.00
CA ASN J 419 0.76 -20.52 59.43
C ASN J 419 0.69 -21.46 58.22
N PHE J 420 0.08 -20.99 57.14
CA PHE J 420 -0.10 -21.76 55.92
C PHE J 420 1.26 -21.97 55.24
N LEU J 421 2.05 -20.89 55.18
CA LEU J 421 3.32 -20.88 54.45
C LEU J 421 4.34 -21.76 55.16
N LEU J 422 4.20 -21.92 56.47
CA LEU J 422 5.12 -22.76 57.24
C LEU J 422 4.78 -24.23 57.01
N LYS J 423 3.49 -24.53 56.85
CA LYS J 423 3.06 -25.88 56.51
C LYS J 423 3.50 -26.19 55.07
N GLN J 424 3.59 -25.14 54.25
CA GLN J 424 4.10 -25.26 52.89
C GLN J 424 5.59 -25.60 52.92
N ALA J 425 6.32 -24.90 53.80
CA ALA J 425 7.77 -25.01 53.88
C ALA J 425 8.18 -26.35 54.49
N LEU J 426 7.35 -26.86 55.41
CA LEU J 426 7.63 -28.12 56.09
C LEU J 426 7.61 -29.26 55.09
N THR J 427 6.80 -29.12 54.04
CA THR J 427 6.64 -30.16 53.03
C THR J 427 7.58 -29.87 51.85
N ILE J 428 7.50 -28.64 51.32
CA ILE J 428 8.14 -28.28 50.06
C ILE J 428 9.63 -28.03 50.28
N VAL J 429 9.95 -27.14 51.23
CA VAL J 429 11.33 -26.73 51.49
C VAL J 429 12.07 -27.86 52.21
N GLY J 430 11.35 -28.57 53.09
CA GLY J 430 11.93 -29.56 53.97
C GLY J 430 12.43 -30.81 53.23
N THR J 431 11.98 -30.98 51.98
CA THR J 431 12.30 -32.18 51.23
C THR J 431 13.48 -31.93 50.28
N LEU J 432 13.80 -30.65 50.06
CA LEU J 432 14.81 -30.26 49.08
C LEU J 432 16.21 -30.72 49.52
N PRO J 433 16.70 -30.36 50.74
CA PRO J 433 18.03 -30.77 51.18
C PRO J 433 18.15 -32.26 51.44
N PHE J 434 17.02 -32.90 51.77
CA PHE J 434 16.98 -34.35 51.94
C PHE J 434 17.15 -35.04 50.59
N THR J 435 16.44 -34.51 49.57
CA THR J 435 16.45 -35.05 48.22
C THR J 435 17.86 -34.97 47.64
N TYR J 436 18.51 -33.81 47.82
CA TYR J 436 19.81 -33.55 47.23
C TYR J 436 20.86 -34.50 47.81
N MET J 437 20.98 -34.53 49.14
CA MET J 437 22.02 -35.29 49.81
C MET J 437 21.89 -36.78 49.51
N LEU J 438 20.66 -37.21 49.23
CA LEU J 438 20.37 -38.61 48.92
C LEU J 438 20.86 -38.92 47.51
N GLU J 439 20.49 -38.05 46.55
CA GLU J 439 20.81 -38.26 45.14
C GLU J 439 22.28 -37.94 44.90
N LYS J 440 22.88 -37.14 45.78
CA LYS J 440 24.30 -36.84 45.73
C LYS J 440 25.08 -38.08 46.19
N TRP J 441 24.61 -38.71 47.26
CA TRP J 441 25.21 -39.92 47.80
C TRP J 441 25.18 -41.03 46.74
N ARG J 442 24.01 -41.20 46.12
CA ARG J 442 23.81 -42.26 45.14
C ARG J 442 24.68 -42.01 43.91
N TRP J 443 24.78 -40.74 43.48
CA TRP J 443 25.56 -40.35 42.33
C TRP J 443 27.04 -40.68 42.55
N MET J 444 27.54 -40.38 43.76
CA MET J 444 28.93 -40.55 44.11
C MET J 444 29.25 -42.04 44.27
N VAL J 445 28.30 -42.79 44.84
CA VAL J 445 28.46 -44.22 45.07
C VAL J 445 28.57 -44.95 43.73
N PHE J 446 27.81 -44.47 42.73
CA PHE J 446 27.80 -45.10 41.42
C PHE J 446 29.14 -44.91 40.72
N LYS J 447 29.82 -43.79 41.00
CA LYS J 447 31.09 -43.50 40.36
C LYS J 447 32.25 -43.70 41.34
N GLY J 448 31.98 -44.47 42.41
CA GLY J 448 33.00 -44.92 43.34
C GLY J 448 33.79 -43.78 43.97
N GLU J 449 33.07 -42.77 44.47
CA GLU J 449 33.66 -41.66 45.20
C GLU J 449 33.63 -41.97 46.69
N ILE J 450 32.78 -42.93 47.07
CA ILE J 450 32.65 -43.37 48.45
C ILE J 450 32.97 -44.87 48.51
N PRO J 451 34.05 -45.28 49.20
CA PRO J 451 34.37 -46.70 49.40
C PRO J 451 33.35 -47.40 50.28
N LYS J 452 33.25 -48.74 50.11
CA LYS J 452 32.27 -49.57 50.79
C LYS J 452 32.47 -49.52 52.30
N ASP J 453 33.74 -49.35 52.72
CA ASP J 453 34.11 -49.40 54.13
C ASP J 453 33.74 -48.09 54.83
N GLN J 454 33.09 -47.18 54.09
CA GLN J 454 32.67 -45.89 54.64
C GLN J 454 31.42 -45.39 53.93
N TRP J 455 30.59 -46.34 53.47
CA TRP J 455 29.32 -46.04 52.81
C TRP J 455 28.38 -45.33 53.77
N MET J 456 28.40 -45.77 55.05
CA MET J 456 27.42 -45.34 56.04
C MET J 456 27.91 -44.08 56.76
N LYS J 457 29.23 -43.99 56.98
CA LYS J 457 29.79 -42.86 57.71
C LYS J 457 29.75 -41.60 56.84
N LYS J 458 29.86 -41.79 55.51
CA LYS J 458 29.81 -40.68 54.57
C LYS J 458 28.36 -40.23 54.39
N TRP J 459 27.45 -41.20 54.31
CA TRP J 459 26.02 -40.94 54.24
C TRP J 459 25.59 -40.05 55.39
N TRP J 460 26.16 -40.28 56.58
CA TRP J 460 25.78 -39.57 57.78
C TRP J 460 26.60 -38.29 57.94
N GLU J 461 27.76 -38.23 57.28
CA GLU J 461 28.57 -37.02 57.25
C GLU J 461 27.87 -35.97 56.39
N MET J 462 27.16 -36.44 55.35
CA MET J 462 26.42 -35.58 54.45
C MET J 462 25.08 -35.20 55.05
N LYS J 463 24.52 -36.09 55.89
CA LYS J 463 23.30 -35.83 56.61
C LYS J 463 23.54 -34.73 57.65
N ARG J 464 24.79 -34.66 58.14
CA ARG J 464 25.16 -33.74 59.20
C ARG J 464 25.32 -32.32 58.64
N GLU J 465 25.95 -32.20 57.46
CA GLU J 465 26.37 -30.90 56.97
C GLU J 465 25.36 -30.30 55.99
N ILE J 466 24.69 -31.17 55.21
CA ILE J 466 23.78 -30.70 54.17
C ILE J 466 22.40 -30.47 54.77
N VAL J 467 21.94 -31.44 55.57
CA VAL J 467 20.56 -31.49 56.05
C VAL J 467 20.49 -31.00 57.49
N GLY J 468 21.57 -31.22 58.25
CA GLY J 468 21.58 -30.92 59.67
C GLY J 468 20.79 -31.95 60.47
N VAL J 469 20.91 -33.21 60.04
CA VAL J 469 20.22 -34.33 60.66
C VAL J 469 21.26 -35.34 61.11
N VAL J 470 21.16 -35.74 62.39
CA VAL J 470 22.17 -36.60 63.01
C VAL J 470 21.58 -37.98 63.25
N GLU J 471 22.45 -38.99 63.19
CA GLU J 471 22.14 -40.37 63.53
C GLU J 471 21.92 -40.46 65.04
N PRO J 472 20.77 -41.00 65.51
CA PRO J 472 20.52 -41.15 66.95
C PRO J 472 21.32 -42.29 67.59
N VAL J 473 21.75 -43.25 66.77
CA VAL J 473 22.58 -44.37 67.19
C VAL J 473 23.70 -44.55 66.17
N PRO J 474 24.97 -44.77 66.61
CA PRO J 474 26.07 -45.00 65.67
C PRO J 474 25.86 -46.26 64.83
N HIS J 475 25.99 -46.11 63.51
CA HIS J 475 25.65 -47.16 62.57
C HIS J 475 26.90 -47.76 61.95
N ASP J 476 26.94 -49.10 61.94
CA ASP J 476 28.05 -49.89 61.42
C ASP J 476 27.98 -49.92 59.89
N GLU J 477 28.97 -50.56 59.28
CA GLU J 477 29.07 -50.66 57.83
C GLU J 477 28.33 -51.91 57.35
N THR J 478 27.63 -52.58 58.27
CA THR J 478 26.77 -53.71 57.94
C THR J 478 25.37 -53.18 57.59
N TYR J 479 25.15 -51.89 57.85
CA TYR J 479 23.88 -51.22 57.61
C TYR J 479 23.83 -50.69 56.18
N CYS J 480 22.60 -50.38 55.73
CA CYS J 480 22.36 -49.66 54.49
C CYS J 480 21.10 -48.81 54.67
N ASP J 481 21.29 -47.62 55.25
CA ASP J 481 20.22 -46.75 55.69
C ASP J 481 19.51 -46.09 54.51
N PRO J 482 20.22 -45.60 53.47
CA PRO J 482 19.56 -45.07 52.27
C PRO J 482 18.58 -46.05 51.64
N ALA J 483 18.90 -47.35 51.75
CA ALA J 483 18.11 -48.42 51.15
C ALA J 483 16.82 -48.65 51.92
N SER J 484 16.70 -48.04 53.11
CA SER J 484 15.51 -48.15 53.92
C SER J 484 14.35 -47.37 53.29
N LEU J 485 14.69 -46.53 52.30
CA LEU J 485 13.70 -45.79 51.54
C LEU J 485 13.33 -46.59 50.29
N PHE J 486 12.06 -46.43 49.87
CA PHE J 486 11.45 -47.20 48.80
C PHE J 486 12.22 -47.02 47.49
N HIS J 487 12.40 -45.76 47.09
CA HIS J 487 12.92 -45.39 45.78
C HIS J 487 14.31 -45.99 45.57
N VAL J 488 15.11 -46.00 46.65
CA VAL J 488 16.47 -46.49 46.62
C VAL J 488 16.45 -48.01 46.45
N SER J 489 15.50 -48.66 47.11
CA SER J 489 15.37 -50.11 47.10
C SER J 489 14.72 -50.59 45.80
N ASN J 490 13.82 -49.77 45.26
CA ASN J 490 13.04 -50.15 44.09
C ASN J 490 13.66 -49.56 42.82
N ASP J 491 14.90 -49.03 42.97
CA ASP J 491 15.73 -48.59 41.85
C ASP J 491 15.00 -47.50 41.07
N TYR J 492 14.86 -46.33 41.71
CA TYR J 492 14.22 -45.19 41.09
C TYR J 492 15.06 -43.93 41.33
N SER J 493 15.16 -43.09 40.29
CA SER J 493 15.76 -41.77 40.40
C SER J 493 14.95 -40.93 41.38
N PHE J 494 15.63 -40.00 42.05
CA PHE J 494 15.02 -39.27 43.16
C PHE J 494 15.21 -37.77 42.98
N ILE J 495 15.91 -37.38 41.90
CA ILE J 495 16.24 -35.99 41.66
C ILE J 495 15.02 -35.24 41.13
N ARG J 496 14.03 -36.00 40.62
CA ARG J 496 12.82 -35.43 40.06
C ARG J 496 12.01 -34.72 41.15
N TYR J 497 12.24 -35.12 42.40
CA TYR J 497 11.55 -34.52 43.54
C TYR J 497 12.18 -33.18 43.89
N TYR J 498 13.37 -32.91 43.35
CA TYR J 498 14.03 -31.63 43.52
C TYR J 498 13.63 -30.68 42.40
N THR J 499 13.59 -31.21 41.17
CA THR J 499 13.40 -30.40 39.98
C THR J 499 11.94 -29.98 39.86
N ARG J 500 11.02 -30.92 40.09
CA ARG J 500 9.59 -30.67 39.92
C ARG J 500 9.06 -29.79 41.05
N THR J 501 9.83 -29.70 42.14
CA THR J 501 9.53 -28.78 43.24
C THR J 501 9.93 -27.37 42.83
N LEU J 502 11.04 -27.28 42.07
CA LEU J 502 11.55 -26.01 41.57
C LEU J 502 10.70 -25.52 40.41
N TYR J 503 10.27 -26.46 39.56
CA TYR J 503 9.54 -26.15 38.34
C TYR J 503 8.20 -25.50 38.66
N GLN J 504 7.57 -25.95 39.75
CA GLN J 504 6.26 -25.48 40.16
C GLN J 504 6.22 -23.95 40.18
N PHE J 505 7.09 -23.36 40.99
CA PHE J 505 7.06 -21.94 41.28
C PHE J 505 7.58 -21.13 40.08
N GLN J 506 8.43 -21.78 39.28
CA GLN J 506 8.90 -21.19 38.03
C GLN J 506 7.72 -21.04 37.07
N PHE J 507 6.83 -22.04 37.07
CA PHE J 507 5.61 -22.00 36.27
C PHE J 507 4.65 -20.96 36.85
N GLN J 508 4.46 -21.01 38.17
CA GLN J 508 3.47 -20.20 38.86
C GLN J 508 3.78 -18.71 38.69
N GLU J 509 5.04 -18.33 38.98
CA GLU J 509 5.48 -16.95 38.91
C GLU J 509 5.26 -16.41 37.49
N ALA J 510 5.47 -17.28 36.50
CA ALA J 510 5.35 -16.92 35.09
C ALA J 510 3.88 -16.74 34.71
N LEU J 511 3.00 -17.54 35.33
CA LEU J 511 1.58 -17.51 35.01
C LEU J 511 0.85 -16.55 35.95
N CYS J 512 1.62 -15.74 36.68
CA CYS J 512 1.05 -14.74 37.59
C CYS J 512 1.44 -13.34 37.11
N GLN J 513 2.58 -13.23 36.41
CA GLN J 513 3.00 -11.97 35.81
C GLN J 513 2.47 -11.90 34.38
N ALA J 514 1.97 -13.04 33.88
CA ALA J 514 1.23 -13.08 32.63
C ALA J 514 -0.24 -12.73 32.91
N ALA J 515 -0.71 -13.12 34.10
CA ALA J 515 -2.06 -12.81 34.55
C ALA J 515 -2.10 -11.41 35.14
N LYS J 516 -0.90 -10.84 35.38
CA LYS J 516 -0.72 -9.50 35.92
C LYS J 516 -1.23 -9.43 37.35
N HIS J 517 -0.93 -10.48 38.13
CA HIS J 517 -1.27 -10.54 39.54
C HIS J 517 -0.29 -9.65 40.32
N GLU J 518 -0.83 -8.92 41.31
CA GLU J 518 -0.04 -8.05 42.17
C GLU J 518 -0.22 -8.48 43.62
N GLY J 519 0.88 -8.39 44.38
CA GLY J 519 0.90 -8.81 45.78
C GLY J 519 1.76 -10.05 45.98
N PRO J 520 1.61 -10.76 47.11
CA PRO J 520 2.34 -12.01 47.35
C PRO J 520 1.98 -13.10 46.34
N LEU J 521 2.95 -13.97 46.05
CA LEU J 521 2.81 -15.00 45.03
C LEU J 521 1.87 -16.10 45.52
N HIS J 522 1.84 -16.31 46.85
CA HIS J 522 1.08 -17.41 47.44
C HIS J 522 -0.42 -17.11 47.40
N LYS J 523 -0.78 -15.91 46.93
CA LYS J 523 -2.17 -15.48 46.87
C LYS J 523 -2.64 -15.44 45.42
N CYS J 524 -1.80 -15.97 44.52
CA CYS J 524 -2.06 -15.89 43.09
C CYS J 524 -3.06 -16.96 42.66
N ASP J 525 -4.18 -16.48 42.11
CA ASP J 525 -5.16 -17.34 41.45
C ASP J 525 -5.16 -17.00 39.97
N ILE J 526 -4.88 -18.01 39.14
CA ILE J 526 -4.63 -17.81 37.71
C ILE J 526 -5.94 -17.87 36.92
N SER J 527 -7.08 -17.74 37.63
CA SER J 527 -8.40 -17.85 37.03
C SER J 527 -8.70 -16.61 36.19
N ASN J 528 -9.49 -16.81 35.12
CA ASN J 528 -9.97 -15.76 34.24
C ASN J 528 -8.79 -15.02 33.59
N SER J 529 -7.83 -15.79 33.09
CA SER J 529 -6.72 -15.24 32.33
C SER J 529 -6.26 -16.23 31.28
N THR J 530 -6.65 -15.97 30.03
CA THR J 530 -6.24 -16.79 28.89
C THR J 530 -4.77 -16.52 28.57
N GLU J 531 -4.24 -15.42 29.13
CA GLU J 531 -2.85 -15.05 28.99
C GLU J 531 -1.98 -16.10 29.67
N ALA J 532 -2.37 -16.48 30.89
CA ALA J 532 -1.70 -17.52 31.66
C ALA J 532 -1.95 -18.88 31.01
N GLY J 533 -3.17 -19.05 30.47
CA GLY J 533 -3.55 -20.29 29.80
C GLY J 533 -2.78 -20.51 28.50
N GLN J 534 -2.48 -19.40 27.79
CA GLN J 534 -1.82 -19.46 26.50
C GLN J 534 -0.35 -19.83 26.67
N LYS J 535 0.29 -19.25 27.70
CA LYS J 535 1.70 -19.49 27.97
C LYS J 535 1.90 -20.95 28.38
N LEU J 536 0.96 -21.48 29.17
CA LEU J 536 1.02 -22.85 29.65
C LEU J 536 0.86 -23.81 28.48
N PHE J 537 -0.16 -23.56 27.65
CA PHE J 537 -0.52 -24.44 26.54
C PHE J 537 0.62 -24.52 25.53
N ASN J 538 1.38 -23.43 25.38
CA ASN J 538 2.51 -23.38 24.47
C ASN J 538 3.51 -24.47 24.83
N MET J 539 3.61 -24.77 26.13
CA MET J 539 4.54 -25.75 26.66
C MET J 539 3.89 -27.14 26.65
N LEU J 540 2.63 -27.20 27.11
CA LEU J 540 1.91 -28.45 27.27
C LEU J 540 1.84 -29.19 25.94
N ARG J 541 1.74 -28.44 24.85
CA ARG J 541 1.49 -28.95 23.51
C ARG J 541 2.72 -29.69 22.99
N LEU J 542 3.91 -29.27 23.44
CA LEU J 542 5.17 -29.81 22.96
C LEU J 542 5.35 -31.23 23.45
N GLY J 543 5.45 -31.39 24.78
CA GLY J 543 5.68 -32.68 25.40
C GLY J 543 7.15 -33.10 25.32
N LYS J 544 7.37 -34.31 24.81
CA LYS J 544 8.70 -34.88 24.64
C LYS J 544 9.29 -34.48 23.29
N SER J 545 8.50 -33.77 22.48
CA SER J 545 8.82 -33.48 21.09
C SER J 545 9.87 -32.38 20.99
N GLU J 546 10.07 -31.65 22.10
CA GLU J 546 10.93 -30.48 22.13
C GLU J 546 11.83 -30.57 23.37
N PRO J 547 13.07 -30.02 23.33
CA PRO J 547 13.92 -29.94 24.52
C PRO J 547 13.19 -29.28 25.68
N TRP J 548 13.41 -29.82 26.89
CA TRP J 548 12.72 -29.35 28.09
C TRP J 548 13.10 -27.91 28.39
N THR J 549 14.29 -27.49 27.92
CA THR J 549 14.78 -26.14 28.09
C THR J 549 13.92 -25.16 27.30
N LEU J 550 13.53 -25.58 26.09
CA LEU J 550 12.65 -24.79 25.21
C LEU J 550 11.23 -24.83 25.77
N ALA J 551 10.85 -25.98 26.34
CA ALA J 551 9.54 -26.15 26.95
C ALA J 551 9.42 -25.27 28.20
N LEU J 552 10.51 -25.22 28.98
CA LEU J 552 10.56 -24.39 30.17
C LEU J 552 10.60 -22.91 29.77
N GLU J 553 11.08 -22.65 28.54
CA GLU J 553 11.19 -21.30 28.02
C GLU J 553 9.81 -20.80 27.59
N ASN J 554 9.01 -21.72 27.02
CA ASN J 554 7.73 -21.38 26.44
C ASN J 554 6.73 -20.92 27.50
N VAL J 555 7.15 -20.99 28.77
CA VAL J 555 6.28 -20.62 29.88
C VAL J 555 6.94 -19.52 30.71
N VAL J 556 8.16 -19.79 31.20
CA VAL J 556 8.84 -18.92 32.15
C VAL J 556 9.49 -17.77 31.38
N GLY J 557 10.19 -18.10 30.29
CA GLY J 557 10.95 -17.14 29.52
C GLY J 557 12.46 -17.33 29.70
N ALA J 558 12.81 -18.36 30.49
CA ALA J 558 14.20 -18.71 30.76
C ALA J 558 14.44 -20.18 30.37
N LYS J 559 15.71 -20.57 30.32
CA LYS J 559 16.10 -21.86 29.76
C LYS J 559 16.41 -22.85 30.88
N ASN J 560 16.99 -22.38 31.97
CA ASN J 560 17.47 -23.24 33.04
C ASN J 560 16.59 -23.13 34.28
N MET J 561 16.91 -23.92 35.30
CA MET J 561 16.20 -23.96 36.58
C MET J 561 16.44 -22.66 37.34
N ASN J 562 15.63 -22.43 38.37
CA ASN J 562 15.74 -21.26 39.23
C ASN J 562 15.00 -21.51 40.55
N VAL J 563 15.54 -20.94 41.63
CA VAL J 563 14.99 -21.09 42.97
C VAL J 563 14.48 -19.74 43.47
N ARG J 564 14.74 -18.69 42.68
CA ARG J 564 14.31 -17.34 43.03
C ARG J 564 12.78 -17.26 43.03
N PRO J 565 12.07 -17.93 42.09
CA PRO J 565 10.61 -18.03 42.16
C PRO J 565 10.11 -18.76 43.40
N LEU J 566 10.85 -19.80 43.82
CA LEU J 566 10.52 -20.57 45.01
C LEU J 566 10.72 -19.72 46.25
N LEU J 567 11.77 -18.88 46.23
CA LEU J 567 12.10 -18.02 47.35
C LEU J 567 11.14 -16.83 47.40
N ASN J 568 10.59 -16.47 46.24
CA ASN J 568 9.61 -15.39 46.14
C ASN J 568 8.31 -15.81 46.78
N TYR J 569 8.02 -17.12 46.75
CA TYR J 569 6.83 -17.70 47.35
C TYR J 569 6.91 -17.60 48.86
N PHE J 570 8.12 -17.82 49.40
CA PHE J 570 8.33 -17.91 50.84
C PHE J 570 8.92 -16.60 51.38
N GLU J 571 8.82 -15.53 50.59
CA GLU J 571 9.35 -14.22 50.94
C GLU J 571 8.77 -13.72 52.27
N PRO J 572 7.43 -13.71 52.46
CA PRO J 572 6.84 -13.26 53.72
C PRO J 572 7.11 -14.20 54.91
N LEU J 573 7.52 -15.43 54.60
CA LEU J 573 7.86 -16.41 55.64
C LEU J 573 9.32 -16.25 56.04
N PHE J 574 10.20 -16.11 55.04
CA PHE J 574 11.64 -15.99 55.23
C PHE J 574 11.95 -14.79 56.12
N THR J 575 11.13 -13.74 56.02
CA THR J 575 11.27 -12.53 56.82
C THR J 575 10.86 -12.83 58.26
N TRP J 576 9.71 -13.51 58.41
CA TRP J 576 9.15 -13.83 59.72
C TRP J 576 10.07 -14.78 60.48
N LEU J 577 10.73 -15.69 59.74
CA LEU J 577 11.65 -16.65 60.32
C LEU J 577 12.85 -15.91 60.91
N LYS J 578 13.34 -14.89 60.18
CA LYS J 578 14.46 -14.06 60.62
C LYS J 578 14.05 -13.23 61.83
N ASP J 579 12.74 -12.93 61.90
CA ASP J 579 12.17 -12.17 63.00
C ASP J 579 12.08 -13.05 64.24
N GLN J 580 11.97 -14.37 64.02
CA GLN J 580 11.85 -15.34 65.11
C GLN J 580 13.23 -15.84 65.52
N ASN J 581 14.07 -16.14 64.52
CA ASN J 581 15.42 -16.62 64.73
C ASN J 581 16.34 -15.45 65.07
N LYS J 582 15.72 -14.32 65.42
CA LYS J 582 16.41 -13.12 65.90
C LYS J 582 17.07 -13.43 67.24
N ASN J 583 16.55 -14.46 67.93
CA ASN J 583 16.96 -14.79 69.28
C ASN J 583 17.34 -16.26 69.36
N SER J 584 17.39 -16.93 68.20
CA SER J 584 17.63 -18.37 68.15
C SER J 584 18.97 -18.66 67.48
N PHE J 585 19.51 -19.86 67.75
CA PHE J 585 20.72 -20.34 67.10
C PHE J 585 20.39 -20.74 65.67
N VAL J 586 21.11 -20.13 64.71
CA VAL J 586 20.96 -20.45 63.30
C VAL J 586 22.21 -21.24 62.87
N GLY J 587 21.98 -22.29 62.08
CA GLY J 587 23.04 -23.21 61.70
C GLY J 587 23.17 -24.33 62.72
N TRP J 588 24.03 -25.32 62.41
CA TRP J 588 24.16 -26.50 63.24
C TRP J 588 25.62 -26.95 63.32
N SER J 589 25.96 -27.57 64.45
CA SER J 589 27.27 -28.20 64.65
C SER J 589 27.24 -29.61 64.09
N THR J 590 28.21 -29.91 63.22
CA THR J 590 28.27 -31.18 62.51
C THR J 590 28.88 -32.27 63.40
N ASP J 591 29.56 -31.84 64.47
CA ASP J 591 30.23 -32.78 65.37
C ASP J 591 29.54 -32.80 66.72
N TRP J 592 28.23 -33.08 66.70
CA TRP J 592 27.49 -33.43 67.91
C TRP J 592 26.70 -34.70 67.67
N SER J 593 26.68 -35.56 68.69
CA SER J 593 25.93 -36.81 68.66
C SER J 593 24.93 -36.85 69.81
N PRO J 594 23.73 -37.47 69.63
CA PRO J 594 22.78 -37.66 70.72
C PRO J 594 23.32 -38.60 71.78
N TYR J 595 24.45 -39.25 71.48
CA TYR J 595 25.08 -40.23 72.35
C TYR J 595 26.44 -39.73 72.80
N ALA J 596 26.55 -38.40 72.97
CA ALA J 596 27.78 -37.77 73.44
C ALA J 596 27.43 -36.59 74.35
N PHE K 2 40.70 9.98 -38.07
CA PHE K 2 40.27 9.10 -39.19
C PHE K 2 41.28 9.17 -40.33
N PRO K 3 41.47 8.08 -41.11
CA PRO K 3 42.16 8.15 -42.39
C PRO K 3 41.44 9.09 -43.35
N ASN K 4 42.17 9.60 -44.34
CA ASN K 4 41.64 10.54 -45.31
C ASN K 4 40.67 9.83 -46.26
N ILE K 5 40.86 8.51 -46.38
CA ILE K 5 40.14 7.70 -47.36
C ILE K 5 38.81 7.21 -46.77
N THR K 6 38.53 7.61 -45.53
CA THR K 6 37.33 7.17 -44.83
C THR K 6 36.10 7.85 -45.43
N ASN K 7 34.97 7.14 -45.37
CA ASN K 7 33.70 7.61 -45.92
C ASN K 7 32.78 7.99 -44.76
N LEU K 8 32.93 9.24 -44.29
CA LEU K 8 32.13 9.77 -43.19
C LEU K 8 30.74 10.15 -43.70
N CYS K 9 29.78 10.25 -42.77
CA CYS K 9 28.40 10.59 -43.10
C CYS K 9 28.24 12.11 -43.15
N PRO K 10 27.39 12.63 -44.06
CA PRO K 10 27.29 14.07 -44.30
C PRO K 10 26.46 14.83 -43.26
N PHE K 11 26.94 14.80 -42.00
CA PHE K 11 26.27 15.51 -40.92
C PHE K 11 26.55 17.01 -41.04
N GLY K 12 27.69 17.35 -41.66
CA GLY K 12 28.08 18.73 -41.87
C GLY K 12 27.19 19.43 -42.90
N GLU K 13 26.73 18.69 -43.90
CA GLU K 13 25.91 19.22 -44.98
C GLU K 13 24.52 19.57 -44.45
N VAL K 14 23.99 18.69 -43.58
CA VAL K 14 22.64 18.81 -43.05
C VAL K 14 22.60 19.97 -42.05
N PHE K 15 23.49 19.91 -41.05
CA PHE K 15 23.48 20.83 -39.92
C PHE K 15 23.97 22.21 -40.34
N ASN K 16 24.79 22.27 -41.40
CA ASN K 16 25.42 23.51 -41.81
C ASN K 16 24.90 23.96 -43.17
N ALA K 17 23.69 23.51 -43.54
CA ALA K 17 23.03 23.96 -44.75
C ALA K 17 22.71 25.45 -44.62
N THR K 18 22.82 26.18 -45.75
CA THR K 18 22.70 27.62 -45.76
C THR K 18 21.27 28.03 -45.40
N ARG K 19 20.29 27.36 -46.00
CA ARG K 19 18.89 27.63 -45.74
C ARG K 19 18.13 26.32 -45.53
N PHE K 20 17.30 26.30 -44.49
CA PHE K 20 16.45 25.18 -44.15
C PHE K 20 15.07 25.39 -44.79
N ALA K 21 14.37 24.27 -45.05
CA ALA K 21 12.99 24.31 -45.49
C ALA K 21 12.10 24.69 -44.30
N SER K 22 10.84 25.00 -44.59
CA SER K 22 9.88 25.29 -43.53
C SER K 22 9.22 24.00 -43.07
N VAL K 23 8.70 24.02 -41.83
CA VAL K 23 8.25 22.82 -41.14
C VAL K 23 7.15 22.12 -41.93
N TYR K 24 6.29 22.89 -42.59
CA TYR K 24 5.16 22.34 -43.34
C TYR K 24 5.68 21.45 -44.46
N ALA K 25 6.79 21.88 -45.10
CA ALA K 25 7.42 21.11 -46.15
C ALA K 25 8.80 20.67 -45.67
N TRP K 26 8.82 19.88 -44.59
CA TRP K 26 10.05 19.46 -43.94
C TRP K 26 10.90 18.63 -44.89
N ASN K 27 12.20 18.95 -44.92
CA ASN K 27 13.16 18.38 -45.86
C ASN K 27 13.76 17.11 -45.26
N ARG K 28 13.80 16.05 -46.08
CA ARG K 28 14.33 14.77 -45.65
C ARG K 28 15.55 14.40 -46.49
N LYS K 29 16.68 14.18 -45.80
CA LYS K 29 17.90 13.68 -46.42
C LYS K 29 18.21 12.30 -45.85
N ARG K 30 18.49 11.35 -46.74
CA ARG K 30 18.76 9.96 -46.34
C ARG K 30 20.26 9.73 -46.31
N ILE K 31 20.73 9.16 -45.19
CA ILE K 31 22.14 8.89 -44.96
C ILE K 31 22.32 7.38 -44.89
N SER K 32 23.18 6.85 -45.77
CA SER K 32 23.40 5.41 -45.88
C SER K 32 24.82 5.11 -46.34
N ASN K 33 25.32 3.93 -45.92
CA ASN K 33 26.59 3.37 -46.35
C ASN K 33 27.74 4.33 -46.05
N CYS K 34 27.90 4.65 -44.75
CA CYS K 34 28.97 5.54 -44.31
C CYS K 34 29.32 5.27 -42.86
N VAL K 35 30.37 5.94 -42.37
CA VAL K 35 30.80 5.88 -40.98
C VAL K 35 30.28 7.14 -40.28
N ALA K 36 29.50 6.94 -39.22
CA ALA K 36 28.83 8.03 -38.54
C ALA K 36 29.71 8.60 -37.44
N ASP K 37 30.30 9.77 -37.72
CA ASP K 37 31.08 10.51 -36.74
C ASP K 37 30.14 11.42 -35.96
N TYR K 38 29.94 11.10 -34.68
CA TYR K 38 29.04 11.84 -33.82
C TYR K 38 29.82 12.84 -32.96
N SER K 39 31.13 12.91 -33.19
CA SER K 39 32.03 13.79 -32.46
C SER K 39 31.75 15.25 -32.81
N VAL K 40 31.21 15.47 -34.01
CA VAL K 40 30.89 16.80 -34.51
C VAL K 40 29.74 17.39 -33.68
N LEU K 41 28.87 16.50 -33.19
CA LEU K 41 27.65 16.89 -32.50
C LEU K 41 27.91 17.10 -31.01
N TYR K 42 28.78 16.25 -30.44
CA TYR K 42 29.08 16.26 -29.02
C TYR K 42 29.67 17.62 -28.62
N ASN K 43 29.23 18.12 -27.47
CA ASN K 43 29.82 19.25 -26.77
C ASN K 43 29.63 20.57 -27.52
N SER K 44 28.81 20.55 -28.58
CA SER K 44 28.58 21.72 -29.41
C SER K 44 28.06 22.88 -28.57
N ALA K 45 28.56 24.09 -28.84
CA ALA K 45 28.22 25.28 -28.09
C ALA K 45 27.05 26.01 -28.77
N SER K 46 26.54 25.41 -29.85
CA SER K 46 25.49 26.00 -30.66
C SER K 46 24.12 25.54 -30.17
N PHE K 47 24.01 24.23 -29.90
CA PHE K 47 22.72 23.58 -29.68
C PHE K 47 22.11 24.04 -28.35
N SER K 48 20.80 24.31 -28.40
CA SER K 48 20.03 24.68 -27.23
C SER K 48 19.16 23.51 -26.78
N THR K 49 18.91 22.58 -27.72
CA THR K 49 18.13 21.38 -27.45
C THR K 49 18.84 20.18 -28.06
N PHE K 50 19.19 19.21 -27.20
CA PHE K 50 19.81 17.97 -27.63
C PHE K 50 19.22 16.82 -26.81
N LYS K 51 18.29 16.09 -27.44
CA LYS K 51 17.59 14.98 -26.81
C LYS K 51 17.62 13.78 -27.74
N CYS K 52 17.60 12.58 -27.15
CA CYS K 52 17.57 11.33 -27.89
C CYS K 52 16.48 10.43 -27.32
N TYR K 53 15.87 9.62 -28.20
CA TYR K 53 14.76 8.76 -27.82
C TYR K 53 15.05 7.32 -28.30
N GLY K 54 15.13 6.41 -27.33
CA GLY K 54 15.36 4.99 -27.62
C GLY K 54 16.80 4.58 -27.39
N VAL K 55 17.73 5.49 -27.72
CA VAL K 55 19.16 5.26 -27.55
C VAL K 55 19.75 6.35 -26.68
N SER K 56 20.79 6.00 -25.91
CA SER K 56 21.56 6.99 -25.17
C SER K 56 22.55 7.65 -26.12
N PRO K 57 22.70 8.99 -26.08
CA PRO K 57 23.62 9.69 -27.00
C PRO K 57 25.08 9.36 -26.72
N THR K 58 25.34 8.77 -25.56
CA THR K 58 26.69 8.41 -25.13
C THR K 58 27.10 7.09 -25.78
N LYS K 59 26.18 6.48 -26.54
CA LYS K 59 26.43 5.18 -27.15
C LYS K 59 26.09 5.24 -28.64
N LEU K 60 26.18 6.43 -29.22
CA LEU K 60 25.85 6.62 -30.63
C LEU K 60 26.95 6.03 -31.51
N ASN K 61 28.20 6.15 -31.05
CA ASN K 61 29.35 5.62 -31.74
C ASN K 61 29.29 4.09 -31.80
N ASP K 62 28.44 3.52 -30.95
CA ASP K 62 28.47 2.09 -30.63
C ASP K 62 27.46 1.32 -31.48
N LEU K 63 26.58 2.04 -32.18
CA LEU K 63 25.41 1.41 -32.79
C LEU K 63 25.46 1.49 -34.31
N CYS K 64 24.90 0.46 -34.96
CA CYS K 64 24.73 0.39 -36.39
C CYS K 64 23.24 0.50 -36.74
N PHE K 65 22.94 1.08 -37.90
CA PHE K 65 21.59 1.24 -38.37
C PHE K 65 21.51 0.95 -39.87
N THR K 66 20.30 0.62 -40.34
CA THR K 66 20.05 0.36 -41.75
C THR K 66 20.18 1.66 -42.53
N ASN K 67 19.49 2.70 -42.06
CA ASN K 67 19.53 4.03 -42.66
C ASN K 67 19.37 5.08 -41.56
N VAL K 68 19.82 6.30 -41.85
CA VAL K 68 19.61 7.44 -40.97
C VAL K 68 18.96 8.56 -41.78
N TYR K 69 17.81 9.04 -41.30
CA TYR K 69 17.06 10.08 -41.97
C TYR K 69 17.20 11.39 -41.17
N ALA K 70 17.70 12.43 -41.86
CA ALA K 70 17.89 13.73 -41.24
C ALA K 70 16.85 14.71 -41.77
N ASP K 71 15.87 15.03 -40.92
CA ASP K 71 14.82 15.99 -41.24
C ASP K 71 15.22 17.36 -40.70
N SER K 72 14.92 18.41 -41.48
CA SER K 72 15.34 19.76 -41.13
C SER K 72 14.25 20.77 -41.46
N PHE K 73 14.07 21.75 -40.56
CA PHE K 73 13.05 22.78 -40.68
C PHE K 73 13.28 23.86 -39.63
N VAL K 74 12.53 24.97 -39.75
CA VAL K 74 12.65 26.12 -38.86
C VAL K 74 11.35 26.30 -38.08
N ILE K 75 11.50 26.52 -36.77
CA ILE K 75 10.41 26.66 -35.82
C ILE K 75 10.68 27.89 -34.96
N ARG K 76 9.68 28.28 -34.14
CA ARG K 76 9.89 29.33 -33.15
C ARG K 76 10.16 28.70 -31.78
N GLY K 77 10.70 29.50 -30.86
CA GLY K 77 11.23 29.03 -29.59
C GLY K 77 10.21 28.30 -28.73
N ASP K 78 8.97 28.78 -28.73
CA ASP K 78 7.91 28.24 -27.89
C ASP K 78 7.41 26.91 -28.45
N GLU K 79 7.80 26.62 -29.70
CA GLU K 79 7.25 25.46 -30.41
C GLU K 79 8.32 24.39 -30.60
N VAL K 80 9.47 24.56 -29.95
CA VAL K 80 10.54 23.57 -30.00
C VAL K 80 10.13 22.35 -29.17
N ARG K 81 9.23 22.59 -28.20
CA ARG K 81 8.70 21.56 -27.32
C ARG K 81 8.03 20.45 -28.13
N GLN K 82 7.42 20.82 -29.26
CA GLN K 82 6.46 19.99 -29.95
C GLN K 82 7.14 18.91 -30.79
N ILE K 83 8.42 19.11 -31.12
CA ILE K 83 9.15 18.14 -31.92
C ILE K 83 9.70 17.07 -30.98
N ALA K 84 8.82 16.14 -30.61
CA ALA K 84 9.09 15.05 -29.67
C ALA K 84 7.98 14.02 -29.80
N PRO K 85 8.20 12.75 -29.37
CA PRO K 85 7.13 11.75 -29.34
C PRO K 85 6.02 12.14 -28.36
N GLY K 86 4.77 11.93 -28.79
CA GLY K 86 3.59 12.10 -27.95
C GLY K 86 3.33 13.54 -27.57
N GLN K 87 3.89 14.49 -28.35
CA GLN K 87 3.67 15.90 -28.12
C GLN K 87 2.55 16.42 -29.00
N THR K 88 1.88 17.48 -28.54
CA THR K 88 0.72 18.05 -29.22
C THR K 88 0.88 19.56 -29.33
N GLY K 89 0.30 20.11 -30.41
CA GLY K 89 0.36 21.55 -30.69
C GLY K 89 -0.01 21.84 -32.14
N LYS K 90 0.41 23.01 -32.63
CA LYS K 90 0.07 23.45 -33.98
C LYS K 90 0.98 22.76 -34.99
N ILE K 91 2.29 22.74 -34.71
CA ILE K 91 3.26 22.20 -35.63
C ILE K 91 3.42 20.70 -35.41
N ALA K 92 3.00 20.22 -34.23
CA ALA K 92 3.10 18.82 -33.88
C ALA K 92 1.95 18.04 -34.53
N ASP K 93 0.81 18.70 -34.74
CA ASP K 93 -0.40 18.06 -35.22
C ASP K 93 -0.50 18.18 -36.74
N TYR K 94 -0.07 19.32 -37.28
CA TYR K 94 -0.40 19.68 -38.65
C TYR K 94 0.85 19.83 -39.53
N ASN K 95 2.04 19.79 -38.91
CA ASN K 95 3.25 20.07 -39.67
C ASN K 95 4.17 18.84 -39.69
N TYR K 96 4.58 18.38 -38.50
CA TYR K 96 5.57 17.33 -38.36
C TYR K 96 5.32 16.55 -37.08
N LYS K 97 5.09 15.23 -37.23
CA LYS K 97 4.77 14.37 -36.09
C LYS K 97 5.77 13.21 -36.03
N LEU K 98 6.32 13.00 -34.83
CA LEU K 98 7.19 11.87 -34.55
C LEU K 98 6.36 10.74 -33.93
N PRO K 99 6.69 9.46 -34.22
CA PRO K 99 5.98 8.32 -33.61
C PRO K 99 6.16 8.31 -32.09
N ASP K 100 5.37 7.47 -31.41
CA ASP K 100 5.47 7.32 -29.96
C ASP K 100 6.55 6.28 -29.64
N ASP K 101 6.82 5.41 -30.63
CA ASP K 101 7.86 4.39 -30.52
C ASP K 101 9.10 4.86 -31.27
N PHE K 102 9.34 6.17 -31.25
CA PHE K 102 10.34 6.83 -32.07
C PHE K 102 11.75 6.49 -31.58
N THR K 103 12.58 6.04 -32.52
CA THR K 103 13.99 5.75 -32.27
C THR K 103 14.83 6.76 -33.05
N GLY K 104 15.37 7.76 -32.33
CA GLY K 104 16.21 8.77 -32.95
C GLY K 104 16.63 9.85 -31.97
N CYS K 105 17.10 10.99 -32.53
CA CYS K 105 17.55 12.13 -31.74
C CYS K 105 17.05 13.41 -32.38
N VAL K 106 16.80 14.42 -31.53
CA VAL K 106 16.30 15.73 -31.95
C VAL K 106 17.27 16.80 -31.45
N ILE K 107 17.70 17.65 -32.38
CA ILE K 107 18.66 18.71 -32.08
C ILE K 107 18.13 20.03 -32.63
N ALA K 108 18.26 21.09 -31.83
CA ALA K 108 17.78 22.42 -32.19
C ALA K 108 18.73 23.48 -31.66
N TRP K 109 18.86 24.57 -32.42
CA TRP K 109 19.66 25.72 -32.03
C TRP K 109 19.00 27.02 -32.48
N ASN K 110 19.25 28.10 -31.72
CA ASN K 110 18.72 29.42 -31.99
C ASN K 110 19.39 29.99 -33.24
N SER K 111 18.57 30.25 -34.27
CA SER K 111 19.06 30.86 -35.50
C SER K 111 18.45 32.26 -35.66
N LYS K 112 18.56 33.05 -34.60
CA LYS K 112 18.08 34.42 -34.52
C LYS K 112 18.69 35.24 -35.66
N ASN K 113 20.03 35.18 -35.75
CA ASN K 113 20.82 36.06 -36.59
C ASN K 113 20.99 35.46 -37.98
N LEU K 114 20.12 34.52 -38.35
CA LEU K 114 20.21 33.83 -39.62
C LEU K 114 18.87 33.91 -40.35
N ASP K 115 17.78 33.88 -39.57
CA ASP K 115 16.45 33.68 -40.13
C ASP K 115 15.53 34.87 -39.79
N SER K 116 15.98 35.73 -38.87
CA SER K 116 15.28 36.98 -38.62
C SER K 116 15.80 38.05 -39.56
N LYS K 117 15.05 39.15 -39.69
CA LYS K 117 15.39 40.23 -40.60
C LYS K 117 14.66 41.49 -40.15
N VAL K 118 15.35 42.63 -40.19
CA VAL K 118 14.73 43.92 -39.94
C VAL K 118 13.66 44.15 -41.01
N GLY K 119 12.42 44.31 -40.56
CA GLY K 119 11.26 44.36 -41.43
C GLY K 119 10.42 43.08 -41.34
N GLY K 120 11.11 41.97 -41.04
CA GLY K 120 10.47 40.69 -40.83
C GLY K 120 10.72 39.72 -41.98
N ASN K 121 11.17 38.51 -41.63
CA ASN K 121 11.31 37.42 -42.59
C ASN K 121 10.05 36.57 -42.54
N TYR K 122 9.35 36.54 -43.68
CA TYR K 122 8.08 35.84 -43.80
C TYR K 122 8.18 34.75 -44.87
N ASN K 123 9.31 34.03 -44.85
CA ASN K 123 9.61 33.02 -45.85
C ASN K 123 9.39 31.62 -45.27
N TYR K 124 9.18 31.54 -43.95
CA TYR K 124 8.95 30.28 -43.29
C TYR K 124 7.45 30.10 -43.01
N LEU K 125 6.87 29.08 -43.66
CA LEU K 125 5.45 28.82 -43.63
C LEU K 125 5.15 27.63 -42.71
N TYR K 126 4.24 27.85 -41.74
CA TYR K 126 3.72 26.77 -40.92
C TYR K 126 2.23 26.61 -41.19
N ARG K 127 1.79 25.36 -41.31
CA ARG K 127 0.38 25.05 -41.48
C ARG K 127 -0.34 25.32 -40.16
N LEU K 128 -1.55 25.88 -40.26
CA LEU K 128 -2.31 26.31 -39.10
C LEU K 128 -3.59 25.50 -38.99
N PHE K 129 -4.08 24.99 -40.13
CA PHE K 129 -5.34 24.28 -40.16
C PHE K 129 -5.23 23.00 -40.98
N ARG K 130 -5.89 21.95 -40.50
CA ARG K 130 -6.12 20.71 -41.23
C ARG K 130 -7.45 20.12 -40.75
N LYS K 131 -8.03 19.23 -41.57
CA LYS K 131 -9.25 18.54 -41.20
C LYS K 131 -8.90 17.35 -40.29
N SER K 132 -7.65 16.86 -40.44
CA SER K 132 -7.19 15.68 -39.72
C SER K 132 -5.76 15.90 -39.23
N ASN K 133 -5.43 15.29 -38.09
CA ASN K 133 -4.08 15.30 -37.56
C ASN K 133 -3.18 14.45 -38.44
N LEU K 134 -1.89 14.80 -38.49
CA LEU K 134 -0.94 14.09 -39.32
C LEU K 134 -0.58 12.75 -38.69
N LYS K 135 -0.35 11.75 -39.54
CA LYS K 135 0.25 10.49 -39.14
C LYS K 135 1.73 10.73 -38.87
N PRO K 136 2.44 9.84 -38.13
CA PRO K 136 3.88 9.98 -37.92
C PRO K 136 4.64 9.94 -39.25
N PHE K 137 5.45 10.98 -39.48
CA PHE K 137 6.28 11.14 -40.68
C PHE K 137 5.41 11.36 -41.92
N GLU K 138 4.26 12.01 -41.72
CA GLU K 138 3.46 12.49 -42.84
C GLU K 138 3.91 13.91 -43.19
N ARG K 139 3.75 14.28 -44.47
CA ARG K 139 4.08 15.60 -44.94
C ARG K 139 2.93 16.13 -45.79
N ASP K 140 2.38 17.27 -45.37
CA ASP K 140 1.26 17.89 -46.06
C ASP K 140 1.73 19.21 -46.69
N ILE K 141 1.59 19.31 -48.01
CA ILE K 141 2.02 20.47 -48.77
C ILE K 141 0.86 20.97 -49.63
N SER K 142 -0.35 20.50 -49.33
CA SER K 142 -1.54 20.86 -50.09
C SER K 142 -1.86 22.34 -49.90
N THR K 143 -2.52 22.92 -50.91
CA THR K 143 -2.88 24.33 -50.91
C THR K 143 -4.40 24.49 -50.97
N GLU K 144 -5.11 23.42 -50.60
CA GLU K 144 -6.56 23.40 -50.54
C GLU K 144 -7.04 24.36 -49.44
N ILE K 145 -8.08 25.14 -49.75
CA ILE K 145 -8.65 26.09 -48.81
C ILE K 145 -9.36 25.32 -47.69
N TYR K 146 -9.06 25.72 -46.44
CA TYR K 146 -9.60 25.06 -45.27
C TYR K 146 -11.05 25.47 -45.05
N GLN K 147 -11.94 24.47 -45.06
CA GLN K 147 -13.36 24.66 -44.84
C GLN K 147 -13.67 24.43 -43.37
N ALA K 148 -13.92 25.53 -42.65
CA ALA K 148 -14.20 25.49 -41.22
C ALA K 148 -15.71 25.61 -40.97
N GLY K 149 -16.41 26.19 -41.96
CA GLY K 149 -17.86 26.34 -41.90
C GLY K 149 -18.59 25.15 -42.51
N SER K 150 -19.92 25.21 -42.48
CA SER K 150 -20.76 24.18 -43.07
C SER K 150 -20.89 24.41 -44.57
N THR K 151 -20.89 25.69 -44.98
CA THR K 151 -21.03 26.08 -46.37
C THR K 151 -19.71 25.84 -47.12
N PRO K 152 -19.75 25.18 -48.30
CA PRO K 152 -18.56 25.01 -49.13
C PRO K 152 -18.07 26.32 -49.71
N CYS K 153 -16.75 26.44 -49.88
CA CYS K 153 -16.12 27.60 -50.50
C CYS K 153 -15.06 27.12 -51.48
N ASN K 154 -15.52 26.38 -52.49
CA ASN K 154 -14.66 25.66 -53.42
C ASN K 154 -13.67 26.60 -54.09
N GLY K 155 -12.40 26.51 -53.67
CA GLY K 155 -11.28 27.17 -54.31
C GLY K 155 -11.28 28.68 -54.11
N VAL K 156 -11.96 29.15 -53.06
CA VAL K 156 -12.06 30.57 -52.78
C VAL K 156 -11.97 30.81 -51.28
N GLU K 157 -11.15 31.81 -50.89
CA GLU K 157 -10.98 32.19 -49.51
C GLU K 157 -12.02 33.26 -49.16
N GLY K 158 -12.44 33.29 -47.89
CA GLY K 158 -13.43 34.25 -47.42
C GLY K 158 -13.77 34.06 -45.94
N PHE K 159 -15.07 34.11 -45.63
CA PHE K 159 -15.55 33.92 -44.27
C PHE K 159 -15.57 32.42 -43.96
N ASN K 160 -15.04 32.07 -42.79
CA ASN K 160 -14.98 30.69 -42.30
C ASN K 160 -14.12 29.83 -43.22
N CYS K 161 -13.41 30.47 -44.14
CA CYS K 161 -12.55 29.78 -45.08
C CYS K 161 -11.18 30.47 -45.14
N TYR K 162 -10.13 29.70 -44.85
CA TYR K 162 -8.81 30.26 -44.63
C TYR K 162 -7.79 29.51 -45.48
N PHE K 163 -6.70 30.22 -45.82
CA PHE K 163 -5.54 29.62 -46.47
C PHE K 163 -4.74 28.86 -45.40
N PRO K 164 -4.53 27.53 -45.57
CA PRO K 164 -4.01 26.70 -44.49
C PRO K 164 -2.61 27.07 -44.00
N LEU K 165 -1.80 27.65 -44.90
CA LEU K 165 -0.41 27.95 -44.60
C LEU K 165 -0.26 29.42 -44.23
N GLN K 166 0.25 29.67 -43.02
CA GLN K 166 0.51 31.02 -42.55
C GLN K 166 2.00 31.22 -42.33
N SER K 167 2.45 32.47 -42.44
CA SER K 167 3.86 32.80 -42.45
C SER K 167 4.34 33.19 -41.06
N TYR K 168 5.44 32.57 -40.62
CA TYR K 168 6.15 33.00 -39.43
C TYR K 168 6.69 34.41 -39.65
N GLY K 169 6.64 35.22 -38.60
CA GLY K 169 7.23 36.55 -38.62
C GLY K 169 8.44 36.63 -37.72
N PHE K 170 9.63 36.70 -38.33
CA PHE K 170 10.88 36.70 -37.58
C PHE K 170 11.53 38.07 -37.66
N GLN K 171 11.52 38.77 -36.51
CA GLN K 171 12.18 40.05 -36.35
C GLN K 171 13.38 39.87 -35.42
N PRO K 172 14.46 40.67 -35.58
CA PRO K 172 15.64 40.55 -34.72
C PRO K 172 15.38 40.88 -33.25
N THR K 173 14.26 41.56 -32.99
CA THR K 173 13.94 42.05 -31.65
C THR K 173 12.83 41.20 -31.04
N ASN K 174 12.62 40.00 -31.59
CA ASN K 174 11.64 39.05 -31.08
C ASN K 174 12.06 38.58 -29.69
N GLY K 175 11.08 38.13 -28.91
CA GLY K 175 11.32 37.42 -27.66
C GLY K 175 11.89 36.03 -27.94
N VAL K 176 12.44 35.41 -26.89
CA VAL K 176 13.14 34.13 -27.01
C VAL K 176 12.23 33.10 -27.68
N GLY K 177 10.96 33.08 -27.27
CA GLY K 177 10.00 32.09 -27.73
C GLY K 177 9.49 32.34 -29.15
N TYR K 178 9.74 33.56 -29.65
CA TYR K 178 9.27 33.96 -30.97
C TYR K 178 10.44 34.03 -31.96
N GLN K 179 11.66 33.84 -31.43
CA GLN K 179 12.86 33.79 -32.24
C GLN K 179 12.91 32.47 -33.01
N PRO K 180 13.46 32.46 -34.25
CA PRO K 180 13.51 31.24 -35.04
C PRO K 180 14.57 30.25 -34.55
N TYR K 181 14.25 28.96 -34.67
CA TYR K 181 15.13 27.88 -34.27
C TYR K 181 15.21 26.85 -35.40
N ARG K 182 16.44 26.53 -35.82
CA ARG K 182 16.65 25.49 -36.81
C ARG K 182 16.73 24.14 -36.08
N VAL K 183 16.02 23.15 -36.63
CA VAL K 183 15.82 21.87 -35.98
C VAL K 183 16.24 20.76 -36.94
N VAL K 184 17.06 19.82 -36.44
CA VAL K 184 17.43 18.62 -37.17
C VAL K 184 16.96 17.40 -36.39
N VAL K 185 16.21 16.53 -37.06
CA VAL K 185 15.73 15.29 -36.45
C VAL K 185 16.41 14.12 -37.14
N LEU K 186 17.34 13.48 -36.41
CA LEU K 186 18.04 12.30 -36.88
C LEU K 186 17.24 11.06 -36.47
N SER K 187 16.64 10.39 -37.47
CA SER K 187 15.85 9.20 -37.25
C SER K 187 16.66 7.98 -37.65
N PHE K 188 16.75 7.01 -36.73
CA PHE K 188 17.50 5.78 -36.96
C PHE K 188 16.53 4.66 -37.35
N GLU K 189 16.88 3.94 -38.42
CA GLU K 189 16.04 2.88 -38.96
C GLU K 189 16.57 1.52 -38.53
N LEU K 190 15.65 0.61 -38.21
CA LEU K 190 15.98 -0.71 -37.68
C LEU K 190 15.30 -1.78 -38.53
N LEU K 191 15.45 -1.68 -39.85
CA LEU K 191 14.82 -2.58 -40.80
C LEU K 191 15.59 -3.91 -40.82
N HIS K 192 14.87 -5.00 -41.16
CA HIS K 192 15.43 -6.34 -41.21
C HIS K 192 16.23 -6.53 -42.49
N ALA K 193 17.33 -5.78 -42.61
CA ALA K 193 18.24 -5.82 -43.74
C ALA K 193 19.63 -5.44 -43.26
N PRO K 194 20.71 -5.84 -43.97
CA PRO K 194 22.08 -5.47 -43.58
C PRO K 194 22.23 -3.98 -43.29
N ALA K 195 22.77 -3.68 -42.10
CA ALA K 195 23.01 -2.31 -41.66
C ALA K 195 24.14 -1.69 -42.49
N THR K 196 24.07 -0.37 -42.68
CA THR K 196 25.01 0.33 -43.54
C THR K 196 25.72 1.44 -42.77
N VAL K 197 24.98 2.18 -41.94
CA VAL K 197 25.53 3.28 -41.18
C VAL K 197 25.94 2.78 -39.79
N CYS K 198 27.25 2.78 -39.54
CA CYS K 198 27.82 2.37 -38.27
C CYS K 198 28.73 3.47 -37.74
N GLY K 199 28.97 3.47 -36.42
CA GLY K 199 29.86 4.44 -35.79
C GLY K 199 31.33 4.13 -36.05
N PRO K 200 32.27 4.84 -35.39
CA PRO K 200 33.70 4.58 -35.54
C PRO K 200 34.07 3.10 -35.39
N LYS K 201 35.13 2.70 -36.10
CA LYS K 201 35.58 1.31 -36.20
C LYS K 201 36.04 0.80 -34.86
N LYS K 202 36.52 1.71 -34.00
CA LYS K 202 37.04 1.36 -32.68
C LYS K 202 35.88 1.21 -31.69
N SER K 203 34.67 1.54 -32.14
CA SER K 203 33.47 1.43 -31.32
C SER K 203 32.63 0.22 -31.73
N THR K 204 32.31 0.14 -33.02
CA THR K 204 31.56 -0.98 -33.57
C THR K 204 32.24 -1.48 -34.85
N ARG L 1 -44.41 -31.62 -1.07
CA ARG L 1 -45.56 -31.96 -1.95
C ARG L 1 -45.04 -32.70 -3.19
N PHE L 2 -45.08 -34.03 -3.13
CA PHE L 2 -44.51 -34.88 -4.17
C PHE L 2 -45.56 -35.86 -4.69
N PRO L 3 -45.70 -35.99 -6.03
CA PRO L 3 -46.51 -37.06 -6.63
C PRO L 3 -45.89 -38.44 -6.38
N ASN L 4 -46.72 -39.48 -6.52
CA ASN L 4 -46.32 -40.85 -6.24
C ASN L 4 -45.57 -41.43 -7.44
N ILE L 5 -45.90 -40.92 -8.64
CA ILE L 5 -45.36 -41.44 -9.89
C ILE L 5 -43.95 -40.88 -10.11
N THR L 6 -43.53 -39.97 -9.22
CA THR L 6 -42.25 -39.30 -9.32
C THR L 6 -41.11 -40.31 -9.20
N ASN L 7 -40.18 -40.25 -10.17
CA ASN L 7 -39.01 -41.09 -10.22
C ASN L 7 -37.81 -40.28 -9.71
N LEU L 8 -37.82 -39.99 -8.40
CA LEU L 8 -36.81 -39.15 -7.78
C LEU L 8 -35.54 -39.96 -7.51
N CYS L 9 -34.42 -39.26 -7.30
CA CYS L 9 -33.11 -39.88 -7.22
C CYS L 9 -32.90 -40.54 -5.86
N PRO L 10 -32.21 -41.70 -5.82
CA PRO L 10 -32.06 -42.47 -4.58
C PRO L 10 -30.94 -41.93 -3.68
N PHE L 11 -31.26 -40.89 -2.91
CA PHE L 11 -30.31 -40.33 -1.96
C PHE L 11 -30.44 -41.06 -0.62
N GLY L 12 -31.56 -41.77 -0.45
CA GLY L 12 -31.80 -42.57 0.75
C GLY L 12 -30.94 -43.83 0.76
N GLU L 13 -30.74 -44.41 -0.42
CA GLU L 13 -30.02 -45.67 -0.58
C GLU L 13 -28.54 -45.46 -0.29
N VAL L 14 -28.04 -44.27 -0.60
CA VAL L 14 -26.63 -43.93 -0.41
C VAL L 14 -26.39 -43.66 1.07
N PHE L 15 -27.16 -42.71 1.63
CA PHE L 15 -26.93 -42.20 2.97
C PHE L 15 -27.31 -43.24 4.02
N ASN L 16 -28.46 -43.90 3.83
CA ASN L 16 -29.00 -44.81 4.83
C ASN L 16 -28.58 -46.25 4.52
N ALA L 17 -27.42 -46.41 3.87
CA ALA L 17 -26.85 -47.72 3.62
C ALA L 17 -26.33 -48.30 4.92
N THR L 18 -26.49 -49.62 5.08
CA THR L 18 -26.11 -50.33 6.30
C THR L 18 -24.58 -50.38 6.41
N ARG L 19 -23.94 -50.89 5.37
CA ARG L 19 -22.50 -51.10 5.36
C ARG L 19 -21.86 -50.28 4.25
N PHE L 20 -20.95 -49.38 4.66
CA PHE L 20 -20.11 -48.64 3.73
C PHE L 20 -18.79 -49.37 3.55
N ALA L 21 -18.18 -49.20 2.38
CA ALA L 21 -16.89 -49.81 2.07
C ALA L 21 -15.78 -49.07 2.80
N SER L 22 -14.60 -49.68 2.84
CA SER L 22 -13.41 -49.06 3.41
C SER L 22 -12.96 -47.92 2.50
N VAL L 23 -12.32 -46.91 3.10
CA VAL L 23 -11.92 -45.71 2.39
C VAL L 23 -10.95 -46.06 1.27
N TYR L 24 -10.16 -47.12 1.46
CA TYR L 24 -9.18 -47.56 0.48
C TYR L 24 -9.91 -48.02 -0.79
N ALA L 25 -11.03 -48.72 -0.60
CA ALA L 25 -11.84 -49.22 -1.71
C ALA L 25 -13.21 -48.54 -1.67
N TRP L 26 -13.20 -47.21 -1.83
CA TRP L 26 -14.40 -46.39 -1.68
C TRP L 26 -15.44 -46.76 -2.73
N ASN L 27 -16.69 -46.87 -2.26
CA ASN L 27 -17.83 -47.30 -3.07
C ASN L 27 -18.37 -46.11 -3.85
N ARG L 28 -18.77 -46.37 -5.10
CA ARG L 28 -19.27 -45.34 -6.00
C ARG L 28 -20.62 -45.77 -6.58
N LYS L 29 -21.62 -44.89 -6.45
CA LYS L 29 -22.93 -45.09 -7.06
C LYS L 29 -23.13 -44.02 -8.13
N ARG L 30 -23.65 -44.44 -9.29
CA ARG L 30 -23.91 -43.54 -10.39
C ARG L 30 -25.41 -43.24 -10.45
N ILE L 31 -25.76 -41.96 -10.37
CA ILE L 31 -27.14 -41.52 -10.34
C ILE L 31 -27.45 -40.78 -11.65
N SER L 32 -28.44 -41.30 -12.39
CA SER L 32 -28.83 -40.74 -13.67
C SER L 32 -30.33 -40.89 -13.89
N ASN L 33 -30.88 -40.02 -14.74
CA ASN L 33 -32.26 -40.07 -15.22
C ASN L 33 -33.24 -40.07 -14.04
N CYS L 34 -33.22 -38.98 -13.27
CA CYS L 34 -34.14 -38.81 -12.15
C CYS L 34 -34.17 -37.35 -11.70
N VAL L 35 -35.12 -37.04 -10.80
CA VAL L 35 -35.30 -35.71 -10.25
C VAL L 35 -34.85 -35.71 -8.79
N ALA L 36 -33.72 -35.06 -8.53
CA ALA L 36 -33.07 -35.08 -7.22
C ALA L 36 -33.70 -34.05 -6.30
N ASP L 37 -34.30 -34.54 -5.21
CA ASP L 37 -34.72 -33.67 -4.12
C ASP L 37 -33.61 -33.63 -3.07
N TYR L 38 -32.96 -32.47 -2.97
CA TYR L 38 -31.84 -32.29 -2.05
C TYR L 38 -32.38 -31.84 -0.69
N SER L 39 -33.69 -31.57 -0.64
CA SER L 39 -34.35 -31.05 0.55
C SER L 39 -34.31 -32.08 1.68
N VAL L 40 -34.01 -33.34 1.32
CA VAL L 40 -33.94 -34.44 2.27
C VAL L 40 -32.68 -34.29 3.14
N LEU L 41 -31.66 -33.64 2.58
CA LEU L 41 -30.35 -33.54 3.21
C LEU L 41 -30.31 -32.34 4.15
N TYR L 42 -31.38 -31.54 4.13
CA TYR L 42 -31.42 -30.31 4.91
C TYR L 42 -31.75 -30.61 6.37
N ASN L 43 -30.91 -30.08 7.27
CA ASN L 43 -31.13 -30.07 8.70
C ASN L 43 -31.25 -31.49 9.26
N SER L 44 -30.38 -32.39 8.78
CA SER L 44 -30.24 -33.70 9.39
C SER L 44 -29.49 -33.54 10.71
N ALA L 45 -30.14 -33.99 11.80
CA ALA L 45 -29.69 -33.71 13.16
C ALA L 45 -28.43 -34.51 13.51
N SER L 46 -28.02 -35.40 12.59
CA SER L 46 -26.89 -36.28 12.82
C SER L 46 -25.64 -35.78 12.10
N PHE L 47 -25.83 -34.92 11.09
CA PHE L 47 -24.73 -34.44 10.26
C PHE L 47 -23.77 -33.57 11.07
N SER L 48 -22.48 -33.88 10.95
CA SER L 48 -21.41 -33.14 11.62
C SER L 48 -20.75 -32.18 10.64
N THR L 49 -20.68 -32.61 9.36
CA THR L 49 -20.04 -31.86 8.31
C THR L 49 -20.93 -31.86 7.08
N PHE L 50 -21.40 -30.66 6.70
CA PHE L 50 -22.09 -30.46 5.43
C PHE L 50 -21.50 -29.25 4.72
N LYS L 51 -20.64 -29.52 3.73
CA LYS L 51 -19.93 -28.48 3.00
C LYS L 51 -20.02 -28.78 1.51
N CYS L 52 -20.22 -27.72 0.71
CA CYS L 52 -20.33 -27.83 -0.73
C CYS L 52 -19.24 -27.00 -1.40
N TYR L 53 -18.86 -27.42 -2.61
CA TYR L 53 -17.76 -26.81 -3.36
C TYR L 53 -18.21 -26.55 -4.79
N GLY L 54 -18.10 -25.28 -5.20
CA GLY L 54 -18.45 -24.86 -6.56
C GLY L 54 -19.89 -24.39 -6.67
N VAL L 55 -20.73 -24.82 -5.72
CA VAL L 55 -22.14 -24.47 -5.66
C VAL L 55 -22.50 -24.09 -4.23
N SER L 56 -23.60 -23.35 -4.08
CA SER L 56 -24.20 -23.10 -2.78
C SER L 56 -25.23 -24.19 -2.49
N PRO L 57 -25.27 -24.74 -1.25
CA PRO L 57 -26.22 -25.80 -0.90
C PRO L 57 -27.67 -25.35 -0.93
N THR L 58 -27.87 -24.03 -0.91
CA THR L 58 -29.20 -23.42 -0.90
C THR L 58 -29.78 -23.38 -2.32
N LYS L 59 -28.93 -23.68 -3.32
CA LYS L 59 -29.30 -23.53 -4.71
C LYS L 59 -29.28 -24.87 -5.43
N LEU L 60 -29.31 -25.97 -4.65
CA LEU L 60 -29.16 -27.31 -5.19
C LEU L 60 -30.42 -27.69 -5.98
N ASN L 61 -31.60 -27.28 -5.48
CA ASN L 61 -32.87 -27.66 -6.05
C ASN L 61 -33.12 -26.93 -7.37
N ASP L 62 -32.14 -26.11 -7.78
CA ASP L 62 -32.29 -25.25 -8.96
C ASP L 62 -31.45 -25.77 -10.12
N LEU L 63 -30.47 -26.63 -9.82
CA LEU L 63 -29.42 -26.96 -10.77
C LEU L 63 -29.69 -28.30 -11.45
N CYS L 64 -29.12 -28.43 -12.66
CA CYS L 64 -29.21 -29.65 -13.47
C CYS L 64 -27.80 -30.11 -13.83
N PHE L 65 -27.58 -31.43 -13.72
CA PHE L 65 -26.29 -32.03 -14.03
C PHE L 65 -26.51 -33.26 -14.91
N THR L 66 -25.48 -33.61 -15.70
CA THR L 66 -25.53 -34.71 -16.63
C THR L 66 -25.42 -36.04 -15.88
N ASN L 67 -24.64 -36.02 -14.79
CA ASN L 67 -24.45 -37.18 -13.93
C ASN L 67 -24.18 -36.71 -12.50
N VAL L 68 -24.62 -37.51 -11.54
CA VAL L 68 -24.27 -37.31 -10.14
C VAL L 68 -23.63 -38.60 -9.61
N TYR L 69 -22.48 -38.46 -8.95
CA TYR L 69 -21.75 -39.59 -8.42
C TYR L 69 -21.71 -39.50 -6.90
N ALA L 70 -22.11 -40.60 -6.24
CA ALA L 70 -22.14 -40.67 -4.79
C ALA L 70 -21.04 -41.63 -4.31
N ASP L 71 -20.04 -41.05 -3.62
CA ASP L 71 -18.93 -41.81 -3.08
C ASP L 71 -19.09 -41.93 -1.56
N SER L 72 -18.87 -43.14 -1.05
CA SER L 72 -19.16 -43.44 0.35
C SER L 72 -18.06 -44.30 0.96
N PHE L 73 -17.65 -43.94 2.19
CA PHE L 73 -16.62 -44.64 2.94
C PHE L 73 -16.64 -44.21 4.40
N VAL L 74 -15.93 -44.96 5.25
CA VAL L 74 -15.81 -44.68 6.67
C VAL L 74 -14.35 -44.34 6.99
N ILE L 75 -14.16 -43.29 7.79
CA ILE L 75 -12.85 -42.83 8.21
C ILE L 75 -12.92 -42.41 9.69
N ARG L 76 -11.76 -42.02 10.24
CA ARG L 76 -11.67 -41.47 11.57
C ARG L 76 -12.20 -40.03 11.56
N GLY L 77 -12.51 -39.52 12.77
CA GLY L 77 -13.00 -38.17 12.93
C GLY L 77 -11.92 -37.12 12.69
N ASP L 78 -10.66 -37.52 12.93
CA ASP L 78 -9.51 -36.64 12.80
C ASP L 78 -9.33 -36.20 11.35
N GLU L 79 -9.70 -37.07 10.42
CA GLU L 79 -9.30 -36.93 9.02
C GLU L 79 -10.51 -36.68 8.12
N VAL L 80 -11.55 -36.06 8.67
CA VAL L 80 -12.71 -35.65 7.90
C VAL L 80 -12.32 -34.48 7.00
N ARG L 81 -11.41 -33.64 7.51
CA ARG L 81 -10.93 -32.44 6.85
C ARG L 81 -10.20 -32.79 5.55
N GLN L 82 -9.68 -34.02 5.48
CA GLN L 82 -8.90 -34.48 4.34
C GLN L 82 -9.79 -34.70 3.13
N ILE L 83 -11.10 -34.83 3.36
CA ILE L 83 -12.06 -35.06 2.30
C ILE L 83 -12.55 -33.71 1.78
N ALA L 84 -11.63 -32.99 1.12
CA ALA L 84 -11.87 -31.67 0.57
C ALA L 84 -10.83 -31.38 -0.51
N PRO L 85 -11.10 -30.45 -1.46
CA PRO L 85 -10.08 -30.01 -2.41
C PRO L 85 -8.88 -29.39 -1.73
N GLY L 86 -7.69 -29.61 -2.31
CA GLY L 86 -6.44 -29.04 -1.84
C GLY L 86 -6.11 -29.50 -0.41
N GLN L 87 -6.08 -30.82 -0.22
CA GLN L 87 -5.82 -31.39 1.09
C GLN L 87 -4.72 -32.45 0.97
N THR L 88 -3.80 -32.42 1.95
CA THR L 88 -2.76 -33.42 2.09
C THR L 88 -3.11 -34.33 3.25
N GLY L 89 -2.44 -35.49 3.31
CA GLY L 89 -2.70 -36.48 4.33
C GLY L 89 -2.70 -37.90 3.76
N LYS L 90 -2.77 -38.89 4.66
CA LYS L 90 -2.59 -40.28 4.28
C LYS L 90 -3.80 -40.81 3.52
N ILE L 91 -5.00 -40.32 3.88
CA ILE L 91 -6.21 -40.77 3.22
C ILE L 91 -6.56 -39.83 2.06
N ALA L 92 -5.98 -38.61 2.09
CA ALA L 92 -6.18 -37.64 1.05
C ALA L 92 -5.25 -37.92 -0.13
N ASP L 93 -4.08 -38.49 0.18
CA ASP L 93 -3.05 -38.73 -0.82
C ASP L 93 -3.15 -40.17 -1.35
N TYR L 94 -3.35 -41.12 -0.44
CA TYR L 94 -3.20 -42.53 -0.76
C TYR L 94 -4.54 -43.25 -0.83
N ASN L 95 -5.64 -42.56 -0.51
CA ASN L 95 -6.94 -43.23 -0.42
C ASN L 95 -7.97 -42.59 -1.34
N TYR L 96 -8.36 -41.34 -1.02
CA TYR L 96 -9.41 -40.67 -1.77
C TYR L 96 -9.00 -39.23 -2.08
N LYS L 97 -8.71 -38.98 -3.36
CA LYS L 97 -8.22 -37.68 -3.80
C LYS L 97 -9.34 -36.92 -4.51
N LEU L 98 -9.59 -35.69 -4.01
CA LEU L 98 -10.53 -34.78 -4.64
C LEU L 98 -9.75 -33.72 -5.43
N PRO L 99 -10.22 -33.35 -6.64
CA PRO L 99 -9.55 -32.30 -7.43
C PRO L 99 -9.78 -30.92 -6.83
N ASP L 100 -9.09 -29.92 -7.37
CA ASP L 100 -9.13 -28.56 -6.84
C ASP L 100 -10.28 -27.79 -7.49
N ASP L 101 -10.72 -28.26 -8.67
CA ASP L 101 -11.83 -27.69 -9.40
C ASP L 101 -13.10 -28.50 -9.13
N PHE L 102 -13.15 -29.08 -7.92
CA PHE L 102 -14.19 -30.03 -7.54
C PHE L 102 -15.55 -29.33 -7.44
N THR L 103 -16.54 -29.88 -8.14
CA THR L 103 -17.90 -29.39 -8.11
C THR L 103 -18.79 -30.47 -7.48
N GLY L 104 -19.07 -30.30 -6.19
CA GLY L 104 -19.89 -31.26 -5.45
C GLY L 104 -20.05 -30.85 -3.99
N CYS L 105 -20.40 -31.84 -3.15
CA CYS L 105 -20.60 -31.63 -1.72
C CYS L 105 -20.10 -32.84 -0.94
N VAL L 106 -19.59 -32.58 0.27
CA VAL L 106 -19.11 -33.63 1.15
C VAL L 106 -19.90 -33.58 2.45
N ILE L 107 -20.41 -34.74 2.89
CA ILE L 107 -21.21 -34.87 4.08
C ILE L 107 -20.63 -35.97 4.96
N ALA L 108 -20.59 -35.73 6.28
CA ALA L 108 -20.02 -36.66 7.24
C ALA L 108 -20.84 -36.64 8.53
N TRP L 109 -20.98 -37.82 9.14
CA TRP L 109 -21.65 -37.94 10.43
C TRP L 109 -21.00 -39.06 11.26
N ASN L 110 -21.07 -38.90 12.59
CA ASN L 110 -20.45 -39.81 13.54
C ASN L 110 -21.30 -41.08 13.67
N SER L 111 -20.67 -42.23 13.42
CA SER L 111 -21.34 -43.52 13.53
C SER L 111 -20.67 -44.36 14.62
N LYS L 112 -20.49 -43.73 15.79
CA LYS L 112 -19.93 -44.35 16.98
C LYS L 112 -20.68 -45.65 17.27
N ASN L 113 -22.02 -45.58 17.21
CA ASN L 113 -22.90 -46.64 17.65
C ASN L 113 -22.92 -47.79 16.63
N LEU L 114 -22.67 -47.44 15.36
CA LEU L 114 -22.83 -48.40 14.27
C LEU L 114 -21.53 -49.14 14.00
N ASP L 115 -20.39 -48.45 14.15
CA ASP L 115 -19.15 -48.94 13.59
C ASP L 115 -18.11 -49.22 14.67
N SER L 116 -18.35 -48.75 15.90
CA SER L 116 -17.44 -49.05 17.00
C SER L 116 -18.09 -50.02 17.98
N LYS L 117 -17.52 -51.23 18.07
CA LYS L 117 -17.98 -52.24 19.00
C LYS L 117 -16.94 -52.39 20.12
N VAL L 118 -17.38 -52.91 21.26
CA VAL L 118 -16.48 -53.28 22.35
C VAL L 118 -15.67 -54.49 21.89
N GLY L 119 -14.34 -54.38 22.05
CA GLY L 119 -13.43 -55.38 21.52
C GLY L 119 -12.81 -54.94 20.21
N GLY L 120 -13.36 -53.85 19.65
CA GLY L 120 -12.80 -53.19 18.48
C GLY L 120 -13.37 -53.71 17.17
N ASN L 121 -13.67 -52.77 16.27
CA ASN L 121 -14.03 -53.08 14.89
C ASN L 121 -12.82 -52.80 14.00
N TYR L 122 -12.33 -53.85 13.34
CA TYR L 122 -11.12 -53.79 12.55
C TYR L 122 -11.43 -54.18 11.10
N ASN L 123 -12.70 -54.04 10.72
CA ASN L 123 -13.17 -54.46 9.41
C ASN L 123 -12.93 -53.35 8.38
N TYR L 124 -12.74 -52.13 8.86
CA TYR L 124 -12.48 -50.98 8.00
C TYR L 124 -10.97 -50.81 7.80
N LEU L 125 -10.56 -50.70 6.53
CA LEU L 125 -9.16 -50.64 6.16
C LEU L 125 -8.85 -49.29 5.50
N TYR L 126 -7.56 -48.96 5.45
CA TYR L 126 -7.05 -47.79 4.74
C TYR L 126 -5.58 -48.03 4.36
N ARG L 127 -5.16 -47.42 3.25
CA ARG L 127 -3.78 -47.52 2.79
C ARG L 127 -2.92 -46.52 3.58
N LEU L 128 -1.76 -47.00 4.04
CA LEU L 128 -0.87 -46.21 4.89
C LEU L 128 0.21 -45.56 4.05
N PHE L 129 0.66 -46.25 2.99
CA PHE L 129 1.67 -45.73 2.08
C PHE L 129 1.61 -46.44 0.73
N ARG L 130 1.83 -45.66 -0.33
CA ARG L 130 2.12 -46.18 -1.66
C ARG L 130 3.16 -45.27 -2.32
N LYS L 131 3.61 -45.67 -3.53
CA LYS L 131 4.69 -45.00 -4.24
C LYS L 131 4.40 -43.51 -4.37
N SER L 132 3.35 -43.17 -5.13
CA SER L 132 2.98 -41.79 -5.40
C SER L 132 1.57 -41.52 -4.92
N ASN L 133 1.19 -40.24 -4.86
CA ASN L 133 -0.14 -39.81 -4.48
C ASN L 133 -1.13 -40.16 -5.60
N LEU L 134 -2.40 -40.31 -5.21
CA LEU L 134 -3.45 -40.73 -6.14
C LEU L 134 -3.89 -39.54 -6.99
N LYS L 135 -4.28 -39.86 -8.24
CA LYS L 135 -4.96 -38.93 -9.12
C LYS L 135 -6.33 -38.62 -8.54
N PRO L 136 -6.98 -37.50 -8.92
CA PRO L 136 -8.35 -37.22 -8.47
C PRO L 136 -9.32 -38.30 -8.93
N PHE L 137 -10.02 -38.90 -7.95
CA PHE L 137 -11.01 -39.94 -8.15
C PHE L 137 -10.35 -41.25 -8.60
N GLU L 138 -9.05 -41.40 -8.33
CA GLU L 138 -8.37 -42.65 -8.58
C GLU L 138 -8.65 -43.60 -7.42
N ARG L 139 -8.96 -44.85 -7.75
CA ARG L 139 -9.24 -45.88 -6.75
C ARG L 139 -8.13 -46.92 -6.78
N ASP L 140 -7.45 -47.07 -5.63
CA ASP L 140 -6.34 -48.00 -5.52
C ASP L 140 -6.77 -49.20 -4.68
N ILE L 141 -6.76 -50.39 -5.31
CA ILE L 141 -7.17 -51.62 -4.67
C ILE L 141 -6.06 -52.66 -4.84
N SER L 142 -4.82 -52.19 -4.89
CA SER L 142 -3.65 -53.05 -4.99
C SER L 142 -3.23 -53.53 -3.61
N THR L 143 -2.67 -54.74 -3.55
CA THR L 143 -2.28 -55.36 -2.29
C THR L 143 -0.83 -55.83 -2.36
N GLU L 144 0.01 -55.07 -3.07
CA GLU L 144 1.42 -55.37 -3.18
C GLU L 144 2.17 -54.70 -2.01
N ILE L 145 3.13 -55.44 -1.45
CA ILE L 145 3.91 -55.02 -0.30
C ILE L 145 4.71 -53.78 -0.68
N TYR L 146 4.65 -52.76 0.18
CA TYR L 146 5.38 -51.51 -0.04
C TYR L 146 6.86 -51.72 0.26
N GLN L 147 7.70 -51.26 -0.69
CA GLN L 147 9.15 -51.34 -0.57
C GLN L 147 9.68 -49.98 -0.11
N ALA L 148 10.27 -49.97 1.09
CA ALA L 148 10.73 -48.74 1.72
C ALA L 148 12.18 -48.45 1.35
N GLY L 149 12.93 -49.50 1.00
CA GLY L 149 14.34 -49.37 0.68
C GLY L 149 14.73 -50.04 -0.63
N SER L 150 16.01 -50.37 -0.76
CA SER L 150 16.56 -51.05 -1.93
C SER L 150 16.30 -52.55 -1.83
N THR L 151 16.03 -53.01 -0.59
CA THR L 151 15.79 -54.41 -0.30
C THR L 151 14.45 -54.82 -0.91
N PRO L 152 14.45 -55.76 -1.89
CA PRO L 152 13.20 -56.26 -2.49
C PRO L 152 12.37 -57.01 -1.45
N CYS L 153 11.04 -56.99 -1.65
CA CYS L 153 10.11 -57.55 -0.67
C CYS L 153 9.73 -58.98 -1.06
N ASN L 154 9.47 -59.19 -2.36
CA ASN L 154 9.12 -60.49 -2.92
C ASN L 154 7.83 -61.01 -2.28
N GLY L 155 6.98 -60.08 -1.81
CA GLY L 155 5.64 -60.40 -1.34
C GLY L 155 5.63 -60.99 0.08
N VAL L 156 6.41 -60.37 0.98
CA VAL L 156 6.42 -60.77 2.38
C VAL L 156 6.73 -59.54 3.24
N GLU L 157 6.05 -59.45 4.39
CA GLU L 157 6.32 -58.43 5.38
C GLU L 157 7.67 -58.72 6.04
N GLY L 158 8.40 -57.66 6.38
CA GLY L 158 9.72 -57.79 6.98
C GLY L 158 10.21 -56.50 7.63
N PHE L 159 11.48 -56.18 7.36
CA PHE L 159 12.18 -55.07 8.00
C PHE L 159 11.70 -53.74 7.40
N ASN L 160 12.00 -53.53 6.11
CA ASN L 160 11.56 -52.34 5.39
C ASN L 160 10.46 -52.70 4.41
N CYS L 161 9.79 -53.83 4.67
CA CYS L 161 8.65 -54.27 3.87
C CYS L 161 7.40 -54.22 4.73
N TYR L 162 6.34 -53.61 4.18
CA TYR L 162 5.11 -53.40 4.92
C TYR L 162 3.90 -53.67 4.03
N PHE L 163 2.89 -54.33 4.62
CA PHE L 163 1.59 -54.54 3.99
C PHE L 163 0.88 -53.19 3.86
N PRO L 164 0.49 -52.80 2.62
CA PRO L 164 0.03 -51.42 2.35
C PRO L 164 -1.20 -50.98 3.14
N LEU L 165 -2.05 -51.93 3.52
CA LEU L 165 -3.30 -51.62 4.21
C LEU L 165 -3.12 -51.84 5.70
N GLN L 166 -3.85 -51.03 6.50
CA GLN L 166 -3.89 -51.16 7.95
C GLN L 166 -5.32 -50.99 8.41
N SER L 167 -5.68 -51.71 9.49
CA SER L 167 -7.04 -51.75 9.99
C SER L 167 -7.27 -50.62 11.00
N TYR L 168 -8.38 -49.91 10.84
CA TYR L 168 -8.84 -48.94 11.83
C TYR L 168 -9.24 -49.68 13.10
N GLY L 169 -9.11 -49.01 14.24
CA GLY L 169 -9.50 -49.58 15.52
C GLY L 169 -10.56 -48.73 16.21
N PHE L 170 -11.83 -49.10 16.01
CA PHE L 170 -12.95 -48.34 16.55
C PHE L 170 -13.51 -49.02 17.80
N GLN L 171 -13.37 -48.34 18.94
CA GLN L 171 -13.95 -48.76 20.20
C GLN L 171 -14.89 -47.66 20.69
N PRO L 172 -15.98 -48.00 21.42
CA PRO L 172 -16.95 -47.00 21.88
C PRO L 172 -16.39 -45.98 22.87
N THR L 173 -15.18 -46.24 23.37
CA THR L 173 -14.56 -45.36 24.36
C THR L 173 -13.43 -44.55 23.71
N ASN L 174 -13.38 -44.57 22.37
CA ASN L 174 -12.46 -43.75 21.60
C ASN L 174 -12.81 -42.29 21.80
N GLY L 175 -11.80 -41.41 21.65
CA GLY L 175 -12.01 -39.98 21.59
C GLY L 175 -12.71 -39.59 20.28
N VAL L 176 -13.09 -38.31 20.19
CA VAL L 176 -13.85 -37.80 19.06
C VAL L 176 -13.10 -38.08 17.75
N GLY L 177 -11.78 -37.86 17.78
CA GLY L 177 -10.95 -37.94 16.59
C GLY L 177 -10.78 -39.37 16.06
N TYR L 178 -10.81 -40.34 16.99
CA TYR L 178 -10.55 -41.73 16.64
C TYR L 178 -11.88 -42.48 16.45
N GLN L 179 -12.99 -41.76 16.67
CA GLN L 179 -14.32 -42.32 16.47
C GLN L 179 -14.61 -42.41 14.97
N PRO L 180 -15.41 -43.41 14.51
CA PRO L 180 -15.68 -43.59 13.09
C PRO L 180 -16.68 -42.57 12.55
N TYR L 181 -16.43 -42.10 11.32
CA TYR L 181 -17.32 -41.17 10.65
C TYR L 181 -17.67 -41.71 9.28
N ARG L 182 -18.99 -41.84 9.03
CA ARG L 182 -19.50 -42.21 7.71
C ARG L 182 -19.54 -40.97 6.84
N VAL L 183 -18.99 -41.08 5.63
CA VAL L 183 -18.77 -39.94 4.74
C VAL L 183 -19.37 -40.25 3.38
N VAL L 184 -20.11 -39.27 2.82
CA VAL L 184 -20.68 -39.35 1.49
C VAL L 184 -20.22 -38.13 0.69
N VAL L 185 -19.76 -38.38 -0.55
CA VAL L 185 -19.27 -37.33 -1.42
C VAL L 185 -20.10 -37.33 -2.71
N LEU L 186 -20.90 -36.28 -2.89
CA LEU L 186 -21.72 -36.11 -4.08
C LEU L 186 -20.95 -35.29 -5.10
N SER L 187 -20.75 -35.86 -6.29
CA SER L 187 -20.07 -35.18 -7.38
C SER L 187 -21.08 -34.78 -8.45
N PHE L 188 -21.05 -33.50 -8.84
CA PHE L 188 -21.90 -32.98 -9.90
C PHE L 188 -21.08 -32.79 -11.16
N GLU L 189 -21.61 -33.28 -12.28
CA GLU L 189 -20.87 -33.33 -13.54
C GLU L 189 -21.71 -32.74 -14.66
N LEU L 190 -21.06 -31.93 -15.51
CA LEU L 190 -21.67 -31.37 -16.71
C LEU L 190 -20.80 -31.75 -17.91
N LEU L 191 -20.93 -33.00 -18.36
CA LEU L 191 -20.05 -33.56 -19.38
C LEU L 191 -20.61 -33.31 -20.78
N HIS L 192 -20.80 -32.02 -21.11
CA HIS L 192 -21.22 -31.56 -22.43
C HIS L 192 -22.22 -32.53 -23.06
N ALA L 193 -23.32 -32.78 -22.33
CA ALA L 193 -24.35 -33.72 -22.76
C ALA L 193 -25.69 -33.28 -22.18
N PRO L 194 -26.84 -33.81 -22.70
CA PRO L 194 -28.14 -33.53 -22.10
C PRO L 194 -28.18 -33.93 -20.62
N ALA L 195 -28.62 -32.99 -19.78
CA ALA L 195 -28.71 -33.18 -18.34
C ALA L 195 -29.79 -34.21 -18.02
N THR L 196 -29.53 -35.03 -17.00
CA THR L 196 -30.41 -36.14 -16.64
C THR L 196 -30.86 -36.00 -15.18
N VAL L 197 -30.10 -35.23 -14.39
CA VAL L 197 -30.40 -35.05 -12.98
C VAL L 197 -30.72 -33.58 -12.73
N CYS L 198 -31.98 -33.31 -12.37
CA CYS L 198 -32.45 -31.96 -12.09
C CYS L 198 -33.22 -31.95 -10.77
N GLY L 199 -33.32 -30.77 -10.16
CA GLY L 199 -34.13 -30.58 -8.97
C GLY L 199 -35.62 -30.55 -9.30
N PRO L 200 -36.51 -30.37 -8.29
CA PRO L 200 -37.95 -30.23 -8.56
C PRO L 200 -38.22 -29.08 -9.53
N LYS L 201 -37.54 -27.95 -9.28
CA LYS L 201 -37.42 -26.84 -10.21
C LYS L 201 -38.81 -26.32 -10.61
C1 NAG M . 29.53 23.39 -38.98
C2 NAG M . 30.06 22.05 -38.47
C3 NAG M . 30.88 22.22 -37.20
C4 NAG M . 31.95 23.31 -37.38
C5 NAG M . 31.30 24.61 -37.90
C6 NAG M . 32.29 25.75 -38.11
C7 NAG M . 29.03 19.82 -38.56
C8 NAG M . 27.86 19.00 -38.11
N2 NAG M . 28.97 21.11 -38.24
O3 NAG M . 31.52 20.98 -36.87
O4 NAG M . 32.63 23.54 -36.14
O5 NAG M . 30.62 24.32 -39.12
O6 NAG M . 33.51 25.31 -38.72
O7 NAG M . 29.97 19.32 -39.16
C1 NAG M . 34.01 23.24 -35.91
C2 NAG M . 34.22 24.10 -34.66
C3 NAG M . 35.43 23.66 -33.85
C4 NAG M . 35.51 22.15 -33.68
C5 NAG M . 35.29 21.42 -35.02
C6 NAG M . 35.26 19.90 -34.84
C7 NAG M . 33.48 26.44 -34.77
C8 NAG M . 34.04 27.80 -34.48
N2 NAG M . 34.37 25.50 -35.05
O3 NAG M . 35.39 24.28 -32.56
O4 NAG M . 36.80 21.78 -33.15
O5 NAG M . 34.05 21.85 -35.57
O6 NAG M . 35.02 19.29 -36.11
O7 NAG M . 32.27 26.23 -34.74
C1 BMA M . 37.41 21.46 -31.89
C2 BMA M . 38.19 20.44 -31.06
C3 BMA M . 38.66 21.01 -29.73
C4 BMA M . 39.24 22.43 -29.84
C5 BMA M . 38.39 23.33 -30.75
C6 BMA M . 39.08 24.67 -30.99
O2 BMA M . 39.30 19.95 -31.81
O3 BMA M . 39.67 20.15 -29.16
O4 BMA M . 39.31 23.01 -28.53
O5 BMA M . 38.17 22.67 -32.00
O6 BMA M . 38.33 25.46 -31.93
C1 MAN M . 38.62 26.75 -32.57
C2 MAN M . 39.86 27.65 -32.69
C3 MAN M . 39.82 28.78 -31.67
C4 MAN M . 38.46 29.49 -31.61
C5 MAN M . 37.32 28.47 -31.55
C6 MAN M . 35.95 29.15 -31.59
O2 MAN M . 39.93 28.18 -34.02
O3 MAN M . 40.85 29.74 -31.97
O4 MAN M . 38.43 30.35 -30.47
O5 MAN M . 37.43 27.54 -32.62
O6 MAN M . 35.23 28.85 -30.39
C1 MAN M . 35.04 28.73 -28.96
C2 MAN M . 35.85 29.81 -28.24
C3 MAN M . 36.68 29.21 -27.09
C4 MAN M . 35.86 28.27 -26.19
C5 MAN M . 35.01 27.29 -27.01
C6 MAN M . 34.05 26.52 -26.11
O2 MAN M . 34.96 30.82 -27.73
O3 MAN M . 37.23 30.27 -26.30
O4 MAN M . 36.75 27.54 -25.35
O5 MAN M . 34.24 28.00 -28.00
O6 MAN M . 33.12 25.77 -26.91
C1 FUC M . 34.62 25.84 -39.50
C2 FUC M . 35.61 24.81 -40.04
C3 FUC M . 34.97 24.01 -41.18
C4 FUC M . 34.41 24.93 -42.27
C5 FUC M . 33.58 26.08 -41.66
C6 FUC M . 33.23 27.13 -42.71
O2 FUC M . 36.02 23.94 -38.98
O3 FUC M . 35.92 23.10 -41.75
O4 FUC M . 35.49 25.45 -43.07
O5 FUC M . 34.28 26.72 -40.59
C1 NAG N . -32.50 -41.76 6.37
C2 NAG N . -33.00 -40.59 5.51
C3 NAG N . -33.55 -39.47 6.40
C4 NAG N . -34.55 -40.02 7.42
C5 NAG N . -33.92 -41.18 8.20
C6 NAG N . -34.87 -41.79 9.22
C7 NAG N . -32.07 -39.90 3.36
C8 NAG N . -30.95 -39.17 2.69
N2 NAG N . -31.93 -40.08 4.67
O3 NAG N . -34.19 -38.48 5.58
O4 NAG N . -34.98 -38.97 8.30
O5 NAG N . -33.52 -42.19 7.27
O6 NAG N . -36.11 -42.17 8.63
O7 NAG N . -33.04 -40.31 2.73
C1 NAG N . -36.37 -38.60 8.28
C2 NAG N . -36.64 -37.77 9.53
C3 NAG N . -38.01 -37.08 9.49
C4 NAG N . -38.36 -36.50 8.12
C5 NAG N . -38.11 -37.53 7.02
C6 NAG N . -38.43 -37.01 5.63
C7 NAG N . -35.49 -38.70 11.48
C8 NAG N . -35.76 -38.56 12.96
N2 NAG N . -36.56 -38.62 10.70
O3 NAG N . -38.06 -36.03 10.47
O4 NAG N . -39.74 -36.08 8.13
O5 NAG N . -36.72 -37.90 7.08
O6 NAG N . -37.41 -37.37 4.69
O7 NAG N . -34.36 -38.88 11.05
C1 BMA N . -40.14 -34.70 8.03
C2 BMA N . -41.11 -34.45 6.87
C3 BMA N . -41.78 -33.07 6.99
C4 BMA N . -42.30 -32.79 8.40
C5 BMA N . -41.25 -33.13 9.47
C6 BMA N . -41.83 -33.00 10.88
O2 BMA N . -42.09 -35.49 6.82
O3 BMA N . -42.85 -32.96 6.05
O4 BMA N . -42.66 -31.40 8.50
O5 BMA N . -40.79 -34.48 9.30
O6 BMA N . -40.78 -32.71 11.79
C1 MAN N . -41.14 -33.52 12.97
C2 MAN N . -40.14 -32.89 13.95
C3 MAN N . -38.89 -33.77 14.10
C4 MAN N . -39.22 -35.26 14.28
C5 MAN N . -40.32 -35.74 13.33
C6 MAN N . -40.77 -37.16 13.69
O2 MAN N . -40.77 -32.70 15.22
O3 MAN N . -38.12 -33.32 15.22
O4 MAN N . -38.02 -36.01 14.04
O5 MAN N . -41.44 -34.85 13.38
O6 MAN N . -42.16 -37.35 13.41
C1 FUC N . -37.42 -42.80 8.70
C2 FUC N . -38.48 -42.74 7.59
C3 FUC N . -38.16 -43.74 6.48
C4 FUC N . -37.89 -45.14 7.06
C5 FUC N . -36.81 -45.05 8.13
C6 FUC N . -36.51 -46.42 8.75
O2 FUC N . -38.54 -41.42 7.05
O3 FUC N . -39.24 -43.79 5.54
O4 FUC N . -39.08 -45.65 7.65
O5 FUC N . -37.24 -44.15 9.16
CL CL O . 44.76 31.11 -41.57
CL CL P . 39.71 42.03 -61.50
CL CL Q . -39.43 -57.73 32.67
CL CL R . -38.82 -65.55 7.97
CL CL S . -36.05 -69.73 -9.71
S SO4 T . 21.94 -3.43 0.50
O1 SO4 T . 22.01 -3.69 1.90
O2 SO4 T . 20.91 -4.24 -0.09
O3 SO4 T . 23.20 -3.75 -0.12
O4 SO4 T . 21.65 -2.04 0.28
NA NA U . 20.14 18.49 -22.69
C1 PG5 V . 12.24 11.67 -2.17
O1 PG5 V . 13.26 12.33 -1.44
C2 PG5 V . 13.79 11.55 -0.40
C3 PG5 V . 14.16 12.41 0.78
O2 PG5 V . 15.57 12.39 0.95
C4 PG5 V . 16.08 13.58 1.53
C5 PG5 V . 17.55 13.68 1.31
O3 PG5 V . 17.89 14.99 0.87
C6 PG5 V . 18.65 15.72 1.83
C7 PG5 V . 18.96 17.09 1.31
O4 PG5 V . 17.97 18.02 1.71
C8 PG5 V . 18.53 19.23 2.19
CL CL W . 45.50 14.74 -9.55
NA NA X . 45.91 14.24 -12.15
NA NA Y . 25.77 -4.40 -16.38
CL CL Z . 28.49 -5.44 -14.08
CL CL AA . 18.66 14.40 20.03
S SO4 BA . -21.87 4.38 -0.07
O1 SO4 BA . -20.79 3.43 -0.13
O2 SO4 BA . -23.01 3.76 0.54
O3 SO4 BA . -21.45 5.51 0.70
O4 SO4 BA . -22.21 4.80 -1.40
CL CL CA . -0.81 -11.55 -0.04
CL CL DA . -3.95 -3.75 -11.90
O1 PG4 EA . -14.07 9.01 -10.87
C1 PG4 EA . -12.90 8.23 -10.98
C2 PG4 EA . -12.84 7.48 -12.26
O2 PG4 EA . -14.01 6.70 -12.43
C3 PG4 EA . -14.66 6.93 -13.68
C4 PG4 EA . -15.31 5.67 -14.15
O3 PG4 EA . -16.48 5.40 -13.38
C5 PG4 EA . -17.67 5.94 -13.94
C6 PG4 EA . -18.11 5.14 -15.12
O4 PG4 EA . -19.49 4.82 -15.02
C7 PG4 EA . -19.79 3.52 -15.52
C8 PG4 EA . -20.39 3.63 -16.90
O5 PG4 EA . -19.45 3.32 -17.91
CL CL FA . -37.61 -9.36 -6.24
CL CL GA . -19.27 12.51 12.18
CL CL HA . -24.10 -24.39 26.22
CL CL IA . -28.24 -27.82 6.80
CL CL JA . -25.07 -21.33 -7.33
ZN ZN KA . 2.53 52.92 -14.30
C1 NAG LA . 17.81 39.27 0.14
C2 NAG LA . 18.06 40.74 -0.23
C3 NAG LA . 19.54 41.07 -0.49
C4 NAG LA . 20.52 40.31 0.41
C5 NAG LA . 20.13 38.84 0.54
C6 NAG LA . 21.06 38.07 1.48
C7 NAG LA . 16.97 42.30 -1.80
C8 NAG LA . 17.40 42.68 -3.18
N2 NAG LA . 17.27 41.06 -1.41
O3 NAG LA . 19.74 42.48 -0.31
O4 NAG LA . 21.84 40.42 -0.15
O5 NAG LA . 18.80 38.78 1.05
O6 NAG LA . 20.67 36.70 1.51
O7 NAG LA . 16.37 43.09 -1.08
C1 NAG MA . -12.03 26.86 -24.79
C2 NAG MA . -11.66 26.04 -23.55
C3 NAG MA . -10.14 25.88 -23.41
C4 NAG MA . -9.40 25.63 -24.73
C5 NAG MA . -9.95 26.48 -25.88
C6 NAG MA . -9.35 26.05 -27.21
C7 NAG MA . -12.42 26.03 -21.22
C8 NAG MA . -11.77 26.63 -20.00
N2 NAG MA . -12.19 26.69 -22.36
O3 NAG MA . -9.86 24.81 -22.51
O4 NAG MA . -8.01 25.92 -24.56
O5 NAG MA . -11.37 26.34 -25.93
O6 NAG MA . -9.53 27.10 -28.17
O7 NAG MA . -13.11 25.03 -21.16
C1 NAG NA . 18.88 35.66 -13.67
C2 NAG NA . 19.65 35.16 -14.90
C3 NAG NA . 20.63 34.02 -14.58
C4 NAG NA . 21.33 34.12 -13.21
C5 NAG NA . 20.38 34.61 -12.12
C6 NAG NA . 21.10 34.83 -10.79
C7 NAG NA . 19.02 34.25 -17.12
C8 NAG NA . 18.40 32.94 -17.47
N2 NAG NA . 18.70 34.74 -15.92
O3 NAG NA . 21.64 33.96 -15.60
O4 NAG NA . 21.87 32.85 -12.86
O5 NAG NA . 19.76 35.82 -12.55
O6 NAG NA . 21.89 36.03 -10.85
O7 NAG NA . 19.77 34.84 -17.88
C1 NAG OA . 15.99 58.78 -36.17
C2 NAG OA . 17.13 57.79 -36.37
C3 NAG OA . 17.55 57.56 -37.82
C4 NAG OA . 16.36 57.49 -38.77
C5 NAG OA . 15.48 58.73 -38.58
C6 NAG OA . 14.27 58.72 -39.50
C7 NAG OA . 18.97 57.43 -34.78
C8 NAG OA . 20.17 58.06 -34.14
N2 NAG OA . 18.29 58.23 -35.60
O3 NAG OA . 18.28 56.32 -37.90
O4 NAG OA . 16.82 57.39 -40.13
O5 NAG OA . 15.02 58.78 -37.23
O6 NAG OA . 14.63 59.17 -40.81
O7 NAG OA . 18.65 56.28 -34.54
C1 PGE PA . 7.23 47.32 -42.57
O1 PGE PA . 6.61 46.44 -43.49
C2 PGE PA . 6.23 48.03 -41.71
O2 PGE PA . 5.65 49.11 -42.44
C3 PGE PA . 5.16 50.15 -41.59
C4 PGE PA . 4.15 50.97 -42.32
O4 PGE PA . 0.89 49.03 -44.97
C6 PGE PA . 1.89 49.05 -43.97
C5 PGE PA . 2.12 50.43 -43.42
O3 PGE PA . 2.87 50.36 -42.21
CL CL QA . -8.15 30.82 -30.40
ZN ZN RA . -0.05 -35.93 39.94
C1 NAG SA . -14.02 -15.43 37.05
C2 NAG SA . -14.22 -14.85 38.44
C3 NAG SA . -15.61 -15.15 39.00
C4 NAG SA . -16.73 -14.94 37.98
C5 NAG SA . -16.37 -15.55 36.63
C6 NAG SA . -17.42 -15.23 35.56
C7 NAG SA . -12.08 -14.69 39.67
C8 NAG SA . -11.31 -15.26 40.82
N2 NAG SA . -13.20 -15.36 39.35
O3 NAG SA . -15.85 -14.32 40.14
O4 NAG SA . -17.94 -15.51 38.48
O5 NAG SA . -15.11 -15.07 36.18
O6 NAG SA . -17.05 -14.03 34.86
O7 NAG SA . -11.69 -13.71 39.06
C1 NAG TA . 10.63 -34.34 10.52
C2 NAG TA . 10.42 -32.85 10.21
C3 NAG TA . 8.94 -32.46 10.24
C4 NAG TA . 8.03 -33.47 9.54
C5 NAG TA . 8.36 -34.90 9.96
C6 NAG TA . 7.55 -35.92 9.16
C7 NAG TA . 11.94 -31.03 10.80
C8 NAG TA . 12.16 -29.98 11.87
N2 NAG TA . 11.15 -32.03 11.16
O3 NAG TA . 8.77 -31.18 9.64
O4 NAG TA . 6.67 -33.17 9.86
O5 NAG TA . 9.75 -35.15 9.73
O6 NAG TA . 8.00 -37.24 9.49
O7 NAG TA . 12.46 -30.95 9.70
C1 NAG UA . -18.19 -27.22 29.25
C2 NAG UA . -18.83 -26.36 28.15
C3 NAG UA . -20.04 -25.57 28.65
C4 NAG UA . -20.97 -26.39 29.55
C5 NAG UA . -20.21 -27.20 30.59
C6 NAG UA . -21.13 -28.12 31.36
C7 NAG UA . -17.61 -25.29 26.31
C8 NAG UA . -16.33 -24.60 25.97
N2 NAG UA . -17.85 -25.43 27.61
O3 NAG UA . -20.77 -25.09 27.52
O4 NAG UA . -21.87 -25.49 30.20
O5 NAG UA . -19.19 -27.98 29.94
O6 NAG UA . -20.37 -28.93 32.27
O7 NAG UA . -18.38 -25.69 25.44
C1 NAG VA . -15.94 -57.11 36.80
C2 NAG VA . -17.35 -56.73 36.34
C3 NAG VA . -18.21 -57.95 36.05
C4 NAG VA . -17.48 -58.95 35.14
C5 NAG VA . -16.07 -59.23 35.63
C6 NAG VA . -15.30 -60.06 34.61
C7 NAG VA . -18.76 -54.84 37.02
C8 NAG VA . -20.18 -54.91 37.51
N2 NAG VA . -18.00 -55.89 37.34
O3 NAG VA . -19.42 -57.54 35.41
O4 NAG VA . -18.23 -60.17 35.08
O5 NAG VA . -15.35 -58.01 35.86
O6 NAG VA . -14.10 -60.58 35.21
O7 NAG VA . -18.35 -53.89 36.38
C1 NAG WA . -0.72 -7.14 58.97
C2 NAG WA . -2.13 -6.52 58.95
C3 NAG WA . -2.10 -5.17 58.24
C4 NAG WA . -1.01 -4.25 58.81
C5 NAG WA . 0.33 -4.96 58.98
C6 NAG WA . 1.30 -4.11 59.81
C7 NAG WA . -3.92 -8.19 58.96
C8 NAG WA . -5.15 -8.60 58.20
N2 NAG WA . -3.08 -7.41 58.29
O3 NAG WA . -3.38 -4.53 58.37
O4 NAG WA . -0.84 -3.14 57.92
O5 NAG WA . 0.16 -6.23 59.63
O6 NAG WA . 2.57 -4.06 59.18
O7 NAG WA . -3.72 -8.57 60.11
CL CL XA . 25.28 -41.97 25.97
NA NA YA . 20.72 -24.58 28.55
CL CL ZA . 18.26 -42.29 56.69
CL CL AB . -20.73 -33.39 30.18
NA NA BB . 1.05 -9.13 31.42
CL CL CB . -4.35 -51.69 14.39
CL CL DB . -10.95 -56.19 28.73
CL CL EB . 10.68 -44.79 2.37
CL CL FB . 11.16 44.95 -37.96
CL CL GB . -1.37 30.50 -33.83
NA NA HB . 1.36 32.63 -47.27
CL CL IB . -49.74 -38.77 -7.27
C1 PGE JB . -12.10 -56.85 -3.53
O1 PGE JB . -12.81 -57.55 -4.54
C2 PGE JB . -12.89 -56.77 -2.25
O2 PGE JB . -12.03 -56.41 -1.18
C3 PGE JB . -12.39 -57.02 0.05
C4 PGE JB . -11.25 -56.92 1.02
O4 PGE JB . -12.53 -54.69 4.04
C6 PGE JB . -12.15 -55.98 4.47
C5 PGE JB . -11.54 -56.80 3.37
O3 PGE JB . -11.64 -56.11 2.13
CL CL KB . -20.75 -27.04 7.97
CL CL LB . -30.07 -38.22 6.28
#